data_1LLU
#
_entry.id   1LLU
#
_cell.length_a   74.171
_cell.length_b   86.328
_cell.length_c   125.698
_cell.angle_alpha   79.34
_cell.angle_beta   78.66
_cell.angle_gamma   71.58
#
_symmetry.space_group_name_H-M   'P 1'
#
loop_
_entity.id
_entity.type
_entity.pdbx_description
1 polymer 'Alcohol Dehydrogenase'
2 non-polymer 'ZINC ION'
3 non-polymer NICOTINAMIDE-ADENINE-DINUCLEOTIDE
4 non-polymer 1,2-ETHANEDIOL
5 water water
#
_entity_poly.entity_id   1
_entity_poly.type   'polypeptide(L)'
_entity_poly.pdbx_seq_one_letter_code
;MTLPQTMKAAVVHAYGAPLRIEEVKVPLPGPGQVLVKIEASGVCHTDLHAAEGDWPVKPPLPFIPGHEGVGYVAAVGSGV
TRVKEGDRVGIPWLYTACGCCEHCLTGWETLCESQQNTGYSVNGGYAEYVLADPNYVGILPKNVEFAEIAPILCAGVTVY
KGLKQTNARPGQWVAISGIGGLGHVAVQYARAMGLHVAAIDIDDAKLELARKLGASLTVNARQEDPVEAIQRDIGGAHGV
LVTAVSNSAFGQAIGMARRGGTIALVGLPPGDFPTPIFDVVLKGLHIAGSIVGTRADLQEALDFAGEGLVKATIHPGKLD
DINQILDQMRAGQIEGRIVLEM
;
_entity_poly.pdbx_strand_id   A,B,C,D,E,F,G,H
#
# COMPACT_ATOMS: atom_id res chain seq x y z
N THR A 2 25.81 4.68 19.13
CA THR A 2 26.92 5.67 19.35
C THR A 2 27.38 6.19 17.99
N LEU A 3 26.49 6.12 17.01
CA LEU A 3 26.76 6.56 15.63
C LEU A 3 27.66 5.57 14.89
N PRO A 4 27.05 4.73 14.05
CA PRO A 4 27.61 3.68 13.20
C PRO A 4 28.94 3.93 12.49
N GLN A 5 29.20 5.19 12.13
CA GLN A 5 30.43 5.52 11.41
C GLN A 5 30.28 5.12 9.94
N THR A 6 29.32 4.24 9.67
CA THR A 6 29.01 3.75 8.33
C THR A 6 27.48 3.54 8.27
N MET A 7 26.90 3.71 7.08
CA MET A 7 25.46 3.53 6.91
C MET A 7 25.09 3.07 5.49
N LYS A 8 23.88 2.55 5.32
CA LYS A 8 23.42 2.15 4.01
C LYS A 8 22.68 3.35 3.40
N ALA A 9 22.81 3.51 2.08
CA ALA A 9 22.17 4.61 1.38
C ALA A 9 21.93 4.18 -0.06
N ALA A 10 20.91 4.75 -0.70
CA ALA A 10 20.61 4.45 -2.09
C ALA A 10 21.25 5.57 -2.90
N VAL A 11 22.16 5.20 -3.80
CA VAL A 11 22.89 6.16 -4.61
C VAL A 11 22.59 6.13 -6.11
N VAL A 12 22.54 7.31 -6.72
CA VAL A 12 22.34 7.43 -8.16
C VAL A 12 23.74 7.70 -8.74
N HIS A 13 24.24 6.78 -9.57
CA HIS A 13 25.57 6.95 -10.17
C HIS A 13 25.50 7.35 -11.64
N ALA A 14 24.40 7.00 -12.30
CA ALA A 14 24.19 7.34 -13.70
C ALA A 14 22.70 7.56 -13.96
N TYR A 15 22.37 8.56 -14.78
CA TYR A 15 20.99 8.89 -15.12
C TYR A 15 20.33 7.76 -15.89
N GLY A 16 19.14 7.37 -15.44
CA GLY A 16 18.43 6.30 -16.10
C GLY A 16 18.82 4.95 -15.55
N ALA A 17 19.98 4.86 -14.91
CA ALA A 17 20.47 3.61 -14.35
C ALA A 17 19.88 3.32 -12.97
N PRO A 18 19.71 2.03 -12.63
CA PRO A 18 19.16 1.65 -11.31
C PRO A 18 20.03 2.19 -10.17
N LEU A 19 19.41 2.53 -9.04
CA LEU A 19 20.19 3.01 -7.90
C LEU A 19 20.88 1.83 -7.24
N ARG A 20 21.99 2.12 -6.58
CA ARG A 20 22.74 1.08 -5.91
C ARG A 20 22.78 1.33 -4.42
N ILE A 21 22.32 0.34 -3.65
CA ILE A 21 22.33 0.43 -2.20
C ILE A 21 23.76 0.12 -1.80
N GLU A 22 24.43 1.06 -1.16
CA GLU A 22 25.80 0.82 -0.75
C GLU A 22 26.15 1.46 0.58
N GLU A 23 27.28 1.04 1.14
CA GLU A 23 27.72 1.55 2.41
C GLU A 23 28.54 2.82 2.22
N VAL A 24 28.16 3.87 2.94
CA VAL A 24 28.85 5.14 2.86
C VAL A 24 29.13 5.61 4.28
N LYS A 25 30.07 6.52 4.42
CA LYS A 25 30.43 7.05 5.73
C LYS A 25 29.35 7.96 6.27
N VAL A 26 29.06 7.81 7.56
CA VAL A 26 28.06 8.64 8.24
C VAL A 26 28.75 9.99 8.47
N PRO A 27 28.16 11.08 7.97
CA PRO A 27 28.75 12.41 8.13
C PRO A 27 28.74 12.90 9.57
N LEU A 28 29.61 13.84 9.88
CA LEU A 28 29.66 14.39 11.22
C LEU A 28 29.26 15.86 11.14
N PRO A 29 28.34 16.28 12.02
CA PRO A 29 27.87 17.67 12.04
C PRO A 29 29.01 18.67 12.23
N GLY A 30 29.22 19.52 11.23
CA GLY A 30 30.24 20.54 11.32
C GLY A 30 29.65 21.69 12.15
N PRO A 31 30.36 22.82 12.29
CA PRO A 31 29.84 23.95 13.07
C PRO A 31 28.33 24.16 13.07
N GLY A 32 27.77 24.70 12.00
CA GLY A 32 26.33 24.93 12.00
C GLY A 32 25.45 23.84 11.42
N GLN A 33 25.75 22.60 11.76
CA GLN A 33 24.98 21.48 11.24
C GLN A 33 24.51 20.50 12.31
N VAL A 34 23.63 19.60 11.90
CA VAL A 34 23.13 18.56 12.78
C VAL A 34 23.06 17.30 11.94
N LEU A 35 23.07 16.15 12.62
CA LEU A 35 22.99 14.88 11.94
C LEU A 35 21.63 14.36 12.37
N VAL A 36 20.82 13.97 11.38
CA VAL A 36 19.48 13.46 11.65
C VAL A 36 19.48 11.98 11.36
N LYS A 37 18.92 11.20 12.27
CA LYS A 37 18.83 9.77 12.05
C LYS A 37 17.46 9.52 11.40
N ILE A 38 17.47 9.17 10.11
CA ILE A 38 16.25 8.95 9.36
C ILE A 38 15.42 7.80 9.91
N GLU A 39 14.15 8.08 10.17
CA GLU A 39 13.25 7.08 10.69
C GLU A 39 12.24 6.70 9.62
N ALA A 40 11.87 7.69 8.80
CA ALA A 40 10.94 7.53 7.69
C ALA A 40 11.40 8.47 6.57
N SER A 41 11.18 8.07 5.32
CA SER A 41 11.61 8.87 4.19
C SER A 41 10.62 8.74 3.02
N GLY A 42 9.99 9.85 2.64
CA GLY A 42 9.02 9.81 1.57
C GLY A 42 9.61 9.82 0.17
N VAL A 43 8.97 9.09 -0.73
CA VAL A 43 9.43 9.02 -2.12
C VAL A 43 8.64 10.04 -2.96
N CYS A 44 9.33 11.07 -3.44
CA CYS A 44 8.72 12.12 -4.26
C CYS A 44 9.09 11.95 -5.74
N HIS A 45 8.17 12.31 -6.64
CA HIS A 45 8.42 12.15 -8.07
C HIS A 45 9.61 12.98 -8.51
N THR A 46 9.93 14.01 -7.73
CA THR A 46 11.09 14.84 -8.04
C THR A 46 12.34 13.95 -8.02
N ASP A 47 12.31 12.90 -7.19
CA ASP A 47 13.43 11.96 -7.09
C ASP A 47 13.62 11.23 -8.42
N LEU A 48 12.51 11.00 -9.14
CA LEU A 48 12.55 10.35 -10.44
C LEU A 48 13.18 11.30 -11.45
N HIS A 49 12.72 12.55 -11.48
CA HIS A 49 13.26 13.56 -12.39
C HIS A 49 14.76 13.75 -12.15
N ALA A 50 15.18 13.62 -10.90
CA ALA A 50 16.58 13.78 -10.54
C ALA A 50 17.40 12.56 -10.98
N ALA A 51 16.89 11.37 -10.74
CA ALA A 51 17.59 10.14 -11.10
C ALA A 51 17.65 9.97 -12.63
N GLU A 52 16.66 10.55 -13.30
CA GLU A 52 16.54 10.46 -14.74
C GLU A 52 17.27 11.62 -15.43
N GLY A 53 17.60 12.65 -14.67
CA GLY A 53 18.28 13.81 -15.23
C GLY A 53 17.39 14.59 -16.19
N ASP A 54 16.09 14.67 -15.89
CA ASP A 54 15.11 15.36 -16.73
C ASP A 54 15.23 16.88 -16.81
N TRP A 55 15.71 17.50 -15.74
CA TRP A 55 15.77 18.96 -15.70
C TRP A 55 16.97 19.67 -16.31
N PRO A 56 16.80 20.98 -16.60
CA PRO A 56 17.86 21.81 -17.19
C PRO A 56 19.11 21.79 -16.32
N VAL A 57 18.90 21.91 -15.01
CA VAL A 57 19.97 21.88 -14.04
C VAL A 57 19.86 20.50 -13.39
N LYS A 58 20.85 19.66 -13.67
CA LYS A 58 20.86 18.30 -13.18
C LYS A 58 21.62 18.11 -11.88
N PRO A 59 21.29 17.06 -11.12
CA PRO A 59 21.94 16.78 -9.84
C PRO A 59 23.33 16.16 -10.06
N PRO A 60 24.38 16.81 -9.54
CA PRO A 60 25.72 16.23 -9.73
C PRO A 60 25.79 14.78 -9.24
N LEU A 61 26.43 13.93 -10.04
CA LEU A 61 26.55 12.50 -9.72
C LEU A 61 27.90 12.14 -9.08
N PRO A 62 27.89 11.19 -8.13
CA PRO A 62 26.70 10.49 -7.66
C PRO A 62 26.03 11.27 -6.51
N PHE A 63 24.84 10.86 -6.12
CA PHE A 63 24.14 11.54 -5.02
C PHE A 63 23.06 10.65 -4.42
N ILE A 64 22.65 10.99 -3.21
CA ILE A 64 21.61 10.26 -2.50
C ILE A 64 20.36 11.14 -2.52
N PRO A 65 19.29 10.67 -3.17
CA PRO A 65 18.07 11.48 -3.22
C PRO A 65 17.26 11.46 -1.91
N GLY A 66 16.14 12.17 -1.88
CA GLY A 66 15.29 12.19 -0.70
C GLY A 66 15.18 13.49 0.08
N HIS A 67 14.07 14.19 -0.08
CA HIS A 67 13.84 15.46 0.62
C HIS A 67 12.54 15.43 1.43
N GLU A 68 12.15 14.23 1.85
CA GLU A 68 10.98 14.02 2.70
C GLU A 68 11.47 13.11 3.82
N GLY A 69 12.76 13.24 4.15
CA GLY A 69 13.39 12.48 5.21
C GLY A 69 13.01 13.04 6.58
N VAL A 70 12.58 12.14 7.45
CA VAL A 70 12.14 12.53 8.78
C VAL A 70 12.79 11.65 9.87
N GLY A 71 13.15 12.25 11.00
CA GLY A 71 13.78 11.47 12.07
C GLY A 71 14.18 12.26 13.31
N TYR A 72 15.15 11.74 14.05
CA TYR A 72 15.63 12.39 15.28
C TYR A 72 16.98 13.07 15.08
N VAL A 73 17.18 14.20 15.75
CA VAL A 73 18.46 14.87 15.68
C VAL A 73 19.37 13.94 16.48
N ALA A 74 20.42 13.43 15.84
CA ALA A 74 21.33 12.47 16.45
C ALA A 74 22.63 13.05 17.00
N ALA A 75 23.04 14.19 16.45
CA ALA A 75 24.27 14.85 16.87
C ALA A 75 24.18 16.29 16.43
N VAL A 76 24.70 17.19 17.26
CA VAL A 76 24.64 18.61 16.95
C VAL A 76 26.02 19.23 16.81
N GLY A 77 26.20 20.02 15.76
CA GLY A 77 27.47 20.69 15.57
C GLY A 77 27.49 21.92 16.46
N SER A 78 28.65 22.56 16.58
CA SER A 78 28.80 23.74 17.43
C SER A 78 28.10 25.00 16.93
N GLY A 79 27.45 25.72 17.83
CA GLY A 79 26.77 26.95 17.45
C GLY A 79 25.34 26.72 17.01
N VAL A 80 24.88 25.49 17.08
CA VAL A 80 23.51 25.17 16.69
C VAL A 80 22.60 25.49 17.86
N THR A 81 21.54 26.23 17.58
CA THR A 81 20.61 26.63 18.62
C THR A 81 19.13 26.31 18.41
N ARG A 82 18.68 26.27 17.15
CA ARG A 82 17.27 26.00 16.84
C ARG A 82 16.74 24.65 17.29
N VAL A 83 17.57 23.61 17.27
CA VAL A 83 17.15 22.29 17.69
C VAL A 83 18.21 21.66 18.58
N LYS A 84 17.87 20.55 19.22
CA LYS A 84 18.80 19.83 20.09
C LYS A 84 18.63 18.33 19.91
N GLU A 85 19.62 17.58 20.35
CA GLU A 85 19.59 16.12 20.22
C GLU A 85 18.24 15.53 20.68
N GLY A 86 17.73 14.58 19.91
CA GLY A 86 16.46 13.95 20.25
C GLY A 86 15.23 14.60 19.63
N ASP A 87 15.37 15.81 19.10
CA ASP A 87 14.23 16.49 18.50
C ASP A 87 13.75 15.76 17.24
N ARG A 88 12.43 15.67 17.05
CA ARG A 88 11.87 15.04 15.87
C ARG A 88 11.83 16.14 14.81
N VAL A 89 12.58 15.92 13.75
CA VAL A 89 12.72 16.94 12.72
C VAL A 89 12.76 16.36 11.29
N GLY A 90 12.45 17.18 10.28
CA GLY A 90 12.46 16.72 8.90
C GLY A 90 13.33 17.58 8.00
N ILE A 91 13.95 16.99 6.98
CA ILE A 91 14.80 17.78 6.06
C ILE A 91 14.09 17.86 4.69
N PRO A 92 13.54 19.04 4.35
CA PRO A 92 12.83 19.23 3.07
C PRO A 92 13.69 19.63 1.87
N TRP A 93 13.04 19.92 0.76
CA TRP A 93 13.72 20.32 -0.47
C TRP A 93 14.60 21.54 -0.23
N LEU A 94 14.07 22.55 0.45
CA LEU A 94 14.86 23.75 0.73
C LEU A 94 15.78 23.47 1.93
N TYR A 95 17.00 23.01 1.61
CA TYR A 95 18.02 22.64 2.59
C TYR A 95 18.57 23.83 3.38
N THR A 96 18.86 24.91 2.68
CA THR A 96 19.40 26.11 3.28
C THR A 96 19.14 27.27 2.32
N ALA A 97 19.42 28.49 2.79
CA ALA A 97 19.25 29.72 2.00
C ALA A 97 20.18 30.73 2.66
N CYS A 98 20.55 31.80 1.96
CA CYS A 98 21.48 32.78 2.52
C CYS A 98 20.96 33.61 3.69
N GLY A 99 19.66 33.87 3.70
CA GLY A 99 19.07 34.63 4.79
C GLY A 99 19.16 36.15 4.72
N CYS A 100 19.79 36.70 3.70
CA CYS A 100 19.88 38.14 3.62
C CYS A 100 19.75 38.79 2.24
N CYS A 101 19.14 38.08 1.30
CA CYS A 101 18.93 38.63 -0.03
C CYS A 101 17.48 39.12 -0.10
N GLU A 102 17.12 39.77 -1.22
CA GLU A 102 15.78 40.28 -1.46
C GLU A 102 14.68 39.31 -1.03
N HIS A 103 14.80 38.08 -1.55
CA HIS A 103 13.84 37.02 -1.31
C HIS A 103 13.79 36.53 0.12
N CYS A 104 14.96 36.25 0.68
CA CYS A 104 15.05 35.76 2.06
C CYS A 104 14.49 36.77 3.05
N LEU A 105 14.74 38.06 2.82
CA LEU A 105 14.28 39.11 3.72
C LEU A 105 12.80 39.47 3.58
N THR A 106 12.16 39.03 2.49
CA THR A 106 10.75 39.33 2.28
C THR A 106 9.82 38.13 2.41
N GLY A 107 10.27 37.08 3.10
CA GLY A 107 9.43 35.91 3.28
C GLY A 107 9.37 34.95 2.11
N TRP A 108 10.35 35.06 1.20
CA TRP A 108 10.45 34.21 0.00
C TRP A 108 11.80 33.51 -0.12
N GLU A 109 12.31 32.93 0.98
CA GLU A 109 13.63 32.27 0.94
C GLU A 109 13.61 31.15 -0.11
N THR A 110 12.39 30.78 -0.48
CA THR A 110 12.12 29.76 -1.46
C THR A 110 12.72 30.10 -2.85
N LEU A 111 12.85 31.39 -3.12
CA LEU A 111 13.39 31.88 -4.38
C LEU A 111 14.86 32.27 -4.28
N CYS A 112 15.47 31.97 -3.14
CA CYS A 112 16.90 32.29 -2.92
C CYS A 112 17.83 31.61 -3.92
N GLU A 113 18.70 32.40 -4.53
CA GLU A 113 19.64 31.86 -5.50
C GLU A 113 20.82 31.12 -4.88
N SER A 114 21.01 31.28 -3.57
CA SER A 114 22.11 30.64 -2.86
C SER A 114 21.64 29.42 -2.07
N GLN A 115 20.47 28.90 -2.41
CA GLN A 115 19.95 27.75 -1.69
C GLN A 115 20.59 26.44 -2.16
N GLN A 116 20.40 25.40 -1.36
CA GLN A 116 20.88 24.07 -1.70
C GLN A 116 19.62 23.23 -1.61
N ASN A 117 19.59 22.11 -2.33
CA ASN A 117 18.43 21.26 -2.33
C ASN A 117 18.73 19.85 -1.87
N THR A 118 18.06 19.43 -0.81
CA THR A 118 18.23 18.11 -0.25
C THR A 118 17.87 17.02 -1.27
N GLY A 119 18.77 16.06 -1.43
CA GLY A 119 18.55 14.98 -2.36
C GLY A 119 18.67 15.41 -3.81
N TYR A 120 19.46 16.46 -4.05
CA TYR A 120 19.67 16.97 -5.39
C TYR A 120 21.06 17.60 -5.55
N SER A 121 21.33 18.66 -4.79
CA SER A 121 22.64 19.33 -4.84
C SER A 121 23.43 18.98 -3.58
N VAL A 122 22.75 18.32 -2.64
CA VAL A 122 23.31 17.89 -1.36
C VAL A 122 22.65 16.54 -1.11
N ASN A 123 23.31 15.62 -0.41
CA ASN A 123 22.70 14.31 -0.18
C ASN A 123 21.45 14.36 0.69
N GLY A 124 20.51 13.47 0.42
CA GLY A 124 19.25 13.45 1.14
C GLY A 124 18.90 12.24 1.98
N GLY A 125 17.60 12.04 2.15
CA GLY A 125 17.08 10.97 2.99
C GLY A 125 16.98 9.53 2.57
N TYR A 126 17.48 9.16 1.38
CA TYR A 126 17.46 7.76 0.97
C TYR A 126 18.68 7.13 1.64
N ALA A 127 18.76 7.29 2.97
CA ALA A 127 19.88 6.80 3.76
C ALA A 127 19.49 6.74 5.24
N GLU A 128 20.36 6.17 6.08
CA GLU A 128 20.06 6.05 7.50
C GLU A 128 20.29 7.35 8.29
N TYR A 129 21.20 8.20 7.80
CA TYR A 129 21.52 9.48 8.43
C TYR A 129 21.66 10.55 7.37
N VAL A 130 21.35 11.79 7.76
CA VAL A 130 21.44 12.93 6.86
C VAL A 130 22.00 14.16 7.57
N LEU A 131 22.89 14.90 6.93
CA LEU A 131 23.40 16.14 7.51
C LEU A 131 22.33 17.17 7.19
N ALA A 132 22.18 18.18 8.03
CA ALA A 132 21.19 19.19 7.75
C ALA A 132 21.53 20.52 8.40
N ASP A 133 20.91 21.58 7.88
CA ASP A 133 21.07 22.91 8.43
C ASP A 133 19.89 23.03 9.37
N PRO A 134 20.15 23.17 10.70
CA PRO A 134 19.11 23.27 11.72
C PRO A 134 18.07 24.38 11.45
N ASN A 135 18.52 25.45 10.79
CA ASN A 135 17.66 26.59 10.49
C ASN A 135 16.58 26.40 9.43
N TYR A 136 16.65 25.32 8.66
CA TYR A 136 15.67 25.10 7.61
C TYR A 136 14.93 23.79 7.72
N VAL A 137 15.27 23.05 8.75
CA VAL A 137 14.65 21.76 8.99
C VAL A 137 13.21 21.99 9.48
N GLY A 138 12.30 21.07 9.20
CA GLY A 138 10.92 21.22 9.66
C GLY A 138 10.77 20.64 11.06
N ILE A 139 10.10 21.38 11.96
CA ILE A 139 9.90 20.90 13.33
C ILE A 139 8.58 20.14 13.38
N LEU A 140 8.68 18.83 13.54
CA LEU A 140 7.51 17.95 13.54
C LEU A 140 6.56 17.99 14.73
N PRO A 141 5.25 17.87 14.46
CA PRO A 141 4.29 17.89 15.56
C PRO A 141 4.50 16.57 16.31
N LYS A 142 4.47 16.64 17.64
CA LYS A 142 4.71 15.46 18.48
C LYS A 142 3.67 14.35 18.40
N ASN A 143 2.44 14.70 18.03
CA ASN A 143 1.35 13.71 17.96
C ASN A 143 1.20 12.96 16.64
N VAL A 144 2.05 13.26 15.65
CA VAL A 144 1.95 12.57 14.36
C VAL A 144 3.18 11.71 14.16
N GLU A 145 2.98 10.47 13.73
CA GLU A 145 4.10 9.55 13.51
C GLU A 145 4.94 9.85 12.26
N PHE A 146 6.23 9.54 12.35
CA PHE A 146 7.21 9.77 11.27
C PHE A 146 6.71 9.46 9.87
N ALA A 147 6.31 8.22 9.64
CA ALA A 147 5.82 7.80 8.33
C ALA A 147 4.63 8.64 7.86
N GLU A 148 3.77 9.05 8.80
CA GLU A 148 2.62 9.84 8.44
C GLU A 148 2.95 11.31 8.10
N ILE A 149 3.87 11.93 8.83
CA ILE A 149 4.24 13.32 8.52
C ILE A 149 5.30 13.48 7.45
N ALA A 150 5.97 12.39 7.07
CA ALA A 150 7.01 12.49 6.06
C ALA A 150 6.58 13.27 4.80
N PRO A 151 5.46 12.87 4.16
CA PRO A 151 4.97 13.54 2.95
C PRO A 151 4.70 15.05 3.08
N ILE A 152 4.44 15.52 4.30
CA ILE A 152 4.18 16.94 4.50
C ILE A 152 5.46 17.72 4.27
N LEU A 153 6.62 17.08 4.44
CA LEU A 153 7.88 17.78 4.21
C LEU A 153 8.04 18.30 2.79
N CYS A 154 7.26 17.76 1.86
CA CYS A 154 7.32 18.25 0.48
C CYS A 154 5.96 18.28 -0.20
N ALA A 155 5.32 17.13 -0.34
CA ALA A 155 4.02 17.06 -0.98
C ALA A 155 3.03 18.00 -0.30
N GLY A 156 3.01 17.96 1.04
CA GLY A 156 2.12 18.80 1.84
C GLY A 156 2.40 20.29 1.74
N VAL A 157 3.63 20.72 2.04
CA VAL A 157 3.98 22.15 1.98
C VAL A 157 3.75 22.75 0.61
N THR A 158 4.24 22.03 -0.39
CA THR A 158 4.16 22.43 -1.79
C THR A 158 2.73 22.71 -2.22
N VAL A 159 1.91 21.68 -2.08
CA VAL A 159 0.51 21.72 -2.43
C VAL A 159 -0.23 22.80 -1.62
N TYR A 160 0.11 22.94 -0.33
CA TYR A 160 -0.49 23.95 0.56
C TYR A 160 -0.15 25.37 0.10
N LYS A 161 1.13 25.62 -0.18
CA LYS A 161 1.56 26.94 -0.66
C LYS A 161 0.94 27.20 -2.05
N GLY A 162 0.79 26.14 -2.83
CA GLY A 162 0.23 26.26 -4.17
C GLY A 162 -1.22 26.68 -4.09
N LEU A 163 -1.97 26.07 -3.17
CA LEU A 163 -3.37 26.42 -2.98
C LEU A 163 -3.49 27.87 -2.52
N LYS A 164 -2.51 28.36 -1.75
CA LYS A 164 -2.49 29.74 -1.29
C LYS A 164 -2.19 30.70 -2.47
N GLN A 165 -1.34 30.25 -3.38
CA GLN A 165 -0.97 31.05 -4.55
C GLN A 165 -2.15 31.16 -5.52
N THR A 166 -3.08 30.26 -5.35
CA THR A 166 -4.29 30.18 -6.15
C THR A 166 -5.22 31.35 -5.81
N ASN A 167 -5.24 31.71 -4.53
CA ASN A 167 -6.05 32.80 -3.99
C ASN A 167 -7.54 32.46 -3.95
N ALA A 168 -7.85 31.18 -4.03
CA ALA A 168 -9.24 30.75 -3.96
C ALA A 168 -9.63 30.89 -2.48
N ARG A 169 -10.78 31.53 -2.23
CA ARG A 169 -11.26 31.76 -0.88
C ARG A 169 -12.35 30.75 -0.52
N PRO A 170 -12.64 30.59 0.79
CA PRO A 170 -13.68 29.65 1.23
C PRO A 170 -14.97 29.80 0.40
N GLY A 171 -15.58 28.68 0.06
CA GLY A 171 -16.79 28.71 -0.74
C GLY A 171 -16.53 28.57 -2.23
N GLN A 172 -15.30 28.88 -2.64
CA GLN A 172 -14.93 28.77 -4.05
C GLN A 172 -14.50 27.36 -4.48
N TRP A 173 -14.30 27.19 -5.78
CA TRP A 173 -13.89 25.91 -6.36
C TRP A 173 -12.43 25.91 -6.77
N VAL A 174 -11.78 24.77 -6.57
CA VAL A 174 -10.41 24.58 -7.02
C VAL A 174 -10.41 23.26 -7.76
N ALA A 175 -9.81 23.27 -8.96
CA ALA A 175 -9.68 22.06 -9.76
C ALA A 175 -8.24 21.61 -9.54
N ILE A 176 -8.08 20.39 -9.05
CA ILE A 176 -6.75 19.84 -8.80
C ILE A 176 -6.47 18.78 -9.85
N SER A 177 -5.48 19.03 -10.69
CA SER A 177 -5.09 18.09 -11.75
C SER A 177 -3.89 17.27 -11.32
N GLY A 178 -4.09 15.97 -11.19
CA GLY A 178 -3.02 15.10 -10.77
C GLY A 178 -3.23 14.80 -9.30
N ILE A 179 -3.81 13.65 -9.00
CA ILE A 179 -4.09 13.22 -7.63
C ILE A 179 -3.12 12.14 -7.15
N GLY A 180 -1.84 12.45 -7.13
CA GLY A 180 -0.85 11.49 -6.67
C GLY A 180 -0.35 11.81 -5.28
N GLY A 181 0.97 11.83 -5.10
CA GLY A 181 1.52 12.13 -3.79
C GLY A 181 1.13 13.53 -3.37
N LEU A 182 1.36 14.49 -4.26
CA LEU A 182 1.02 15.89 -4.01
C LEU A 182 -0.48 16.11 -4.05
N GLY A 183 -1.09 15.59 -5.11
CA GLY A 183 -2.52 15.75 -5.33
C GLY A 183 -3.50 15.22 -4.32
N HIS A 184 -3.27 14.01 -3.78
CA HIS A 184 -4.21 13.45 -2.82
C HIS A 184 -4.19 14.25 -1.51
N VAL A 185 -3.06 14.86 -1.23
CA VAL A 185 -2.89 15.65 -0.03
C VAL A 185 -3.44 17.08 -0.27
N ALA A 186 -3.40 17.52 -1.53
CA ALA A 186 -3.93 18.84 -1.88
C ALA A 186 -5.46 18.86 -1.70
N VAL A 187 -6.11 17.73 -1.97
CA VAL A 187 -7.55 17.60 -1.82
C VAL A 187 -7.93 17.88 -0.34
N GLN A 188 -7.09 17.39 0.57
CA GLN A 188 -7.30 17.56 2.00
C GLN A 188 -7.04 18.99 2.48
N TYR A 189 -5.95 19.60 2.02
CA TYR A 189 -5.65 20.97 2.41
C TYR A 189 -6.74 21.89 1.84
N ALA A 190 -7.18 21.60 0.61
CA ALA A 190 -8.21 22.40 -0.05
C ALA A 190 -9.50 22.36 0.73
N ARG A 191 -9.87 21.18 1.24
CA ARG A 191 -11.09 21.08 2.03
C ARG A 191 -10.96 21.87 3.33
N ALA A 192 -9.81 21.72 4.00
CA ALA A 192 -9.54 22.42 5.24
C ALA A 192 -9.49 23.93 5.03
N MET A 193 -9.40 24.36 3.77
CA MET A 193 -9.33 25.77 3.43
C MET A 193 -10.69 26.29 2.96
N GLY A 194 -11.71 25.45 3.13
CA GLY A 194 -13.08 25.81 2.77
C GLY A 194 -13.41 25.77 1.29
N LEU A 195 -12.61 25.08 0.50
CA LEU A 195 -12.85 25.01 -0.94
C LEU A 195 -13.58 23.75 -1.39
N HIS A 196 -14.30 23.88 -2.51
CA HIS A 196 -15.02 22.77 -3.13
C HIS A 196 -13.95 22.19 -4.07
N VAL A 197 -13.82 20.87 -4.08
CA VAL A 197 -12.78 20.25 -4.90
C VAL A 197 -13.22 19.42 -6.10
N ALA A 198 -12.64 19.74 -7.25
CA ALA A 198 -12.87 19.02 -8.49
C ALA A 198 -11.50 18.37 -8.75
N ALA A 199 -11.46 17.04 -8.75
CA ALA A 199 -10.21 16.31 -8.95
C ALA A 199 -10.13 15.73 -10.35
N ILE A 200 -8.98 15.87 -10.98
CA ILE A 200 -8.78 15.34 -12.34
C ILE A 200 -7.54 14.44 -12.38
N ASP A 201 -7.69 13.25 -12.91
CA ASP A 201 -6.58 12.32 -13.06
C ASP A 201 -6.86 11.40 -14.26
N ILE A 202 -6.06 10.35 -14.41
CA ILE A 202 -6.22 9.44 -15.54
C ILE A 202 -6.49 8.00 -15.13
N ASP A 203 -6.84 7.80 -13.86
CA ASP A 203 -7.10 6.47 -13.33
C ASP A 203 -8.27 6.56 -12.34
N ASP A 204 -9.27 5.71 -12.52
CA ASP A 204 -10.45 5.71 -11.64
C ASP A 204 -10.13 5.44 -10.17
N ALA A 205 -9.11 4.63 -9.90
CA ALA A 205 -8.73 4.34 -8.52
C ALA A 205 -8.22 5.61 -7.84
N LYS A 206 -7.53 6.45 -8.61
CA LYS A 206 -6.98 7.70 -8.11
C LYS A 206 -8.09 8.73 -7.90
N LEU A 207 -9.14 8.66 -8.72
CA LEU A 207 -10.27 9.57 -8.57
C LEU A 207 -11.11 9.14 -7.37
N GLU A 208 -11.15 7.83 -7.12
CA GLU A 208 -11.92 7.30 -5.99
C GLU A 208 -11.23 7.71 -4.70
N LEU A 209 -9.90 7.80 -4.72
CA LEU A 209 -9.15 8.21 -3.56
C LEU A 209 -9.48 9.67 -3.31
N ALA A 210 -9.54 10.45 -4.38
CA ALA A 210 -9.87 11.87 -4.27
C ALA A 210 -11.27 12.05 -3.68
N ARG A 211 -12.22 11.25 -4.16
CA ARG A 211 -13.59 11.31 -3.67
C ARG A 211 -13.61 11.04 -2.16
N LYS A 212 -12.94 9.96 -1.76
CA LYS A 212 -12.84 9.58 -0.34
C LYS A 212 -12.24 10.71 0.50
N LEU A 213 -11.34 11.49 -0.10
CA LEU A 213 -10.67 12.58 0.61
C LEU A 213 -11.40 13.92 0.54
N GLY A 214 -12.58 13.95 -0.05
CA GLY A 214 -13.34 15.19 -0.11
C GLY A 214 -13.69 15.83 -1.44
N ALA A 215 -13.24 15.25 -2.56
CA ALA A 215 -13.56 15.83 -3.86
C ALA A 215 -15.03 15.64 -4.19
N SER A 216 -15.66 16.72 -4.67
CA SER A 216 -17.08 16.69 -5.04
C SER A 216 -17.29 16.29 -6.49
N LEU A 217 -16.37 16.73 -7.36
CA LEU A 217 -16.45 16.42 -8.78
C LEU A 217 -15.21 15.61 -9.15
N THR A 218 -15.41 14.53 -9.88
CA THR A 218 -14.33 13.64 -10.27
C THR A 218 -14.29 13.48 -11.80
N VAL A 219 -13.13 13.69 -12.41
CA VAL A 219 -13.00 13.59 -13.86
C VAL A 219 -11.80 12.74 -14.31
N ASN A 220 -12.07 11.75 -15.16
CA ASN A 220 -11.01 10.89 -15.70
C ASN A 220 -10.67 11.41 -17.09
N ALA A 221 -9.49 12.01 -17.22
CA ALA A 221 -9.01 12.58 -18.47
C ALA A 221 -8.74 11.58 -19.61
N ARG A 222 -8.74 10.28 -19.30
CA ARG A 222 -8.53 9.26 -20.33
C ARG A 222 -9.87 8.82 -20.93
N GLN A 223 -10.97 9.23 -20.28
CA GLN A 223 -12.30 8.87 -20.72
C GLN A 223 -13.10 10.03 -21.31
N GLU A 224 -12.83 11.26 -20.87
CA GLU A 224 -13.52 12.43 -21.41
C GLU A 224 -12.62 13.64 -21.41
N ASP A 225 -13.02 14.66 -22.17
CA ASP A 225 -12.26 15.90 -22.25
C ASP A 225 -12.43 16.58 -20.88
N PRO A 226 -11.33 16.67 -20.10
CA PRO A 226 -11.31 17.29 -18.76
C PRO A 226 -11.75 18.76 -18.77
N VAL A 227 -11.30 19.49 -19.78
CA VAL A 227 -11.63 20.90 -19.91
C VAL A 227 -13.13 21.13 -20.06
N GLU A 228 -13.77 20.53 -21.06
CA GLU A 228 -15.20 20.77 -21.20
C GLU A 228 -15.99 20.17 -20.06
N ALA A 229 -15.39 19.22 -19.33
CA ALA A 229 -16.07 18.59 -18.20
C ALA A 229 -16.16 19.57 -17.03
N ILE A 230 -15.05 20.23 -16.71
CA ILE A 230 -15.00 21.18 -15.61
C ILE A 230 -15.80 22.44 -15.99
N GLN A 231 -15.65 22.87 -17.24
CA GLN A 231 -16.34 24.04 -17.74
C GLN A 231 -17.85 23.77 -17.79
N ARG A 232 -18.23 22.54 -18.12
CA ARG A 232 -19.64 22.16 -18.19
C ARG A 232 -20.26 21.94 -16.82
N ASP A 233 -19.58 21.19 -15.96
CA ASP A 233 -20.08 20.88 -14.62
C ASP A 233 -20.02 21.99 -13.56
N ILE A 234 -19.05 22.90 -13.62
CA ILE A 234 -18.98 23.98 -12.64
C ILE A 234 -18.69 25.35 -13.22
N GLY A 235 -18.57 25.41 -14.54
CA GLY A 235 -18.30 26.69 -15.20
C GLY A 235 -16.88 27.20 -15.05
N GLY A 236 -15.97 26.31 -14.66
CA GLY A 236 -14.58 26.70 -14.48
C GLY A 236 -14.30 26.90 -13.00
N ALA A 237 -13.08 26.59 -12.57
CA ALA A 237 -12.71 26.74 -11.17
C ALA A 237 -12.06 28.10 -10.90
N HIS A 238 -12.32 28.66 -9.72
CA HIS A 238 -11.76 29.95 -9.33
C HIS A 238 -10.25 29.79 -9.22
N GLY A 239 -9.86 28.60 -8.78
CA GLY A 239 -8.46 28.28 -8.67
C GLY A 239 -8.18 26.92 -9.30
N VAL A 240 -6.98 26.75 -9.83
CA VAL A 240 -6.57 25.48 -10.42
C VAL A 240 -5.16 25.18 -9.91
N LEU A 241 -4.91 23.92 -9.54
CA LEU A 241 -3.60 23.48 -9.06
C LEU A 241 -3.15 22.28 -9.89
N VAL A 242 -2.10 22.46 -10.69
CA VAL A 242 -1.59 21.39 -11.55
C VAL A 242 -0.37 20.69 -10.94
N THR A 243 -0.60 19.42 -10.65
CA THR A 243 0.36 18.51 -10.04
C THR A 243 0.89 17.49 -11.07
N ALA A 244 0.05 17.21 -12.08
CA ALA A 244 0.34 16.23 -13.12
C ALA A 244 1.68 16.32 -13.86
N VAL A 245 2.30 15.16 -14.05
CA VAL A 245 3.55 15.06 -14.77
C VAL A 245 3.13 14.85 -16.24
N SER A 246 2.62 15.92 -16.84
CA SER A 246 2.14 15.93 -18.21
C SER A 246 2.13 17.36 -18.74
N ASN A 247 2.79 17.59 -19.87
CA ASN A 247 2.80 18.95 -20.42
C ASN A 247 1.41 19.37 -20.90
N SER A 248 0.71 18.46 -21.54
CA SER A 248 -0.64 18.74 -22.05
C SER A 248 -1.60 19.00 -20.90
N ALA A 249 -1.40 18.32 -19.77
CA ALA A 249 -2.25 18.51 -18.59
C ALA A 249 -2.17 19.96 -18.13
N PHE A 250 -1.04 20.61 -18.41
CA PHE A 250 -0.84 22.00 -18.04
C PHE A 250 -1.70 22.91 -18.93
N GLY A 251 -1.76 22.57 -20.22
CA GLY A 251 -2.57 23.34 -21.14
C GLY A 251 -4.04 23.17 -20.79
N GLN A 252 -4.45 21.94 -20.52
CA GLN A 252 -5.83 21.67 -20.15
C GLN A 252 -6.19 22.36 -18.83
N ALA A 253 -5.24 22.42 -17.90
CA ALA A 253 -5.47 23.07 -16.60
C ALA A 253 -5.85 24.52 -16.76
N ILE A 254 -5.16 25.21 -17.66
CA ILE A 254 -5.44 26.62 -17.93
C ILE A 254 -6.85 26.77 -18.48
N GLY A 255 -7.30 25.77 -19.23
CA GLY A 255 -8.63 25.82 -19.80
C GLY A 255 -9.71 25.47 -18.79
N MET A 256 -9.30 25.05 -17.59
CA MET A 256 -10.23 24.69 -16.55
C MET A 256 -10.59 25.86 -15.64
N ALA A 257 -9.88 26.97 -15.79
CA ALA A 257 -10.13 28.14 -14.97
C ALA A 257 -11.34 28.95 -15.42
N ARG A 258 -11.92 29.63 -14.46
CA ARG A 258 -13.07 30.50 -14.66
C ARG A 258 -12.47 31.84 -15.03
N ARG A 259 -13.24 32.76 -15.60
CA ARG A 259 -12.65 34.06 -15.93
C ARG A 259 -12.09 34.67 -14.65
N GLY A 260 -10.89 35.24 -14.74
CA GLY A 260 -10.26 35.82 -13.56
C GLY A 260 -9.60 34.82 -12.61
N GLY A 261 -9.75 33.53 -12.89
CA GLY A 261 -9.17 32.51 -12.03
C GLY A 261 -7.65 32.43 -12.06
N THR A 262 -7.07 31.69 -11.12
CA THR A 262 -5.63 31.53 -11.01
C THR A 262 -5.23 30.05 -11.09
N ILE A 263 -4.24 29.77 -11.94
CA ILE A 263 -3.75 28.41 -12.13
C ILE A 263 -2.35 28.33 -11.53
N ALA A 264 -2.23 27.59 -10.42
CA ALA A 264 -0.94 27.40 -9.76
C ALA A 264 -0.26 26.16 -10.37
N LEU A 265 0.96 26.36 -10.87
CA LEU A 265 1.74 25.30 -11.49
C LEU A 265 2.76 24.78 -10.50
N VAL A 266 2.63 23.51 -10.16
CA VAL A 266 3.54 22.90 -9.21
C VAL A 266 4.23 21.67 -9.82
N GLY A 267 3.56 21.00 -10.76
CA GLY A 267 4.17 19.84 -11.41
C GLY A 267 5.44 20.22 -12.18
N LEU A 268 6.40 19.29 -12.26
CA LEU A 268 7.64 19.59 -12.94
C LEU A 268 8.02 18.70 -14.14
N PRO A 269 7.05 18.38 -15.02
CA PRO A 269 7.42 17.55 -16.17
C PRO A 269 8.43 18.35 -17.02
N PRO A 270 9.43 17.68 -17.62
CA PRO A 270 10.39 18.45 -18.42
C PRO A 270 9.77 19.11 -19.66
N GLY A 271 10.39 20.19 -20.12
CA GLY A 271 9.90 20.87 -21.31
C GLY A 271 9.07 22.13 -21.09
N ASP A 272 8.20 22.43 -22.07
CA ASP A 272 7.35 23.61 -22.03
C ASP A 272 5.87 23.27 -21.96
N PHE A 273 5.07 24.26 -21.55
CA PHE A 273 3.62 24.12 -21.48
C PHE A 273 3.10 25.25 -22.37
N PRO A 274 1.91 25.08 -22.96
CA PRO A 274 1.37 26.14 -23.82
C PRO A 274 0.52 27.22 -23.14
N THR A 275 0.82 28.48 -23.43
CA THR A 275 0.06 29.60 -22.87
C THR A 275 -0.79 30.18 -24.00
N PRO A 276 -2.12 30.03 -23.93
CA PRO A 276 -2.99 30.57 -24.98
C PRO A 276 -3.14 32.06 -24.67
N ILE A 277 -2.17 32.86 -25.08
CA ILE A 277 -2.19 34.28 -24.79
C ILE A 277 -3.56 34.95 -24.97
N PHE A 278 -4.18 34.79 -26.13
CA PHE A 278 -5.49 35.41 -26.39
C PHE A 278 -6.53 35.10 -25.30
N ASP A 279 -6.62 33.83 -24.92
CA ASP A 279 -7.57 33.38 -23.89
C ASP A 279 -7.19 33.90 -22.52
N VAL A 280 -5.90 33.89 -22.22
CA VAL A 280 -5.41 34.37 -20.93
C VAL A 280 -5.73 35.85 -20.77
N VAL A 281 -5.53 36.61 -21.84
CA VAL A 281 -5.81 38.03 -21.84
C VAL A 281 -7.30 38.31 -21.71
N LEU A 282 -8.10 37.86 -22.68
CA LEU A 282 -9.54 38.09 -22.65
C LEU A 282 -10.26 37.55 -21.43
N LYS A 283 -9.74 36.48 -20.82
CA LYS A 283 -10.38 35.92 -19.63
C LYS A 283 -9.75 36.44 -18.31
N GLY A 284 -8.75 37.31 -18.42
CA GLY A 284 -8.09 37.85 -17.23
C GLY A 284 -7.56 36.75 -16.31
N LEU A 285 -6.92 35.75 -16.90
CA LEU A 285 -6.38 34.63 -16.15
C LEU A 285 -4.98 34.90 -15.58
N HIS A 286 -4.67 34.24 -14.47
CA HIS A 286 -3.36 34.39 -13.84
C HIS A 286 -2.77 33.01 -13.73
N ILE A 287 -1.51 32.89 -14.15
CA ILE A 287 -0.77 31.63 -14.08
C ILE A 287 0.37 31.89 -13.11
N ALA A 288 0.50 31.02 -12.12
CA ALA A 288 1.54 31.18 -11.11
C ALA A 288 2.36 29.92 -10.86
N GLY A 289 3.67 30.07 -10.95
CA GLY A 289 4.56 28.96 -10.69
C GLY A 289 4.86 28.98 -9.20
N SER A 290 4.74 27.83 -8.54
CA SER A 290 4.99 27.74 -7.11
C SER A 290 6.00 26.64 -6.80
N ILE A 291 7.02 26.95 -5.98
CA ILE A 291 8.06 25.98 -5.57
C ILE A 291 8.01 25.68 -4.08
N VAL A 292 7.82 24.41 -3.77
CA VAL A 292 7.74 23.92 -2.40
C VAL A 292 7.15 24.99 -1.49
N GLY A 293 7.78 25.24 -0.35
CA GLY A 293 7.25 26.26 0.52
C GLY A 293 8.28 26.79 1.49
N THR A 294 7.97 27.97 2.00
CA THR A 294 8.78 28.68 2.96
C THR A 294 8.81 27.94 4.32
N ARG A 295 9.72 28.33 5.22
CA ARG A 295 9.75 27.67 6.53
C ARG A 295 8.41 27.94 7.23
N ALA A 296 7.89 29.15 7.06
CA ALA A 296 6.58 29.51 7.64
C ALA A 296 5.53 28.61 6.98
N ASP A 297 5.58 28.47 5.66
CA ASP A 297 4.63 27.61 4.95
C ASP A 297 4.71 26.20 5.48
N LEU A 298 5.93 25.70 5.64
CA LEU A 298 6.15 24.34 6.14
C LEU A 298 5.53 24.11 7.51
N GLN A 299 5.76 25.01 8.45
CA GLN A 299 5.19 24.85 9.80
C GLN A 299 3.66 24.93 9.79
N GLU A 300 3.11 25.79 8.94
CA GLU A 300 1.65 25.91 8.79
C GLU A 300 1.11 24.60 8.21
N ALA A 301 1.82 24.08 7.20
CA ALA A 301 1.41 22.82 6.58
C ALA A 301 1.43 21.70 7.62
N LEU A 302 2.50 21.65 8.40
CA LEU A 302 2.65 20.64 9.44
C LEU A 302 1.56 20.76 10.52
N ASP A 303 1.16 22.00 10.83
CA ASP A 303 0.12 22.23 11.84
C ASP A 303 -1.21 21.61 11.41
N PHE A 304 -1.53 21.68 10.11
CA PHE A 304 -2.78 21.11 9.62
C PHE A 304 -2.78 19.62 9.90
N ALA A 305 -1.61 19.00 9.70
CA ALA A 305 -1.44 17.58 9.96
C ALA A 305 -1.54 17.30 11.47
N GLY A 306 -0.97 18.20 12.27
CA GLY A 306 -1.02 18.06 13.71
C GLY A 306 -2.45 18.16 14.20
N GLU A 307 -3.27 18.97 13.51
CA GLU A 307 -4.68 19.15 13.85
C GLU A 307 -5.53 18.00 13.36
N GLY A 308 -4.93 17.10 12.58
CA GLY A 308 -5.68 15.97 12.06
C GLY A 308 -6.52 16.34 10.86
N LEU A 309 -6.32 17.54 10.32
CA LEU A 309 -7.09 18.01 9.15
C LEU A 309 -6.55 17.45 7.85
N VAL A 310 -5.29 17.01 7.89
CA VAL A 310 -4.65 16.44 6.73
C VAL A 310 -3.93 15.20 7.20
N LYS A 311 -4.14 14.11 6.47
CA LYS A 311 -3.49 12.84 6.79
C LYS A 311 -3.08 12.23 5.46
N ALA A 312 -1.78 12.07 5.24
CA ALA A 312 -1.32 11.52 3.98
C ALA A 312 -1.64 10.04 3.91
N THR A 313 -1.95 9.57 2.71
CA THR A 313 -2.24 8.15 2.49
C THR A 313 -0.88 7.55 2.14
N ILE A 314 -0.29 6.83 3.08
CA ILE A 314 1.03 6.26 2.86
C ILE A 314 1.05 4.74 2.81
N HIS A 315 2.13 4.21 2.25
CA HIS A 315 2.36 2.78 2.14
C HIS A 315 3.83 2.58 2.47
N PRO A 316 4.14 1.61 3.34
CA PRO A 316 5.53 1.34 3.73
C PRO A 316 6.43 0.81 2.62
N GLY A 317 7.72 1.12 2.72
CA GLY A 317 8.70 0.66 1.76
C GLY A 317 10.05 0.46 2.42
N LYS A 318 10.92 -0.34 1.80
CA LYS A 318 12.25 -0.62 2.32
C LYS A 318 13.28 0.03 1.40
N LEU A 319 14.35 0.58 1.98
CA LEU A 319 15.40 1.22 1.20
C LEU A 319 15.92 0.28 0.11
N ASP A 320 16.03 -1.01 0.44
CA ASP A 320 16.52 -2.02 -0.49
C ASP A 320 15.61 -2.24 -1.70
N ASP A 321 14.36 -1.79 -1.59
CA ASP A 321 13.39 -1.96 -2.67
C ASP A 321 13.13 -0.65 -3.41
N ILE A 322 13.98 0.35 -3.23
CA ILE A 322 13.78 1.64 -3.86
C ILE A 322 13.65 1.63 -5.40
N ASN A 323 14.38 0.75 -6.08
CA ASN A 323 14.26 0.71 -7.53
C ASN A 323 12.89 0.25 -7.99
N GLN A 324 12.37 -0.80 -7.36
CA GLN A 324 11.04 -1.32 -7.71
C GLN A 324 9.96 -0.34 -7.28
N ILE A 325 10.25 0.42 -6.21
CA ILE A 325 9.33 1.44 -5.69
C ILE A 325 9.25 2.59 -6.72
N LEU A 326 10.41 3.02 -7.21
CA LEU A 326 10.45 4.08 -8.21
C LEU A 326 9.82 3.58 -9.51
N ASP A 327 9.91 2.28 -9.77
CA ASP A 327 9.31 1.71 -10.98
C ASP A 327 7.80 1.81 -10.84
N GLN A 328 7.34 1.54 -9.63
CA GLN A 328 5.92 1.59 -9.30
C GLN A 328 5.40 3.02 -9.48
N MET A 329 6.26 3.99 -9.19
CA MET A 329 5.87 5.38 -9.37
C MET A 329 5.85 5.70 -10.86
N ARG A 330 6.86 5.22 -11.59
CA ARG A 330 6.96 5.42 -13.04
C ARG A 330 5.67 4.94 -13.72
N ALA A 331 5.15 3.81 -13.26
CA ALA A 331 3.94 3.22 -13.80
C ALA A 331 2.65 3.77 -13.18
N GLY A 332 2.78 4.78 -12.32
CA GLY A 332 1.60 5.36 -11.69
C GLY A 332 0.78 4.35 -10.91
N GLN A 333 1.46 3.40 -10.27
CA GLN A 333 0.78 2.36 -9.52
C GLN A 333 0.79 2.58 -8.00
N ILE A 334 1.09 3.81 -7.58
CA ILE A 334 1.13 4.11 -6.15
C ILE A 334 -0.14 4.85 -5.74
N GLU A 335 -0.73 4.43 -4.63
CA GLU A 335 -1.91 5.12 -4.13
C GLU A 335 -1.38 6.11 -3.10
N GLY A 336 -1.35 7.38 -3.46
CA GLY A 336 -0.86 8.39 -2.56
C GLY A 336 0.66 8.45 -2.50
N ARG A 337 1.22 8.06 -1.36
CA ARG A 337 2.67 8.13 -1.19
C ARG A 337 3.25 6.82 -0.64
N ILE A 338 4.49 6.53 -1.03
CA ILE A 338 5.20 5.37 -0.50
C ILE A 338 6.25 6.02 0.38
N VAL A 339 6.28 5.61 1.64
CA VAL A 339 7.22 6.18 2.58
C VAL A 339 8.18 5.10 3.06
N LEU A 340 9.46 5.31 2.82
CA LEU A 340 10.45 4.33 3.26
C LEU A 340 10.58 4.35 4.78
N GLU A 341 10.76 3.18 5.37
CA GLU A 341 10.94 3.08 6.81
C GLU A 341 12.33 2.47 7.03
N MET A 342 13.17 3.19 7.77
CA MET A 342 14.54 2.75 8.05
C MET A 342 14.60 1.80 9.25
N THR B 2 -28.69 70.71 -36.39
CA THR B 2 -29.26 69.58 -35.66
C THR B 2 -29.15 68.27 -36.45
N LEU B 3 -28.56 67.27 -35.80
CA LEU B 3 -28.34 65.94 -36.37
C LEU B 3 -28.49 65.81 -37.89
N PRO B 4 -27.35 65.62 -38.59
CA PRO B 4 -27.25 65.47 -40.05
C PRO B 4 -28.18 64.43 -40.67
N GLN B 5 -28.69 63.52 -39.84
CA GLN B 5 -29.59 62.49 -40.33
C GLN B 5 -28.84 61.52 -41.24
N THR B 6 -27.60 61.90 -41.58
CA THR B 6 -26.75 61.08 -42.43
C THR B 6 -25.28 61.45 -42.16
N MET B 7 -24.42 60.42 -42.07
CA MET B 7 -23.00 60.63 -41.79
C MET B 7 -22.12 59.68 -42.60
N LYS B 8 -20.84 60.01 -42.71
CA LYS B 8 -19.90 59.14 -43.44
C LYS B 8 -19.17 58.27 -42.41
N ALA B 9 -18.73 57.08 -42.85
CA ALA B 9 -18.05 56.17 -41.95
C ALA B 9 -17.36 55.02 -42.67
N ALA B 10 -16.12 54.73 -42.27
CA ALA B 10 -15.35 53.64 -42.85
C ALA B 10 -15.92 52.31 -42.37
N VAL B 11 -16.74 51.67 -43.21
CA VAL B 11 -17.39 50.40 -42.87
C VAL B 11 -16.66 49.18 -43.42
N VAL B 12 -16.79 48.05 -42.72
CA VAL B 12 -16.16 46.80 -43.13
C VAL B 12 -17.21 45.81 -43.64
N HIS B 13 -17.05 45.38 -44.89
CA HIS B 13 -17.98 44.42 -45.50
C HIS B 13 -17.41 43.02 -45.68
N ALA B 14 -16.08 42.90 -45.55
CA ALA B 14 -15.42 41.62 -45.70
C ALA B 14 -14.11 41.60 -44.93
N TYR B 15 -13.80 40.45 -44.33
CA TYR B 15 -12.57 40.29 -43.55
C TYR B 15 -11.36 40.21 -44.47
N GLY B 16 -10.64 41.32 -44.58
CA GLY B 16 -9.47 41.37 -45.43
C GLY B 16 -9.70 42.36 -46.55
N ALA B 17 -10.97 42.65 -46.83
CA ALA B 17 -11.36 43.59 -47.87
C ALA B 17 -11.36 45.01 -47.33
N PRO B 18 -10.42 45.85 -47.80
CA PRO B 18 -10.31 47.25 -47.35
C PRO B 18 -11.64 47.95 -47.14
N LEU B 19 -11.73 48.71 -46.05
CA LEU B 19 -12.94 49.44 -45.70
C LEU B 19 -13.36 50.37 -46.83
N ARG B 20 -14.56 50.94 -46.70
CA ARG B 20 -15.08 51.86 -47.70
C ARG B 20 -15.91 52.96 -47.06
N ILE B 21 -15.47 54.20 -47.22
CA ILE B 21 -16.19 55.35 -46.67
C ILE B 21 -17.53 55.44 -47.37
N GLU B 22 -18.62 55.30 -46.62
CA GLU B 22 -19.96 55.35 -47.20
C GLU B 22 -20.98 56.04 -46.32
N GLU B 23 -21.49 57.17 -46.80
CA GLU B 23 -22.49 57.95 -46.07
C GLU B 23 -23.67 57.09 -45.63
N VAL B 24 -23.77 56.85 -44.32
CA VAL B 24 -24.86 56.04 -43.75
C VAL B 24 -25.68 56.84 -42.73
N LYS B 25 -26.80 56.27 -42.29
CA LYS B 25 -27.71 56.92 -41.35
C LYS B 25 -27.11 57.25 -39.99
N VAL B 26 -27.58 58.37 -39.42
CA VAL B 26 -27.15 58.80 -38.10
C VAL B 26 -28.10 58.14 -37.10
N PRO B 27 -27.58 57.26 -36.23
CA PRO B 27 -28.38 56.55 -35.22
C PRO B 27 -29.14 57.50 -34.31
N LEU B 28 -30.25 57.02 -33.76
CA LEU B 28 -31.04 57.83 -32.84
C LEU B 28 -31.01 57.22 -31.45
N PRO B 29 -30.64 58.04 -30.44
CA PRO B 29 -30.55 57.62 -29.04
C PRO B 29 -31.87 57.08 -28.50
N GLY B 30 -31.99 55.75 -28.43
CA GLY B 30 -33.18 55.13 -27.91
C GLY B 30 -33.09 55.18 -26.39
N PRO B 31 -33.98 54.49 -25.66
CA PRO B 31 -33.87 54.55 -24.20
C PRO B 31 -32.51 54.01 -23.71
N GLY B 32 -31.93 54.66 -22.71
CA GLY B 32 -30.64 54.23 -22.17
C GLY B 32 -29.44 54.43 -23.08
N GLN B 33 -29.58 55.31 -24.08
CA GLN B 33 -28.50 55.57 -25.02
C GLN B 33 -28.24 57.05 -25.17
N VAL B 34 -27.18 57.39 -25.88
CA VAL B 34 -26.82 58.77 -26.15
C VAL B 34 -26.04 58.76 -27.46
N LEU B 35 -26.04 59.88 -28.15
CA LEU B 35 -25.31 59.98 -29.40
C LEU B 35 -24.11 60.88 -29.17
N VAL B 36 -22.96 60.48 -29.72
CA VAL B 36 -21.75 61.26 -29.55
C VAL B 36 -21.21 61.70 -30.92
N LYS B 37 -20.96 63.01 -31.06
CA LYS B 37 -20.41 63.53 -32.30
C LYS B 37 -18.90 63.38 -32.16
N ILE B 38 -18.33 62.50 -32.97
CA ILE B 38 -16.90 62.22 -32.94
C ILE B 38 -16.02 63.37 -33.43
N GLU B 39 -15.24 63.94 -32.49
CA GLU B 39 -14.31 65.02 -32.78
C GLU B 39 -12.99 64.41 -33.20
N ALA B 40 -12.59 63.35 -32.49
CA ALA B 40 -11.35 62.62 -32.76
C ALA B 40 -11.61 61.13 -32.57
N SER B 41 -10.79 60.30 -33.17
CA SER B 41 -10.96 58.87 -33.05
C SER B 41 -9.62 58.17 -33.27
N GLY B 42 -9.12 57.51 -32.24
CA GLY B 42 -7.84 56.83 -32.35
C GLY B 42 -7.90 55.52 -33.10
N VAL B 43 -6.79 55.14 -33.71
CA VAL B 43 -6.69 53.90 -34.47
C VAL B 43 -5.88 52.88 -33.67
N CYS B 44 -6.56 51.83 -33.20
CA CYS B 44 -5.93 50.79 -32.42
C CYS B 44 -5.59 49.55 -33.26
N HIS B 45 -4.48 48.89 -32.92
CA HIS B 45 -4.05 47.69 -33.65
C HIS B 45 -5.17 46.66 -33.69
N THR B 46 -6.04 46.70 -32.69
CA THR B 46 -7.16 45.77 -32.59
C THR B 46 -8.20 46.02 -33.69
N ASP B 47 -8.14 47.20 -34.31
CA ASP B 47 -9.06 47.52 -35.38
C ASP B 47 -8.71 46.64 -36.59
N LEU B 48 -7.41 46.38 -36.78
CA LEU B 48 -6.97 45.51 -37.88
C LEU B 48 -7.47 44.10 -37.64
N HIS B 49 -7.24 43.59 -36.43
CA HIS B 49 -7.68 42.24 -36.06
C HIS B 49 -9.19 42.09 -36.26
N ALA B 50 -9.92 43.20 -36.15
CA ALA B 50 -11.38 43.20 -36.30
C ALA B 50 -11.85 43.04 -37.75
N ALA B 51 -11.33 43.89 -38.64
CA ALA B 51 -11.69 43.85 -40.05
C ALA B 51 -10.93 42.77 -40.81
N GLU B 52 -10.01 42.10 -40.11
CA GLU B 52 -9.20 41.04 -40.70
C GLU B 52 -9.66 39.69 -40.15
N GLY B 53 -10.78 39.69 -39.45
CA GLY B 53 -11.30 38.46 -38.86
C GLY B 53 -10.19 37.63 -38.25
N ASP B 54 -9.22 38.29 -37.62
CA ASP B 54 -8.08 37.63 -37.00
C ASP B 54 -8.41 36.81 -35.75
N TRP B 55 -9.59 37.03 -35.18
CA TRP B 55 -9.99 36.33 -33.97
C TRP B 55 -11.17 35.38 -34.11
N PRO B 56 -11.30 34.41 -33.17
CA PRO B 56 -12.35 33.40 -33.11
C PRO B 56 -13.75 34.00 -33.28
N VAL B 57 -14.12 34.89 -32.37
CA VAL B 57 -15.41 35.57 -32.44
C VAL B 57 -15.25 36.80 -33.32
N LYS B 58 -15.43 36.63 -34.62
CA LYS B 58 -15.28 37.71 -35.58
C LYS B 58 -16.44 38.71 -35.51
N PRO B 59 -16.16 39.98 -35.84
CA PRO B 59 -17.15 41.07 -35.82
C PRO B 59 -18.28 40.88 -36.82
N PRO B 60 -19.53 40.96 -36.35
CA PRO B 60 -20.64 40.79 -37.30
C PRO B 60 -20.53 41.84 -38.42
N LEU B 61 -20.65 41.39 -39.66
CA LEU B 61 -20.56 42.30 -40.81
C LEU B 61 -21.93 42.81 -41.26
N PRO B 62 -22.00 44.06 -41.73
CA PRO B 62 -20.87 45.00 -41.86
C PRO B 62 -20.80 45.90 -40.63
N PHE B 63 -19.61 46.11 -40.09
CA PHE B 63 -19.44 46.95 -38.91
C PHE B 63 -18.52 48.14 -39.11
N ILE B 64 -18.55 49.05 -38.16
CA ILE B 64 -17.71 50.25 -38.17
C ILE B 64 -16.77 50.11 -36.98
N PRO B 65 -15.47 49.89 -37.23
CA PRO B 65 -14.53 49.74 -36.11
C PRO B 65 -14.26 51.05 -35.36
N GLY B 66 -13.43 50.99 -34.32
CA GLY B 66 -13.09 52.18 -33.56
C GLY B 66 -13.65 52.26 -32.15
N HIS B 67 -12.75 52.18 -31.16
CA HIS B 67 -13.17 52.27 -29.76
C HIS B 67 -12.32 53.28 -28.99
N GLU B 68 -11.79 54.27 -29.72
CA GLU B 68 -11.01 55.36 -29.14
C GLU B 68 -11.66 56.64 -29.65
N GLY B 69 -12.96 56.56 -29.90
CA GLY B 69 -13.72 57.69 -30.39
C GLY B 69 -14.09 58.64 -29.26
N VAL B 70 -13.79 59.92 -29.48
CA VAL B 70 -14.06 60.93 -28.49
C VAL B 70 -14.78 62.13 -29.10
N GLY B 71 -15.73 62.71 -28.37
CA GLY B 71 -16.45 63.85 -28.90
C GLY B 71 -17.44 64.47 -27.93
N TYR B 72 -18.47 65.11 -28.47
CA TYR B 72 -19.50 65.75 -27.65
C TYR B 72 -20.76 64.93 -27.65
N VAL B 73 -21.46 64.93 -26.53
CA VAL B 73 -22.73 64.21 -26.44
C VAL B 73 -23.70 65.06 -27.27
N ALA B 74 -24.12 64.53 -28.41
CA ALA B 74 -25.03 65.22 -29.32
C ALA B 74 -26.49 65.11 -28.90
N ALA B 75 -26.95 63.88 -28.66
CA ALA B 75 -28.33 63.64 -28.24
C ALA B 75 -28.35 62.70 -27.03
N VAL B 76 -29.44 62.77 -26.28
CA VAL B 76 -29.61 61.95 -25.08
C VAL B 76 -30.88 61.10 -25.12
N GLY B 77 -30.72 59.78 -25.03
CA GLY B 77 -31.86 58.90 -25.03
C GLY B 77 -32.69 59.13 -23.77
N SER B 78 -33.79 58.41 -23.64
CA SER B 78 -34.66 58.58 -22.48
C SER B 78 -34.14 57.84 -21.24
N GLY B 79 -34.18 58.52 -20.09
CA GLY B 79 -33.72 57.90 -18.86
C GLY B 79 -32.28 58.19 -18.49
N VAL B 80 -31.48 58.61 -19.48
CA VAL B 80 -30.08 58.92 -19.26
C VAL B 80 -29.84 59.98 -18.18
N THR B 81 -29.09 59.60 -17.14
CA THR B 81 -28.77 60.49 -16.01
C THR B 81 -27.28 60.83 -15.89
N ARG B 82 -26.43 59.87 -16.23
CA ARG B 82 -24.98 60.05 -16.13
C ARG B 82 -24.35 61.15 -16.98
N VAL B 83 -24.89 61.40 -18.17
CA VAL B 83 -24.35 62.44 -19.04
C VAL B 83 -25.44 63.36 -19.62
N LYS B 84 -25.06 64.60 -19.92
CA LYS B 84 -26.00 65.56 -20.51
C LYS B 84 -25.47 65.93 -21.89
N GLU B 85 -26.30 66.62 -22.67
CA GLU B 85 -25.91 67.03 -24.02
C GLU B 85 -24.70 67.95 -23.94
N GLY B 86 -23.79 67.79 -24.90
CA GLY B 86 -22.60 68.62 -24.93
C GLY B 86 -21.38 68.10 -24.19
N ASP B 87 -21.60 67.21 -23.22
CA ASP B 87 -20.49 66.65 -22.44
C ASP B 87 -19.42 66.00 -23.33
N ARG B 88 -18.15 66.31 -23.03
CA ARG B 88 -17.02 65.75 -23.75
C ARG B 88 -16.81 64.37 -23.16
N VAL B 89 -17.03 63.36 -24.00
CA VAL B 89 -16.96 61.98 -23.55
C VAL B 89 -16.27 61.06 -24.58
N GLY B 90 -15.90 59.86 -24.14
CA GLY B 90 -15.26 58.91 -25.04
C GLY B 90 -15.91 57.54 -24.97
N ILE B 91 -15.96 56.82 -26.08
CA ILE B 91 -16.57 55.48 -26.12
C ILE B 91 -15.46 54.42 -26.28
N PRO B 92 -15.09 53.73 -25.18
CA PRO B 92 -14.05 52.71 -25.19
C PRO B 92 -14.46 51.30 -25.61
N TRP B 93 -13.49 50.39 -25.63
CA TRP B 93 -13.69 49.00 -26.00
C TRP B 93 -14.85 48.35 -25.22
N LEU B 94 -14.90 48.59 -23.92
CA LEU B 94 -15.96 48.04 -23.09
C LEU B 94 -17.21 48.92 -23.28
N TYR B 95 -18.02 48.55 -24.27
CA TYR B 95 -19.24 49.28 -24.61
C TYR B 95 -20.32 49.19 -23.51
N THR B 96 -20.49 48.00 -22.96
CA THR B 96 -21.49 47.78 -21.92
C THR B 96 -21.19 46.45 -21.23
N ALA B 97 -21.88 46.21 -20.12
CA ALA B 97 -21.73 44.98 -19.34
C ALA B 97 -23.05 44.80 -18.62
N CYS B 98 -23.37 43.58 -18.18
CA CYS B 98 -24.64 43.36 -17.52
C CYS B 98 -24.79 44.09 -16.19
N GLY B 99 -23.69 44.27 -15.47
CA GLY B 99 -23.74 44.99 -14.21
C GLY B 99 -24.15 44.22 -12.95
N CYS B 100 -24.57 42.98 -13.11
CA CYS B 100 -24.98 42.22 -11.93
C CYS B 100 -24.44 40.78 -11.86
N CYS B 101 -23.46 40.47 -12.70
CA CYS B 101 -22.89 39.11 -12.69
C CYS B 101 -21.70 39.03 -11.73
N GLU B 102 -21.17 37.82 -11.60
CA GLU B 102 -20.03 37.52 -10.73
C GLU B 102 -18.87 38.52 -10.83
N HIS B 103 -18.55 38.92 -12.06
CA HIS B 103 -17.44 39.83 -12.30
C HIS B 103 -17.83 41.28 -12.17
N CYS B 104 -19.03 41.61 -12.62
CA CYS B 104 -19.53 42.98 -12.54
C CYS B 104 -19.78 43.43 -11.11
N LEU B 105 -20.17 42.49 -10.25
CA LEU B 105 -20.44 42.81 -8.84
C LEU B 105 -19.14 42.90 -8.03
N THR B 106 -18.07 42.32 -8.56
CA THR B 106 -16.79 42.33 -7.86
C THR B 106 -15.73 43.25 -8.48
N GLY B 107 -16.14 44.22 -9.30
CA GLY B 107 -15.18 45.13 -9.91
C GLY B 107 -14.41 44.64 -11.12
N TRP B 108 -14.91 43.60 -11.79
CA TRP B 108 -14.26 43.08 -12.98
C TRP B 108 -15.22 43.00 -14.18
N GLU B 109 -15.97 44.09 -14.40
CA GLU B 109 -16.94 44.21 -15.50
C GLU B 109 -16.28 43.90 -16.83
N THR B 110 -14.96 44.07 -16.82
CA THR B 110 -14.10 43.85 -17.96
C THR B 110 -14.19 42.37 -18.41
N LEU B 111 -14.50 41.48 -17.48
CA LEU B 111 -14.60 40.05 -17.75
C LEU B 111 -16.06 39.61 -17.91
N CYS B 112 -16.96 40.58 -18.00
CA CYS B 112 -18.39 40.27 -18.16
C CYS B 112 -18.65 39.57 -19.48
N GLU B 113 -19.31 38.41 -19.42
CA GLU B 113 -19.62 37.65 -20.62
C GLU B 113 -20.78 38.26 -21.43
N SER B 114 -21.52 39.17 -20.79
CA SER B 114 -22.66 39.84 -21.42
C SER B 114 -22.27 41.22 -21.96
N GLN B 115 -20.97 41.44 -22.13
CA GLN B 115 -20.52 42.73 -22.62
C GLN B 115 -20.59 42.87 -24.13
N GLN B 116 -20.59 44.12 -24.58
CA GLN B 116 -20.61 44.46 -26.00
C GLN B 116 -19.31 45.23 -26.20
N ASN B 117 -18.72 45.14 -27.39
CA ASN B 117 -17.48 45.84 -27.63
C ASN B 117 -17.57 46.84 -28.78
N THR B 118 -17.29 48.10 -28.48
CA THR B 118 -17.36 49.18 -29.46
C THR B 118 -16.42 48.93 -30.64
N GLY B 119 -16.96 49.08 -31.85
CA GLY B 119 -16.17 48.87 -33.04
C GLY B 119 -15.84 47.40 -33.26
N TYR B 120 -16.74 46.52 -32.85
CA TYR B 120 -16.54 45.09 -33.03
C TYR B 120 -17.90 44.38 -33.10
N SER B 121 -18.60 44.33 -31.97
CA SER B 121 -19.92 43.70 -31.90
C SER B 121 -20.99 44.77 -31.96
N VAL B 122 -20.56 46.03 -32.01
CA VAL B 122 -21.45 47.19 -32.11
C VAL B 122 -20.60 48.23 -32.83
N ASN B 123 -21.24 49.12 -33.58
CA ASN B 123 -20.50 50.14 -34.35
C ASN B 123 -19.67 51.09 -33.48
N GLY B 124 -18.49 51.43 -34.00
CA GLY B 124 -17.59 52.31 -33.29
C GLY B 124 -17.40 53.73 -33.78
N GLY B 125 -16.23 54.28 -33.49
CA GLY B 125 -15.90 55.65 -33.83
C GLY B 125 -15.28 55.97 -35.16
N TYR B 126 -15.28 55.02 -36.09
CA TYR B 126 -14.74 55.31 -37.43
C TYR B 126 -15.94 55.91 -38.19
N ALA B 127 -16.55 56.91 -37.58
CA ALA B 127 -17.71 57.59 -38.13
C ALA B 127 -17.81 58.98 -37.51
N GLU B 128 -18.80 59.76 -37.95
CA GLU B 128 -18.98 61.11 -37.42
C GLU B 128 -19.79 61.09 -36.14
N TYR B 129 -20.62 60.06 -35.97
CA TYR B 129 -21.46 59.92 -34.78
C TYR B 129 -21.42 58.48 -34.28
N VAL B 130 -21.68 58.30 -33.00
CA VAL B 130 -21.68 56.98 -32.39
C VAL B 130 -22.74 56.87 -31.29
N LEU B 131 -23.37 55.70 -31.21
CA LEU B 131 -24.36 55.45 -30.18
C LEU B 131 -23.58 54.78 -29.06
N ALA B 132 -23.76 55.28 -27.85
CA ALA B 132 -23.04 54.72 -26.70
C ALA B 132 -23.95 54.50 -25.49
N ASP B 133 -23.47 53.67 -24.57
CA ASP B 133 -24.20 53.42 -23.35
C ASP B 133 -23.59 54.43 -22.37
N PRO B 134 -24.39 55.44 -21.94
CA PRO B 134 -23.97 56.49 -21.01
C PRO B 134 -23.23 56.02 -19.76
N ASN B 135 -23.52 54.80 -19.31
CA ASN B 135 -22.91 54.25 -18.11
C ASN B 135 -21.50 53.68 -18.24
N TYR B 136 -21.04 53.43 -19.46
CA TYR B 136 -19.70 52.88 -19.66
C TYR B 136 -18.81 53.79 -20.45
N VAL B 137 -19.33 54.96 -20.79
CA VAL B 137 -18.59 55.95 -21.55
C VAL B 137 -17.57 56.63 -20.62
N GLY B 138 -16.51 57.18 -21.21
CA GLY B 138 -15.51 57.84 -20.40
C GLY B 138 -15.68 59.34 -20.27
N ILE B 139 -15.74 59.84 -19.04
CA ILE B 139 -15.87 61.26 -18.79
C ILE B 139 -14.48 61.89 -18.91
N LEU B 140 -14.27 62.67 -19.97
CA LEU B 140 -12.97 63.28 -20.23
C LEU B 140 -12.60 64.51 -19.41
N PRO B 141 -11.28 64.70 -19.17
CA PRO B 141 -10.79 65.84 -18.41
C PRO B 141 -10.91 67.09 -19.28
N LYS B 142 -11.38 68.18 -18.68
CA LYS B 142 -11.59 69.44 -19.39
C LYS B 142 -10.34 70.06 -20.04
N ASN B 143 -9.20 69.91 -19.38
CA ASN B 143 -7.95 70.50 -19.86
C ASN B 143 -7.21 69.78 -20.99
N VAL B 144 -7.80 68.73 -21.56
CA VAL B 144 -7.13 68.01 -22.65
C VAL B 144 -7.98 67.95 -23.91
N GLU B 145 -7.39 68.28 -25.05
CA GLU B 145 -8.10 68.27 -26.33
C GLU B 145 -8.41 66.87 -26.85
N PHE B 146 -9.53 66.74 -27.56
CA PHE B 146 -9.98 65.46 -28.11
C PHE B 146 -8.90 64.62 -28.79
N ALA B 147 -8.10 65.26 -29.62
CA ALA B 147 -7.04 64.55 -30.34
C ALA B 147 -6.04 63.88 -29.39
N GLU B 148 -5.78 64.54 -28.27
CA GLU B 148 -4.83 64.03 -27.27
C GLU B 148 -5.32 62.90 -26.37
N ILE B 149 -6.49 63.05 -25.75
CA ILE B 149 -6.98 61.98 -24.87
C ILE B 149 -7.55 60.77 -25.61
N ALA B 150 -7.80 60.89 -26.91
CA ALA B 150 -8.34 59.77 -27.66
C ALA B 150 -7.58 58.46 -27.34
N PRO B 151 -6.24 58.48 -27.48
CA PRO B 151 -5.42 57.29 -27.21
C PRO B 151 -5.66 56.66 -25.82
N ILE B 152 -5.90 57.50 -24.82
CA ILE B 152 -6.14 57.02 -23.46
C ILE B 152 -7.33 56.08 -23.42
N LEU B 153 -8.32 56.32 -24.29
CA LEU B 153 -9.54 55.50 -24.33
C LEU B 153 -9.29 54.01 -24.53
N CYS B 154 -8.09 53.65 -24.96
CA CYS B 154 -7.75 52.24 -25.09
C CYS B 154 -6.28 51.94 -24.79
N ALA B 155 -5.38 52.49 -25.59
CA ALA B 155 -3.96 52.28 -25.38
C ALA B 155 -3.57 52.74 -23.97
N GLY B 156 -4.19 53.83 -23.50
CA GLY B 156 -3.91 54.36 -22.19
C GLY B 156 -4.36 53.45 -21.04
N VAL B 157 -5.66 53.20 -20.95
CA VAL B 157 -6.21 52.34 -19.90
C VAL B 157 -5.64 50.94 -19.91
N THR B 158 -5.52 50.37 -21.10
CA THR B 158 -5.00 49.01 -21.24
C THR B 158 -3.62 48.90 -20.62
N VAL B 159 -2.75 49.80 -21.03
CA VAL B 159 -1.37 49.85 -20.57
C VAL B 159 -1.28 50.16 -19.06
N TYR B 160 -2.11 51.09 -18.60
CA TYR B 160 -2.17 51.48 -17.20
C TYR B 160 -2.61 50.30 -16.32
N LYS B 161 -3.68 49.64 -16.73
CA LYS B 161 -4.19 48.48 -16.01
C LYS B 161 -3.20 47.31 -16.06
N GLY B 162 -2.52 47.15 -17.19
CA GLY B 162 -1.54 46.09 -17.33
C GLY B 162 -0.42 46.30 -16.34
N LEU B 163 0.01 47.56 -16.19
CA LEU B 163 1.07 47.91 -15.23
C LEU B 163 0.61 47.62 -13.81
N LYS B 164 -0.66 47.89 -13.52
CA LYS B 164 -1.17 47.59 -12.19
C LYS B 164 -1.12 46.08 -11.99
N GLN B 165 -1.43 45.34 -13.05
CA GLN B 165 -1.43 43.87 -13.01
C GLN B 165 -0.05 43.23 -12.78
N THR B 166 1.04 43.95 -13.05
CA THR B 166 2.38 43.40 -12.82
C THR B 166 2.69 43.52 -11.33
N ASN B 167 1.98 44.41 -10.66
CA ASN B 167 2.15 44.66 -9.23
C ASN B 167 3.54 45.18 -8.85
N ALA B 168 4.24 45.76 -9.81
CA ALA B 168 5.55 46.31 -9.54
C ALA B 168 5.28 47.58 -8.70
N ARG B 169 5.98 47.73 -7.58
CA ARG B 169 5.81 48.86 -6.69
C ARG B 169 6.79 49.98 -7.01
N PRO B 170 6.52 51.21 -6.55
CA PRO B 170 7.45 52.30 -6.81
C PRO B 170 8.87 51.95 -6.35
N GLY B 171 9.84 52.41 -7.12
CA GLY B 171 11.22 52.12 -6.79
C GLY B 171 11.69 50.84 -7.49
N GLN B 172 10.75 50.08 -8.04
CA GLN B 172 11.07 48.83 -8.75
C GLN B 172 11.15 49.02 -10.25
N TRP B 173 11.51 47.96 -10.96
CA TRP B 173 11.66 47.97 -12.43
C TRP B 173 10.55 47.27 -13.17
N VAL B 174 10.23 47.82 -14.35
CA VAL B 174 9.25 47.24 -15.26
C VAL B 174 9.90 47.21 -16.64
N ALA B 175 9.90 46.03 -17.27
CA ALA B 175 10.44 45.91 -18.62
C ALA B 175 9.24 46.00 -19.57
N ILE B 176 9.26 46.96 -20.47
CA ILE B 176 8.16 47.13 -21.41
C ILE B 176 8.58 46.62 -22.79
N SER B 177 8.08 45.45 -23.16
CA SER B 177 8.39 44.83 -24.44
C SER B 177 7.50 45.39 -25.56
N GLY B 178 8.09 46.17 -26.45
CA GLY B 178 7.32 46.77 -27.53
C GLY B 178 6.92 48.19 -27.17
N ILE B 179 7.60 49.17 -27.79
CA ILE B 179 7.30 50.58 -27.54
C ILE B 179 6.54 51.18 -28.72
N GLY B 180 5.33 50.66 -28.96
CA GLY B 180 4.52 51.15 -30.05
C GLY B 180 3.32 51.96 -29.58
N GLY B 181 2.15 51.67 -30.14
CA GLY B 181 0.94 52.39 -29.77
C GLY B 181 0.71 52.42 -28.28
N LEU B 182 0.69 51.23 -27.68
CA LEU B 182 0.50 51.07 -26.24
C LEU B 182 1.82 51.27 -25.48
N GLY B 183 2.90 50.76 -26.05
CA GLY B 183 4.20 50.85 -25.43
C GLY B 183 4.77 52.22 -25.08
N HIS B 184 4.67 53.19 -25.98
CA HIS B 184 5.21 54.51 -25.70
C HIS B 184 4.39 55.24 -24.63
N VAL B 185 3.13 54.85 -24.48
CA VAL B 185 2.31 55.49 -23.47
C VAL B 185 2.50 54.72 -22.14
N ALA B 186 2.90 53.45 -22.25
CA ALA B 186 3.14 52.62 -21.06
C ALA B 186 4.37 53.09 -20.31
N VAL B 187 5.33 53.66 -21.05
CA VAL B 187 6.56 54.17 -20.46
C VAL B 187 6.25 55.37 -19.57
N GLN B 188 5.24 56.13 -19.98
CA GLN B 188 4.84 57.31 -19.23
C GLN B 188 4.05 56.97 -17.97
N TYR B 189 3.15 56.00 -18.08
CA TYR B 189 2.39 55.58 -16.91
C TYR B 189 3.33 54.95 -15.88
N ALA B 190 4.20 54.03 -16.34
CA ALA B 190 5.17 53.37 -15.46
C ALA B 190 6.00 54.39 -14.72
N ARG B 191 6.37 55.45 -15.43
CA ARG B 191 7.16 56.56 -14.92
C ARG B 191 6.37 57.22 -13.79
N ALA B 192 5.12 57.56 -14.08
CA ALA B 192 4.23 58.22 -13.13
C ALA B 192 3.83 57.30 -11.98
N MET B 193 4.17 56.02 -12.09
CA MET B 193 3.84 55.06 -11.05
C MET B 193 5.06 54.71 -10.19
N GLY B 194 6.08 55.56 -10.29
CA GLY B 194 7.31 55.38 -9.54
C GLY B 194 8.21 54.25 -9.97
N LEU B 195 8.01 53.77 -11.20
CA LEU B 195 8.79 52.65 -11.73
C LEU B 195 9.97 53.05 -12.62
N HIS B 196 11.06 52.28 -12.54
CA HIS B 196 12.22 52.49 -13.39
C HIS B 196 11.86 51.71 -14.64
N VAL B 197 12.02 52.31 -15.80
CA VAL B 197 11.65 51.64 -17.03
C VAL B 197 12.80 51.15 -17.92
N ALA B 198 12.65 49.91 -18.39
CA ALA B 198 13.60 49.27 -19.29
C ALA B 198 12.79 49.06 -20.57
N ALA B 199 13.19 49.71 -21.65
CA ALA B 199 12.47 49.62 -22.92
C ALA B 199 13.09 48.63 -23.92
N ILE B 200 12.26 47.73 -24.43
CA ILE B 200 12.72 46.73 -25.41
C ILE B 200 11.90 46.83 -26.72
N ASP B 201 12.62 46.82 -27.85
CA ASP B 201 11.99 46.90 -29.16
C ASP B 201 12.96 46.37 -30.22
N ILE B 202 12.60 46.54 -31.48
CA ILE B 202 13.43 46.10 -32.61
C ILE B 202 13.68 47.26 -33.58
N ASP B 203 13.45 48.48 -33.12
CA ASP B 203 13.63 49.70 -33.92
C ASP B 203 14.22 50.78 -33.02
N ASP B 204 15.41 51.26 -33.39
CA ASP B 204 16.09 52.30 -32.60
C ASP B 204 15.29 53.58 -32.48
N ALA B 205 14.50 53.90 -33.50
CA ALA B 205 13.69 55.11 -33.49
C ALA B 205 12.71 55.03 -32.32
N LYS B 206 12.07 53.87 -32.19
CA LYS B 206 11.10 53.64 -31.12
C LYS B 206 11.80 53.64 -29.77
N LEU B 207 13.01 53.08 -29.72
CA LEU B 207 13.79 53.04 -28.49
C LEU B 207 14.22 54.44 -28.10
N GLU B 208 14.45 55.29 -29.10
CA GLU B 208 14.86 56.67 -28.84
C GLU B 208 13.70 57.41 -28.18
N LEU B 209 12.49 57.20 -28.69
CA LEU B 209 11.30 57.82 -28.12
C LEU B 209 11.19 57.37 -26.66
N ALA B 210 11.48 56.09 -26.41
CA ALA B 210 11.41 55.54 -25.06
C ALA B 210 12.29 56.31 -24.09
N ARG B 211 13.52 56.64 -24.49
CA ARG B 211 14.41 57.40 -23.61
C ARG B 211 13.90 58.81 -23.40
N LYS B 212 13.32 59.39 -24.44
CA LYS B 212 12.76 60.75 -24.34
C LYS B 212 11.62 60.76 -23.32
N LEU B 213 10.90 59.64 -23.25
CA LEU B 213 9.76 59.49 -22.36
C LEU B 213 10.08 59.07 -20.91
N GLY B 214 11.34 58.73 -20.65
CA GLY B 214 11.71 58.35 -19.30
C GLY B 214 12.45 57.04 -19.08
N ALA B 215 12.54 56.20 -20.11
CA ALA B 215 13.23 54.91 -19.98
C ALA B 215 14.72 55.15 -19.68
N SER B 216 15.25 54.46 -18.69
CA SER B 216 16.66 54.64 -18.34
C SER B 216 17.53 53.52 -18.87
N LEU B 217 16.88 52.47 -19.37
CA LEU B 217 17.58 51.32 -19.96
C LEU B 217 16.88 51.00 -21.27
N THR B 218 17.67 50.84 -22.34
CA THR B 218 17.14 50.54 -23.67
C THR B 218 17.80 49.32 -24.33
N VAL B 219 17.01 48.53 -25.06
CA VAL B 219 17.53 47.35 -25.72
C VAL B 219 16.84 47.05 -27.05
N ASN B 220 17.63 46.95 -28.12
CA ASN B 220 17.08 46.61 -29.43
C ASN B 220 17.26 45.10 -29.47
N ALA B 221 16.16 44.37 -29.39
CA ALA B 221 16.18 42.91 -29.39
C ALA B 221 16.78 42.30 -30.65
N ARG B 222 16.92 43.10 -31.69
CA ARG B 222 17.50 42.62 -32.94
C ARG B 222 19.02 42.77 -32.93
N GLN B 223 19.53 43.65 -32.08
CA GLN B 223 20.96 43.89 -31.96
C GLN B 223 21.57 43.12 -30.79
N GLU B 224 20.77 42.89 -29.74
CA GLU B 224 21.26 42.15 -28.58
C GLU B 224 20.16 41.40 -27.84
N ASP B 225 20.56 40.38 -27.09
CA ASP B 225 19.64 39.55 -26.31
C ASP B 225 19.07 40.32 -25.11
N PRO B 226 17.74 40.58 -25.14
CA PRO B 226 17.06 41.30 -24.06
C PRO B 226 17.22 40.60 -22.73
N VAL B 227 17.01 39.29 -22.75
CA VAL B 227 17.09 38.45 -21.57
C VAL B 227 18.36 38.61 -20.74
N GLU B 228 19.53 38.43 -21.35
CA GLU B 228 20.75 38.57 -20.57
C GLU B 228 21.11 40.03 -20.30
N ALA B 229 20.64 40.94 -21.14
CA ALA B 229 20.92 42.36 -20.93
C ALA B 229 20.21 42.81 -19.65
N ILE B 230 18.92 42.48 -19.56
CA ILE B 230 18.09 42.84 -18.41
C ILE B 230 18.57 42.09 -17.17
N GLN B 231 18.82 40.80 -17.30
CA GLN B 231 19.28 40.02 -16.15
C GLN B 231 20.62 40.53 -15.62
N ARG B 232 21.49 40.93 -16.53
CA ARG B 232 22.82 41.42 -16.16
C ARG B 232 22.81 42.86 -15.61
N ASP B 233 22.08 43.74 -16.28
CA ASP B 233 22.02 45.14 -15.87
C ASP B 233 21.14 45.46 -14.67
N ILE B 234 20.02 44.75 -14.51
CA ILE B 234 19.14 45.05 -13.38
C ILE B 234 18.73 43.82 -12.57
N GLY B 235 19.17 42.64 -13.01
CA GLY B 235 18.85 41.41 -12.30
C GLY B 235 17.48 40.84 -12.55
N GLY B 236 16.80 41.34 -13.57
CA GLY B 236 15.47 40.89 -13.89
C GLY B 236 14.53 42.00 -13.47
N ALA B 237 13.50 42.25 -14.26
CA ALA B 237 12.54 43.29 -13.96
C ALA B 237 11.45 42.70 -13.05
N HIS B 238 11.02 43.47 -12.06
CA HIS B 238 9.98 43.02 -11.12
C HIS B 238 8.68 42.78 -11.88
N GLY B 239 8.45 43.61 -12.89
CA GLY B 239 7.27 43.46 -13.73
C GLY B 239 7.65 43.55 -15.19
N VAL B 240 6.90 42.87 -16.04
CA VAL B 240 7.14 42.91 -17.47
C VAL B 240 5.79 43.08 -18.16
N LEU B 241 5.67 44.07 -19.04
CA LEU B 241 4.44 44.33 -19.77
C LEU B 241 4.69 44.02 -21.24
N VAL B 242 4.03 42.98 -21.75
CA VAL B 242 4.22 42.57 -23.14
C VAL B 242 3.23 43.16 -24.14
N THR B 243 3.70 44.14 -24.89
CA THR B 243 2.91 44.84 -25.91
C THR B 243 3.15 44.21 -27.28
N ALA B 244 4.37 43.75 -27.51
CA ALA B 244 4.75 43.13 -28.78
C ALA B 244 3.73 42.11 -29.28
N VAL B 245 3.58 42.05 -30.61
CA VAL B 245 2.65 41.10 -31.23
C VAL B 245 3.47 39.93 -31.79
N SER B 246 4.79 39.99 -31.57
CA SER B 246 5.74 38.98 -32.02
C SER B 246 5.56 37.60 -31.40
N ASN B 247 6.41 36.65 -31.82
CA ASN B 247 6.37 35.27 -31.34
C ASN B 247 7.48 35.05 -30.31
N SER B 248 8.63 35.62 -30.60
CA SER B 248 9.79 35.51 -29.72
C SER B 248 9.71 36.46 -28.53
N ALA B 249 8.99 37.57 -28.68
CA ALA B 249 8.88 38.56 -27.61
C ALA B 249 8.39 37.95 -26.30
N PHE B 250 7.36 37.10 -26.39
CA PHE B 250 6.79 36.44 -25.21
C PHE B 250 7.82 35.63 -24.42
N GLY B 251 8.57 34.78 -25.11
CA GLY B 251 9.58 33.97 -24.45
C GLY B 251 10.66 34.80 -23.80
N GLN B 252 11.01 35.92 -24.44
CA GLN B 252 12.03 36.80 -23.90
C GLN B 252 11.49 37.55 -22.69
N ALA B 253 10.18 37.81 -22.68
CA ALA B 253 9.57 38.51 -21.54
C ALA B 253 9.71 37.62 -20.31
N ILE B 254 9.42 36.33 -20.47
CA ILE B 254 9.54 35.37 -19.36
C ILE B 254 11.01 35.39 -18.86
N GLY B 255 11.96 35.40 -19.81
CA GLY B 255 13.36 35.40 -19.43
C GLY B 255 13.89 36.68 -18.82
N MET B 256 13.21 37.80 -19.08
CA MET B 256 13.61 39.10 -18.55
C MET B 256 13.08 39.35 -17.15
N ALA B 257 12.16 38.50 -16.71
CA ALA B 257 11.54 38.64 -15.41
C ALA B 257 12.44 38.23 -14.24
N ARG B 258 12.35 39.00 -13.16
CA ARG B 258 13.08 38.75 -11.93
C ARG B 258 12.36 37.59 -11.22
N ARG B 259 13.05 36.93 -10.29
CA ARG B 259 12.40 35.85 -9.56
C ARG B 259 11.21 36.42 -8.81
N GLY B 260 10.07 35.73 -8.88
CA GLY B 260 8.87 36.19 -8.21
C GLY B 260 8.21 37.35 -8.92
N GLY B 261 8.72 37.69 -10.10
CA GLY B 261 8.16 38.79 -10.87
C GLY B 261 6.90 38.41 -11.64
N THR B 262 6.27 39.40 -12.26
CA THR B 262 5.03 39.17 -13.01
C THR B 262 5.10 39.70 -14.45
N ILE B 263 4.73 38.83 -15.39
CA ILE B 263 4.69 39.20 -16.80
C ILE B 263 3.21 39.43 -17.14
N ALA B 264 2.87 40.68 -17.40
CA ALA B 264 1.51 41.06 -17.73
C ALA B 264 1.34 41.09 -19.25
N LEU B 265 0.45 40.23 -19.76
CA LEU B 265 0.19 40.14 -21.19
C LEU B 265 -0.98 41.03 -21.60
N VAL B 266 -0.72 41.89 -22.57
CA VAL B 266 -1.71 42.80 -23.07
C VAL B 266 -1.83 42.61 -24.61
N GLY B 267 -0.72 42.25 -25.26
CA GLY B 267 -0.74 41.99 -26.69
C GLY B 267 -1.63 40.80 -27.01
N LEU B 268 -2.25 40.80 -28.19
CA LEU B 268 -3.16 39.71 -28.56
C LEU B 268 -2.77 38.85 -29.75
N PRO B 269 -1.54 38.31 -29.75
CA PRO B 269 -1.12 37.47 -30.88
C PRO B 269 -1.92 36.16 -30.81
N PRO B 270 -2.08 35.48 -31.96
CA PRO B 270 -2.83 34.22 -31.98
C PRO B 270 -1.99 32.97 -31.73
N GLY B 271 -2.65 31.90 -31.28
CA GLY B 271 -1.97 30.64 -31.02
C GLY B 271 -1.39 30.46 -29.63
N ASP B 272 -1.01 29.22 -29.34
CA ASP B 272 -0.40 28.86 -28.06
C ASP B 272 1.10 29.17 -28.11
N PHE B 273 1.64 29.61 -26.97
CA PHE B 273 3.07 29.94 -26.89
C PHE B 273 3.76 29.04 -25.88
N PRO B 274 4.78 28.28 -26.33
CA PRO B 274 5.51 27.38 -25.42
C PRO B 274 6.18 28.17 -24.29
N THR B 275 5.96 27.73 -23.05
CA THR B 275 6.50 28.42 -21.88
C THR B 275 7.32 27.46 -21.00
N PRO B 276 8.53 27.86 -20.60
CA PRO B 276 9.44 27.07 -19.77
C PRO B 276 8.85 26.66 -18.42
N ILE B 277 8.50 25.39 -18.28
CA ILE B 277 7.94 24.92 -17.01
C ILE B 277 8.92 25.12 -15.84
N PHE B 278 10.16 24.67 -16.02
CA PHE B 278 11.20 24.77 -14.99
C PHE B 278 11.42 26.20 -14.50
N ASP B 279 11.53 27.14 -15.44
CA ASP B 279 11.74 28.54 -15.13
C ASP B 279 10.57 29.20 -14.41
N VAL B 280 9.36 28.96 -14.89
CA VAL B 280 8.17 29.56 -14.28
C VAL B 280 7.95 29.04 -12.87
N VAL B 281 8.07 27.73 -12.68
CA VAL B 281 7.86 27.14 -11.37
C VAL B 281 8.98 27.51 -10.39
N LEU B 282 10.22 27.11 -10.69
CA LEU B 282 11.33 27.42 -9.79
C LEU B 282 11.63 28.90 -9.53
N LYS B 283 11.27 29.76 -10.47
CA LYS B 283 11.50 31.20 -10.28
C LYS B 283 10.23 31.88 -9.77
N GLY B 284 9.19 31.09 -9.55
CA GLY B 284 7.93 31.61 -9.04
C GLY B 284 7.40 32.78 -9.85
N LEU B 285 7.40 32.64 -11.18
CA LEU B 285 6.92 33.69 -12.07
C LEU B 285 5.39 33.68 -12.17
N HIS B 286 4.83 34.87 -12.39
CA HIS B 286 3.38 34.99 -12.55
C HIS B 286 3.11 35.57 -13.93
N ILE B 287 2.12 35.00 -14.60
CA ILE B 287 1.72 35.48 -15.91
C ILE B 287 0.28 35.97 -15.74
N ALA B 288 0.05 37.25 -16.05
CA ALA B 288 -1.29 37.82 -15.89
C ALA B 288 -1.86 38.35 -17.19
N GLY B 289 -3.04 37.87 -17.56
CA GLY B 289 -3.69 38.34 -18.78
C GLY B 289 -4.49 39.58 -18.41
N SER B 290 -4.33 40.66 -19.17
CA SER B 290 -5.02 41.91 -18.87
C SER B 290 -5.77 42.53 -20.07
N ILE B 291 -7.09 42.71 -19.94
CA ILE B 291 -7.93 43.30 -21.01
C ILE B 291 -8.38 44.72 -20.69
N VAL B 292 -8.09 45.64 -21.61
CA VAL B 292 -8.40 47.06 -21.48
C VAL B 292 -8.47 47.45 -20.01
N GLY B 293 -9.58 48.05 -19.60
CA GLY B 293 -9.71 48.45 -18.22
C GLY B 293 -11.15 48.51 -17.78
N THR B 294 -11.32 48.73 -16.49
CA THR B 294 -12.64 48.83 -15.89
C THR B 294 -13.00 50.33 -15.96
N ARG B 295 -14.25 50.72 -15.68
CA ARG B 295 -14.61 52.14 -15.72
C ARG B 295 -13.75 52.92 -14.73
N ALA B 296 -13.44 52.28 -13.60
CA ALA B 296 -12.59 52.90 -12.58
C ALA B 296 -11.16 53.03 -13.16
N ASP B 297 -10.67 51.99 -13.81
CA ASP B 297 -9.34 52.03 -14.42
C ASP B 297 -9.28 53.14 -15.46
N LEU B 298 -10.33 53.24 -16.27
CA LEU B 298 -10.42 54.27 -17.33
C LEU B 298 -10.37 55.67 -16.75
N GLN B 299 -11.16 55.92 -15.72
CA GLN B 299 -11.16 57.23 -15.08
C GLN B 299 -9.82 57.56 -14.48
N GLU B 300 -9.19 56.55 -13.85
CA GLU B 300 -7.85 56.71 -13.25
C GLU B 300 -6.81 57.02 -14.33
N ALA B 301 -6.90 56.29 -15.45
CA ALA B 301 -5.97 56.49 -16.57
C ALA B 301 -6.18 57.88 -17.18
N LEU B 302 -7.43 58.33 -17.24
CA LEU B 302 -7.74 59.65 -17.77
C LEU B 302 -7.16 60.74 -16.87
N ASP B 303 -7.21 60.51 -15.55
CA ASP B 303 -6.67 61.47 -14.57
C ASP B 303 -5.19 61.76 -14.76
N PHE B 304 -4.41 60.74 -15.13
CA PHE B 304 -3.00 60.93 -15.37
C PHE B 304 -2.76 61.84 -16.56
N ALA B 305 -3.62 61.73 -17.57
CA ALA B 305 -3.51 62.57 -18.75
C ALA B 305 -3.86 63.99 -18.34
N GLY B 306 -4.94 64.12 -17.55
CA GLY B 306 -5.37 65.41 -17.06
C GLY B 306 -4.30 66.11 -16.24
N GLU B 307 -3.52 65.34 -15.48
CA GLU B 307 -2.44 65.89 -14.67
C GLU B 307 -1.22 66.21 -15.54
N GLY B 308 -1.27 65.81 -16.80
CA GLY B 308 -0.17 66.05 -17.72
C GLY B 308 1.00 65.11 -17.53
N LEU B 309 0.79 64.00 -16.84
CA LEU B 309 1.85 63.03 -16.58
C LEU B 309 1.99 62.05 -17.74
N VAL B 310 0.98 62.04 -18.62
CA VAL B 310 1.00 61.16 -19.77
C VAL B 310 0.51 61.92 -21.00
N LYS B 311 1.35 61.96 -22.03
CA LYS B 311 1.03 62.62 -23.29
C LYS B 311 1.26 61.62 -24.41
N ALA B 312 0.20 61.21 -25.09
CA ALA B 312 0.34 60.27 -26.19
C ALA B 312 1.00 60.99 -27.37
N THR B 313 1.81 60.25 -28.14
CA THR B 313 2.46 60.84 -29.30
C THR B 313 1.55 60.58 -30.50
N ILE B 314 0.62 61.49 -30.73
CA ILE B 314 -0.34 61.33 -31.83
C ILE B 314 0.00 62.01 -33.15
N HIS B 315 -0.44 61.36 -34.23
CA HIS B 315 -0.26 61.87 -35.59
C HIS B 315 -1.64 61.89 -36.24
N PRO B 316 -2.09 63.06 -36.71
CA PRO B 316 -3.39 63.25 -37.35
C PRO B 316 -3.65 62.38 -38.59
N GLY B 317 -4.93 62.12 -38.85
CA GLY B 317 -5.30 61.32 -40.00
C GLY B 317 -6.73 61.60 -40.43
N LYS B 318 -7.01 61.43 -41.72
CA LYS B 318 -8.37 61.66 -42.23
C LYS B 318 -9.10 60.33 -42.35
N LEU B 319 -10.41 60.35 -42.14
CA LEU B 319 -11.23 59.15 -42.18
C LEU B 319 -11.15 58.31 -43.47
N ASP B 320 -11.07 58.97 -44.62
CA ASP B 320 -11.00 58.24 -45.89
C ASP B 320 -9.64 57.58 -46.15
N ASP B 321 -8.58 58.17 -45.62
CA ASP B 321 -7.23 57.62 -45.78
C ASP B 321 -7.02 56.45 -44.82
N ILE B 322 -8.12 56.00 -44.20
CA ILE B 322 -8.08 54.93 -43.22
C ILE B 322 -7.38 53.65 -43.69
N ASN B 323 -7.67 53.22 -44.91
CA ASN B 323 -7.06 51.99 -45.43
C ASN B 323 -5.54 52.11 -45.52
N GLN B 324 -5.07 53.29 -45.91
CA GLN B 324 -3.64 53.55 -46.02
C GLN B 324 -3.04 53.46 -44.60
N ILE B 325 -3.77 54.03 -43.64
CA ILE B 325 -3.38 54.05 -42.24
C ILE B 325 -3.23 52.64 -41.69
N LEU B 326 -4.25 51.81 -41.94
CA LEU B 326 -4.24 50.42 -41.46
C LEU B 326 -3.06 49.64 -42.05
N ASP B 327 -2.83 49.77 -43.36
CA ASP B 327 -1.73 49.09 -44.03
C ASP B 327 -0.41 49.56 -43.46
N GLN B 328 -0.40 50.78 -42.94
CA GLN B 328 0.78 51.37 -42.35
C GLN B 328 1.07 50.74 -40.99
N MET B 329 0.01 50.34 -40.30
CA MET B 329 0.16 49.71 -38.98
C MET B 329 0.49 48.23 -39.09
N ARG B 330 -0.01 47.59 -40.15
CA ARG B 330 0.25 46.16 -40.37
C ARG B 330 1.72 46.03 -40.75
N ALA B 331 2.27 47.09 -41.32
CA ALA B 331 3.67 47.15 -41.74
C ALA B 331 4.54 47.71 -40.61
N GLY B 332 3.89 48.18 -39.55
CA GLY B 332 4.61 48.73 -38.41
C GLY B 332 5.35 50.01 -38.72
N GLN B 333 4.77 50.82 -39.59
CA GLN B 333 5.39 52.08 -40.00
C GLN B 333 4.80 53.29 -39.27
N ILE B 334 4.14 53.04 -38.15
CA ILE B 334 3.54 54.13 -37.37
C ILE B 334 4.39 54.49 -36.16
N GLU B 335 4.66 55.78 -36.00
CA GLU B 335 5.45 56.27 -34.88
C GLU B 335 4.51 56.91 -33.87
N GLY B 336 4.01 56.10 -32.94
CA GLY B 336 3.09 56.62 -31.94
C GLY B 336 1.67 56.13 -32.16
N ARG B 337 0.71 57.04 -32.05
CA ARG B 337 -0.70 56.73 -32.22
C ARG B 337 -1.34 57.62 -33.28
N ILE B 338 -2.10 57.01 -34.18
CA ILE B 338 -2.76 57.80 -35.22
C ILE B 338 -4.20 58.08 -34.81
N VAL B 339 -4.48 59.37 -34.60
CA VAL B 339 -5.82 59.80 -34.20
C VAL B 339 -6.51 60.51 -35.37
N LEU B 340 -7.69 60.02 -35.74
CA LEU B 340 -8.45 60.60 -36.85
C LEU B 340 -9.14 61.91 -36.48
N GLU B 341 -8.95 62.92 -37.32
CA GLU B 341 -9.53 64.23 -37.11
C GLU B 341 -10.91 64.26 -37.78
N MET B 342 -11.85 64.99 -37.18
CA MET B 342 -13.20 65.11 -37.72
C MET B 342 -13.90 66.35 -37.19
N THR C 2 43.54 53.07 16.72
CA THR C 2 43.71 51.66 17.15
C THR C 2 42.66 51.33 18.21
N LEU C 3 41.56 52.08 18.18
CA LEU C 3 40.45 51.93 19.12
C LEU C 3 40.79 52.50 20.50
N PRO C 4 40.31 53.72 20.78
CA PRO C 4 40.45 54.53 21.98
C PRO C 4 40.41 53.84 23.34
N GLN C 5 39.64 52.76 23.45
CA GLN C 5 39.50 52.07 24.73
C GLN C 5 38.53 52.85 25.64
N THR C 6 38.34 54.12 25.31
CA THR C 6 37.44 55.02 26.03
C THR C 6 36.82 55.97 24.99
N MET C 7 35.59 56.41 25.26
CA MET C 7 34.89 57.32 24.33
C MET C 7 33.90 58.23 25.06
N LYS C 8 33.49 59.31 24.39
CA LYS C 8 32.49 60.21 24.97
C LYS C 8 31.11 59.72 24.49
N ALA C 9 30.12 59.86 25.37
CA ALA C 9 28.78 59.44 25.07
C ALA C 9 27.80 60.28 25.90
N ALA C 10 26.59 60.47 25.38
CA ALA C 10 25.57 61.22 26.11
C ALA C 10 24.70 60.18 26.81
N VAL C 11 24.63 60.26 28.13
CA VAL C 11 23.89 59.30 28.93
C VAL C 11 22.66 59.87 29.66
N VAL C 12 21.60 59.06 29.70
CA VAL C 12 20.38 59.42 30.41
C VAL C 12 20.46 58.66 31.75
N HIS C 13 20.52 59.39 32.87
CA HIS C 13 20.60 58.75 34.18
C HIS C 13 19.28 58.83 34.94
N ALA C 14 18.46 59.83 34.63
CA ALA C 14 17.16 60.00 35.26
C ALA C 14 16.18 60.63 34.26
N TYR C 15 14.93 60.15 34.28
CA TYR C 15 13.88 60.65 33.38
C TYR C 15 13.57 62.11 33.65
N GLY C 16 13.56 62.90 32.59
CA GLY C 16 13.28 64.31 32.73
C GLY C 16 14.54 65.11 33.02
N ALA C 17 15.58 64.45 33.50
CA ALA C 17 16.84 65.11 33.82
C ALA C 17 17.74 65.29 32.61
N PRO C 18 18.54 66.35 32.59
CA PRO C 18 19.46 66.61 31.46
C PRO C 18 20.43 65.44 31.26
N LEU C 19 20.82 65.18 30.02
CA LEU C 19 21.78 64.10 29.75
C LEU C 19 23.16 64.57 30.17
N ARG C 20 24.02 63.62 30.50
CA ARG C 20 25.38 63.95 30.89
C ARG C 20 26.38 63.34 29.93
N ILE C 21 27.22 64.20 29.36
CA ILE C 21 28.25 63.74 28.45
C ILE C 21 29.36 63.20 29.35
N GLU C 22 29.66 61.92 29.21
CA GLU C 22 30.71 61.35 30.03
C GLU C 22 31.54 60.31 29.30
N GLU C 23 32.68 59.97 29.89
CA GLU C 23 33.57 58.99 29.31
C GLU C 23 33.16 57.58 29.72
N VAL C 24 33.01 56.71 28.72
CA VAL C 24 32.63 55.33 28.97
C VAL C 24 33.58 54.45 28.18
N LYS C 25 33.66 53.18 28.57
CA LYS C 25 34.54 52.24 27.90
C LYS C 25 33.99 51.87 26.52
N VAL C 26 34.89 51.81 25.54
CA VAL C 26 34.53 51.44 24.18
C VAL C 26 34.35 49.92 24.21
N PRO C 27 33.16 49.43 23.80
CA PRO C 27 32.89 47.99 23.81
C PRO C 27 33.72 47.22 22.79
N LEU C 28 33.88 45.93 23.01
CA LEU C 28 34.63 45.11 22.07
C LEU C 28 33.67 44.11 21.46
N PRO C 29 33.68 43.98 20.12
CA PRO C 29 32.79 43.05 19.42
C PRO C 29 32.95 41.60 19.89
N GLY C 30 31.89 41.05 20.47
CA GLY C 30 31.92 39.67 20.91
C GLY C 30 31.70 38.80 19.68
N PRO C 31 31.56 37.48 19.82
CA PRO C 31 31.35 36.59 18.67
C PRO C 31 30.55 37.17 17.50
N GLY C 32 29.23 37.25 17.61
CA GLY C 32 28.47 37.77 16.48
C GLY C 32 28.18 39.26 16.47
N GLN C 33 29.18 40.06 16.78
CA GLN C 33 29.00 41.51 16.82
C GLN C 33 30.06 42.27 16.05
N VAL C 34 29.80 43.56 15.87
CA VAL C 34 30.74 44.45 15.21
C VAL C 34 30.71 45.75 16.00
N LEU C 35 31.79 46.52 15.87
CA LEU C 35 31.88 47.80 16.54
C LEU C 35 31.83 48.79 15.40
N VAL C 36 30.93 49.76 15.51
CA VAL C 36 30.78 50.77 14.47
C VAL C 36 31.29 52.08 15.02
N LYS C 37 32.09 52.79 14.23
CA LYS C 37 32.60 54.08 14.66
C LYS C 37 31.62 55.12 14.10
N ILE C 38 30.85 55.74 15.01
CA ILE C 38 29.84 56.72 14.62
C ILE C 38 30.44 57.93 13.95
N GLU C 39 29.91 58.26 12.78
CA GLU C 39 30.39 59.40 12.03
C GLU C 39 29.31 60.49 12.04
N ALA C 40 28.05 60.05 12.04
CA ALA C 40 26.88 60.93 12.07
C ALA C 40 25.81 60.21 12.88
N SER C 41 24.98 60.97 13.59
CA SER C 41 23.94 60.37 14.41
C SER C 41 22.69 61.27 14.44
N GLY C 42 21.57 60.75 13.93
CA GLY C 42 20.35 61.54 13.88
C GLY C 42 19.58 61.59 15.19
N VAL C 43 18.98 62.75 15.47
CA VAL C 43 18.20 62.92 16.68
C VAL C 43 16.72 62.68 16.36
N CYS C 44 16.16 61.61 16.92
CA CYS C 44 14.76 61.23 16.71
C CYS C 44 13.92 61.58 17.96
N HIS C 45 12.65 61.95 17.73
CA HIS C 45 11.79 62.32 18.84
C HIS C 45 11.60 61.17 19.80
N THR C 46 11.81 59.95 19.30
CA THR C 46 11.69 58.76 20.15
C THR C 46 12.71 58.89 21.28
N ASP C 47 13.83 59.57 21.00
CA ASP C 47 14.89 59.78 22.00
C ASP C 47 14.35 60.62 23.16
N LEU C 48 13.43 61.54 22.84
CA LEU C 48 12.79 62.40 23.84
C LEU C 48 11.87 61.55 24.71
N HIS C 49 11.02 60.75 24.06
CA HIS C 49 10.10 59.86 24.78
C HIS C 49 10.86 58.91 25.70
N ALA C 50 12.04 58.49 25.26
CA ALA C 50 12.87 57.58 26.04
C ALA C 50 13.51 58.30 27.23
N ALA C 51 14.05 59.49 26.99
CA ALA C 51 14.69 60.25 28.04
C ALA C 51 13.69 60.76 29.07
N GLU C 52 12.45 60.93 28.62
CA GLU C 52 11.37 61.44 29.45
C GLU C 52 10.61 60.29 30.13
N GLY C 53 10.82 59.07 29.64
CA GLY C 53 10.14 57.92 30.21
C GLY C 53 8.64 57.95 29.95
N ASP C 54 8.24 58.45 28.78
CA ASP C 54 6.83 58.56 28.41
C ASP C 54 6.07 57.26 28.17
N TRP C 55 6.77 56.23 27.70
CA TRP C 55 6.10 54.98 27.35
C TRP C 55 5.85 53.95 28.44
N PRO C 56 4.91 53.02 28.19
CA PRO C 56 4.54 51.97 29.12
C PRO C 56 5.77 51.14 29.51
N VAL C 57 6.57 50.81 28.51
CA VAL C 57 7.81 50.07 28.71
C VAL C 57 8.91 51.10 28.58
N LYS C 58 9.57 51.38 29.68
CA LYS C 58 10.62 52.39 29.73
C LYS C 58 12.02 51.83 29.54
N PRO C 59 12.95 52.68 29.08
CA PRO C 59 14.33 52.27 28.84
C PRO C 59 15.11 52.16 30.16
N PRO C 60 15.65 50.96 30.46
CA PRO C 60 16.39 50.84 31.72
C PRO C 60 17.51 51.88 31.82
N LEU C 61 17.64 52.48 33.00
CA LEU C 61 18.62 53.53 33.25
C LEU C 61 19.89 53.01 33.95
N PRO C 62 21.06 53.55 33.59
CA PRO C 62 21.22 54.61 32.58
C PRO C 62 21.38 54.00 31.18
N PHE C 63 21.34 54.83 30.15
CA PHE C 63 21.49 54.32 28.78
C PHE C 63 21.88 55.45 27.82
N ILE C 64 22.43 55.05 26.68
CA ILE C 64 22.84 55.99 25.64
C ILE C 64 21.82 55.88 24.52
N PRO C 65 21.10 56.97 24.24
CA PRO C 65 20.10 56.90 23.16
C PRO C 65 20.71 56.98 21.76
N GLY C 66 19.87 56.94 20.73
CA GLY C 66 20.35 57.05 19.36
C GLY C 66 20.24 55.82 18.46
N HIS C 67 19.25 55.82 17.57
CA HIS C 67 19.05 54.70 16.65
C HIS C 67 19.07 55.16 15.18
N GLU C 68 19.80 56.24 14.93
CA GLU C 68 20.00 56.78 13.59
C GLU C 68 21.51 57.01 13.49
N GLY C 69 22.27 56.17 14.20
CA GLY C 69 23.72 56.23 14.20
C GLY C 69 24.29 55.61 12.93
N VAL C 70 25.19 56.35 12.29
CA VAL C 70 25.77 55.90 11.04
C VAL C 70 27.31 56.04 11.06
N GLY C 71 28.02 55.08 10.48
CA GLY C 71 29.47 55.14 10.47
C GLY C 71 30.19 53.97 9.80
N TYR C 72 31.44 53.74 10.20
CA TYR C 72 32.24 52.66 9.63
C TYR C 72 32.38 51.47 10.58
N VAL C 73 32.40 50.26 10.04
CA VAL C 73 32.59 49.08 10.86
C VAL C 73 34.07 49.21 11.28
N ALA C 74 34.31 49.28 12.57
CA ALA C 74 35.66 49.48 13.11
C ALA C 74 36.36 48.21 13.59
N ALA C 75 35.59 47.20 13.96
CA ALA C 75 36.13 45.94 14.44
C ALA C 75 35.05 44.90 14.28
N VAL C 76 35.45 43.69 13.94
CA VAL C 76 34.50 42.62 13.74
C VAL C 76 34.70 41.45 14.68
N GLY C 77 33.63 40.97 15.27
CA GLY C 77 33.73 39.83 16.16
C GLY C 77 33.80 38.57 15.32
N SER C 78 34.09 37.44 15.95
CA SER C 78 34.21 36.17 15.23
C SER C 78 32.88 35.59 14.71
N GLY C 79 32.91 35.09 13.49
CA GLY C 79 31.71 34.50 12.92
C GLY C 79 30.84 35.49 12.18
N VAL C 80 31.30 36.74 12.11
CA VAL C 80 30.55 37.77 11.42
C VAL C 80 30.84 37.65 9.93
N THR C 81 29.79 37.64 9.13
CA THR C 81 29.94 37.48 7.70
C THR C 81 29.26 38.54 6.82
N ARG C 82 28.15 39.11 7.27
CA ARG C 82 27.41 40.10 6.49
C ARG C 82 28.18 41.38 6.13
N VAL C 83 29.05 41.83 7.04
CA VAL C 83 29.83 43.05 6.79
C VAL C 83 31.27 42.81 7.18
N LYS C 84 32.15 43.75 6.80
CA LYS C 84 33.57 43.66 7.13
C LYS C 84 34.09 45.04 7.49
N GLU C 85 35.25 45.08 8.15
CA GLU C 85 35.85 46.34 8.55
C GLU C 85 35.87 47.37 7.43
N GLY C 86 35.54 48.62 7.76
CA GLY C 86 35.52 49.68 6.77
C GLY C 86 34.19 49.90 6.07
N ASP C 87 33.27 48.95 6.20
CA ASP C 87 31.96 49.11 5.56
C ASP C 87 31.17 50.27 6.18
N ARG C 88 30.48 51.04 5.33
CA ARG C 88 29.66 52.15 5.81
C ARG C 88 28.32 51.51 6.17
N VAL C 89 27.97 51.59 7.44
CA VAL C 89 26.78 50.94 7.93
C VAL C 89 26.02 51.77 8.99
N GLY C 90 24.73 51.49 9.18
CA GLY C 90 23.93 52.23 10.16
C GLY C 90 23.23 51.31 11.15
N ILE C 91 23.05 51.75 12.39
CA ILE C 91 22.36 50.91 13.40
C ILE C 91 20.99 51.54 13.71
N PRO C 92 19.91 50.92 13.21
CA PRO C 92 18.54 51.43 13.43
C PRO C 92 17.85 50.98 14.72
N TRP C 93 16.57 51.35 14.86
CA TRP C 93 15.79 50.99 16.03
C TRP C 93 15.76 49.48 16.23
N LEU C 94 15.52 48.73 15.16
CA LEU C 94 15.50 47.26 15.27
C LEU C 94 16.94 46.74 15.28
N TYR C 95 17.48 46.61 16.49
CA TYR C 95 18.85 46.16 16.74
C TYR C 95 19.11 44.70 16.36
N THR C 96 18.18 43.84 16.75
CA THR C 96 18.28 42.42 16.47
C THR C 96 16.88 41.82 16.58
N ALA C 97 16.75 40.55 16.19
CA ALA C 97 15.48 39.82 16.24
C ALA C 97 15.89 38.34 16.28
N CYS C 98 15.00 37.45 16.73
CA CYS C 98 15.36 36.03 16.83
C CYS C 98 15.58 35.31 15.50
N GLY C 99 14.87 35.72 14.46
CA GLY C 99 15.03 35.10 13.16
C GLY C 99 14.28 33.82 12.89
N CYS C 100 13.52 33.31 13.86
CA CYS C 100 12.80 32.07 13.62
C CYS C 100 11.40 31.96 14.21
N CYS C 101 10.77 33.09 14.52
CA CYS C 101 9.42 33.07 15.06
C CYS C 101 8.46 33.39 13.91
N GLU C 102 7.16 33.31 14.17
CA GLU C 102 6.12 33.61 13.19
C GLU C 102 6.42 34.85 12.36
N HIS C 103 6.69 35.93 13.06
CA HIS C 103 6.95 37.24 12.47
C HIS C 103 8.24 37.31 11.67
N CYS C 104 9.32 36.82 12.26
CA CYS C 104 10.62 36.83 11.59
C CYS C 104 10.61 36.01 10.30
N LEU C 105 9.90 34.89 10.32
CA LEU C 105 9.84 34.01 9.16
C LEU C 105 8.89 34.47 8.06
N THR C 106 8.01 35.42 8.36
CA THR C 106 7.07 35.92 7.38
C THR C 106 7.34 37.35 6.90
N GLY C 107 8.57 37.82 7.06
CA GLY C 107 8.90 39.16 6.62
C GLY C 107 8.48 40.29 7.54
N TRP C 108 8.20 39.96 8.81
CA TRP C 108 7.78 40.91 9.84
C TRP C 108 8.65 40.86 11.10
N GLU C 109 9.97 40.81 10.94
CA GLU C 109 10.88 40.74 12.10
C GLU C 109 10.65 41.93 13.01
N THR C 110 10.00 42.93 12.43
CA THR C 110 9.66 44.17 13.09
C THR C 110 8.74 43.94 14.32
N LEU C 111 7.95 42.88 14.27
CA LEU C 111 7.01 42.52 15.33
C LEU C 111 7.57 41.45 16.27
N CYS C 112 8.85 41.09 16.09
CA CYS C 112 9.49 40.08 16.92
C CYS C 112 9.51 40.44 18.41
N GLU C 113 9.07 39.51 19.24
CA GLU C 113 9.04 39.74 20.68
C GLU C 113 10.40 39.62 21.35
N SER C 114 11.37 39.06 20.64
CA SER C 114 12.73 38.88 21.16
C SER C 114 13.70 39.92 20.62
N GLN C 115 13.17 41.02 20.10
CA GLN C 115 14.03 42.05 19.56
C GLN C 115 14.62 42.93 20.65
N GLN C 116 15.64 43.69 20.28
CA GLN C 116 16.27 44.64 21.18
C GLN C 116 16.18 45.95 20.39
N ASN C 117 16.19 47.07 21.09
CA ASN C 117 16.08 48.37 20.44
C ASN C 117 17.26 49.27 20.74
N THR C 118 17.93 49.68 19.69
CA THR C 118 19.09 50.55 19.78
C THR C 118 18.70 51.89 20.42
N GLY C 119 19.48 52.28 21.44
CA GLY C 119 19.22 53.54 22.12
C GLY C 119 17.98 53.49 23.00
N TYR C 120 17.65 52.29 23.47
CA TYR C 120 16.49 52.11 24.34
C TYR C 120 16.71 50.93 25.31
N SER C 121 16.86 49.72 24.79
CA SER C 121 17.09 48.53 25.61
C SER C 121 18.56 48.11 25.50
N VAL C 122 19.26 48.76 24.58
CA VAL C 122 20.68 48.51 24.30
C VAL C 122 21.23 49.90 23.99
N ASN C 123 22.51 50.16 24.28
CA ASN C 123 23.06 51.49 24.02
C ASN C 123 23.11 51.84 22.52
N GLY C 124 22.92 53.12 22.22
CA GLY C 124 22.89 53.58 20.85
C GLY C 124 23.96 54.54 20.36
N GLY C 125 23.59 55.31 19.34
CA GLY C 125 24.49 56.24 18.69
C GLY C 125 24.85 57.59 19.25
N TYR C 126 24.38 57.95 20.44
CA TYR C 126 24.76 59.24 21.03
C TYR C 126 26.14 58.99 21.68
N ALA C 127 27.07 58.48 20.87
CA ALA C 127 28.40 58.14 21.34
C ALA C 127 29.36 58.01 20.14
N GLU C 128 30.65 57.83 20.42
CA GLU C 128 31.62 57.71 19.33
C GLU C 128 31.68 56.32 18.69
N TYR C 129 31.30 55.30 19.46
CA TYR C 129 31.29 53.91 18.99
C TYR C 129 30.03 53.22 19.47
N VAL C 130 29.57 52.25 18.71
CA VAL C 130 28.37 51.47 19.05
C VAL C 130 28.55 50.00 18.70
N LEU C 131 28.11 49.11 19.59
CA LEU C 131 28.16 47.68 19.29
C LEU C 131 26.93 47.42 18.44
N ALA C 132 26.98 46.44 17.56
CA ALA C 132 25.82 46.16 16.74
C ALA C 132 25.81 44.73 16.25
N ASP C 133 24.61 44.28 15.86
CA ASP C 133 24.43 42.95 15.30
C ASP C 133 24.53 43.19 13.80
N PRO C 134 25.58 42.62 13.15
CA PRO C 134 25.80 42.78 11.71
C PRO C 134 24.59 42.44 10.85
N ASN C 135 23.77 41.50 11.31
CA ASN C 135 22.59 41.04 10.57
C ASN C 135 21.41 42.00 10.47
N TYR C 136 21.40 43.06 11.27
CA TYR C 136 20.28 43.99 11.26
C TYR C 136 20.68 45.42 10.97
N VAL C 137 21.97 45.61 10.76
CA VAL C 137 22.51 46.93 10.48
C VAL C 137 22.10 47.31 9.04
N GLY C 138 21.94 48.60 8.77
CA GLY C 138 21.58 49.04 7.43
C GLY C 138 22.82 49.24 6.58
N ILE C 139 22.83 48.73 5.35
CA ILE C 139 23.99 48.89 4.46
C ILE C 139 23.79 50.14 3.63
N LEU C 140 24.61 51.15 3.94
CA LEU C 140 24.51 52.45 3.30
C LEU C 140 24.94 52.59 1.85
N PRO C 141 24.21 53.40 1.06
CA PRO C 141 24.58 53.59 -0.35
C PRO C 141 25.88 54.38 -0.33
N LYS C 142 26.82 54.00 -1.19
CA LYS C 142 28.13 54.65 -1.24
C LYS C 142 28.15 56.11 -1.68
N ASN C 143 27.15 56.53 -2.45
CA ASN C 143 27.09 57.89 -2.97
C ASN C 143 26.41 58.93 -2.08
N VAL C 144 25.92 58.52 -0.91
CA VAL C 144 25.26 59.46 -0.01
C VAL C 144 26.09 59.63 1.26
N GLU C 145 26.31 60.87 1.68
CA GLU C 145 27.10 61.14 2.88
C GLU C 145 26.40 60.79 4.20
N PHE C 146 27.21 60.39 5.18
CA PHE C 146 26.74 59.99 6.51
C PHE C 146 25.63 60.85 7.09
N ALA C 147 25.90 62.14 7.25
CA ALA C 147 24.90 63.07 7.81
C ALA C 147 23.62 63.07 7.01
N GLU C 148 23.71 62.92 5.69
CA GLU C 148 22.52 62.91 4.86
C GLU C 148 21.69 61.62 4.95
N ILE C 149 22.35 60.45 5.03
CA ILE C 149 21.61 59.20 5.13
C ILE C 149 21.21 58.82 6.55
N ALA C 150 21.77 59.49 7.55
CA ALA C 150 21.43 59.15 8.94
C ALA C 150 19.93 59.02 9.19
N PRO C 151 19.14 60.08 8.87
CA PRO C 151 17.69 60.07 9.08
C PRO C 151 16.93 58.91 8.43
N ILE C 152 17.48 58.35 7.36
CA ILE C 152 16.81 57.24 6.70
C ILE C 152 16.83 56.01 7.59
N LEU C 153 17.80 55.93 8.50
CA LEU C 153 17.87 54.79 9.41
C LEU C 153 16.62 54.64 10.28
N CYS C 154 15.84 55.71 10.42
CA CYS C 154 14.61 55.62 11.19
C CYS C 154 13.46 56.44 10.61
N ALA C 155 13.65 57.76 10.50
CA ALA C 155 12.61 58.62 9.95
C ALA C 155 12.20 58.14 8.55
N GLY C 156 13.21 57.84 7.72
CA GLY C 156 12.97 57.38 6.36
C GLY C 156 12.29 56.02 6.25
N VAL C 157 12.87 54.99 6.86
CA VAL C 157 12.27 53.64 6.81
C VAL C 157 10.86 53.61 7.35
N THR C 158 10.69 54.21 8.52
CA THR C 158 9.42 54.27 9.22
C THR C 158 8.31 54.85 8.35
N VAL C 159 8.55 56.07 7.92
CA VAL C 159 7.64 56.83 7.08
C VAL C 159 7.37 56.07 5.76
N TYR C 160 8.41 55.47 5.18
CA TYR C 160 8.30 54.71 3.94
C TYR C 160 7.40 53.47 4.11
N LYS C 161 7.65 52.69 5.16
CA LYS C 161 6.84 51.52 5.46
C LYS C 161 5.40 51.95 5.80
N GLY C 162 5.28 53.12 6.44
CA GLY C 162 3.98 53.62 6.82
C GLY C 162 3.18 53.96 5.59
N LEU C 163 3.81 54.60 4.63
CA LEU C 163 3.14 54.96 3.38
C LEU C 163 2.71 53.68 2.64
N LYS C 164 3.49 52.61 2.78
CA LYS C 164 3.15 51.33 2.15
C LYS C 164 1.95 50.69 2.86
N GLN C 165 1.88 50.86 4.18
CA GLN C 165 0.77 50.32 4.98
C GLN C 165 -0.53 51.05 4.68
N THR C 166 -0.38 52.23 4.11
CA THR C 166 -1.48 53.09 3.72
C THR C 166 -2.23 52.49 2.53
N ASN C 167 -1.46 51.86 1.64
CA ASN C 167 -1.98 51.22 0.43
C ASN C 167 -2.46 52.22 -0.62
N ALA C 168 -2.03 53.47 -0.49
CA ALA C 168 -2.39 54.49 -1.46
C ALA C 168 -1.54 54.19 -2.70
N ARG C 169 -2.20 54.16 -3.86
CA ARG C 169 -1.52 53.86 -5.12
C ARG C 169 -1.25 55.14 -5.91
N PRO C 170 -0.33 55.09 -6.89
CA PRO C 170 -0.02 56.28 -7.70
C PRO C 170 -1.30 56.99 -8.18
N GLY C 171 -1.27 58.32 -8.14
CA GLY C 171 -2.43 59.09 -8.55
C GLY C 171 -3.33 59.46 -7.40
N GLN C 172 -3.24 58.71 -6.30
CA GLN C 172 -4.06 58.96 -5.12
C GLN C 172 -3.49 60.03 -4.19
N TRP C 173 -4.28 60.41 -3.18
CA TRP C 173 -3.88 61.42 -2.21
C TRP C 173 -3.53 60.81 -0.87
N VAL C 174 -2.52 61.39 -0.22
CA VAL C 174 -2.13 60.99 1.11
C VAL C 174 -2.04 62.28 1.91
N ALA C 175 -2.65 62.27 3.09
CA ALA C 175 -2.60 63.41 3.99
C ALA C 175 -1.54 63.03 5.03
N ILE C 176 -0.51 63.84 5.16
CA ILE C 176 0.55 63.58 6.12
C ILE C 176 0.42 64.60 7.25
N SER C 177 0.12 64.11 8.45
CA SER C 177 -0.03 64.97 9.62
C SER C 177 1.26 64.96 10.46
N GLY C 178 1.90 66.10 10.55
CA GLY C 178 3.14 66.19 11.29
C GLY C 178 4.27 66.16 10.30
N ILE C 179 4.80 67.35 9.97
CA ILE C 179 5.90 67.48 9.02
C ILE C 179 7.22 67.79 9.71
N GLY C 180 7.67 66.88 10.58
CA GLY C 180 8.94 67.09 11.27
C GLY C 180 10.04 66.22 10.68
N GLY C 181 10.76 65.52 11.54
CA GLY C 181 11.83 64.65 11.08
C GLY C 181 11.27 63.57 10.17
N LEU C 182 10.24 62.88 10.66
CA LEU C 182 9.59 61.82 9.91
C LEU C 182 8.77 62.40 8.76
N GLY C 183 7.95 63.39 9.09
CA GLY C 183 7.06 64.02 8.13
C GLY C 183 7.64 64.69 6.90
N HIS C 184 8.72 65.45 7.04
CA HIS C 184 9.29 66.13 5.89
C HIS C 184 9.88 65.12 4.89
N VAL C 185 10.30 63.98 5.40
CA VAL C 185 10.87 62.94 4.57
C VAL C 185 9.73 62.08 3.97
N ALA C 186 8.60 62.02 4.66
CA ALA C 186 7.45 61.26 4.16
C ALA C 186 6.87 61.96 2.91
N VAL C 187 6.94 63.29 2.89
CA VAL C 187 6.47 64.07 1.74
C VAL C 187 7.25 63.65 0.48
N GLN C 188 8.55 63.40 0.65
CA GLN C 188 9.43 63.00 -0.44
C GLN C 188 9.20 61.56 -0.89
N TYR C 189 9.05 60.64 0.05
CA TYR C 189 8.80 59.25 -0.31
C TYR C 189 7.43 59.17 -0.99
N ALA C 190 6.46 59.93 -0.47
CA ALA C 190 5.10 59.94 -1.03
C ALA C 190 5.12 60.41 -2.47
N ARG C 191 5.91 61.44 -2.77
CA ARG C 191 5.99 61.94 -4.14
C ARG C 191 6.62 60.89 -5.04
N ALA C 192 7.71 60.27 -4.57
CA ALA C 192 8.41 59.23 -5.33
C ALA C 192 7.53 58.00 -5.53
N MET C 193 6.43 57.93 -4.78
CA MET C 193 5.51 56.81 -4.87
C MET C 193 4.28 57.16 -5.72
N GLY C 194 4.36 58.32 -6.38
CA GLY C 194 3.29 58.78 -7.26
C GLY C 194 2.06 59.36 -6.58
N LEU C 195 2.19 59.74 -5.31
CA LEU C 195 1.05 60.28 -4.58
C LEU C 195 1.00 61.81 -4.53
N HIS C 196 -0.22 62.33 -4.40
CA HIS C 196 -0.46 63.77 -4.27
C HIS C 196 -0.38 63.96 -2.75
N VAL C 197 0.32 65.00 -2.31
CA VAL C 197 0.49 65.22 -0.88
C VAL C 197 -0.18 66.43 -0.26
N ALA C 198 -0.93 66.16 0.81
CA ALA C 198 -1.60 67.19 1.60
C ALA C 198 -0.85 67.13 2.93
N ALA C 199 -0.17 68.21 3.29
CA ALA C 199 0.61 68.26 4.53
C ALA C 199 -0.10 69.07 5.60
N ILE C 200 -0.12 68.54 6.82
CA ILE C 200 -0.77 69.22 7.94
C ILE C 200 0.22 69.36 9.10
N ASP C 201 0.34 70.57 9.64
CA ASP C 201 1.19 70.84 10.78
C ASP C 201 0.63 72.04 11.54
N ILE C 202 1.40 72.56 12.48
CA ILE C 202 0.94 73.68 13.30
C ILE C 202 1.83 74.91 13.21
N ASP C 203 2.72 74.93 12.21
CA ASP C 203 3.65 76.03 12.00
C ASP C 203 3.81 76.28 10.51
N ASP C 204 3.64 77.53 10.08
CA ASP C 204 3.76 77.89 8.67
C ASP C 204 5.12 77.58 8.06
N ALA C 205 6.19 77.69 8.84
CA ALA C 205 7.53 77.39 8.34
C ALA C 205 7.64 75.90 7.99
N LYS C 206 6.96 75.07 8.76
CA LYS C 206 6.97 73.62 8.54
C LYS C 206 6.10 73.26 7.34
N LEU C 207 5.05 74.05 7.09
CA LEU C 207 4.21 73.80 5.93
C LEU C 207 4.93 74.28 4.67
N GLU C 208 5.74 75.32 4.80
CA GLU C 208 6.49 75.85 3.67
C GLU C 208 7.55 74.84 3.27
N LEU C 209 8.09 74.12 4.25
CA LEU C 209 9.10 73.10 3.99
C LEU C 209 8.41 71.99 3.22
N ALA C 210 7.20 71.64 3.65
CA ALA C 210 6.42 70.60 2.98
C ALA C 210 6.15 70.99 1.53
N ARG C 211 5.75 72.24 1.32
CA ARG C 211 5.47 72.74 -0.02
C ARG C 211 6.70 72.59 -0.90
N LYS C 212 7.85 73.05 -0.39
CA LYS C 212 9.12 72.97 -1.10
C LYS C 212 9.46 71.52 -1.45
N LEU C 213 9.04 70.58 -0.61
CA LEU C 213 9.33 69.17 -0.83
C LEU C 213 8.29 68.42 -1.65
N GLY C 214 7.29 69.13 -2.18
CA GLY C 214 6.29 68.48 -3.02
C GLY C 214 4.83 68.47 -2.60
N ALA C 215 4.50 69.00 -1.43
CA ALA C 215 3.10 69.00 -1.00
C ALA C 215 2.27 69.97 -1.84
N SER C 216 1.11 69.52 -2.28
CA SER C 216 0.21 70.34 -3.10
C SER C 216 -0.77 71.14 -2.25
N LEU C 217 -1.21 70.54 -1.14
CA LEU C 217 -2.14 71.19 -0.24
C LEU C 217 -1.45 71.36 1.11
N THR C 218 -1.56 72.54 1.68
CA THR C 218 -0.91 72.84 2.96
C THR C 218 -1.95 73.36 3.98
N VAL C 219 -1.97 72.75 5.17
CA VAL C 219 -2.94 73.15 6.19
C VAL C 219 -2.31 73.38 7.57
N ASN C 220 -2.58 74.55 8.15
CA ASN C 220 -2.07 74.88 9.48
C ASN C 220 -3.20 74.65 10.48
N ALA C 221 -3.06 73.58 11.28
CA ALA C 221 -4.05 73.19 12.27
C ALA C 221 -4.28 74.19 13.42
N ARG C 222 -3.41 75.19 13.55
CA ARG C 222 -3.56 76.20 14.61
C ARG C 222 -4.39 77.38 14.09
N GLN C 223 -4.62 77.41 12.78
CA GLN C 223 -5.38 78.47 12.15
C GLN C 223 -6.75 78.04 11.63
N GLU C 224 -6.91 76.78 11.26
CA GLU C 224 -8.20 76.29 10.79
C GLU C 224 -8.39 74.83 11.15
N ASP C 225 -9.64 74.38 11.08
CA ASP C 225 -9.97 72.99 11.37
C ASP C 225 -9.37 72.16 10.23
N PRO C 226 -8.34 71.34 10.53
CA PRO C 226 -7.63 70.48 9.56
C PRO C 226 -8.56 69.48 8.88
N VAL C 227 -9.48 68.90 9.66
CA VAL C 227 -10.42 67.92 9.14
C VAL C 227 -11.32 68.51 8.06
N GLU C 228 -12.06 69.57 8.36
CA GLU C 228 -12.94 70.12 7.33
C GLU C 228 -12.15 70.72 6.18
N ALA C 229 -10.88 71.02 6.41
CA ALA C 229 -10.03 71.59 5.36
C ALA C 229 -9.68 70.52 4.32
N ILE C 230 -9.26 69.35 4.78
CA ILE C 230 -8.91 68.24 3.90
C ILE C 230 -10.18 67.70 3.23
N GLN C 231 -11.24 67.57 4.01
CA GLN C 231 -12.51 67.08 3.52
C GLN C 231 -13.09 68.05 2.49
N ARG C 232 -12.90 69.35 2.72
CA ARG C 232 -13.41 70.38 1.82
C ARG C 232 -12.56 70.51 0.55
N ASP C 233 -11.24 70.59 0.72
CA ASP C 233 -10.33 70.75 -0.42
C ASP C 233 -10.07 69.53 -1.31
N ILE C 234 -10.13 68.31 -0.77
CA ILE C 234 -9.89 67.13 -1.61
C ILE C 234 -10.87 66.00 -1.36
N GLY C 235 -11.83 66.21 -0.47
CA GLY C 235 -12.82 65.20 -0.18
C GLY C 235 -12.32 64.03 0.65
N GLY C 236 -11.18 64.22 1.31
CA GLY C 236 -10.61 63.17 2.13
C GLY C 236 -9.48 62.48 1.38
N ALA C 237 -8.46 62.03 2.08
CA ALA C 237 -7.32 61.36 1.46
C ALA C 237 -7.51 59.85 1.42
N HIS C 238 -7.03 59.21 0.36
CA HIS C 238 -7.12 57.76 0.21
C HIS C 238 -6.27 57.14 1.31
N GLY C 239 -5.19 57.82 1.62
CA GLY C 239 -4.30 57.37 2.67
C GLY C 239 -3.97 58.52 3.60
N VAL C 240 -3.73 58.20 4.87
CA VAL C 240 -3.35 59.20 5.86
C VAL C 240 -2.19 58.63 6.67
N LEU C 241 -1.18 59.46 6.94
CA LEU C 241 -0.02 59.06 7.71
C LEU C 241 0.17 60.06 8.87
N VAL C 242 -0.03 59.58 10.10
CA VAL C 242 0.09 60.44 11.28
C VAL C 242 1.44 60.27 11.98
N THR C 243 2.19 61.37 11.95
CA THR C 243 3.52 61.51 12.51
C THR C 243 3.50 62.36 13.79
N ALA C 244 2.51 63.25 13.87
CA ALA C 244 2.36 64.19 14.98
C ALA C 244 2.38 63.64 16.40
N VAL C 245 3.09 64.35 17.27
CA VAL C 245 3.16 64.00 18.67
C VAL C 245 2.00 64.76 19.33
N SER C 246 0.78 64.28 19.06
CA SER C 246 -0.45 64.86 19.55
C SER C 246 -1.55 63.81 19.52
N ASN C 247 -2.21 63.56 20.65
CA ASN C 247 -3.28 62.57 20.67
C ASN C 247 -4.47 63.03 19.82
N SER C 248 -4.82 64.30 19.93
CA SER C 248 -5.95 64.85 19.18
C SER C 248 -5.65 64.81 17.67
N ALA C 249 -4.40 65.01 17.30
CA ALA C 249 -3.99 64.97 15.89
C ALA C 249 -4.34 63.60 15.30
N PHE C 250 -4.34 62.57 16.15
CA PHE C 250 -4.68 61.21 15.72
C PHE C 250 -6.17 61.12 15.41
N GLY C 251 -6.99 61.76 16.25
CA GLY C 251 -8.42 61.76 16.03
C GLY C 251 -8.74 62.51 14.76
N GLN C 252 -8.13 63.68 14.60
CA GLN C 252 -8.34 64.48 13.41
C GLN C 252 -7.87 63.76 12.15
N ALA C 253 -6.78 62.99 12.27
CA ALA C 253 -6.24 62.25 11.12
C ALA C 253 -7.25 61.26 10.58
N ILE C 254 -7.95 60.57 11.47
CA ILE C 254 -8.96 59.61 11.10
C ILE C 254 -10.10 60.31 10.34
N GLY C 255 -10.37 61.56 10.72
CA GLY C 255 -11.41 62.32 10.07
C GLY C 255 -10.98 62.88 8.73
N MET C 256 -9.70 62.73 8.41
CA MET C 256 -9.18 63.23 7.15
C MET C 256 -9.24 62.20 6.02
N ALA C 257 -9.57 60.96 6.37
CA ALA C 257 -9.66 59.90 5.38
C ALA C 257 -10.94 59.94 4.57
N ARG C 258 -10.83 59.41 3.37
CA ARG C 258 -11.93 59.31 2.43
C ARG C 258 -12.60 57.98 2.76
N ARG C 259 -13.83 57.74 2.31
CA ARG C 259 -14.46 56.46 2.63
C ARG C 259 -13.55 55.34 2.11
N GLY C 260 -13.34 54.30 2.91
CA GLY C 260 -12.48 53.21 2.50
C GLY C 260 -10.98 53.48 2.64
N GLY C 261 -10.62 54.70 3.02
CA GLY C 261 -9.20 55.05 3.18
C GLY C 261 -8.50 54.36 4.34
N THR C 262 -7.18 54.46 4.36
CA THR C 262 -6.36 53.85 5.42
C THR C 262 -5.51 54.91 6.13
N ILE C 263 -5.55 54.87 7.46
CA ILE C 263 -4.79 55.80 8.28
C ILE C 263 -3.67 55.03 8.96
N ALA C 264 -2.43 55.31 8.57
CA ALA C 264 -1.26 54.67 9.16
C ALA C 264 -0.78 55.51 10.34
N LEU C 265 -0.71 54.88 11.51
CA LEU C 265 -0.30 55.54 12.74
C LEU C 265 1.16 55.22 13.02
N VAL C 266 1.99 56.26 13.03
CA VAL C 266 3.40 56.07 13.26
C VAL C 266 3.88 56.91 14.45
N GLY C 267 3.21 58.04 14.71
CA GLY C 267 3.57 58.86 15.86
C GLY C 267 3.40 58.12 17.18
N LEU C 268 4.23 58.44 18.17
CA LEU C 268 4.14 57.76 19.45
C LEU C 268 3.88 58.61 20.70
N PRO C 269 2.94 59.58 20.61
CA PRO C 269 2.66 60.39 21.80
C PRO C 269 2.10 59.44 22.88
N PRO C 270 2.43 59.65 24.16
CA PRO C 270 1.89 58.74 25.18
C PRO C 270 0.37 58.81 25.33
N GLY C 271 -0.23 57.72 25.80
CA GLY C 271 -1.67 57.70 26.00
C GLY C 271 -2.51 57.00 24.94
N ASP C 272 -3.76 57.43 24.83
CA ASP C 272 -4.71 56.87 23.88
C ASP C 272 -5.16 57.86 22.81
N PHE C 273 -5.71 57.32 21.73
CA PHE C 273 -6.26 58.14 20.65
C PHE C 273 -7.71 57.67 20.53
N PRO C 274 -8.60 58.55 20.05
CA PRO C 274 -10.01 58.15 19.92
C PRO C 274 -10.42 57.50 18.60
N THR C 275 -11.12 56.38 18.69
CA THR C 275 -11.61 55.68 17.51
C THR C 275 -13.12 55.90 17.43
N PRO C 276 -13.60 56.67 16.43
CA PRO C 276 -15.04 56.91 16.30
C PRO C 276 -15.62 55.67 15.63
N ILE C 277 -15.87 54.63 16.41
CA ILE C 277 -16.37 53.38 15.85
C ILE C 277 -17.45 53.54 14.78
N PHE C 278 -18.52 54.28 15.08
CA PHE C 278 -19.61 54.46 14.12
C PHE C 278 -19.12 54.95 12.75
N ASP C 279 -18.26 55.97 12.76
CA ASP C 279 -17.70 56.55 11.54
C ASP C 279 -16.77 55.58 10.82
N VAL C 280 -15.95 54.87 11.59
CA VAL C 280 -15.01 53.91 11.03
C VAL C 280 -15.77 52.79 10.33
N VAL C 281 -16.85 52.33 10.96
CA VAL C 281 -17.68 51.28 10.40
C VAL C 281 -18.41 51.76 9.13
N LEU C 282 -19.26 52.77 9.27
CA LEU C 282 -20.00 53.28 8.12
C LEU C 282 -19.16 53.76 6.96
N LYS C 283 -17.95 54.25 7.23
CA LYS C 283 -17.08 54.73 6.15
C LYS C 283 -16.07 53.65 5.68
N GLY C 284 -16.13 52.47 6.27
CA GLY C 284 -15.21 51.40 5.89
C GLY C 284 -13.75 51.81 5.97
N LEU C 285 -13.39 52.47 7.07
CA LEU C 285 -12.04 52.95 7.29
C LEU C 285 -11.13 51.89 7.90
N HIS C 286 -9.83 52.01 7.62
CA HIS C 286 -8.84 51.08 8.14
C HIS C 286 -7.81 51.91 8.87
N ILE C 287 -7.49 51.49 10.09
CA ILE C 287 -6.48 52.16 10.91
C ILE C 287 -5.38 51.14 11.09
N ALA C 288 -4.15 51.55 10.79
CA ALA C 288 -3.00 50.65 10.89
C ALA C 288 -1.83 51.23 11.66
N GLY C 289 -1.37 50.48 12.65
CA GLY C 289 -0.22 50.89 13.42
C GLY C 289 1.01 50.36 12.72
N SER C 290 2.01 51.21 12.51
CA SER C 290 3.23 50.79 11.82
C SER C 290 4.46 51.13 12.66
N ILE C 291 5.38 50.16 12.82
CA ILE C 291 6.62 50.35 13.59
C ILE C 291 7.86 50.24 12.70
N VAL C 292 8.64 51.33 12.67
CA VAL C 292 9.86 51.42 11.89
C VAL C 292 9.73 50.59 10.62
N GLY C 293 10.73 49.78 10.31
CA GLY C 293 10.64 48.98 9.13
C GLY C 293 11.55 47.78 9.16
N THR C 294 11.22 46.82 8.31
CA THR C 294 11.94 45.58 8.14
C THR C 294 13.33 45.84 7.51
N ARG C 295 14.21 44.85 7.52
CA ARG C 295 15.53 45.04 6.89
C ARG C 295 15.31 45.29 5.40
N ALA C 296 14.34 44.59 4.81
CA ALA C 296 14.00 44.79 3.40
C ALA C 296 13.48 46.23 3.24
N ASP C 297 12.59 46.65 4.14
CA ASP C 297 12.06 48.00 4.09
C ASP C 297 13.19 49.01 4.17
N LEU C 298 14.11 48.79 5.10
CA LEU C 298 15.24 49.69 5.30
C LEU C 298 16.10 49.84 4.04
N GLN C 299 16.46 48.73 3.39
CA GLN C 299 17.28 48.81 2.18
C GLN C 299 16.54 49.49 1.02
N GLU C 300 15.23 49.27 0.92
CA GLU C 300 14.40 49.91 -0.09
C GLU C 300 14.37 51.42 0.20
N ALA C 301 14.20 51.76 1.48
CA ALA C 301 14.18 53.18 1.88
C ALA C 301 15.51 53.83 1.52
N LEU C 302 16.61 53.14 1.85
CA LEU C 302 17.94 53.66 1.56
C LEU C 302 18.18 53.81 0.05
N ASP C 303 17.62 52.90 -0.75
CA ASP C 303 17.78 52.97 -2.21
C ASP C 303 17.15 54.24 -2.77
N PHE C 304 16.02 54.67 -2.21
CA PHE C 304 15.37 55.89 -2.69
C PHE C 304 16.32 57.06 -2.49
N ALA C 305 17.01 57.05 -1.36
CA ALA C 305 17.99 58.08 -1.03
C ALA C 305 19.19 57.97 -1.98
N GLY C 306 19.59 56.75 -2.28
CA GLY C 306 20.70 56.52 -3.17
C GLY C 306 20.37 57.02 -4.58
N GLU C 307 19.10 56.92 -4.95
CA GLU C 307 18.61 57.37 -6.25
C GLU C 307 18.43 58.88 -6.30
N GLY C 308 18.56 59.53 -5.14
CA GLY C 308 18.41 60.97 -5.09
C GLY C 308 16.95 61.39 -5.06
N LEU C 309 16.05 60.42 -4.87
CA LEU C 309 14.60 60.71 -4.83
C LEU C 309 14.16 61.25 -3.47
N VAL C 310 14.97 60.98 -2.47
CA VAL C 310 14.68 61.43 -1.12
C VAL C 310 15.98 61.99 -0.57
N LYS C 311 15.89 63.19 0.00
CA LYS C 311 17.05 63.85 0.59
C LYS C 311 16.54 64.49 1.88
N ALA C 312 17.05 64.03 3.02
CA ALA C 312 16.61 64.58 4.29
C ALA C 312 17.13 66.00 4.45
N THR C 313 16.34 66.85 5.10
CA THR C 313 16.75 68.23 5.37
C THR C 313 17.41 68.14 6.74
N ILE C 314 18.73 68.22 6.78
CA ILE C 314 19.44 68.10 8.04
C ILE C 314 20.17 69.36 8.46
N HIS C 315 20.51 69.41 9.74
CA HIS C 315 21.24 70.52 10.34
C HIS C 315 22.25 69.87 11.28
N PRO C 316 23.51 70.31 11.21
CA PRO C 316 24.56 69.75 12.06
C PRO C 316 24.41 70.04 13.56
N GLY C 317 24.92 69.12 14.37
CA GLY C 317 24.88 69.26 15.81
C GLY C 317 26.09 68.59 16.45
N LYS C 318 26.41 69.00 17.69
CA LYS C 318 27.54 68.43 18.42
C LYS C 318 27.00 67.63 19.59
N LEU C 319 27.65 66.50 19.89
CA LEU C 319 27.23 65.64 20.99
C LEU C 319 27.13 66.45 22.29
N ASP C 320 28.05 67.38 22.48
CA ASP C 320 28.08 68.20 23.69
C ASP C 320 26.88 69.15 23.81
N ASP C 321 26.18 69.36 22.70
CA ASP C 321 25.03 70.25 22.70
C ASP C 321 23.71 69.49 22.63
N ILE C 322 23.74 68.20 22.91
CA ILE C 322 22.54 67.37 22.84
C ILE C 322 21.35 67.84 23.70
N ASN C 323 21.61 68.38 24.88
CA ASN C 323 20.50 68.83 25.71
C ASN C 323 19.77 70.01 25.08
N GLN C 324 20.52 70.99 24.58
CA GLN C 324 19.92 72.16 23.93
C GLN C 324 19.26 71.76 22.61
N ILE C 325 19.80 70.73 21.96
CA ILE C 325 19.26 70.19 20.72
C ILE C 325 17.90 69.54 21.01
N LEU C 326 17.84 68.72 22.06
CA LEU C 326 16.60 68.08 22.45
C LEU C 326 15.59 69.15 22.92
N ASP C 327 16.09 70.25 23.48
CA ASP C 327 15.20 71.33 23.92
C ASP C 327 14.56 71.95 22.69
N GLN C 328 15.38 72.09 21.66
CA GLN C 328 14.97 72.67 20.39
C GLN C 328 13.89 71.78 19.76
N MET C 329 14.00 70.47 19.97
CA MET C 329 13.01 69.54 19.45
C MET C 329 11.74 69.67 20.28
N ARG C 330 11.91 69.77 21.60
CA ARG C 330 10.78 69.92 22.53
C ARG C 330 9.92 71.11 22.12
N ALA C 331 10.58 72.20 21.73
CA ALA C 331 9.93 73.43 21.32
C ALA C 331 9.52 73.44 19.83
N GLY C 332 9.72 72.32 19.15
CA GLY C 332 9.36 72.27 17.73
C GLY C 332 10.08 73.31 16.88
N GLN C 333 11.32 73.60 17.23
CA GLN C 333 12.09 74.61 16.52
C GLN C 333 13.10 74.03 15.52
N ILE C 334 12.95 72.76 15.18
CA ILE C 334 13.88 72.13 14.25
C ILE C 334 13.24 72.02 12.87
N GLU C 335 14.00 72.39 11.85
CA GLU C 335 13.49 72.27 10.48
C GLU C 335 14.01 70.92 9.99
N GLY C 336 13.12 69.94 9.93
CA GLY C 336 13.53 68.63 9.47
C GLY C 336 14.22 67.82 10.54
N ARG C 337 15.51 67.58 10.35
CA ARG C 337 16.27 66.76 11.30
C ARG C 337 17.59 67.43 11.72
N ILE C 338 18.01 67.15 12.96
CA ILE C 338 19.28 67.64 13.45
C ILE C 338 20.10 66.35 13.51
N VAL C 339 21.24 66.36 12.86
CA VAL C 339 22.08 65.19 12.82
C VAL C 339 23.41 65.49 13.51
N LEU C 340 23.72 64.74 14.55
CA LEU C 340 24.97 64.96 15.27
C LEU C 340 26.14 64.49 14.40
N GLU C 341 27.25 65.23 14.46
CA GLU C 341 28.45 64.87 13.73
C GLU C 341 29.54 64.62 14.77
N MET C 342 30.12 63.42 14.76
CA MET C 342 31.16 63.04 15.71
C MET C 342 32.54 63.50 15.25
N THR D 2 -55.03 39.04 -5.69
CA THR D 2 -54.19 40.07 -6.28
C THR D 2 -54.07 41.31 -5.39
N LEU D 3 -52.82 41.68 -5.10
CA LEU D 3 -52.49 42.83 -4.25
C LEU D 3 -53.61 43.40 -3.38
N PRO D 4 -53.53 43.17 -2.06
CA PRO D 4 -54.49 43.62 -1.04
C PRO D 4 -54.85 45.09 -1.09
N GLN D 5 -54.02 45.89 -1.76
CA GLN D 5 -54.29 47.33 -1.86
C GLN D 5 -54.14 47.99 -0.49
N THR D 6 -54.01 47.15 0.54
CA THR D 6 -53.85 47.63 1.91
C THR D 6 -53.17 46.54 2.74
N MET D 7 -52.21 46.94 3.57
CA MET D 7 -51.45 46.01 4.41
C MET D 7 -51.18 46.57 5.80
N LYS D 8 -50.84 45.69 6.74
CA LYS D 8 -50.53 46.12 8.10
C LYS D 8 -49.00 46.24 8.23
N ALA D 9 -48.54 47.11 9.12
CA ALA D 9 -47.11 47.30 9.30
C ALA D 9 -46.76 48.13 10.54
N ALA D 10 -45.76 47.65 11.28
CA ALA D 10 -45.30 48.33 12.49
C ALA D 10 -44.55 49.60 12.10
N VAL D 11 -45.23 50.74 12.16
CA VAL D 11 -44.64 52.02 11.80
C VAL D 11 -44.11 52.82 12.99
N VAL D 12 -43.10 53.65 12.73
CA VAL D 12 -42.50 54.49 13.77
C VAL D 12 -42.86 55.96 13.56
N HIS D 13 -43.50 56.57 14.55
CA HIS D 13 -43.90 57.97 14.47
C HIS D 13 -43.08 58.90 15.37
N ALA D 14 -42.33 58.31 16.30
CA ALA D 14 -41.50 59.10 17.20
C ALA D 14 -40.32 58.26 17.70
N TYR D 15 -39.16 58.91 17.85
CA TYR D 15 -37.95 58.25 18.31
C TYR D 15 -38.05 57.95 19.81
N GLY D 16 -38.34 56.70 20.13
CA GLY D 16 -38.48 56.29 21.51
C GLY D 16 -39.90 55.87 21.80
N ALA D 17 -40.82 56.33 20.95
CA ALA D 17 -42.25 56.01 21.08
C ALA D 17 -42.55 54.68 20.39
N PRO D 18 -42.87 53.63 21.16
CA PRO D 18 -43.19 52.31 20.62
C PRO D 18 -43.99 52.33 19.33
N LEU D 19 -43.59 51.47 18.40
CA LEU D 19 -44.25 51.36 17.10
C LEU D 19 -45.74 51.07 17.24
N ARG D 20 -46.46 51.16 16.14
CA ARG D 20 -47.90 50.91 16.14
C ARG D 20 -48.34 50.24 14.85
N ILE D 21 -48.88 49.02 14.98
CA ILE D 21 -49.35 48.28 13.82
C ILE D 21 -50.53 49.05 13.23
N GLU D 22 -50.40 49.51 11.99
CA GLU D 22 -51.47 50.27 11.35
C GLU D 22 -51.62 49.98 9.87
N GLU D 23 -52.77 49.40 9.51
CA GLU D 23 -53.07 49.07 8.12
C GLU D 23 -52.85 50.25 7.17
N VAL D 24 -51.80 50.16 6.35
CA VAL D 24 -51.47 51.22 5.39
C VAL D 24 -51.49 50.71 3.95
N LYS D 25 -51.39 51.63 2.98
CA LYS D 25 -51.43 51.29 1.56
C LYS D 25 -50.32 50.38 1.07
N VAL D 26 -50.65 49.54 0.10
CA VAL D 26 -49.69 48.63 -0.51
C VAL D 26 -49.07 49.40 -1.68
N PRO D 27 -47.75 49.64 -1.61
CA PRO D 27 -47.02 50.38 -2.66
C PRO D 27 -47.16 49.73 -4.02
N LEU D 28 -47.01 50.54 -5.07
CA LEU D 28 -47.09 50.02 -6.43
C LEU D 28 -45.74 50.15 -7.13
N PRO D 29 -45.23 49.03 -7.68
CA PRO D 29 -43.95 48.99 -8.37
C PRO D 29 -43.88 49.94 -9.56
N GLY D 30 -43.23 51.09 -9.35
CA GLY D 30 -43.07 52.06 -10.41
C GLY D 30 -41.93 51.58 -11.30
N PRO D 31 -41.45 52.41 -12.24
CA PRO D 31 -40.34 51.94 -13.09
C PRO D 31 -39.10 51.60 -12.25
N GLY D 32 -38.42 50.51 -12.60
CA GLY D 32 -37.23 50.10 -11.87
C GLY D 32 -37.45 49.58 -10.46
N GLN D 33 -38.69 49.18 -10.17
CA GLN D 33 -39.02 48.66 -8.85
C GLN D 33 -39.75 47.32 -8.93
N VAL D 34 -39.96 46.71 -7.77
CA VAL D 34 -40.68 45.46 -7.69
C VAL D 34 -41.29 45.42 -6.29
N LEU D 35 -42.36 44.64 -6.14
CA LEU D 35 -43.00 44.53 -4.85
C LEU D 35 -42.72 43.14 -4.32
N VAL D 36 -42.41 43.03 -3.04
CA VAL D 36 -42.13 41.74 -2.43
C VAL D 36 -43.11 41.46 -1.30
N LYS D 37 -43.75 40.29 -1.35
CA LYS D 37 -44.68 39.90 -0.29
C LYS D 37 -43.81 39.25 0.78
N ILE D 38 -43.72 39.90 1.93
CA ILE D 38 -42.92 39.43 3.04
C ILE D 38 -43.44 38.16 3.71
N GLU D 39 -42.67 37.07 3.56
CA GLU D 39 -43.01 35.78 4.17
C GLU D 39 -42.40 35.74 5.56
N ALA D 40 -41.18 36.25 5.68
CA ALA D 40 -40.45 36.31 6.95
C ALA D 40 -39.69 37.63 6.99
N SER D 41 -39.35 38.07 8.20
CA SER D 41 -38.64 39.33 8.35
C SER D 41 -37.85 39.30 9.66
N GLY D 42 -36.52 39.33 9.56
CA GLY D 42 -35.69 39.29 10.74
C GLY D 42 -35.63 40.62 11.48
N VAL D 43 -35.38 40.53 12.78
CA VAL D 43 -35.28 41.71 13.65
C VAL D 43 -33.82 41.96 14.00
N CYS D 44 -33.27 43.05 13.46
CA CYS D 44 -31.89 43.41 13.71
C CYS D 44 -31.74 44.49 14.79
N HIS D 45 -30.66 44.41 15.56
CA HIS D 45 -30.41 45.37 16.63
C HIS D 45 -30.44 46.80 16.09
N THR D 46 -30.11 46.94 14.81
CA THR D 46 -30.09 48.24 14.15
C THR D 46 -31.50 48.82 14.00
N ASP D 47 -32.52 47.96 14.14
CA ASP D 47 -33.89 48.42 14.05
C ASP D 47 -34.19 49.29 15.27
N LEU D 48 -33.61 48.92 16.41
CA LEU D 48 -33.79 49.70 17.65
C LEU D 48 -33.15 51.07 17.47
N HIS D 49 -31.89 51.07 17.02
CA HIS D 49 -31.14 52.31 16.80
C HIS D 49 -31.91 53.24 15.84
N ALA D 50 -32.71 52.64 14.95
CA ALA D 50 -33.48 53.39 13.97
C ALA D 50 -34.69 54.13 14.56
N ALA D 51 -35.53 53.39 15.29
CA ALA D 51 -36.72 53.96 15.90
C ALA D 51 -36.40 54.68 17.21
N GLU D 52 -35.15 54.60 17.63
CA GLU D 52 -34.69 55.24 18.86
C GLU D 52 -33.81 56.44 18.51
N GLY D 53 -33.81 56.82 17.24
CA GLY D 53 -32.99 57.95 16.80
C GLY D 53 -31.62 57.95 17.45
N ASP D 54 -31.06 56.76 17.61
CA ASP D 54 -29.74 56.59 18.24
C ASP D 54 -28.56 57.12 17.43
N TRP D 55 -28.79 57.37 16.13
CA TRP D 55 -27.72 57.84 15.26
C TRP D 55 -27.90 59.25 14.71
N PRO D 56 -26.78 59.87 14.27
CA PRO D 56 -26.71 61.22 13.69
C PRO D 56 -27.77 61.45 12.63
N VAL D 57 -27.70 60.66 11.55
CA VAL D 57 -28.68 60.76 10.47
C VAL D 57 -29.86 59.86 10.83
N LYS D 58 -30.83 60.44 11.55
CA LYS D 58 -32.00 59.71 11.99
C LYS D 58 -32.97 59.42 10.83
N PRO D 59 -33.72 58.31 10.93
CA PRO D 59 -34.70 57.89 9.91
C PRO D 59 -35.85 58.85 9.74
N PRO D 60 -36.12 59.30 8.50
CA PRO D 60 -37.24 60.21 8.30
C PRO D 60 -38.53 59.57 8.82
N LEU D 61 -39.29 60.32 9.61
CA LEU D 61 -40.55 59.81 10.18
C LEU D 61 -41.76 60.18 9.32
N PRO D 62 -42.76 59.29 9.25
CA PRO D 62 -42.80 57.99 9.93
C PRO D 62 -42.30 56.88 8.98
N PHE D 63 -41.47 55.99 9.49
CA PHE D 63 -40.94 54.91 8.66
C PHE D 63 -41.26 53.52 9.19
N ILE D 64 -41.01 52.52 8.34
CA ILE D 64 -41.23 51.12 8.67
C ILE D 64 -39.84 50.47 8.67
N PRO D 65 -39.34 50.08 9.84
CA PRO D 65 -38.02 49.46 9.88
C PRO D 65 -37.98 48.04 9.29
N GLY D 66 -36.81 47.42 9.27
CA GLY D 66 -36.67 46.07 8.75
C GLY D 66 -35.92 45.91 7.45
N HIS D 67 -34.74 45.29 7.51
CA HIS D 67 -33.94 45.07 6.32
C HIS D 67 -33.48 43.61 6.21
N GLU D 68 -34.28 42.71 6.81
CA GLU D 68 -34.03 41.28 6.76
C GLU D 68 -35.33 40.65 6.27
N GLY D 69 -36.07 41.43 5.48
CA GLY D 69 -37.33 40.98 4.93
C GLY D 69 -37.15 40.08 3.73
N VAL D 70 -37.79 38.94 3.77
CA VAL D 70 -37.68 37.97 2.70
C VAL D 70 -39.06 37.48 2.25
N GLY D 71 -39.23 37.29 0.94
CA GLY D 71 -40.53 36.82 0.45
C GLY D 71 -40.56 36.54 -1.04
N TYR D 72 -41.74 36.65 -1.63
CA TYR D 72 -41.92 36.41 -3.05
C TYR D 72 -42.09 37.72 -3.80
N VAL D 73 -41.57 37.78 -5.01
CA VAL D 73 -41.73 38.98 -5.83
C VAL D 73 -43.20 38.95 -6.25
N ALA D 74 -43.98 39.91 -5.71
CA ALA D 74 -45.42 40.01 -6.00
C ALA D 74 -45.71 40.72 -7.33
N ALA D 75 -45.13 41.90 -7.50
CA ALA D 75 -45.32 42.68 -8.72
C ALA D 75 -43.98 43.15 -9.26
N VAL D 76 -43.94 43.45 -10.56
CA VAL D 76 -42.72 43.91 -11.22
C VAL D 76 -42.91 45.25 -11.92
N GLY D 77 -42.12 46.25 -11.53
CA GLY D 77 -42.21 47.55 -12.16
C GLY D 77 -41.76 47.44 -13.61
N SER D 78 -41.81 48.55 -14.34
CA SER D 78 -41.42 48.54 -15.75
C SER D 78 -39.91 48.58 -15.94
N GLY D 79 -39.41 47.75 -16.86
CA GLY D 79 -37.99 47.72 -17.14
C GLY D 79 -37.21 46.68 -16.36
N VAL D 80 -37.78 46.19 -15.27
CA VAL D 80 -37.13 45.19 -14.43
C VAL D 80 -36.75 43.90 -15.19
N THR D 81 -35.45 43.59 -15.18
CA THR D 81 -34.91 42.41 -15.87
C THR D 81 -34.32 41.36 -14.92
N ARG D 82 -33.70 41.82 -13.84
CA ARG D 82 -33.05 40.93 -12.87
C ARG D 82 -33.95 39.92 -12.15
N VAL D 83 -35.20 40.29 -11.88
CA VAL D 83 -36.12 39.38 -11.19
C VAL D 83 -37.49 39.30 -11.87
N LYS D 84 -38.15 38.16 -11.71
CA LYS D 84 -39.49 37.96 -12.28
C LYS D 84 -40.46 37.75 -11.13
N GLU D 85 -41.75 37.78 -11.43
CA GLU D 85 -42.77 37.59 -10.42
C GLU D 85 -42.62 36.21 -9.78
N GLY D 86 -42.84 36.13 -8.47
CA GLY D 86 -42.74 34.87 -7.78
C GLY D 86 -41.37 34.51 -7.20
N ASP D 87 -40.31 35.11 -7.73
CA ASP D 87 -38.96 34.84 -7.26
C ASP D 87 -38.79 35.08 -5.75
N ARG D 88 -38.16 34.11 -5.07
CA ARG D 88 -37.91 34.21 -3.63
C ARG D 88 -36.69 35.11 -3.51
N VAL D 89 -36.90 36.27 -2.90
CA VAL D 89 -35.87 37.27 -2.78
C VAL D 89 -35.86 37.96 -1.41
N GLY D 90 -34.77 38.66 -1.10
CA GLY D 90 -34.67 39.37 0.17
C GLY D 90 -34.24 40.81 -0.03
N ILE D 91 -34.73 41.72 0.82
CA ILE D 91 -34.38 43.15 0.73
C ILE D 91 -33.47 43.52 1.91
N PRO D 92 -32.14 43.63 1.67
CA PRO D 92 -31.16 43.97 2.72
C PRO D 92 -30.98 45.47 3.02
N TRP D 93 -30.10 45.74 3.98
CA TRP D 93 -29.77 47.09 4.39
C TRP D 93 -29.41 48.00 3.21
N LEU D 94 -28.57 47.50 2.31
CA LEU D 94 -28.17 48.26 1.14
C LEU D 94 -29.32 48.20 0.12
N TYR D 95 -30.23 49.15 0.22
CA TYR D 95 -31.40 49.23 -0.66
C TYR D 95 -31.04 49.55 -2.11
N THR D 96 -30.12 50.49 -2.29
CA THR D 96 -29.69 50.90 -3.63
C THR D 96 -28.38 51.68 -3.50
N ALA D 97 -27.76 51.95 -4.64
CA ALA D 97 -26.50 52.70 -4.70
C ALA D 97 -26.48 53.31 -6.10
N CYS D 98 -25.69 54.37 -6.30
CA CYS D 98 -25.68 55.03 -7.60
C CYS D 98 -25.12 54.14 -8.72
N GLY D 99 -24.17 53.27 -8.40
CA GLY D 99 -23.61 52.38 -9.39
C GLY D 99 -22.50 52.90 -10.29
N CYS D 100 -22.18 54.18 -10.20
CA CYS D 100 -21.12 54.72 -11.04
C CYS D 100 -20.12 55.63 -10.33
N CYS D 101 -20.13 55.61 -9.00
CA CYS D 101 -19.21 56.46 -8.25
C CYS D 101 -17.91 55.71 -7.93
N GLU D 102 -16.97 56.42 -7.32
CA GLU D 102 -15.66 55.88 -6.94
C GLU D 102 -15.70 54.51 -6.27
N HIS D 103 -16.66 54.33 -5.37
CA HIS D 103 -16.79 53.09 -4.62
C HIS D 103 -17.59 52.03 -5.35
N CYS D 104 -18.63 52.47 -6.04
CA CYS D 104 -19.47 51.55 -6.81
C CYS D 104 -18.75 50.94 -7.99
N LEU D 105 -17.82 51.70 -8.59
CA LEU D 105 -17.07 51.21 -9.73
C LEU D 105 -15.93 50.29 -9.30
N THR D 106 -15.53 50.37 -8.03
CA THR D 106 -14.44 49.55 -7.52
C THR D 106 -14.87 48.42 -6.57
N GLY D 107 -16.15 48.04 -6.62
CA GLY D 107 -16.61 46.96 -5.76
C GLY D 107 -16.92 47.30 -4.30
N TRP D 108 -17.14 48.58 -4.00
CA TRP D 108 -17.47 48.99 -2.64
C TRP D 108 -18.75 49.83 -2.59
N GLU D 109 -19.79 49.35 -3.27
CA GLU D 109 -21.10 50.01 -3.36
C GLU D 109 -21.64 50.28 -1.95
N THR D 110 -21.11 49.48 -1.02
CA THR D 110 -21.46 49.55 0.38
C THR D 110 -21.10 50.93 0.97
N LEU D 111 -20.10 51.58 0.37
CA LEU D 111 -19.64 52.89 0.82
C LEU D 111 -20.21 54.02 -0.04
N CYS D 112 -21.16 53.68 -0.90
CA CYS D 112 -21.78 54.67 -1.78
C CYS D 112 -22.53 55.73 -0.98
N GLU D 113 -22.22 57.00 -1.22
CA GLU D 113 -22.87 58.10 -0.52
C GLU D 113 -24.29 58.35 -1.03
N SER D 114 -24.60 57.81 -2.20
CA SER D 114 -25.93 57.97 -2.82
C SER D 114 -26.82 56.76 -2.54
N GLN D 115 -26.47 55.98 -1.53
CA GLN D 115 -27.27 54.80 -1.21
C GLN D 115 -28.49 55.12 -0.35
N GLN D 116 -29.44 54.19 -0.39
CA GLN D 116 -30.67 54.28 0.39
C GLN D 116 -30.60 53.04 1.29
N ASN D 117 -31.18 53.14 2.49
CA ASN D 117 -31.13 51.99 3.39
C ASN D 117 -32.52 51.50 3.79
N THR D 118 -32.79 50.24 3.48
CA THR D 118 -34.09 49.62 3.77
C THR D 118 -34.42 49.67 5.28
N GLY D 119 -35.63 50.11 5.59
CA GLY D 119 -36.05 50.21 6.98
C GLY D 119 -35.35 51.32 7.72
N TYR D 120 -35.00 52.40 7.00
CA TYR D 120 -34.34 53.54 7.63
C TYR D 120 -34.66 54.81 6.85
N SER D 121 -34.12 54.90 5.63
CA SER D 121 -34.34 56.06 4.77
C SER D 121 -35.42 55.72 3.73
N VAL D 122 -35.87 54.47 3.78
CA VAL D 122 -36.92 53.97 2.89
C VAL D 122 -37.60 52.87 3.71
N ASN D 123 -38.89 52.63 3.47
CA ASN D 123 -39.60 51.61 4.25
C ASN D 123 -39.07 50.20 4.10
N GLY D 124 -39.09 49.46 5.21
CA GLY D 124 -38.58 48.11 5.22
C GLY D 124 -39.57 46.95 5.30
N GLY D 125 -39.08 45.84 5.85
CA GLY D 125 -39.87 44.62 5.96
C GLY D 125 -40.74 44.39 7.18
N TYR D 126 -40.94 45.42 8.00
CA TYR D 126 -41.84 45.26 9.14
C TYR D 126 -43.23 45.54 8.59
N ALA D 127 -43.57 44.85 7.50
CA ALA D 127 -44.84 45.00 6.82
C ALA D 127 -45.11 43.74 6.01
N GLU D 128 -46.26 43.69 5.36
CA GLU D 128 -46.62 42.52 4.55
C GLU D 128 -46.03 42.60 3.16
N TYR D 129 -45.78 43.82 2.70
CA TYR D 129 -45.21 44.06 1.37
C TYR D 129 -44.11 45.10 1.45
N VAL D 130 -43.18 45.05 0.49
CA VAL D 130 -42.07 46.00 0.45
C VAL D 130 -41.69 46.33 -0.99
N LEU D 131 -41.35 47.60 -1.22
CA LEU D 131 -40.91 48.04 -2.53
C LEU D 131 -39.39 47.92 -2.49
N ALA D 132 -38.82 47.28 -3.50
CA ALA D 132 -37.37 47.10 -3.54
C ALA D 132 -36.78 47.43 -4.90
N ASP D 133 -35.47 47.66 -4.92
CA ASP D 133 -34.76 47.90 -6.16
C ASP D 133 -34.27 46.51 -6.57
N PRO D 134 -34.80 45.97 -7.67
CA PRO D 134 -34.46 44.65 -8.21
C PRO D 134 -32.95 44.35 -8.31
N ASN D 135 -32.16 45.40 -8.50
CA ASN D 135 -30.71 45.25 -8.66
C ASN D 135 -29.89 45.06 -7.39
N TYR D 136 -30.46 45.36 -6.23
CA TYR D 136 -29.73 45.21 -4.99
C TYR D 136 -30.35 44.21 -4.04
N VAL D 137 -31.42 43.58 -4.52
CA VAL D 137 -32.14 42.58 -3.73
C VAL D 137 -31.34 41.28 -3.73
N GLY D 138 -31.55 40.45 -2.71
CA GLY D 138 -30.81 39.20 -2.64
C GLY D 138 -31.55 38.00 -3.21
N ILE D 139 -30.91 37.30 -4.15
CA ILE D 139 -31.48 36.12 -4.76
C ILE D 139 -31.26 34.94 -3.81
N LEU D 140 -32.33 34.47 -3.19
CA LEU D 140 -32.24 33.38 -2.21
C LEU D 140 -32.06 31.97 -2.76
N PRO D 141 -31.39 31.10 -1.97
CA PRO D 141 -31.16 29.71 -2.36
C PRO D 141 -32.48 28.96 -2.22
N LYS D 142 -32.79 28.12 -3.21
CA LYS D 142 -34.04 27.36 -3.24
C LYS D 142 -34.25 26.39 -2.07
N ASN D 143 -33.17 25.78 -1.60
CA ASN D 143 -33.26 24.81 -0.52
C ASN D 143 -33.40 25.32 0.92
N VAL D 144 -33.57 26.63 1.10
CA VAL D 144 -33.71 27.18 2.45
C VAL D 144 -35.00 27.98 2.62
N GLU D 145 -35.74 27.69 3.69
CA GLU D 145 -37.01 28.38 3.95
C GLU D 145 -36.84 29.83 4.40
N PHE D 146 -37.81 30.67 4.05
CA PHE D 146 -37.79 32.09 4.37
C PHE D 146 -37.39 32.43 5.80
N ALA D 147 -37.96 31.73 6.76
CA ALA D 147 -37.66 31.97 8.16
C ALA D 147 -36.17 31.80 8.49
N GLU D 148 -35.54 30.84 7.81
CA GLU D 148 -34.13 30.54 8.02
C GLU D 148 -33.13 31.49 7.38
N ILE D 149 -33.26 31.79 6.09
CA ILE D 149 -32.31 32.70 5.45
C ILE D 149 -32.51 34.16 5.78
N ALA D 150 -33.65 34.52 6.38
CA ALA D 150 -33.90 35.91 6.71
C ALA D 150 -32.67 36.55 7.41
N PRO D 151 -32.17 35.91 8.49
CA PRO D 151 -31.00 36.42 9.23
C PRO D 151 -29.79 36.70 8.34
N ILE D 152 -29.56 35.88 7.33
CA ILE D 152 -28.43 36.05 6.43
C ILE D 152 -28.47 37.41 5.75
N LEU D 153 -29.68 37.93 5.51
CA LEU D 153 -29.87 39.21 4.83
C LEU D 153 -29.16 40.38 5.50
N CYS D 154 -28.75 40.19 6.75
CA CYS D 154 -28.00 41.24 7.44
C CYS D 154 -26.96 40.69 8.41
N ALA D 155 -27.42 39.99 9.45
CA ALA D 155 -26.51 39.40 10.43
C ALA D 155 -25.51 38.47 9.72
N GLY D 156 -26.00 37.75 8.70
CA GLY D 156 -25.15 36.84 7.95
C GLY D 156 -24.06 37.52 7.13
N VAL D 157 -24.47 38.36 6.17
CA VAL D 157 -23.51 39.07 5.34
C VAL D 157 -22.57 39.96 6.11
N THR D 158 -23.11 40.68 7.08
CA THR D 158 -22.30 41.58 7.88
C THR D 158 -21.15 40.85 8.56
N VAL D 159 -21.51 39.78 9.24
CA VAL D 159 -20.58 38.93 9.96
C VAL D 159 -19.56 38.26 9.01
N TYR D 160 -20.07 37.76 7.87
CA TYR D 160 -19.24 37.11 6.86
C TYR D 160 -18.22 38.09 6.28
N LYS D 161 -18.68 39.28 5.91
CA LYS D 161 -17.80 40.31 5.37
C LYS D 161 -16.80 40.80 6.42
N GLY D 162 -17.26 40.89 7.68
CA GLY D 162 -16.39 41.32 8.75
C GLY D 162 -15.24 40.35 8.92
N LEU D 163 -15.56 39.05 8.83
CA LEU D 163 -14.55 38.00 8.94
C LEU D 163 -13.56 38.10 7.79
N LYS D 164 -14.05 38.44 6.59
CA LYS D 164 -13.15 38.59 5.47
C LYS D 164 -12.24 39.77 5.75
N GLN D 165 -12.80 40.81 6.36
CA GLN D 165 -12.04 42.02 6.70
C GLN D 165 -10.92 41.82 7.74
N THR D 166 -10.99 40.75 8.54
CA THR D 166 -9.94 40.49 9.53
C THR D 166 -8.75 39.86 8.81
N ASN D 167 -9.02 39.30 7.64
CA ASN D 167 -8.00 38.65 6.81
C ASN D 167 -7.36 37.43 7.48
N ALA D 168 -8.03 36.84 8.45
CA ALA D 168 -7.50 35.67 9.11
C ALA D 168 -7.63 34.55 8.08
N ARG D 169 -6.56 33.78 7.88
CA ARG D 169 -6.55 32.70 6.90
C ARG D 169 -6.87 31.37 7.56
N PRO D 170 -7.27 30.36 6.76
CA PRO D 170 -7.58 29.06 7.35
C PRO D 170 -6.43 28.54 8.19
N GLY D 171 -6.77 27.87 9.29
CA GLY D 171 -5.77 27.36 10.18
C GLY D 171 -5.44 28.36 11.27
N GLN D 172 -5.90 29.61 11.11
CA GLN D 172 -5.65 30.65 12.09
C GLN D 172 -6.84 30.84 13.05
N TRP D 173 -6.67 31.73 14.02
CA TRP D 173 -7.69 32.01 15.03
C TRP D 173 -8.40 33.34 14.85
N VAL D 174 -9.68 33.34 15.21
CA VAL D 174 -10.52 34.54 15.19
C VAL D 174 -11.23 34.60 16.54
N ALA D 175 -11.12 35.73 17.22
CA ALA D 175 -11.81 35.91 18.50
C ALA D 175 -13.10 36.66 18.17
N ILE D 176 -14.25 36.08 18.51
CA ILE D 176 -15.52 36.72 18.24
C ILE D 176 -16.09 37.29 19.53
N SER D 177 -16.02 38.61 19.68
CA SER D 177 -16.52 39.30 20.87
C SER D 177 -18.02 39.55 20.76
N GLY D 178 -18.80 38.84 21.56
CA GLY D 178 -20.25 38.99 21.51
C GLY D 178 -20.88 37.91 20.64
N ILE D 179 -21.51 36.92 21.28
CA ILE D 179 -22.16 35.83 20.55
C ILE D 179 -23.67 36.01 20.57
N GLY D 180 -24.14 37.09 19.95
CA GLY D 180 -25.56 37.37 19.90
C GLY D 180 -26.16 37.16 18.53
N GLY D 181 -26.96 38.12 18.07
CA GLY D 181 -27.60 38.02 16.76
C GLY D 181 -26.61 37.73 15.65
N LEU D 182 -25.58 38.57 15.56
CA LEU D 182 -24.52 38.43 14.57
C LEU D 182 -23.47 37.44 15.02
N GLY D 183 -23.14 37.47 16.31
CA GLY D 183 -22.13 36.60 16.87
C GLY D 183 -22.29 35.10 16.72
N HIS D 184 -23.49 34.56 16.97
CA HIS D 184 -23.69 33.11 16.87
C HIS D 184 -23.63 32.64 15.42
N VAL D 185 -23.90 33.55 14.49
CA VAL D 185 -23.83 33.17 13.09
C VAL D 185 -22.39 33.38 12.59
N ALA D 186 -21.66 34.26 13.28
CA ALA D 186 -20.26 34.54 12.92
C ALA D 186 -19.38 33.34 13.26
N VAL D 187 -19.77 32.59 14.29
CA VAL D 187 -19.03 31.41 14.71
C VAL D 187 -19.10 30.35 13.61
N GLN D 188 -20.23 30.30 12.94
CA GLN D 188 -20.46 29.33 11.88
C GLN D 188 -19.71 29.68 10.60
N TYR D 189 -19.72 30.97 10.23
CA TYR D 189 -18.98 31.39 9.05
C TYR D 189 -17.48 31.19 9.27
N ALA D 190 -16.97 31.63 10.43
CA ALA D 190 -15.56 31.50 10.76
C ALA D 190 -15.13 30.03 10.66
N ARG D 191 -16.02 29.16 11.13
CA ARG D 191 -15.83 27.72 11.11
C ARG D 191 -15.68 27.26 9.66
N ALA D 192 -16.64 27.67 8.82
CA ALA D 192 -16.66 27.33 7.40
C ALA D 192 -15.53 27.99 6.63
N MET D 193 -14.83 28.92 7.27
CA MET D 193 -13.73 29.62 6.61
C MET D 193 -12.36 29.09 7.08
N GLY D 194 -12.39 27.90 7.69
CA GLY D 194 -11.18 27.25 8.17
C GLY D 194 -10.54 27.87 9.39
N LEU D 195 -11.31 28.68 10.12
CA LEU D 195 -10.79 29.35 11.31
C LEU D 195 -11.11 28.67 12.65
N HIS D 196 -10.18 28.76 13.60
CA HIS D 196 -10.38 28.22 14.92
C HIS D 196 -11.08 29.37 15.63
N VAL D 197 -12.17 29.08 16.33
CA VAL D 197 -12.92 30.14 16.99
C VAL D 197 -12.82 30.21 18.50
N ALA D 198 -12.61 31.44 18.99
CA ALA D 198 -12.53 31.73 20.42
C ALA D 198 -13.75 32.62 20.67
N ALA D 199 -14.69 32.15 21.48
CA ALA D 199 -15.91 32.91 21.75
C ALA D 199 -15.88 33.68 23.07
N ILE D 200 -16.19 34.98 23.00
CA ILE D 200 -16.22 35.83 24.20
C ILE D 200 -17.60 36.49 24.39
N ASP D 201 -18.11 36.42 25.62
CA ASP D 201 -19.41 37.00 25.95
C ASP D 201 -19.49 37.22 27.47
N ILE D 202 -20.68 37.59 27.94
CA ILE D 202 -20.91 37.83 29.37
C ILE D 202 -22.09 36.99 29.88
N ASP D 203 -22.46 35.97 29.10
CA ASP D 203 -23.57 35.07 29.43
C ASP D 203 -23.17 33.66 29.04
N ASP D 204 -23.14 32.76 30.03
CA ASP D 204 -22.76 31.36 29.79
C ASP D 204 -23.67 30.66 28.80
N ALA D 205 -24.94 31.04 28.78
CA ALA D 205 -25.90 30.43 27.86
C ALA D 205 -25.43 30.68 26.43
N LYS D 206 -25.06 31.93 26.16
CA LYS D 206 -24.59 32.33 24.84
C LYS D 206 -23.27 31.62 24.52
N LEU D 207 -22.42 31.49 25.52
CA LEU D 207 -21.13 30.83 25.35
C LEU D 207 -21.34 29.35 25.07
N GLU D 208 -22.39 28.78 25.65
CA GLU D 208 -22.70 27.37 25.45
C GLU D 208 -23.11 27.15 24.00
N LEU D 209 -23.92 28.06 23.47
CA LEU D 209 -24.36 27.99 22.08
C LEU D 209 -23.10 28.05 21.20
N ALA D 210 -22.14 28.90 21.58
CA ALA D 210 -20.91 29.04 20.83
C ALA D 210 -20.17 27.72 20.67
N ARG D 211 -20.07 26.95 21.76
CA ARG D 211 -19.39 25.65 21.69
C ARG D 211 -20.16 24.68 20.82
N LYS D 212 -21.48 24.74 20.89
CA LYS D 212 -22.33 23.86 20.09
C LYS D 212 -22.11 24.16 18.60
N LEU D 213 -21.83 25.43 18.30
CA LEU D 213 -21.61 25.89 16.93
C LEU D 213 -20.18 25.71 16.38
N GLY D 214 -19.24 25.30 17.23
CA GLY D 214 -17.89 25.10 16.76
C GLY D 214 -16.75 25.77 17.50
N ALA D 215 -17.05 26.69 18.42
CA ALA D 215 -16.00 27.38 19.18
C ALA D 215 -15.23 26.38 20.03
N SER D 216 -13.90 26.44 19.97
CA SER D 216 -13.10 25.51 20.76
C SER D 216 -12.54 26.15 22.03
N LEU D 217 -12.69 27.47 22.11
CA LEU D 217 -12.24 28.23 23.28
C LEU D 217 -13.36 29.17 23.67
N THR D 218 -13.73 29.19 24.94
CA THR D 218 -14.81 30.03 25.45
C THR D 218 -14.39 30.90 26.66
N VAL D 219 -14.89 32.13 26.72
CA VAL D 219 -14.56 33.02 27.82
C VAL D 219 -15.71 33.95 28.21
N ASN D 220 -16.10 33.91 29.49
CA ASN D 220 -17.14 34.80 29.97
C ASN D 220 -16.35 35.98 30.51
N ALA D 221 -16.44 37.12 29.82
CA ALA D 221 -15.70 38.32 30.21
C ALA D 221 -16.05 38.85 31.58
N ARG D 222 -17.17 38.37 32.14
CA ARG D 222 -17.60 38.81 33.46
C ARG D 222 -16.97 37.94 34.55
N GLN D 223 -16.53 36.73 34.17
CA GLN D 223 -15.92 35.80 35.11
C GLN D 223 -14.39 35.86 35.02
N GLU D 224 -13.86 36.15 33.84
CA GLU D 224 -12.41 36.25 33.67
C GLU D 224 -12.00 37.22 32.56
N ASP D 225 -10.76 37.68 32.65
CA ASP D 225 -10.19 38.62 31.69
C ASP D 225 -9.94 37.96 30.34
N PRO D 226 -10.68 38.41 29.30
CA PRO D 226 -10.56 37.87 27.94
C PRO D 226 -9.15 38.04 27.40
N VAL D 227 -8.60 39.24 27.59
CA VAL D 227 -7.29 39.59 27.12
C VAL D 227 -6.17 38.62 27.51
N GLU D 228 -6.00 38.35 28.81
CA GLU D 228 -4.94 37.44 29.20
C GLU D 228 -5.30 35.98 28.93
N ALA D 229 -6.58 35.66 28.87
CA ALA D 229 -7.00 34.30 28.60
C ALA D 229 -6.61 33.94 27.17
N ILE D 230 -6.96 34.82 26.23
CA ILE D 230 -6.66 34.65 24.82
C ILE D 230 -5.15 34.72 24.58
N GLN D 231 -4.49 35.69 25.17
CA GLN D 231 -3.05 35.83 24.98
C GLN D 231 -2.30 34.62 25.53
N ARG D 232 -2.78 34.08 26.65
CA ARG D 232 -2.15 32.92 27.28
C ARG D 232 -2.45 31.60 26.57
N ASP D 233 -3.72 31.39 26.23
CA ASP D 233 -4.12 30.15 25.58
C ASP D 233 -3.81 30.01 24.09
N ILE D 234 -3.84 31.11 23.34
CA ILE D 234 -3.55 31.01 21.90
C ILE D 234 -2.53 32.03 21.42
N GLY D 235 -2.08 32.92 22.30
CA GLY D 235 -1.09 33.90 21.93
C GLY D 235 -1.60 35.13 21.20
N GLY D 236 -2.93 35.29 21.22
CA GLY D 236 -3.53 36.41 20.54
C GLY D 236 -4.20 35.85 19.31
N ALA D 237 -5.39 36.34 18.97
CA ALA D 237 -6.11 35.87 17.80
C ALA D 237 -5.64 36.67 16.59
N HIS D 238 -5.48 35.99 15.44
CA HIS D 238 -5.04 36.63 14.21
C HIS D 238 -6.07 37.67 13.79
N GLY D 239 -7.33 37.35 14.04
CA GLY D 239 -8.41 38.27 13.72
C GLY D 239 -9.37 38.37 14.88
N VAL D 240 -10.00 39.53 15.01
CA VAL D 240 -10.98 39.74 16.08
C VAL D 240 -12.18 40.44 15.46
N LEU D 241 -13.38 39.89 15.68
CA LEU D 241 -14.61 40.46 15.15
C LEU D 241 -15.43 40.98 16.33
N VAL D 242 -15.60 42.30 16.41
CA VAL D 242 -16.33 42.90 17.53
C VAL D 242 -17.82 43.15 17.26
N THR D 243 -18.64 42.30 17.83
CA THR D 243 -20.10 42.36 17.71
C THR D 243 -20.70 43.11 18.89
N ALA D 244 -20.09 42.95 20.07
CA ALA D 244 -20.56 43.61 21.28
C ALA D 244 -20.88 45.08 21.09
N VAL D 245 -21.89 45.55 21.82
CA VAL D 245 -22.31 46.94 21.76
C VAL D 245 -21.77 47.66 23.00
N SER D 246 -21.05 46.91 23.83
CA SER D 246 -20.44 47.39 25.07
C SER D 246 -19.38 48.49 24.90
N ASN D 247 -18.84 48.96 26.02
CA ASN D 247 -17.82 49.99 26.04
C ASN D 247 -16.45 49.37 26.26
N SER D 248 -16.42 48.40 27.17
CA SER D 248 -15.18 47.72 27.51
C SER D 248 -14.81 46.65 26.47
N ALA D 249 -15.80 46.12 25.76
CA ALA D 249 -15.54 45.08 24.76
C ALA D 249 -14.50 45.50 23.73
N PHE D 250 -14.61 46.73 23.24
CA PHE D 250 -13.68 47.26 22.25
C PHE D 250 -12.21 47.24 22.72
N GLY D 251 -11.96 47.75 23.93
CA GLY D 251 -10.61 47.76 24.46
C GLY D 251 -10.06 46.36 24.65
N GLN D 252 -10.93 45.43 25.03
CA GLN D 252 -10.49 44.05 25.24
C GLN D 252 -10.21 43.38 23.90
N ALA D 253 -10.92 43.81 22.85
CA ALA D 253 -10.71 43.25 21.51
C ALA D 253 -9.30 43.60 21.07
N ILE D 254 -8.90 44.85 21.27
CA ILE D 254 -7.55 45.31 20.92
C ILE D 254 -6.53 44.44 21.69
N GLY D 255 -6.79 44.21 22.98
CA GLY D 255 -5.89 43.43 23.79
C GLY D 255 -5.83 41.95 23.47
N MET D 256 -6.89 41.42 22.86
CA MET D 256 -6.95 40.00 22.50
C MET D 256 -6.28 39.70 21.17
N ALA D 257 -5.95 40.74 20.43
CA ALA D 257 -5.34 40.59 19.13
C ALA D 257 -3.86 40.20 19.17
N ARG D 258 -3.49 39.33 18.24
CA ARG D 258 -2.11 38.87 18.08
C ARG D 258 -1.34 40.01 17.40
N ARG D 259 -0.02 39.99 17.50
CA ARG D 259 0.76 41.02 16.84
C ARG D 259 0.51 40.94 15.34
N GLY D 260 0.27 42.10 14.71
CA GLY D 260 0.00 42.13 13.28
C GLY D 260 -1.41 41.67 12.94
N GLY D 261 -2.22 41.44 13.97
CA GLY D 261 -3.58 40.99 13.75
C GLY D 261 -4.53 42.11 13.40
N THR D 262 -5.78 41.76 13.06
CA THR D 262 -6.77 42.75 12.68
C THR D 262 -8.08 42.65 13.47
N ILE D 263 -8.51 43.79 14.01
CA ILE D 263 -9.75 43.86 14.77
C ILE D 263 -10.78 44.48 13.82
N ALA D 264 -11.76 43.67 13.42
CA ALA D 264 -12.81 44.12 12.52
C ALA D 264 -14.02 44.57 13.34
N LEU D 265 -14.39 45.84 13.20
CA LEU D 265 -15.52 46.40 13.92
C LEU D 265 -16.80 46.35 13.09
N VAL D 266 -17.82 45.75 13.67
CA VAL D 266 -19.10 45.61 13.01
C VAL D 266 -20.19 46.22 13.93
N GLY D 267 -19.98 46.14 15.25
CA GLY D 267 -20.93 46.72 16.19
C GLY D 267 -20.98 48.23 16.02
N LEU D 268 -22.13 48.85 16.29
CA LEU D 268 -22.29 50.29 16.12
C LEU D 268 -22.56 51.13 17.37
N PRO D 269 -21.74 50.96 18.42
CA PRO D 269 -21.97 51.74 19.63
C PRO D 269 -21.63 53.20 19.34
N PRO D 270 -22.23 54.14 20.09
CA PRO D 270 -21.95 55.56 19.86
C PRO D 270 -20.77 56.13 20.65
N GLY D 271 -20.21 57.23 20.14
CA GLY D 271 -19.09 57.88 20.80
C GLY D 271 -17.70 57.40 20.41
N ASP D 272 -16.69 58.17 20.82
CA ASP D 272 -15.30 57.84 20.57
C ASP D 272 -14.80 56.85 21.63
N PHE D 273 -13.94 55.92 21.22
CA PHE D 273 -13.39 54.93 22.14
C PHE D 273 -11.88 55.09 22.26
N PRO D 274 -11.37 55.33 23.48
CA PRO D 274 -9.93 55.50 23.68
C PRO D 274 -9.16 54.22 23.28
N THR D 275 -8.13 54.38 22.46
CA THR D 275 -7.36 53.24 21.96
C THR D 275 -5.86 53.42 22.25
N PRO D 276 -5.21 52.38 22.81
CA PRO D 276 -3.79 52.38 23.17
C PRO D 276 -2.86 52.67 22.00
N ILE D 277 -2.28 53.86 21.96
CA ILE D 277 -1.37 54.21 20.88
C ILE D 277 -0.16 53.25 20.83
N PHE D 278 0.49 53.07 21.97
CA PHE D 278 1.68 52.22 22.07
C PHE D 278 1.43 50.78 21.57
N ASP D 279 0.32 50.19 22.01
CA ASP D 279 -0.05 48.84 21.61
C ASP D 279 -0.37 48.69 20.13
N VAL D 280 -1.15 49.61 19.59
CA VAL D 280 -1.53 49.53 18.19
C VAL D 280 -0.33 49.73 17.27
N VAL D 281 0.51 50.71 17.58
CA VAL D 281 1.67 50.96 16.75
C VAL D 281 2.72 49.85 16.88
N LEU D 282 3.25 49.65 18.09
CA LEU D 282 4.28 48.62 18.28
C LEU D 282 3.88 47.19 17.97
N LYS D 283 2.59 46.87 18.08
CA LYS D 283 2.12 45.52 17.77
C LYS D 283 1.59 45.44 16.33
N GLY D 284 1.67 46.56 15.62
CA GLY D 284 1.22 46.62 14.24
C GLY D 284 -0.21 46.10 14.06
N LEU D 285 -1.11 46.56 14.92
CA LEU D 285 -2.51 46.15 14.86
C LEU D 285 -3.28 46.93 13.78
N HIS D 286 -4.29 46.29 13.21
CA HIS D 286 -5.13 46.93 12.21
C HIS D 286 -6.55 46.93 12.71
N ILE D 287 -7.22 48.07 12.54
CA ILE D 287 -8.61 48.20 12.93
C ILE D 287 -9.37 48.45 11.63
N ALA D 288 -10.34 47.59 11.34
CA ALA D 288 -11.12 47.72 10.11
C ALA D 288 -12.61 47.89 10.36
N GLY D 289 -13.18 48.97 9.84
CA GLY D 289 -14.60 49.20 9.98
C GLY D 289 -15.31 48.47 8.86
N SER D 290 -16.34 47.69 9.19
CA SER D 290 -17.04 46.91 8.17
C SER D 290 -18.57 47.07 8.20
N ILE D 291 -19.17 47.53 7.09
CA ILE D 291 -20.64 47.73 6.99
C ILE D 291 -21.31 46.69 6.11
N VAL D 292 -22.31 46.01 6.67
CA VAL D 292 -23.06 44.95 5.99
C VAL D 292 -22.20 44.28 4.93
N GLY D 293 -22.70 44.23 3.71
CA GLY D 293 -21.92 43.62 2.65
C GLY D 293 -22.28 44.16 1.30
N THR D 294 -21.52 43.73 0.31
CA THR D 294 -21.72 44.14 -1.06
C THR D 294 -22.69 43.09 -1.67
N ARG D 295 -23.22 43.32 -2.86
CA ARG D 295 -24.13 42.31 -3.45
C ARG D 295 -23.39 40.99 -3.63
N ALA D 296 -22.09 41.07 -3.94
CA ALA D 296 -21.26 39.90 -4.10
C ALA D 296 -21.10 39.22 -2.72
N ASP D 297 -20.85 40.01 -1.68
CA ASP D 297 -20.71 39.48 -0.32
C ASP D 297 -22.00 38.79 0.09
N LEU D 298 -23.14 39.43 -0.21
CA LEU D 298 -24.46 38.89 0.13
C LEU D 298 -24.71 37.54 -0.54
N GLN D 299 -24.43 37.47 -1.84
CA GLN D 299 -24.61 36.22 -2.56
C GLN D 299 -23.70 35.13 -2.02
N GLU D 300 -22.46 35.49 -1.69
CA GLU D 300 -21.50 34.55 -1.11
C GLU D 300 -21.97 34.07 0.25
N ALA D 301 -22.48 34.99 1.07
CA ALA D 301 -22.98 34.65 2.41
C ALA D 301 -24.21 33.75 2.28
N LEU D 302 -25.05 34.02 1.28
CA LEU D 302 -26.24 33.21 1.06
C LEU D 302 -25.85 31.79 0.64
N ASP D 303 -24.78 31.66 -0.15
CA ASP D 303 -24.29 30.35 -0.61
C ASP D 303 -23.90 29.42 0.55
N PHE D 304 -23.32 29.99 1.61
CA PHE D 304 -22.93 29.19 2.76
C PHE D 304 -24.16 28.62 3.44
N ALA D 305 -25.25 29.39 3.46
CA ALA D 305 -26.49 28.94 4.07
C ALA D 305 -27.04 27.82 3.19
N GLY D 306 -27.01 28.05 1.88
CA GLY D 306 -27.48 27.06 0.92
C GLY D 306 -26.74 25.74 1.04
N GLU D 307 -25.44 25.81 1.34
CA GLU D 307 -24.61 24.61 1.50
C GLU D 307 -24.87 23.96 2.86
N GLY D 308 -25.63 24.64 3.71
CA GLY D 308 -25.93 24.13 5.05
C GLY D 308 -24.79 24.28 6.03
N LEU D 309 -23.82 25.15 5.71
CA LEU D 309 -22.67 25.37 6.58
C LEU D 309 -22.99 26.41 7.66
N VAL D 310 -24.08 27.13 7.46
CA VAL D 310 -24.50 28.15 8.40
C VAL D 310 -26.01 28.07 8.61
N LYS D 311 -26.41 27.89 9.87
CA LYS D 311 -27.81 27.81 10.25
C LYS D 311 -28.05 28.81 11.37
N ALA D 312 -28.82 29.85 11.10
CA ALA D 312 -29.11 30.85 12.14
C ALA D 312 -30.04 30.23 13.17
N THR D 313 -29.88 30.64 14.43
CA THR D 313 -30.74 30.12 15.49
C THR D 313 -31.90 31.09 15.63
N ILE D 314 -32.96 30.85 14.85
CA ILE D 314 -34.13 31.74 14.86
C ILE D 314 -35.28 31.34 15.77
N HIS D 315 -35.97 32.36 16.27
CA HIS D 315 -37.14 32.20 17.13
C HIS D 315 -38.25 33.03 16.50
N PRO D 316 -39.39 32.39 16.18
CA PRO D 316 -40.55 33.05 15.56
C PRO D 316 -41.15 34.20 16.34
N GLY D 317 -41.80 35.12 15.63
CA GLY D 317 -42.43 36.27 16.26
C GLY D 317 -43.53 36.84 15.40
N LYS D 318 -44.53 37.45 16.03
CA LYS D 318 -45.65 38.05 15.29
C LYS D 318 -45.40 39.55 15.15
N LEU D 319 -45.85 40.12 14.04
CA LEU D 319 -45.66 41.54 13.76
C LEU D 319 -46.16 42.52 14.83
N ASP D 320 -47.31 42.24 15.43
CA ASP D 320 -47.86 43.13 16.46
C ASP D 320 -47.11 43.07 17.80
N ASP D 321 -46.52 41.92 18.10
CA ASP D 321 -45.75 41.76 19.34
C ASP D 321 -44.37 42.39 19.19
N ILE D 322 -44.19 43.13 18.11
CA ILE D 322 -42.91 43.77 17.80
C ILE D 322 -42.31 44.60 18.92
N ASN D 323 -43.12 45.42 19.57
CA ASN D 323 -42.63 46.27 20.67
C ASN D 323 -42.07 45.44 21.81
N GLN D 324 -42.73 44.33 22.11
CA GLN D 324 -42.28 43.44 23.17
C GLN D 324 -40.92 42.86 22.76
N ILE D 325 -40.82 42.49 21.48
CA ILE D 325 -39.62 41.92 20.89
C ILE D 325 -38.44 42.90 21.01
N LEU D 326 -38.68 44.15 20.62
CA LEU D 326 -37.64 45.18 20.68
C LEU D 326 -37.14 45.40 22.12
N ASP D 327 -38.08 45.51 23.06
CA ASP D 327 -37.73 45.71 24.47
C ASP D 327 -36.95 44.52 24.98
N GLN D 328 -37.16 43.37 24.35
CA GLN D 328 -36.48 42.14 24.72
C GLN D 328 -35.04 42.19 24.25
N MET D 329 -34.80 42.86 23.13
CA MET D 329 -33.45 42.97 22.58
C MET D 329 -32.64 44.08 23.27
N ARG D 330 -33.34 45.14 23.70
CA ARG D 330 -32.68 46.24 24.39
C ARG D 330 -32.22 45.72 25.76
N ALA D 331 -32.93 44.70 26.26
CA ALA D 331 -32.62 44.09 27.54
C ALA D 331 -31.68 42.90 27.34
N GLY D 332 -31.40 42.56 26.09
CA GLY D 332 -30.51 41.45 25.77
C GLY D 332 -31.04 40.10 26.19
N GLN D 333 -32.36 39.93 26.11
CA GLN D 333 -33.00 38.69 26.50
C GLN D 333 -33.32 37.79 25.32
N ILE D 334 -32.67 38.04 24.18
CA ILE D 334 -32.91 37.23 22.99
C ILE D 334 -31.80 36.19 22.77
N GLU D 335 -32.20 34.95 22.55
CA GLU D 335 -31.25 33.87 22.33
C GLU D 335 -31.25 33.55 20.83
N GLY D 336 -30.38 34.22 20.09
CA GLY D 336 -30.31 34.00 18.66
C GLY D 336 -30.88 35.16 17.86
N ARG D 337 -31.69 34.84 16.86
CA ARG D 337 -32.30 35.84 15.98
C ARG D 337 -33.81 35.68 15.94
N ILE D 338 -34.53 36.79 16.10
CA ILE D 338 -35.99 36.73 16.06
C ILE D 338 -36.47 37.09 14.66
N VAL D 339 -37.09 36.11 14.00
CA VAL D 339 -37.62 36.30 12.65
C VAL D 339 -39.14 36.35 12.69
N LEU D 340 -39.72 37.43 12.17
CA LEU D 340 -41.16 37.61 12.15
C LEU D 340 -41.85 36.76 11.08
N GLU D 341 -42.89 36.04 11.49
CA GLU D 341 -43.66 35.18 10.60
C GLU D 341 -44.79 36.00 9.98
N MET D 342 -45.13 35.71 8.73
CA MET D 342 -46.19 36.42 8.03
C MET D 342 -46.74 35.59 6.88
N THR E 2 -21.49 -12.27 -32.65
CA THR E 2 -22.78 -12.93 -32.28
C THR E 2 -22.70 -14.40 -32.62
N LEU E 3 -21.48 -14.92 -32.69
CA LEU E 3 -21.20 -16.32 -33.02
C LEU E 3 -21.40 -16.59 -34.51
N PRO E 4 -20.28 -16.64 -35.25
CA PRO E 4 -20.10 -16.87 -36.70
C PRO E 4 -20.99 -17.91 -37.37
N GLN E 5 -21.37 -18.96 -36.65
CA GLN E 5 -22.18 -20.02 -37.24
C GLN E 5 -21.30 -20.93 -38.10
N THR E 6 -20.13 -20.41 -38.48
CA THR E 6 -19.14 -21.12 -39.27
C THR E 6 -17.75 -20.67 -38.78
N MET E 7 -16.76 -21.56 -38.87
CA MET E 7 -15.39 -21.23 -38.44
C MET E 7 -14.34 -22.02 -39.22
N LYS E 8 -13.09 -21.55 -39.15
CA LYS E 8 -12.00 -22.25 -39.80
C LYS E 8 -11.39 -23.22 -38.77
N ALA E 9 -10.96 -24.37 -39.24
CA ALA E 9 -10.38 -25.39 -38.38
C ALA E 9 -9.41 -26.24 -39.19
N ALA E 10 -8.40 -26.79 -38.54
CA ALA E 10 -7.44 -27.65 -39.22
C ALA E 10 -7.90 -29.08 -38.95
N VAL E 11 -8.19 -29.82 -40.03
CA VAL E 11 -8.69 -31.18 -39.92
C VAL E 11 -7.74 -32.28 -40.43
N VAL E 12 -7.74 -33.41 -39.72
CA VAL E 12 -6.95 -34.56 -40.12
C VAL E 12 -7.95 -35.52 -40.78
N HIS E 13 -7.77 -35.79 -42.08
CA HIS E 13 -8.68 -36.69 -42.79
C HIS E 13 -8.06 -38.06 -43.04
N ALA E 14 -6.74 -38.12 -43.10
CA ALA E 14 -6.01 -39.37 -43.31
C ALA E 14 -4.66 -39.32 -42.58
N TYR E 15 -4.28 -40.44 -41.97
CA TYR E 15 -3.03 -40.56 -41.23
C TYR E 15 -1.82 -40.37 -42.14
N GLY E 16 -0.92 -39.49 -41.73
CA GLY E 16 0.26 -39.24 -42.53
C GLY E 16 0.02 -38.15 -43.55
N ALA E 17 -1.24 -37.89 -43.88
CA ALA E 17 -1.59 -36.88 -44.86
C ALA E 17 -1.64 -35.47 -44.26
N PRO E 18 -1.32 -34.44 -45.06
CA PRO E 18 -1.34 -33.06 -44.57
C PRO E 18 -2.74 -32.66 -44.07
N LEU E 19 -2.80 -31.80 -43.06
CA LEU E 19 -4.09 -31.37 -42.55
C LEU E 19 -4.69 -30.36 -43.53
N ARG E 20 -6.01 -30.27 -43.53
CA ARG E 20 -6.70 -29.35 -44.41
C ARG E 20 -7.46 -28.31 -43.63
N ILE E 21 -7.15 -27.04 -43.89
CA ILE E 21 -7.84 -25.95 -43.22
C ILE E 21 -9.17 -25.82 -43.96
N GLU E 22 -10.27 -26.01 -43.24
CA GLU E 22 -11.56 -25.89 -43.88
C GLU E 22 -12.62 -25.28 -42.99
N GLU E 23 -13.73 -24.88 -43.60
CA GLU E 23 -14.83 -24.28 -42.87
C GLU E 23 -15.75 -25.34 -42.31
N VAL E 24 -16.01 -25.25 -41.01
CA VAL E 24 -16.89 -26.20 -40.34
C VAL E 24 -17.89 -25.40 -39.52
N LYS E 25 -18.99 -26.04 -39.15
CA LYS E 25 -20.02 -25.38 -38.37
C LYS E 25 -19.57 -25.18 -36.93
N VAL E 26 -19.86 -23.99 -36.39
CA VAL E 26 -19.52 -23.67 -35.01
C VAL E 26 -20.55 -24.41 -34.16
N PRO E 27 -20.10 -25.26 -33.22
CA PRO E 27 -21.01 -26.03 -32.37
C PRO E 27 -21.78 -25.14 -31.39
N LEU E 28 -22.90 -25.64 -30.90
CA LEU E 28 -23.69 -24.89 -29.93
C LEU E 28 -23.68 -25.66 -28.63
N PRO E 29 -23.40 -24.97 -27.51
CA PRO E 29 -23.36 -25.61 -26.20
C PRO E 29 -24.67 -26.30 -25.83
N GLY E 30 -24.62 -27.63 -25.68
CA GLY E 30 -25.79 -28.38 -25.27
C GLY E 30 -25.94 -28.20 -23.77
N PRO E 31 -26.90 -28.90 -23.13
CA PRO E 31 -27.09 -28.77 -21.69
C PRO E 31 -25.85 -28.51 -20.84
N GLY E 32 -25.03 -29.51 -20.59
CA GLY E 32 -23.85 -29.28 -19.76
C GLY E 32 -22.56 -28.91 -20.47
N GLN E 33 -22.65 -28.02 -21.45
CA GLN E 33 -21.47 -27.63 -22.21
C GLN E 33 -21.31 -26.13 -22.33
N VAL E 34 -20.15 -25.73 -22.81
CA VAL E 34 -19.84 -24.33 -23.05
C VAL E 34 -19.09 -24.26 -24.37
N LEU E 35 -19.11 -23.10 -25.00
CA LEU E 35 -18.42 -22.90 -26.25
C LEU E 35 -17.30 -21.94 -25.88
N VAL E 36 -16.08 -22.30 -26.22
CA VAL E 36 -14.93 -21.47 -25.92
C VAL E 36 -14.42 -20.88 -27.21
N LYS E 37 -14.14 -19.59 -27.20
CA LYS E 37 -13.61 -18.94 -28.39
C LYS E 37 -12.08 -18.98 -28.23
N ILE E 38 -11.43 -19.80 -29.05
CA ILE E 38 -9.99 -19.97 -28.98
C ILE E 38 -9.23 -18.69 -29.30
N GLU E 39 -8.33 -18.32 -28.40
CA GLU E 39 -7.54 -17.11 -28.57
C GLU E 39 -6.09 -17.51 -28.85
N ALA E 40 -5.66 -18.61 -28.24
CA ALA E 40 -4.33 -19.18 -28.41
C ALA E 40 -4.45 -20.70 -28.33
N SER E 41 -3.59 -21.41 -29.06
CA SER E 41 -3.66 -22.86 -29.08
C SER E 41 -2.25 -23.46 -29.23
N GLY E 42 -1.83 -24.21 -28.21
CA GLY E 42 -0.50 -24.81 -28.25
C GLY E 42 -0.39 -26.06 -29.09
N VAL E 43 0.76 -26.22 -29.75
CA VAL E 43 1.00 -27.39 -30.58
C VAL E 43 1.80 -28.42 -29.76
N CYS E 44 1.17 -29.55 -29.46
CA CYS E 44 1.78 -30.62 -28.68
C CYS E 44 2.18 -31.81 -29.59
N HIS E 45 3.28 -32.49 -29.26
CA HIS E 45 3.75 -33.59 -30.08
C HIS E 45 2.72 -34.69 -30.14
N THR E 46 1.82 -34.73 -29.16
CA THR E 46 0.76 -35.73 -29.14
C THR E 46 -0.08 -35.54 -30.41
N ASP E 47 -0.16 -34.30 -30.88
CA ASP E 47 -0.94 -33.97 -32.08
C ASP E 47 -0.31 -34.67 -33.30
N LEU E 48 1.01 -34.83 -33.28
CA LEU E 48 1.74 -35.52 -34.35
C LEU E 48 1.40 -37.00 -34.30
N HIS E 49 1.49 -37.60 -33.11
CA HIS E 49 1.19 -39.02 -32.92
C HIS E 49 -0.25 -39.31 -33.35
N ALA E 50 -1.15 -38.36 -33.12
CA ALA E 50 -2.56 -38.51 -33.48
C ALA E 50 -2.74 -38.40 -34.99
N ALA E 51 -2.10 -37.41 -35.61
CA ALA E 51 -2.23 -37.20 -37.05
C ALA E 51 -1.56 -38.32 -37.85
N GLU E 52 -0.56 -38.94 -37.21
CA GLU E 52 0.22 -40.00 -37.83
C GLU E 52 -0.38 -41.37 -37.53
N GLY E 53 -1.28 -41.42 -36.54
CA GLY E 53 -1.90 -42.68 -36.15
C GLY E 53 -0.91 -43.65 -35.53
N ASP E 54 0.06 -43.12 -34.76
CA ASP E 54 1.10 -43.93 -34.11
C ASP E 54 0.64 -44.86 -32.99
N TRP E 55 -0.41 -44.48 -32.28
CA TRP E 55 -0.84 -45.27 -31.13
C TRP E 55 -1.77 -46.46 -31.35
N PRO E 56 -1.83 -47.37 -30.37
CA PRO E 56 -2.68 -48.56 -30.43
C PRO E 56 -4.14 -48.17 -30.65
N VAL E 57 -4.58 -47.14 -29.92
CA VAL E 57 -5.93 -46.63 -30.03
C VAL E 57 -5.77 -45.33 -30.80
N LYS E 58 -6.29 -45.33 -32.02
CA LYS E 58 -6.17 -44.19 -32.92
C LYS E 58 -7.36 -43.25 -32.87
N PRO E 59 -7.14 -41.98 -33.24
CA PRO E 59 -8.21 -40.98 -33.23
C PRO E 59 -9.15 -41.16 -34.43
N PRO E 60 -10.45 -41.37 -34.18
CA PRO E 60 -11.35 -41.54 -35.32
C PRO E 60 -11.28 -40.36 -36.30
N LEU E 61 -11.24 -40.68 -37.58
CA LEU E 61 -11.13 -39.67 -38.65
C LEU E 61 -12.48 -39.31 -39.28
N PRO E 62 -12.67 -38.03 -39.64
CA PRO E 62 -11.67 -36.95 -39.45
C PRO E 62 -11.82 -36.31 -38.07
N PHE E 63 -10.87 -35.46 -37.69
CA PHE E 63 -10.94 -34.80 -36.40
C PHE E 63 -10.06 -33.57 -36.37
N ILE E 64 -10.33 -32.68 -35.41
CA ILE E 64 -9.57 -31.45 -35.23
C ILE E 64 -8.72 -31.65 -33.98
N PRO E 65 -7.39 -31.62 -34.14
CA PRO E 65 -6.53 -31.80 -32.96
C PRO E 65 -6.42 -30.55 -32.08
N GLY E 66 -5.65 -30.65 -31.01
CA GLY E 66 -5.46 -29.50 -30.12
C GLY E 66 -6.04 -29.57 -28.72
N HIS E 67 -5.19 -29.81 -27.73
CA HIS E 67 -5.64 -29.90 -26.33
C HIS E 67 -4.87 -28.92 -25.43
N GLU E 68 -4.44 -27.82 -26.04
CA GLU E 68 -3.76 -26.74 -25.34
C GLU E 68 -4.46 -25.45 -25.81
N GLY E 69 -5.74 -25.61 -26.14
CA GLY E 69 -6.56 -24.50 -26.60
C GLY E 69 -6.99 -23.62 -25.43
N VAL E 70 -6.79 -22.33 -25.59
CA VAL E 70 -7.11 -21.38 -24.53
C VAL E 70 -7.92 -20.18 -25.08
N GLY E 71 -8.90 -19.72 -24.30
CA GLY E 71 -9.72 -18.59 -24.75
C GLY E 71 -10.82 -18.15 -23.80
N TYR E 72 -11.85 -17.51 -24.35
CA TYR E 72 -12.99 -17.02 -23.54
C TYR E 72 -14.22 -17.89 -23.69
N VAL E 73 -14.99 -18.05 -22.61
CA VAL E 73 -16.22 -18.80 -22.68
C VAL E 73 -17.13 -17.87 -23.50
N ALA E 74 -17.60 -18.37 -24.64
CA ALA E 74 -18.42 -17.59 -25.57
C ALA E 74 -19.91 -17.79 -25.46
N ALA E 75 -20.31 -18.97 -24.97
CA ALA E 75 -21.72 -19.31 -24.82
C ALA E 75 -21.81 -20.44 -23.83
N VAL E 76 -22.86 -20.41 -23.01
CA VAL E 76 -23.02 -21.43 -21.98
C VAL E 76 -24.30 -22.23 -22.16
N GLY E 77 -24.18 -23.54 -22.05
CA GLY E 77 -25.36 -24.39 -22.17
C GLY E 77 -26.09 -24.37 -20.84
N SER E 78 -27.29 -24.92 -20.80
CA SER E 78 -28.10 -24.93 -19.58
C SER E 78 -27.59 -25.85 -18.47
N GLY E 79 -27.63 -25.37 -17.24
CA GLY E 79 -27.19 -26.19 -16.12
C GLY E 79 -25.70 -26.05 -15.83
N VAL E 80 -25.03 -25.19 -16.59
CA VAL E 80 -23.61 -24.98 -16.38
C VAL E 80 -23.43 -24.00 -15.23
N THR E 81 -22.58 -24.36 -14.28
CA THR E 81 -22.36 -23.53 -13.12
C THR E 81 -20.91 -23.15 -12.79
N ARG E 82 -19.95 -24.01 -13.14
CA ARG E 82 -18.54 -23.76 -12.85
C ARG E 82 -17.94 -22.50 -13.49
N VAL E 83 -18.39 -22.17 -14.70
CA VAL E 83 -17.87 -20.98 -15.39
C VAL E 83 -19.03 -20.20 -15.99
N LYS E 84 -18.74 -18.99 -16.46
CA LYS E 84 -19.75 -18.14 -17.09
C LYS E 84 -19.14 -17.40 -18.28
N GLU E 85 -19.99 -16.89 -19.14
CA GLU E 85 -19.53 -16.17 -20.33
C GLU E 85 -18.44 -15.15 -20.01
N GLY E 86 -17.41 -15.10 -20.85
CA GLY E 86 -16.32 -14.16 -20.64
C GLY E 86 -15.16 -14.70 -19.82
N ASP E 87 -15.35 -15.83 -19.14
CA ASP E 87 -14.26 -16.39 -18.33
C ASP E 87 -13.10 -16.86 -19.22
N ARG E 88 -11.87 -16.64 -18.77
CA ARG E 88 -10.69 -17.08 -19.51
C ARG E 88 -10.47 -18.52 -19.06
N VAL E 89 -10.58 -19.43 -20.00
CA VAL E 89 -10.50 -20.84 -19.68
C VAL E 89 -9.73 -21.67 -20.75
N GLY E 90 -9.22 -22.84 -20.36
CA GLY E 90 -8.50 -23.69 -21.31
C GLY E 90 -9.05 -25.10 -21.38
N ILE E 91 -8.98 -25.74 -22.55
CA ILE E 91 -9.49 -27.11 -22.69
C ILE E 91 -8.29 -28.07 -22.86
N PRO E 92 -7.96 -28.85 -21.82
CA PRO E 92 -6.83 -29.79 -21.88
C PRO E 92 -7.12 -31.19 -22.45
N TRP E 93 -6.14 -32.07 -22.38
CA TRP E 93 -6.28 -33.42 -22.88
C TRP E 93 -7.44 -34.14 -22.20
N LEU E 94 -7.56 -34.03 -20.88
CA LEU E 94 -8.67 -34.67 -20.18
C LEU E 94 -9.91 -33.79 -20.32
N TYR E 95 -10.70 -34.10 -21.35
CA TYR E 95 -11.92 -33.38 -21.70
C TYR E 95 -13.04 -33.54 -20.69
N THR E 96 -13.25 -34.78 -20.25
CA THR E 96 -14.29 -35.10 -19.30
C THR E 96 -13.94 -36.44 -18.65
N ALA E 97 -14.69 -36.81 -17.62
CA ALA E 97 -14.50 -38.07 -16.89
C ALA E 97 -15.86 -38.35 -16.23
N CYS E 98 -16.12 -39.60 -15.84
CA CYS E 98 -17.42 -39.93 -15.26
C CYS E 98 -17.70 -39.33 -13.88
N GLY E 99 -16.66 -39.13 -13.08
CA GLY E 99 -16.85 -38.54 -11.77
C GLY E 99 -17.27 -39.45 -10.63
N CYS E 100 -17.49 -40.74 -10.91
CA CYS E 100 -17.91 -41.63 -9.83
C CYS E 100 -17.32 -43.04 -9.83
N CYS E 101 -16.21 -43.24 -10.50
CA CYS E 101 -15.57 -44.54 -10.52
C CYS E 101 -14.41 -44.51 -9.51
N GLU E 102 -13.77 -45.67 -9.30
CA GLU E 102 -12.64 -45.80 -8.38
C GLU E 102 -11.66 -44.65 -8.48
N HIS E 103 -11.21 -44.40 -9.72
CA HIS E 103 -10.23 -43.38 -10.03
C HIS E 103 -10.70 -41.96 -9.81
N CYS E 104 -11.89 -41.66 -10.33
CA CYS E 104 -12.46 -40.33 -10.19
C CYS E 104 -12.68 -39.95 -8.73
N LEU E 105 -13.11 -40.91 -7.92
CA LEU E 105 -13.39 -40.66 -6.51
C LEU E 105 -12.15 -40.60 -5.61
N THR E 106 -11.01 -41.06 -6.12
CA THR E 106 -9.78 -41.04 -5.34
C THR E 106 -8.74 -40.03 -5.81
N GLY E 107 -9.16 -39.02 -6.56
CA GLY E 107 -8.23 -38.01 -7.04
C GLY E 107 -7.40 -38.40 -8.25
N TRP E 108 -7.86 -39.43 -8.98
CA TRP E 108 -7.19 -39.93 -10.19
C TRP E 108 -8.12 -39.98 -11.41
N GLU E 109 -8.92 -38.92 -11.64
CA GLU E 109 -9.85 -38.91 -12.78
C GLU E 109 -9.09 -39.12 -14.09
N THR E 110 -7.79 -38.90 -13.99
CA THR E 110 -6.84 -39.04 -15.08
C THR E 110 -6.82 -40.48 -15.65
N LEU E 111 -7.14 -41.45 -14.79
CA LEU E 111 -7.16 -42.86 -15.16
C LEU E 111 -8.56 -43.37 -15.47
N CYS E 112 -9.53 -42.45 -15.53
CA CYS E 112 -10.92 -42.80 -15.82
C CYS E 112 -11.10 -43.46 -17.19
N GLU E 113 -11.78 -44.60 -17.21
CA GLU E 113 -12.01 -45.32 -18.45
C GLU E 113 -13.11 -44.71 -19.32
N SER E 114 -13.90 -43.82 -18.73
CA SER E 114 -14.99 -43.16 -19.44
C SER E 114 -14.64 -41.74 -19.87
N GLN E 115 -13.36 -41.42 -19.90
CA GLN E 115 -12.94 -40.09 -20.29
C GLN E 115 -12.95 -39.91 -21.80
N GLN E 116 -12.89 -38.64 -22.22
CA GLN E 116 -12.81 -38.30 -23.63
C GLN E 116 -11.55 -37.45 -23.68
N ASN E 117 -10.93 -37.39 -24.86
CA ASN E 117 -9.71 -36.61 -25.01
C ASN E 117 -9.82 -35.56 -26.08
N THR E 118 -9.61 -34.31 -25.67
CA THR E 118 -9.67 -33.17 -26.56
C THR E 118 -8.64 -33.29 -27.67
N GLY E 119 -9.09 -33.11 -28.92
CA GLY E 119 -8.21 -33.19 -30.06
C GLY E 119 -7.77 -34.61 -30.36
N TYR E 120 -8.60 -35.58 -29.98
CA TYR E 120 -8.31 -36.98 -30.23
C TYR E 120 -9.60 -37.79 -30.42
N SER E 121 -10.43 -37.86 -29.39
CA SER E 121 -11.70 -38.59 -29.46
C SER E 121 -12.87 -37.61 -29.58
N VAL E 122 -12.53 -36.32 -29.42
CA VAL E 122 -13.48 -35.22 -29.47
C VAL E 122 -12.67 -34.10 -30.15
N ASN E 123 -13.33 -33.21 -30.88
CA ASN E 123 -12.58 -32.13 -31.56
C ASN E 123 -11.92 -31.15 -30.60
N GLY E 124 -10.75 -30.64 -30.99
CA GLY E 124 -10.00 -29.74 -30.14
C GLY E 124 -9.77 -28.32 -30.60
N GLY E 125 -8.68 -27.73 -30.11
CA GLY E 125 -8.34 -26.35 -30.37
C GLY E 125 -7.71 -25.87 -31.65
N TYR E 126 -7.50 -26.73 -32.65
CA TYR E 126 -6.94 -26.27 -33.92
C TYR E 126 -8.14 -25.69 -34.69
N ALA E 127 -8.84 -24.75 -34.06
CA ALA E 127 -10.03 -24.13 -34.62
C ALA E 127 -10.34 -22.82 -33.90
N GLU E 128 -11.33 -22.08 -34.39
CA GLU E 128 -11.68 -20.80 -33.76
C GLU E 128 -12.56 -20.96 -32.51
N TYR E 129 -13.34 -22.04 -32.44
CA TYR E 129 -14.22 -22.33 -31.31
C TYR E 129 -14.13 -23.79 -30.96
N VAL E 130 -14.35 -24.10 -29.69
CA VAL E 130 -14.32 -25.47 -29.19
C VAL E 130 -15.42 -25.73 -28.17
N LEU E 131 -16.08 -26.87 -28.26
CA LEU E 131 -17.09 -27.22 -27.26
C LEU E 131 -16.29 -27.79 -26.09
N ALA E 132 -16.81 -27.64 -24.88
CA ALA E 132 -16.08 -28.17 -23.74
C ALA E 132 -17.00 -28.47 -22.57
N ASP E 133 -16.51 -29.32 -21.68
CA ASP E 133 -17.23 -29.67 -20.46
C ASP E 133 -16.67 -28.68 -19.44
N PRO E 134 -17.53 -27.77 -18.92
CA PRO E 134 -17.12 -26.76 -17.94
C PRO E 134 -16.39 -27.33 -16.71
N ASN E 135 -16.74 -28.55 -16.34
CA ASN E 135 -16.17 -29.21 -15.17
C ASN E 135 -14.71 -29.67 -15.26
N TYR E 136 -14.16 -29.71 -16.46
CA TYR E 136 -12.78 -30.17 -16.63
C TYR E 136 -11.87 -29.17 -17.30
N VAL E 137 -12.43 -28.02 -17.62
CA VAL E 137 -11.69 -26.95 -18.26
C VAL E 137 -10.74 -26.34 -17.22
N GLY E 138 -9.59 -25.82 -17.66
CA GLY E 138 -8.66 -25.19 -16.75
C GLY E 138 -9.00 -23.72 -16.55
N ILE E 139 -9.03 -23.25 -15.30
CA ILE E 139 -9.34 -21.84 -15.02
C ILE E 139 -8.05 -21.05 -15.00
N LEU E 140 -7.88 -20.21 -16.02
CA LEU E 140 -6.65 -19.44 -16.20
C LEU E 140 -6.39 -18.28 -15.26
N PRO E 141 -5.11 -18.09 -14.86
CA PRO E 141 -4.79 -16.98 -13.96
C PRO E 141 -4.96 -15.71 -14.79
N LYS E 142 -5.57 -14.69 -14.19
CA LYS E 142 -5.84 -13.43 -14.88
C LYS E 142 -4.64 -12.62 -15.33
N ASN E 143 -3.50 -12.80 -14.65
CA ASN E 143 -2.30 -12.03 -14.97
C ASN E 143 -1.38 -12.63 -16.04
N VAL E 144 -1.73 -13.78 -16.59
CA VAL E 144 -0.90 -14.40 -17.62
C VAL E 144 -1.64 -14.40 -18.95
N GLU E 145 -0.96 -13.99 -20.02
CA GLU E 145 -1.59 -13.95 -21.34
C GLU E 145 -1.82 -15.31 -21.99
N PHE E 146 -2.89 -15.40 -22.78
CA PHE E 146 -3.30 -16.62 -23.47
C PHE E 146 -2.17 -17.44 -24.07
N ALA E 147 -1.40 -16.84 -24.97
CA ALA E 147 -0.29 -17.52 -25.63
C ALA E 147 0.71 -18.05 -24.62
N GLU E 148 0.93 -17.32 -23.53
CA GLU E 148 1.88 -17.76 -22.52
C GLU E 148 1.38 -18.93 -21.65
N ILE E 149 0.09 -18.92 -21.27
CA ILE E 149 -0.43 -20.03 -20.45
C ILE E 149 -0.88 -21.24 -21.26
N ALA E 150 -1.02 -21.10 -22.57
CA ALA E 150 -1.47 -22.22 -23.38
C ALA E 150 -0.74 -23.54 -23.08
N PRO E 151 0.61 -23.55 -23.16
CA PRO E 151 1.41 -24.76 -22.90
C PRO E 151 1.19 -25.41 -21.53
N ILE E 152 0.74 -24.63 -20.54
CA ILE E 152 0.52 -25.20 -19.22
C ILE E 152 -0.68 -26.14 -19.27
N LEU E 153 -1.57 -25.95 -20.22
CA LEU E 153 -2.74 -26.83 -20.34
C LEU E 153 -2.36 -28.29 -20.58
N CYS E 154 -1.14 -28.54 -21.04
CA CYS E 154 -0.70 -29.91 -21.24
C CYS E 154 0.78 -30.14 -20.89
N ALA E 155 1.67 -29.43 -21.57
CA ALA E 155 3.10 -29.57 -21.31
C ALA E 155 3.39 -29.31 -19.83
N GLY E 156 2.82 -28.22 -19.30
CA GLY E 156 3.01 -27.84 -17.91
C GLY E 156 2.44 -28.81 -16.90
N VAL E 157 1.14 -29.11 -16.98
CA VAL E 157 0.50 -30.03 -16.04
C VAL E 157 1.17 -31.40 -16.03
N THR E 158 1.38 -31.93 -17.23
CA THR E 158 1.97 -33.23 -17.44
C THR E 158 3.32 -33.37 -16.75
N VAL E 159 4.22 -32.49 -17.14
CA VAL E 159 5.57 -32.42 -16.62
C VAL E 159 5.57 -32.20 -15.10
N TYR E 160 4.65 -31.34 -14.61
CA TYR E 160 4.52 -31.04 -13.19
C TYR E 160 4.07 -32.28 -12.39
N LYS E 161 3.04 -32.97 -12.87
CA LYS E 161 2.55 -34.18 -12.24
C LYS E 161 3.64 -35.27 -12.32
N GLY E 162 4.39 -35.27 -13.42
CA GLY E 162 5.44 -36.25 -13.61
C GLY E 162 6.54 -36.06 -12.59
N LEU E 163 6.92 -34.81 -12.36
CA LEU E 163 7.95 -34.50 -11.38
C LEU E 163 7.48 -34.90 -9.98
N LYS E 164 6.17 -34.81 -9.73
CA LYS E 164 5.59 -35.22 -8.45
C LYS E 164 5.62 -36.75 -8.31
N GLN E 165 5.41 -37.45 -9.42
CA GLN E 165 5.43 -38.91 -9.43
C GLN E 165 6.85 -39.44 -9.21
N THR E 166 7.80 -38.57 -9.44
CA THR E 166 9.21 -38.85 -9.29
C THR E 166 9.57 -39.00 -7.80
N ASN E 167 8.90 -38.19 -6.98
CA ASN E 167 9.09 -38.16 -5.53
C ASN E 167 10.43 -37.55 -5.11
N ALA E 168 11.06 -36.84 -6.02
CA ALA E 168 12.33 -36.18 -5.71
C ALA E 168 11.96 -34.99 -4.81
N ARG E 169 12.66 -34.85 -3.69
CA ARG E 169 12.41 -33.78 -2.73
C ARG E 169 13.44 -32.67 -2.89
N PRO E 170 13.14 -31.48 -2.35
CA PRO E 170 14.08 -30.34 -2.44
C PRO E 170 15.51 -30.76 -2.09
N GLY E 171 16.47 -30.25 -2.85
CA GLY E 171 17.86 -30.59 -2.60
C GLY E 171 18.34 -31.76 -3.44
N GLN E 172 17.40 -32.57 -3.93
CA GLN E 172 17.73 -33.73 -4.76
C GLN E 172 17.92 -33.40 -6.24
N TRP E 173 18.38 -34.38 -7.00
CA TRP E 173 18.61 -34.22 -8.44
C TRP E 173 17.54 -34.92 -9.26
N VAL E 174 17.19 -34.30 -10.39
CA VAL E 174 16.26 -34.89 -11.33
C VAL E 174 16.94 -34.76 -12.68
N ALA E 175 16.95 -35.86 -13.44
CA ALA E 175 17.51 -35.86 -14.78
C ALA E 175 16.28 -35.79 -15.69
N ILE E 176 16.24 -34.77 -16.54
CA ILE E 176 15.13 -34.61 -17.47
C ILE E 176 15.63 -34.91 -18.87
N SER E 177 15.10 -35.98 -19.46
CA SER E 177 15.48 -36.40 -20.82
C SER E 177 14.46 -35.90 -21.83
N GLY E 178 14.90 -35.02 -22.72
CA GLY E 178 14.01 -34.47 -23.71
C GLY E 178 13.61 -33.09 -23.25
N ILE E 179 14.28 -32.07 -23.79
CA ILE E 179 14.00 -30.69 -23.43
C ILE E 179 13.23 -29.95 -24.53
N GLY E 180 12.03 -30.43 -24.85
CA GLY E 180 11.23 -29.78 -25.87
C GLY E 180 10.09 -28.98 -25.26
N GLY E 181 8.88 -29.17 -25.77
CA GLY E 181 7.74 -28.46 -25.24
C GLY E 181 7.54 -28.80 -23.78
N LEU E 182 7.49 -30.09 -23.48
CA LEU E 182 7.32 -30.58 -22.12
C LEU E 182 8.57 -30.35 -21.30
N GLY E 183 9.69 -30.76 -21.87
CA GLY E 183 10.98 -30.65 -21.19
C GLY E 183 11.50 -29.31 -20.75
N HIS E 184 11.37 -28.28 -21.59
CA HIS E 184 11.88 -26.96 -21.21
C HIS E 184 11.07 -26.37 -20.06
N VAL E 185 9.82 -26.77 -19.96
CA VAL E 185 8.94 -26.30 -18.91
C VAL E 185 9.16 -27.14 -17.64
N ALA E 186 9.58 -28.40 -17.82
CA ALA E 186 9.86 -29.28 -16.68
C ALA E 186 11.08 -28.76 -15.90
N VAL E 187 12.04 -28.18 -16.62
CA VAL E 187 13.24 -27.62 -16.01
C VAL E 187 12.84 -26.51 -15.02
N GLN E 188 11.82 -25.73 -15.40
CA GLN E 188 11.32 -24.64 -14.58
C GLN E 188 10.52 -25.11 -13.37
N TYR E 189 9.64 -26.09 -13.57
CA TYR E 189 8.86 -26.62 -12.46
C TYR E 189 9.82 -27.30 -11.48
N ALA E 190 10.82 -28.01 -12.02
CA ALA E 190 11.80 -28.72 -11.19
C ALA E 190 12.55 -27.75 -10.31
N ARG E 191 12.95 -26.60 -10.87
CA ARG E 191 13.67 -25.61 -10.08
C ARG E 191 12.77 -25.05 -8.99
N ALA E 192 11.52 -24.73 -9.34
CA ALA E 192 10.55 -24.19 -8.39
C ALA E 192 10.22 -25.21 -7.31
N MET E 193 10.60 -26.47 -7.53
CA MET E 193 10.34 -27.54 -6.58
C MET E 193 11.59 -27.85 -5.75
N GLY E 194 12.60 -27.00 -5.87
CA GLY E 194 13.84 -27.14 -5.13
C GLY E 194 14.80 -28.21 -5.62
N LEU E 195 14.65 -28.65 -6.86
CA LEU E 195 15.51 -29.70 -7.40
C LEU E 195 16.66 -29.17 -8.26
N HIS E 196 17.74 -29.95 -8.28
CA HIS E 196 18.92 -29.65 -9.10
C HIS E 196 18.58 -30.34 -10.42
N VAL E 197 18.80 -29.65 -11.53
CA VAL E 197 18.44 -30.22 -12.82
C VAL E 197 19.56 -30.60 -13.78
N ALA E 198 19.50 -31.83 -14.25
CA ALA E 198 20.44 -32.37 -15.23
C ALA E 198 19.55 -32.55 -16.48
N ALA E 199 19.85 -31.83 -17.54
CA ALA E 199 19.06 -31.90 -18.77
C ALA E 199 19.76 -32.69 -19.85
N ILE E 200 19.03 -33.58 -20.51
CA ILE E 200 19.60 -34.40 -21.58
C ILE E 200 18.77 -34.25 -22.86
N ASP E 201 19.45 -33.98 -23.96
CA ASP E 201 18.79 -33.86 -25.25
C ASP E 201 19.81 -34.23 -26.35
N ILE E 202 19.46 -33.97 -27.60
CA ILE E 202 20.33 -34.32 -28.72
C ILE E 202 20.74 -33.13 -29.57
N ASP E 203 20.53 -31.92 -29.06
CA ASP E 203 20.85 -30.69 -29.77
C ASP E 203 21.37 -29.67 -28.77
N ASP E 204 22.54 -29.09 -29.07
CA ASP E 204 23.15 -28.09 -28.18
C ASP E 204 22.28 -26.87 -27.92
N ALA E 205 21.49 -26.45 -28.92
CA ALA E 205 20.62 -25.29 -28.75
C ALA E 205 19.55 -25.58 -27.70
N LYS E 206 19.10 -26.83 -27.66
CA LYS E 206 18.08 -27.26 -26.71
C LYS E 206 18.69 -27.40 -25.31
N LEU E 207 19.97 -27.74 -25.22
CA LEU E 207 20.64 -27.84 -23.93
C LEU E 207 20.94 -26.43 -23.41
N GLU E 208 21.19 -25.50 -24.32
CA GLU E 208 21.46 -24.13 -23.93
C GLU E 208 20.19 -23.50 -23.39
N LEU E 209 19.05 -23.90 -23.93
CA LEU E 209 17.77 -23.39 -23.46
C LEU E 209 17.57 -23.92 -22.04
N ALA E 210 17.91 -25.19 -21.83
CA ALA E 210 17.78 -25.81 -20.53
C ALA E 210 18.67 -25.08 -19.51
N ARG E 211 19.90 -24.79 -19.90
CA ARG E 211 20.83 -24.08 -19.04
C ARG E 211 20.24 -22.73 -18.63
N LYS E 212 19.76 -21.97 -19.62
CA LYS E 212 19.14 -20.68 -19.39
C LYS E 212 17.96 -20.79 -18.42
N LEU E 213 17.26 -21.92 -18.45
CA LEU E 213 16.10 -22.13 -17.60
C LEU E 213 16.40 -22.74 -16.23
N GLY E 214 17.68 -22.93 -15.91
CA GLY E 214 18.04 -23.47 -14.61
C GLY E 214 18.78 -24.79 -14.51
N ALA E 215 19.04 -25.47 -15.62
CA ALA E 215 19.75 -26.75 -15.55
C ALA E 215 21.22 -26.54 -15.18
N SER E 216 21.70 -27.35 -14.23
CA SER E 216 23.09 -27.26 -13.78
C SER E 216 24.01 -28.15 -14.60
N LEU E 217 23.51 -29.30 -15.01
CA LEU E 217 24.29 -30.25 -15.80
C LEU E 217 23.60 -30.40 -17.16
N THR E 218 24.38 -30.33 -18.23
CA THR E 218 23.85 -30.42 -19.58
C THR E 218 24.55 -31.55 -20.35
N VAL E 219 23.76 -32.45 -20.96
CA VAL E 219 24.34 -33.57 -21.70
C VAL E 219 23.73 -33.76 -23.09
N ASN E 220 24.59 -33.82 -24.11
CA ASN E 220 24.14 -34.04 -25.48
C ASN E 220 24.35 -35.52 -25.80
N ALA E 221 23.25 -36.25 -25.90
CA ALA E 221 23.25 -37.68 -26.19
C ALA E 221 23.79 -38.09 -27.57
N ARG E 222 23.98 -37.14 -28.47
CA ARG E 222 24.51 -37.43 -29.80
C ARG E 222 26.04 -37.31 -29.78
N GLN E 223 26.58 -36.76 -28.70
CA GLN E 223 28.01 -36.59 -28.57
C GLN E 223 28.67 -37.49 -27.54
N GLU E 224 27.92 -37.88 -26.50
CA GLU E 224 28.47 -38.78 -25.49
C GLU E 224 27.39 -39.69 -24.93
N ASP E 225 27.81 -40.75 -24.25
CA ASP E 225 26.89 -41.70 -23.63
C ASP E 225 26.24 -40.95 -22.46
N PRO E 226 24.93 -40.65 -22.56
CA PRO E 226 24.16 -39.94 -21.54
C PRO E 226 24.16 -40.64 -20.19
N VAL E 227 24.05 -41.97 -20.21
CA VAL E 227 24.03 -42.77 -19.00
C VAL E 227 25.33 -42.63 -18.20
N GLU E 228 26.47 -42.94 -18.80
CA GLU E 228 27.70 -42.82 -18.02
C GLU E 228 28.02 -41.37 -17.68
N ALA E 229 27.42 -40.44 -18.40
CA ALA E 229 27.66 -39.02 -18.13
C ALA E 229 26.96 -38.60 -16.83
N ILE E 230 25.69 -38.99 -16.68
CA ILE E 230 24.91 -38.67 -15.48
C ILE E 230 25.46 -39.46 -14.29
N GLN E 231 25.77 -40.74 -14.53
CA GLN E 231 26.30 -41.61 -13.50
C GLN E 231 27.68 -41.11 -13.05
N ARG E 232 28.46 -40.59 -13.99
CA ARG E 232 29.80 -40.09 -13.69
C ARG E 232 29.77 -38.72 -13.02
N ASP E 233 29.00 -37.79 -13.57
CA ASP E 233 28.90 -36.43 -13.04
C ASP E 233 28.09 -36.22 -11.74
N ILE E 234 27.05 -37.03 -11.49
CA ILE E 234 26.28 -36.85 -10.26
C ILE E 234 25.95 -38.15 -9.55
N GLY E 235 26.43 -39.27 -10.10
CA GLY E 235 26.17 -40.56 -9.47
C GLY E 235 24.76 -41.08 -9.64
N GLY E 236 24.02 -40.51 -10.60
CA GLY E 236 22.66 -40.93 -10.84
C GLY E 236 21.70 -39.94 -10.20
N ALA E 237 20.54 -39.74 -10.81
CA ALA E 237 19.55 -38.81 -10.29
C ALA E 237 18.53 -39.51 -9.39
N HIS E 238 18.09 -38.82 -8.35
CA HIS E 238 17.10 -39.37 -7.41
C HIS E 238 15.81 -39.56 -8.18
N GLY E 239 15.57 -38.66 -9.12
CA GLY E 239 14.40 -38.75 -9.96
C GLY E 239 14.80 -38.57 -11.42
N VAL E 240 14.04 -39.19 -12.30
CA VAL E 240 14.27 -39.06 -13.74
C VAL E 240 12.91 -38.84 -14.41
N LEU E 241 12.85 -37.92 -15.37
CA LEU E 241 11.62 -37.62 -16.10
C LEU E 241 11.92 -37.73 -17.61
N VAL E 242 11.32 -38.74 -18.26
CA VAL E 242 11.55 -38.95 -19.69
C VAL E 242 10.41 -38.39 -20.54
N THR E 243 10.79 -37.39 -21.33
CA THR E 243 9.93 -36.64 -22.24
C THR E 243 10.21 -37.03 -23.70
N ALA E 244 11.44 -37.46 -23.96
CA ALA E 244 11.90 -37.83 -25.30
C ALA E 244 11.07 -38.80 -26.13
N VAL E 245 10.92 -38.45 -27.41
CA VAL E 245 10.20 -39.29 -28.34
C VAL E 245 11.27 -40.23 -28.93
N SER E 246 11.70 -41.17 -28.09
CA SER E 246 12.74 -42.15 -28.44
C SER E 246 12.62 -43.35 -27.52
N ASN E 247 12.49 -44.55 -28.08
CA ASN E 247 12.39 -45.75 -27.25
C ASN E 247 13.69 -46.00 -26.49
N SER E 248 14.82 -45.82 -27.16
CA SER E 248 16.12 -46.05 -26.54
C SER E 248 16.36 -45.03 -25.42
N ALA E 249 15.86 -43.81 -25.59
CA ALA E 249 16.01 -42.77 -24.58
C ALA E 249 15.37 -43.23 -23.27
N PHE E 250 14.35 -44.08 -23.38
CA PHE E 250 13.67 -44.63 -22.21
C PHE E 250 14.58 -45.61 -21.48
N GLY E 251 15.30 -46.43 -22.25
CA GLY E 251 16.21 -47.38 -21.65
C GLY E 251 17.34 -46.64 -20.98
N GLN E 252 17.90 -45.65 -21.66
CA GLN E 252 18.97 -44.85 -21.10
C GLN E 252 18.52 -44.09 -19.85
N ALA E 253 17.27 -43.64 -19.84
CA ALA E 253 16.72 -42.90 -18.70
C ALA E 253 16.74 -43.74 -17.44
N ILE E 254 16.39 -45.01 -17.57
CA ILE E 254 16.39 -45.94 -16.44
C ILE E 254 17.81 -46.10 -15.90
N GLY E 255 18.79 -46.02 -16.80
CA GLY E 255 20.17 -46.16 -16.40
C GLY E 255 20.73 -44.90 -15.78
N MET E 256 19.94 -43.83 -15.81
CA MET E 256 20.38 -42.56 -15.24
C MET E 256 19.97 -42.39 -13.77
N ALA E 257 19.14 -43.31 -13.29
CA ALA E 257 18.69 -43.24 -11.91
C ALA E 257 19.72 -43.75 -10.91
N ARG E 258 19.62 -43.22 -9.70
CA ARG E 258 20.47 -43.56 -8.59
C ARG E 258 19.78 -44.76 -7.94
N ARG E 259 20.47 -45.53 -7.10
CA ARG E 259 19.80 -46.67 -6.47
C ARG E 259 18.58 -46.12 -5.71
N GLY E 260 17.44 -46.80 -5.84
CA GLY E 260 16.23 -46.35 -5.18
C GLY E 260 15.49 -45.21 -5.87
N GLY E 261 16.07 -44.68 -6.94
CA GLY E 261 15.45 -43.57 -7.66
C GLY E 261 14.18 -43.95 -8.42
N THR E 262 13.45 -42.92 -8.88
CA THR E 262 12.20 -43.12 -9.61
C THR E 262 12.27 -42.47 -11.00
N ILE E 263 11.88 -43.23 -12.02
CA ILE E 263 11.88 -42.75 -13.39
C ILE E 263 10.43 -42.58 -13.83
N ALA E 264 10.01 -41.34 -14.03
CA ALA E 264 8.66 -41.03 -14.49
C ALA E 264 8.67 -40.99 -16.02
N LEU E 265 7.80 -41.82 -16.61
CA LEU E 265 7.68 -41.91 -18.07
C LEU E 265 6.49 -41.10 -18.53
N VAL E 266 6.77 -40.09 -19.34
CA VAL E 266 5.73 -39.22 -19.84
C VAL E 266 5.72 -39.20 -21.37
N GLY E 267 6.88 -39.40 -21.99
CA GLY E 267 6.95 -39.44 -23.45
C GLY E 267 6.11 -40.57 -24.05
N LEU E 268 5.56 -40.36 -25.23
CA LEU E 268 4.72 -41.38 -25.85
C LEU E 268 5.16 -41.94 -27.21
N PRO E 269 6.47 -42.22 -27.40
CA PRO E 269 6.89 -42.76 -28.70
C PRO E 269 6.19 -44.12 -28.85
N PRO E 270 5.78 -44.49 -30.08
CA PRO E 270 5.13 -45.79 -30.23
C PRO E 270 6.04 -46.98 -29.94
N GLY E 271 5.44 -48.11 -29.55
CA GLY E 271 6.23 -49.30 -29.27
C GLY E 271 6.51 -49.62 -27.82
N ASP E 272 7.63 -50.33 -27.60
CA ASP E 272 8.04 -50.75 -26.26
C ASP E 272 9.36 -50.12 -25.83
N PHE E 273 9.61 -50.15 -24.52
CA PHE E 273 10.86 -49.66 -23.95
C PHE E 273 11.43 -50.85 -23.18
N PRO E 274 12.75 -50.92 -23.02
CA PRO E 274 13.33 -52.07 -22.30
C PRO E 274 13.47 -51.90 -20.78
N THR E 275 13.03 -52.91 -20.03
CA THR E 275 13.16 -52.90 -18.59
C THR E 275 14.24 -53.90 -18.20
N PRO E 276 15.39 -53.41 -17.69
CA PRO E 276 16.47 -54.34 -17.30
C PRO E 276 16.08 -54.88 -15.93
N ILE E 277 15.22 -55.89 -15.91
CA ILE E 277 14.76 -56.44 -14.64
C ILE E 277 15.84 -56.61 -13.57
N PHE E 278 16.94 -57.28 -13.89
CA PHE E 278 18.01 -57.50 -12.93
C PHE E 278 18.49 -56.21 -12.25
N ASP E 279 18.73 -55.18 -13.07
CA ASP E 279 19.19 -53.89 -12.57
C ASP E 279 18.11 -53.16 -11.76
N VAL E 280 16.87 -53.25 -12.22
CA VAL E 280 15.75 -52.61 -11.54
C VAL E 280 15.58 -53.24 -10.15
N VAL E 281 15.70 -54.55 -10.08
CA VAL E 281 15.58 -55.28 -8.83
C VAL E 281 16.73 -54.94 -7.88
N LEU E 282 17.96 -55.27 -8.29
CA LEU E 282 19.12 -55.01 -7.44
C LEU E 282 19.33 -53.55 -7.04
N LYS E 283 18.89 -52.61 -7.87
CA LYS E 283 19.03 -51.19 -7.53
C LYS E 283 17.78 -50.60 -6.88
N GLY E 284 16.74 -51.41 -6.68
CA GLY E 284 15.51 -50.93 -6.06
C GLY E 284 14.92 -49.73 -6.78
N LEU E 285 14.89 -49.81 -8.11
CA LEU E 285 14.37 -48.73 -8.94
C LEU E 285 12.85 -48.78 -9.11
N HIS E 286 12.25 -47.62 -9.32
CA HIS E 286 10.81 -47.52 -9.53
C HIS E 286 10.60 -46.82 -10.84
N ILE E 287 9.74 -47.41 -11.67
CA ILE E 287 9.40 -46.84 -12.98
C ILE E 287 7.92 -46.51 -12.89
N ALA E 288 7.58 -45.27 -13.24
CA ALA E 288 6.20 -44.81 -13.15
C ALA E 288 5.70 -44.13 -14.42
N GLY E 289 4.58 -44.61 -14.93
CA GLY E 289 3.98 -44.02 -16.10
C GLY E 289 3.05 -42.92 -15.61
N SER E 290 3.14 -41.74 -16.19
CA SER E 290 2.30 -40.61 -15.78
C SER E 290 1.57 -40.01 -16.99
N ILE E 291 0.27 -39.78 -16.86
CA ILE E 291 -0.57 -39.19 -17.93
C ILE E 291 -1.12 -37.82 -17.54
N VAL E 292 -0.77 -36.83 -18.33
CA VAL E 292 -1.20 -35.45 -18.13
C VAL E 292 -1.37 -35.18 -16.64
N GLY E 293 -2.48 -34.57 -16.25
CA GLY E 293 -2.68 -34.31 -14.84
C GLY E 293 -4.13 -34.10 -14.48
N THR E 294 -4.39 -34.25 -13.20
CA THR E 294 -5.70 -34.11 -12.60
C THR E 294 -6.15 -32.62 -12.65
N ARG E 295 -7.42 -32.35 -12.38
CA ARG E 295 -7.88 -30.96 -12.37
C ARG E 295 -7.12 -30.21 -11.28
N ALA E 296 -6.90 -30.87 -10.15
CA ALA E 296 -6.13 -30.29 -9.05
C ALA E 296 -4.70 -30.05 -9.55
N ASP E 297 -4.12 -31.03 -10.23
CA ASP E 297 -2.78 -30.89 -10.77
C ASP E 297 -2.72 -29.69 -11.71
N LEU E 298 -3.71 -29.60 -12.58
CA LEU E 298 -3.77 -28.51 -13.55
C LEU E 298 -3.79 -27.14 -12.91
N GLN E 299 -4.65 -26.95 -11.90
CA GLN E 299 -4.73 -25.65 -11.22
C GLN E 299 -3.43 -25.31 -10.47
N GLU E 300 -2.79 -26.32 -9.88
CA GLU E 300 -1.51 -26.14 -9.19
C GLU E 300 -0.47 -25.74 -10.24
N ALA E 301 -0.47 -26.43 -11.38
CA ALA E 301 0.47 -26.11 -12.45
C ALA E 301 0.26 -24.67 -12.93
N LEU E 302 -0.99 -24.30 -13.13
CA LEU E 302 -1.32 -22.94 -13.57
C LEU E 302 -0.90 -21.89 -12.53
N ASP E 303 -1.01 -22.23 -11.24
CA ASP E 303 -0.63 -21.29 -10.18
C ASP E 303 0.85 -20.96 -10.24
N PHE E 304 1.68 -21.95 -10.59
CA PHE E 304 3.12 -21.70 -10.68
C PHE E 304 3.38 -20.65 -11.75
N ALA E 305 2.61 -20.76 -12.83
CA ALA E 305 2.71 -19.81 -13.95
C ALA E 305 2.19 -18.44 -13.49
N GLY E 306 1.12 -18.45 -12.71
CA GLY E 306 0.55 -17.22 -12.20
C GLY E 306 1.53 -16.51 -11.28
N GLU E 307 2.33 -17.30 -10.55
CA GLU E 307 3.34 -16.78 -9.63
C GLU E 307 4.59 -16.31 -10.37
N GLY E 308 4.66 -16.59 -11.66
CA GLY E 308 5.81 -16.19 -12.44
C GLY E 308 6.98 -17.13 -12.27
N LEU E 309 6.75 -18.27 -11.62
CA LEU E 309 7.82 -19.26 -11.39
C LEU E 309 8.08 -20.12 -12.62
N VAL E 310 7.09 -20.16 -13.50
CA VAL E 310 7.21 -20.94 -14.72
C VAL E 310 6.70 -20.06 -15.84
N LYS E 311 7.48 -19.96 -16.91
CA LYS E 311 7.11 -19.18 -18.08
C LYS E 311 7.51 -20.00 -19.29
N ALA E 312 6.53 -20.43 -20.09
CA ALA E 312 6.83 -21.23 -21.26
C ALA E 312 7.52 -20.38 -22.31
N THR E 313 8.45 -21.00 -23.04
CA THR E 313 9.15 -20.31 -24.12
C THR E 313 8.29 -20.59 -25.35
N ILE E 314 7.55 -19.60 -25.81
CA ILE E 314 6.66 -19.79 -26.95
C ILE E 314 7.05 -18.99 -28.17
N HIS E 315 6.51 -19.41 -29.31
CA HIS E 315 6.72 -18.77 -30.60
C HIS E 315 5.36 -18.77 -31.28
N PRO E 316 4.96 -17.62 -31.83
CA PRO E 316 3.65 -17.52 -32.51
C PRO E 316 3.52 -18.32 -33.79
N GLY E 317 2.29 -18.73 -34.08
CA GLY E 317 2.00 -19.50 -35.29
C GLY E 317 0.59 -19.21 -35.78
N LYS E 318 0.34 -19.48 -37.06
CA LYS E 318 -0.98 -19.24 -37.66
C LYS E 318 -1.60 -20.60 -37.99
N LEU E 319 -2.91 -20.70 -37.80
CA LEU E 319 -3.63 -21.95 -38.08
C LEU E 319 -3.36 -22.42 -39.52
N ASP E 320 -3.26 -21.47 -40.44
CA ASP E 320 -3.02 -21.77 -41.85
C ASP E 320 -1.64 -22.38 -42.11
N ASP E 321 -0.73 -22.22 -41.15
CA ASP E 321 0.64 -22.74 -41.29
C ASP E 321 0.87 -23.99 -40.44
N ILE E 322 -0.21 -24.61 -39.96
CA ILE E 322 -0.07 -25.79 -39.11
C ILE E 322 0.73 -26.95 -39.69
N ASN E 323 0.63 -27.19 -40.99
CA ASN E 323 1.39 -28.30 -41.57
C ASN E 323 2.89 -28.06 -41.49
N GLN E 324 3.32 -26.84 -41.85
CA GLN E 324 4.74 -26.50 -41.81
C GLN E 324 5.23 -26.43 -40.35
N ILE E 325 4.32 -26.07 -39.45
CA ILE E 325 4.61 -26.00 -38.01
C ILE E 325 4.85 -27.42 -37.49
N LEU E 326 3.97 -28.35 -37.86
CA LEU E 326 4.12 -29.74 -37.46
C LEU E 326 5.37 -30.33 -38.10
N ASP E 327 5.74 -29.84 -39.29
CA ASP E 327 6.94 -30.33 -39.97
C ASP E 327 8.14 -29.90 -39.15
N GLN E 328 8.07 -28.67 -38.65
CA GLN E 328 9.12 -28.08 -37.84
C GLN E 328 9.29 -28.89 -36.56
N MET E 329 8.18 -29.42 -36.04
CA MET E 329 8.23 -30.23 -34.84
C MET E 329 8.84 -31.58 -35.19
N ARG E 330 8.43 -32.14 -36.33
CA ARG E 330 8.94 -33.43 -36.81
C ARG E 330 10.47 -33.38 -36.89
N ALA E 331 10.99 -32.26 -37.36
CA ALA E 331 12.42 -32.06 -37.52
C ALA E 331 13.11 -31.55 -36.24
N GLY E 332 12.37 -31.45 -35.14
CA GLY E 332 12.94 -30.97 -33.89
C GLY E 332 13.54 -29.59 -34.01
N GLN E 333 12.91 -28.73 -34.80
CA GLN E 333 13.42 -27.38 -35.00
C GLN E 333 12.67 -26.31 -34.21
N ILE E 334 11.92 -26.73 -33.21
CA ILE E 334 11.16 -25.78 -32.40
C ILE E 334 11.88 -25.54 -31.07
N GLU E 335 12.00 -24.28 -30.68
CA GLU E 335 12.60 -23.96 -29.39
C GLU E 335 11.44 -23.82 -28.43
N GLY E 336 11.26 -24.84 -27.58
CA GLY E 336 10.17 -24.79 -26.64
C GLY E 336 8.83 -25.16 -27.24
N ARG E 337 7.94 -24.19 -27.34
CA ARG E 337 6.60 -24.45 -27.87
C ARG E 337 6.19 -23.44 -28.95
N ILE E 338 5.37 -23.90 -29.88
CA ILE E 338 4.82 -23.02 -30.91
C ILE E 338 3.36 -22.94 -30.50
N VAL E 339 2.88 -21.73 -30.32
CA VAL E 339 1.50 -21.53 -29.90
C VAL E 339 0.74 -20.80 -30.99
N LEU E 340 -0.32 -21.42 -31.50
CA LEU E 340 -1.10 -20.79 -32.54
C LEU E 340 -1.90 -19.62 -31.95
N GLU E 341 -2.02 -18.55 -32.73
CA GLU E 341 -2.80 -17.39 -32.30
C GLU E 341 -3.94 -17.23 -33.31
N MET E 342 -5.18 -17.26 -32.81
CA MET E 342 -6.36 -17.14 -33.67
C MET E 342 -6.71 -15.68 -33.95
N THR F 2 33.45 -79.15 21.39
CA THR F 2 33.90 -77.80 21.06
C THR F 2 34.49 -77.73 19.64
N LEU F 3 33.95 -76.81 18.85
CA LEU F 3 34.35 -76.58 17.46
C LEU F 3 35.19 -77.67 16.80
N PRO F 4 34.58 -78.42 15.85
CA PRO F 4 35.18 -79.51 15.09
C PRO F 4 36.53 -79.18 14.44
N GLN F 5 36.83 -77.90 14.28
CA GLN F 5 38.09 -77.49 13.67
C GLN F 5 38.09 -77.86 12.18
N THR F 6 37.08 -78.65 11.79
CA THR F 6 36.94 -79.10 10.40
C THR F 6 35.48 -79.46 10.14
N MET F 7 34.95 -79.03 8.99
CA MET F 7 33.55 -79.28 8.61
C MET F 7 33.40 -79.61 7.14
N LYS F 8 32.27 -80.21 6.78
CA LYS F 8 32.01 -80.55 5.37
C LYS F 8 31.16 -79.43 4.77
N ALA F 9 31.27 -79.23 3.46
CA ALA F 9 30.50 -78.18 2.79
C ALA F 9 30.54 -78.28 1.27
N ALA F 10 29.38 -78.13 0.65
CA ALA F 10 29.25 -78.17 -0.81
C ALA F 10 29.86 -76.91 -1.40
N VAL F 11 31.10 -77.02 -1.87
CA VAL F 11 31.82 -75.89 -2.45
C VAL F 11 31.75 -75.82 -3.99
N VAL F 12 31.85 -74.61 -4.53
CA VAL F 12 31.80 -74.41 -5.97
C VAL F 12 33.18 -73.99 -6.50
N HIS F 13 33.72 -74.79 -7.43
CA HIS F 13 35.04 -74.50 -8.01
C HIS F 13 34.97 -74.02 -9.46
N ALA F 14 33.81 -74.18 -10.10
CA ALA F 14 33.63 -73.75 -11.47
C ALA F 14 32.16 -73.46 -11.76
N TYR F 15 31.92 -72.43 -12.56
CA TYR F 15 30.56 -72.03 -12.92
C TYR F 15 29.95 -73.03 -13.90
N GLY F 16 29.10 -73.91 -13.39
CA GLY F 16 28.47 -74.91 -14.23
C GLY F 16 28.93 -76.30 -13.80
N ALA F 17 30.06 -76.34 -13.11
CA ALA F 17 30.64 -77.60 -12.63
C ALA F 17 30.03 -77.95 -11.27
N PRO F 18 29.22 -79.02 -11.22
CA PRO F 18 28.56 -79.47 -9.98
C PRO F 18 29.44 -79.37 -8.74
N LEU F 19 28.84 -78.90 -7.65
CA LEU F 19 29.53 -78.72 -6.39
C LEU F 19 30.16 -80.03 -5.92
N ARG F 20 30.99 -79.93 -4.87
CA ARG F 20 31.65 -81.10 -4.33
C ARG F 20 31.79 -80.99 -2.81
N ILE F 21 31.17 -81.93 -2.09
CA ILE F 21 31.25 -81.94 -0.64
C ILE F 21 32.70 -82.21 -0.24
N GLU F 22 33.32 -81.27 0.44
CA GLU F 22 34.72 -81.42 0.84
C GLU F 22 35.02 -80.84 2.21
N GLU F 23 35.39 -81.72 3.14
CA GLU F 23 35.73 -81.32 4.50
C GLU F 23 36.75 -80.18 4.54
N VAL F 24 36.31 -78.99 4.94
CA VAL F 24 37.18 -77.83 5.02
C VAL F 24 37.23 -77.25 6.44
N LYS F 25 38.14 -76.30 6.66
CA LYS F 25 38.33 -75.68 7.98
C LYS F 25 37.12 -74.94 8.54
N VAL F 26 36.99 -74.99 9.86
CA VAL F 26 35.91 -74.30 10.56
C VAL F 26 36.45 -72.90 10.87
N PRO F 27 35.82 -71.85 10.30
CA PRO F 27 36.25 -70.46 10.51
C PRO F 27 36.25 -70.06 11.98
N LEU F 28 37.07 -69.08 12.32
CA LEU F 28 37.14 -68.60 13.69
C LEU F 28 36.64 -67.17 13.78
N PRO F 29 35.65 -66.92 14.67
CA PRO F 29 35.06 -65.59 14.87
C PRO F 29 36.07 -64.53 15.26
N GLY F 30 36.49 -63.72 14.29
CA GLY F 30 37.43 -62.65 14.55
C GLY F 30 36.66 -61.50 15.18
N PRO F 31 37.26 -60.32 15.32
CA PRO F 31 36.50 -59.21 15.92
C PRO F 31 35.25 -58.87 15.08
N GLY F 32 34.13 -58.59 15.76
CA GLY F 32 32.91 -58.24 15.05
C GLY F 32 32.24 -59.38 14.30
N GLN F 33 32.58 -60.62 14.64
CA GLN F 33 32.01 -61.78 13.97
C GLN F 33 31.48 -62.79 14.98
N VAL F 34 30.80 -63.81 14.47
CA VAL F 34 30.27 -64.89 15.30
C VAL F 34 30.19 -66.10 14.40
N LEU F 35 30.21 -67.29 15.00
CA LEU F 35 30.13 -68.52 14.24
C LEU F 35 28.76 -69.12 14.50
N VAL F 36 28.13 -69.64 13.45
CA VAL F 36 26.82 -70.24 13.59
C VAL F 36 26.87 -71.71 13.13
N LYS F 37 26.38 -72.60 14.00
CA LYS F 37 26.33 -74.02 13.66
C LYS F 37 25.02 -74.20 12.92
N ILE F 38 25.12 -74.50 11.63
CA ILE F 38 23.96 -74.69 10.78
C ILE F 38 23.12 -75.93 11.09
N GLU F 39 21.90 -75.69 11.57
CA GLU F 39 20.95 -76.76 11.90
C GLU F 39 20.16 -77.10 10.64
N ALA F 40 19.77 -76.05 9.92
CA ALA F 40 19.02 -76.16 8.67
C ALA F 40 19.54 -75.11 7.70
N SER F 41 19.30 -75.34 6.41
CA SER F 41 19.77 -74.41 5.39
C SER F 41 18.89 -74.54 4.15
N GLY F 42 18.15 -73.49 3.83
CA GLY F 42 17.28 -73.52 2.68
C GLY F 42 18.01 -73.36 1.36
N VAL F 43 17.42 -73.92 0.30
CA VAL F 43 17.99 -73.85 -1.04
C VAL F 43 17.20 -72.86 -1.89
N CYS F 44 17.85 -71.74 -2.21
CA CYS F 44 17.22 -70.70 -3.01
C CYS F 44 17.61 -70.77 -4.49
N HIS F 45 16.67 -70.41 -5.37
CA HIS F 45 16.94 -70.42 -6.81
C HIS F 45 18.18 -69.61 -7.15
N THR F 46 18.47 -68.62 -6.31
CA THR F 46 19.62 -67.75 -6.50
C THR F 46 20.94 -68.49 -6.29
N ASP F 47 20.86 -69.65 -5.64
CA ASP F 47 22.05 -70.46 -5.41
C ASP F 47 22.51 -71.01 -6.76
N LEU F 48 21.56 -71.34 -7.63
CA LEU F 48 21.88 -71.84 -8.96
C LEU F 48 22.58 -70.74 -9.76
N HIS F 49 21.96 -69.56 -9.79
CA HIS F 49 22.50 -68.41 -10.49
C HIS F 49 23.94 -68.11 -10.02
N ALA F 50 24.23 -68.45 -8.76
CA ALA F 50 25.54 -68.20 -8.18
C ALA F 50 26.64 -69.14 -8.68
N ALA F 51 26.37 -70.45 -8.62
CA ALA F 51 27.33 -71.45 -9.06
C ALA F 51 27.29 -71.64 -10.58
N GLU F 52 26.36 -70.97 -11.22
CA GLU F 52 26.20 -71.05 -12.67
C GLU F 52 26.68 -69.74 -13.31
N GLY F 53 27.33 -68.90 -12.52
CA GLY F 53 27.82 -67.62 -13.02
C GLY F 53 26.81 -66.95 -13.93
N ASP F 54 25.53 -67.07 -13.57
CA ASP F 54 24.44 -66.50 -14.36
C ASP F 54 24.38 -64.96 -14.35
N TRP F 55 25.07 -64.34 -13.40
CA TRP F 55 25.04 -62.89 -13.28
C TRP F 55 26.36 -62.18 -13.56
N PRO F 56 26.29 -60.86 -13.88
CA PRO F 56 27.43 -59.99 -14.19
C PRO F 56 28.54 -60.10 -13.16
N VAL F 57 28.22 -59.78 -11.90
CA VAL F 57 29.20 -59.89 -10.82
C VAL F 57 29.14 -61.31 -10.28
N LYS F 58 29.92 -62.19 -10.87
CA LYS F 58 29.96 -63.59 -10.47
C LYS F 58 30.65 -63.80 -9.12
N PRO F 59 30.25 -64.84 -8.38
CA PRO F 59 30.81 -65.18 -7.07
C PRO F 59 32.28 -65.58 -7.12
N PRO F 60 33.12 -64.94 -6.30
CA PRO F 60 34.54 -65.31 -6.32
C PRO F 60 34.68 -66.81 -6.01
N LEU F 61 35.46 -67.52 -6.81
CA LEU F 61 35.66 -68.96 -6.61
C LEU F 61 36.91 -69.25 -5.78
N PRO F 62 36.86 -70.30 -4.95
CA PRO F 62 35.72 -71.21 -4.76
C PRO F 62 34.88 -70.75 -3.56
N PHE F 63 33.56 -70.74 -3.71
CA PHE F 63 32.68 -70.31 -2.64
C PHE F 63 31.68 -71.36 -2.20
N ILE F 64 31.04 -71.11 -1.06
CA ILE F 64 30.02 -71.99 -0.50
C ILE F 64 28.72 -71.20 -0.55
N PRO F 65 27.78 -71.60 -1.41
CA PRO F 65 26.50 -70.88 -1.48
C PRO F 65 25.60 -71.09 -0.26
N GLY F 66 24.44 -70.42 -0.26
CA GLY F 66 23.51 -70.57 0.84
C GLY F 66 23.32 -69.35 1.74
N HIS F 67 22.14 -68.75 1.68
CA HIS F 67 21.85 -67.59 2.51
C HIS F 67 20.52 -67.75 3.25
N GLU F 68 20.14 -69.00 3.50
CA GLU F 68 18.93 -69.34 4.25
C GLU F 68 19.39 -70.31 5.35
N GLY F 69 20.64 -70.11 5.77
CA GLY F 69 21.22 -70.94 6.81
C GLY F 69 20.80 -70.49 8.19
N VAL F 70 20.31 -71.44 8.97
CA VAL F 70 19.84 -71.15 10.31
C VAL F 70 20.43 -72.13 11.33
N GLY F 71 20.78 -71.63 12.51
CA GLY F 71 21.34 -72.50 13.52
C GLY F 71 21.59 -71.82 14.87
N TYR F 72 22.56 -72.35 15.61
CA TYR F 72 22.90 -71.79 16.92
C TYR F 72 24.20 -71.02 16.83
N VAL F 73 24.29 -69.94 17.61
CA VAL F 73 25.52 -69.16 17.65
C VAL F 73 26.50 -70.05 18.42
N ALA F 74 27.52 -70.55 17.72
CA ALA F 74 28.53 -71.43 18.31
C ALA F 74 29.63 -70.66 19.04
N ALA F 75 30.22 -69.67 18.37
CA ALA F 75 31.28 -68.86 18.96
C ALA F 75 30.99 -67.37 18.74
N VAL F 76 31.56 -66.53 19.59
CA VAL F 76 31.37 -65.09 19.50
C VAL F 76 32.70 -64.33 19.39
N GLY F 77 32.85 -63.57 18.31
CA GLY F 77 34.06 -62.79 18.13
C GLY F 77 34.14 -61.71 19.19
N SER F 78 35.20 -60.93 19.19
CA SER F 78 35.38 -59.88 20.18
C SER F 78 34.57 -58.63 19.87
N GLY F 79 33.91 -58.08 20.89
CA GLY F 79 33.13 -56.87 20.71
C GLY F 79 31.65 -57.11 20.45
N VAL F 80 31.31 -58.33 20.02
CA VAL F 80 29.93 -58.68 19.71
C VAL F 80 28.97 -58.47 20.89
N THR F 81 27.95 -57.62 20.68
CA THR F 81 26.95 -57.31 21.70
C THR F 81 25.54 -57.77 21.35
N ARG F 82 25.19 -57.73 20.06
CA ARG F 82 23.86 -58.11 19.60
C ARG F 82 23.43 -59.56 19.84
N VAL F 83 24.37 -60.50 19.80
CA VAL F 83 24.03 -61.91 20.02
C VAL F 83 24.98 -62.60 21.00
N LYS F 84 24.49 -63.62 21.68
CA LYS F 84 25.30 -64.38 22.63
C LYS F 84 25.39 -65.81 22.13
N GLU F 85 26.28 -66.61 22.72
CA GLU F 85 26.44 -68.00 22.32
C GLU F 85 25.14 -68.75 22.53
N GLY F 86 24.83 -69.66 21.61
CA GLY F 86 23.61 -70.45 21.71
C GLY F 86 22.37 -69.86 21.06
N ASP F 87 22.34 -68.56 20.84
CA ASP F 87 21.19 -67.91 20.22
C ASP F 87 20.83 -68.52 18.85
N ARG F 88 19.53 -68.78 18.66
CA ARG F 88 19.03 -69.33 17.41
C ARG F 88 18.94 -68.14 16.46
N VAL F 89 19.75 -68.19 15.42
CA VAL F 89 19.85 -67.09 14.47
C VAL F 89 19.95 -67.57 13.01
N GLY F 90 19.73 -66.65 12.07
CA GLY F 90 19.83 -66.99 10.65
C GLY F 90 20.71 -66.02 9.90
N ILE F 91 21.44 -66.49 8.89
CA ILE F 91 22.30 -65.62 8.09
C ILE F 91 21.70 -65.44 6.69
N PRO F 92 21.07 -64.29 6.42
CA PRO F 92 20.43 -63.98 5.12
C PRO F 92 21.34 -63.43 4.03
N TRP F 93 20.74 -63.20 2.87
CA TRP F 93 21.43 -62.66 1.71
C TRP F 93 22.23 -61.39 2.03
N LEU F 94 21.63 -60.47 2.78
CA LEU F 94 22.31 -59.24 3.17
C LEU F 94 23.24 -59.57 4.34
N TYR F 95 24.47 -59.95 4.01
CA TYR F 95 25.49 -60.30 5.00
C TYR F 95 25.93 -59.13 5.86
N THR F 96 26.14 -57.98 5.23
CA THR F 96 26.58 -56.78 5.93
C THR F 96 26.35 -55.57 5.02
N ALA F 97 26.51 -54.38 5.59
CA ALA F 97 26.34 -53.12 4.87
C ALA F 97 27.20 -52.11 5.62
N CYS F 98 27.57 -51.02 4.98
CA CYS F 98 28.42 -50.04 5.64
C CYS F 98 27.77 -49.36 6.84
N GLY F 99 26.46 -49.16 6.78
CA GLY F 99 25.75 -48.54 7.89
C GLY F 99 25.74 -47.03 7.98
N CYS F 100 26.48 -46.34 7.12
CA CYS F 100 26.49 -44.88 7.19
C CYS F 100 26.36 -44.18 5.84
N CYS F 101 25.98 -44.92 4.80
CA CYS F 101 25.84 -44.30 3.48
C CYS F 101 24.40 -43.80 3.26
N GLU F 102 24.19 -43.15 2.11
CA GLU F 102 22.90 -42.58 1.74
C GLU F 102 21.70 -43.51 1.95
N HIS F 103 21.87 -44.79 1.63
CA HIS F 103 20.79 -45.77 1.75
C HIS F 103 20.70 -46.37 3.14
N CYS F 104 21.86 -46.60 3.75
CA CYS F 104 21.90 -47.18 5.09
C CYS F 104 21.36 -46.22 6.15
N LEU F 105 21.54 -44.92 5.94
CA LEU F 105 21.07 -43.92 6.88
C LEU F 105 19.57 -43.65 6.71
N THR F 106 19.02 -44.02 5.54
CA THR F 106 17.61 -43.80 5.27
C THR F 106 16.75 -45.07 5.26
N GLY F 107 17.23 -46.14 5.87
CA GLY F 107 16.45 -47.37 5.93
C GLY F 107 16.46 -48.26 4.69
N TRP F 108 17.45 -48.09 3.82
CA TRP F 108 17.56 -48.91 2.61
C TRP F 108 18.94 -49.58 2.50
N GLU F 109 19.41 -50.16 3.60
CA GLU F 109 20.71 -50.85 3.69
C GLU F 109 20.81 -51.91 2.59
N THR F 110 19.64 -52.32 2.14
CA THR F 110 19.47 -53.33 1.11
C THR F 110 20.12 -52.85 -0.22
N LEU F 111 20.19 -51.53 -0.39
CA LEU F 111 20.76 -50.92 -1.58
C LEU F 111 22.19 -50.45 -1.35
N CYS F 112 22.76 -50.82 -0.21
CA CYS F 112 24.13 -50.42 0.12
C CYS F 112 25.14 -51.01 -0.87
N GLU F 113 25.96 -50.16 -1.46
CA GLU F 113 26.97 -50.61 -2.42
C GLU F 113 28.15 -51.30 -1.74
N SER F 114 28.29 -51.11 -0.43
CA SER F 114 29.37 -51.69 0.35
C SER F 114 28.92 -52.97 1.05
N GLN F 115 27.84 -53.56 0.58
CA GLN F 115 27.33 -54.78 1.20
C GLN F 115 28.05 -56.03 0.71
N GLN F 116 27.94 -57.09 1.52
CA GLN F 116 28.50 -58.40 1.22
C GLN F 116 27.28 -59.31 1.16
N ASN F 117 27.35 -60.35 0.34
CA ASN F 117 26.20 -61.25 0.23
C ASN F 117 26.55 -62.69 0.59
N THR F 118 25.86 -63.21 1.60
CA THR F 118 26.08 -64.58 2.08
C THR F 118 25.88 -65.61 0.97
N GLY F 119 26.84 -66.52 0.84
CA GLY F 119 26.75 -67.55 -0.19
C GLY F 119 26.94 -66.99 -1.58
N TYR F 120 27.74 -65.95 -1.70
CA TYR F 120 28.01 -65.35 -3.00
C TYR F 120 29.39 -64.67 -2.99
N SER F 121 29.50 -63.57 -2.24
CA SER F 121 30.75 -62.83 -2.12
C SER F 121 31.43 -63.20 -0.81
N VAL F 122 30.76 -64.04 -0.04
CA VAL F 122 31.28 -64.53 1.24
C VAL F 122 30.61 -65.90 1.39
N ASN F 123 31.27 -66.84 2.08
CA ASN F 123 30.71 -68.19 2.24
C ASN F 123 29.38 -68.25 2.96
N GLY F 124 28.52 -69.14 2.50
CA GLY F 124 27.20 -69.29 3.08
C GLY F 124 26.91 -70.52 3.93
N GLY F 125 25.63 -70.89 3.95
CA GLY F 125 25.15 -71.99 4.76
C GLY F 125 25.14 -73.39 4.17
N TYR F 126 25.79 -73.61 3.04
CA TYR F 126 25.87 -74.95 2.49
C TYR F 126 27.08 -75.59 3.17
N ALA F 127 27.08 -75.51 4.50
CA ALA F 127 28.15 -76.03 5.34
C ALA F 127 27.61 -76.28 6.74
N GLU F 128 28.45 -76.81 7.61
CA GLU F 128 28.03 -77.10 8.98
C GLU F 128 28.15 -75.86 9.87
N TYR F 129 29.05 -74.95 9.49
CA TYR F 129 29.27 -73.72 10.25
C TYR F 129 29.37 -72.54 9.29
N VAL F 130 29.06 -71.34 9.81
CA VAL F 130 29.12 -70.13 9.01
C VAL F 130 29.56 -68.93 9.84
N LEU F 131 30.37 -68.07 9.23
CA LEU F 131 30.82 -66.86 9.91
C LEU F 131 29.82 -65.79 9.49
N ALA F 132 29.29 -65.06 10.45
CA ALA F 132 28.31 -64.02 10.16
C ALA F 132 28.59 -62.72 10.89
N ASP F 133 27.98 -61.65 10.39
CA ASP F 133 28.11 -60.35 11.03
C ASP F 133 26.90 -60.30 11.97
N PRO F 134 27.14 -60.30 13.29
CA PRO F 134 26.10 -60.26 14.33
C PRO F 134 25.01 -59.20 14.13
N ASN F 135 25.38 -58.09 13.47
CA ASN F 135 24.44 -56.99 13.26
C ASN F 135 23.44 -57.13 12.12
N TYR F 136 23.66 -58.07 11.22
CA TYR F 136 22.75 -58.26 10.09
C TYR F 136 22.11 -59.63 10.08
N VAL F 137 22.41 -60.41 11.11
CA VAL F 137 21.87 -61.75 11.25
C VAL F 137 20.40 -61.66 11.71
N GLY F 138 19.61 -62.68 11.42
CA GLY F 138 18.23 -62.65 11.84
C GLY F 138 17.94 -63.36 13.15
N ILE F 139 17.31 -62.63 14.08
CA ILE F 139 16.94 -63.19 15.37
C ILE F 139 15.65 -63.99 15.19
N LEU F 140 15.76 -65.31 15.28
CA LEU F 140 14.60 -66.18 15.08
C LEU F 140 13.60 -66.30 16.22
N PRO F 141 12.33 -66.55 15.87
CA PRO F 141 11.27 -66.71 16.87
C PRO F 141 11.45 -68.06 17.56
N LYS F 142 11.30 -68.07 18.88
CA LYS F 142 11.48 -69.29 19.67
C LYS F 142 10.55 -70.45 19.34
N ASN F 143 9.32 -70.14 18.99
CA ASN F 143 8.32 -71.15 18.69
C ASN F 143 8.37 -71.85 17.32
N VAL F 144 9.39 -71.57 16.53
CA VAL F 144 9.49 -72.19 15.20
C VAL F 144 10.80 -72.95 15.01
N GLU F 145 10.72 -74.19 14.54
CA GLU F 145 11.91 -75.01 14.33
C GLU F 145 12.76 -74.57 13.14
N PHE F 146 14.07 -74.79 13.25
CA PHE F 146 15.03 -74.40 12.21
C PHE F 146 14.62 -74.73 10.79
N ALA F 147 14.15 -75.96 10.58
CA ALA F 147 13.74 -76.40 9.26
C ALA F 147 12.63 -75.53 8.67
N GLU F 148 11.73 -75.07 9.53
CA GLU F 148 10.61 -74.24 9.11
C GLU F 148 10.90 -72.78 8.81
N ILE F 149 11.60 -72.07 9.70
CA ILE F 149 11.89 -70.65 9.44
C ILE F 149 13.01 -70.42 8.44
N ALA F 150 13.77 -71.46 8.11
CA ALA F 150 14.87 -71.29 7.15
C ALA F 150 14.40 -70.52 5.90
N PRO F 151 13.31 -70.97 5.25
CA PRO F 151 12.79 -70.30 4.05
C PRO F 151 12.52 -68.80 4.24
N ILE F 152 12.08 -68.41 5.43
CA ILE F 152 11.78 -67.00 5.71
C ILE F 152 13.03 -66.14 5.51
N LEU F 153 14.21 -66.72 5.79
CA LEU F 153 15.48 -65.99 5.67
C LEU F 153 15.73 -65.38 4.30
N CYS F 154 14.98 -65.82 3.31
CA CYS F 154 15.11 -65.24 1.97
C CYS F 154 13.80 -65.20 1.19
N ALA F 155 13.24 -66.37 0.90
CA ALA F 155 11.97 -66.45 0.18
C ALA F 155 10.89 -65.67 0.96
N GLY F 156 10.95 -65.76 2.29
CA GLY F 156 9.97 -65.07 3.12
C GLY F 156 10.08 -63.55 3.08
N VAL F 157 11.23 -63.02 3.49
CA VAL F 157 11.43 -61.57 3.50
C VAL F 157 11.30 -60.95 2.13
N THR F 158 11.87 -61.60 1.13
CA THR F 158 11.84 -61.09 -0.23
C THR F 158 10.41 -60.87 -0.70
N VAL F 159 9.62 -61.92 -0.55
CA VAL F 159 8.22 -61.94 -0.93
C VAL F 159 7.39 -60.93 -0.10
N TYR F 160 7.66 -60.88 1.21
CA TYR F 160 6.97 -59.96 2.12
C TYR F 160 7.25 -58.51 1.73
N LYS F 161 8.53 -58.19 1.51
CA LYS F 161 8.94 -56.84 1.13
C LYS F 161 8.40 -56.49 -0.27
N GLY F 162 8.37 -57.48 -1.16
CA GLY F 162 7.86 -57.23 -2.50
C GLY F 162 6.39 -56.85 -2.44
N LEU F 163 5.65 -57.54 -1.57
CA LEU F 163 4.22 -57.24 -1.38
C LEU F 163 4.05 -55.83 -0.82
N LYS F 164 4.94 -55.43 0.09
CA LYS F 164 4.85 -54.08 0.62
C LYS F 164 5.10 -53.10 -0.51
N GLN F 165 6.03 -53.45 -1.39
CA GLN F 165 6.37 -52.61 -2.53
C GLN F 165 5.27 -52.41 -3.57
N THR F 166 4.27 -53.31 -3.60
CA THR F 166 3.15 -53.16 -4.54
C THR F 166 2.19 -52.13 -3.99
N ASN F 167 2.27 -51.90 -2.68
CA ASN F 167 1.41 -50.95 -1.97
C ASN F 167 -0.06 -51.29 -2.03
N ALA F 168 -0.39 -52.55 -2.28
CA ALA F 168 -1.78 -52.97 -2.32
C ALA F 168 -2.23 -52.94 -0.85
N ARG F 169 -3.38 -52.31 -0.59
CA ARG F 169 -3.92 -52.20 0.76
C ARG F 169 -4.91 -53.31 1.07
N PRO F 170 -5.19 -53.55 2.36
CA PRO F 170 -6.15 -54.61 2.70
C PRO F 170 -7.48 -54.40 1.97
N GLY F 171 -8.08 -55.52 1.58
CA GLY F 171 -9.33 -55.44 0.87
C GLY F 171 -9.10 -55.41 -0.64
N GLN F 172 -7.85 -55.18 -1.06
CA GLN F 172 -7.50 -55.13 -2.47
C GLN F 172 -6.94 -56.46 -2.97
N TRP F 173 -6.66 -56.52 -4.28
CA TRP F 173 -6.13 -57.72 -4.93
C TRP F 173 -4.67 -57.64 -5.30
N VAL F 174 -4.00 -58.80 -5.21
CA VAL F 174 -2.60 -58.95 -5.60
C VAL F 174 -2.53 -60.20 -6.48
N ALA F 175 -1.95 -60.04 -7.67
CA ALA F 175 -1.78 -61.18 -8.57
C ALA F 175 -0.34 -61.68 -8.35
N ILE F 176 -0.21 -62.94 -7.96
CA ILE F 176 1.12 -63.50 -7.73
C ILE F 176 1.50 -64.41 -8.88
N SER F 177 2.39 -63.93 -9.74
CA SER F 177 2.86 -64.69 -10.90
C SER F 177 3.99 -65.65 -10.51
N GLY F 178 3.69 -66.95 -10.53
CA GLY F 178 4.67 -67.94 -10.15
C GLY F 178 4.50 -68.35 -8.69
N ILE F 179 3.94 -69.54 -8.47
CA ILE F 179 3.73 -70.05 -7.12
C ILE F 179 4.77 -71.13 -6.79
N GLY F 180 6.03 -70.73 -6.76
CA GLY F 180 7.10 -71.66 -6.45
C GLY F 180 7.71 -71.44 -5.07
N GLY F 181 9.04 -71.42 -5.01
CA GLY F 181 9.73 -71.23 -3.74
C GLY F 181 9.25 -69.99 -3.00
N LEU F 182 9.29 -68.85 -3.68
CA LEU F 182 8.85 -67.59 -3.13
C LEU F 182 7.33 -67.42 -3.26
N GLY F 183 6.80 -67.86 -4.39
CA GLY F 183 5.37 -67.75 -4.65
C GLY F 183 4.39 -68.37 -3.67
N HIS F 184 4.62 -69.60 -3.22
CA HIS F 184 3.70 -70.25 -2.30
C HIS F 184 3.75 -69.60 -0.92
N VAL F 185 4.85 -68.94 -0.60
CA VAL F 185 4.93 -68.29 0.69
C VAL F 185 4.39 -66.85 0.54
N ALA F 186 4.40 -66.34 -0.69
CA ALA F 186 3.88 -65.00 -0.96
C ALA F 186 2.35 -64.98 -0.84
N VAL F 187 1.73 -66.12 -1.12
CA VAL F 187 0.27 -66.25 -1.04
C VAL F 187 -0.15 -66.12 0.42
N GLN F 188 0.69 -66.62 1.32
CA GLN F 188 0.41 -66.58 2.75
C GLN F 188 0.60 -65.19 3.34
N TYR F 189 1.67 -64.51 2.93
CA TYR F 189 1.90 -63.16 3.42
C TYR F 189 0.80 -62.23 2.92
N ALA F 190 0.47 -62.30 1.62
CA ALA F 190 -0.57 -61.48 1.02
C ALA F 190 -1.89 -61.67 1.76
N ARG F 191 -2.14 -62.92 2.14
CA ARG F 191 -3.32 -63.33 2.88
C ARG F 191 -3.33 -62.60 4.21
N ALA F 192 -2.21 -62.71 4.93
CA ALA F 192 -2.04 -62.08 6.24
C ALA F 192 -1.99 -60.57 6.16
N MET F 193 -1.90 -60.03 4.96
CA MET F 193 -1.85 -58.58 4.77
C MET F 193 -3.19 -58.03 4.29
N GLY F 194 -4.23 -58.83 4.46
CA GLY F 194 -5.58 -58.44 4.08
C GLY F 194 -5.87 -58.38 2.60
N LEU F 195 -5.02 -59.04 1.80
CA LEU F 195 -5.17 -59.05 0.36
C LEU F 195 -5.88 -60.27 -0.24
N HIS F 196 -6.65 -60.05 -1.30
CA HIS F 196 -7.32 -61.13 -2.00
C HIS F 196 -6.26 -61.59 -2.97
N VAL F 197 -6.03 -62.90 -3.05
CA VAL F 197 -4.98 -63.41 -3.92
C VAL F 197 -5.44 -64.13 -5.19
N ALA F 198 -4.79 -63.77 -6.30
CA ALA F 198 -5.04 -64.37 -7.60
C ALA F 198 -3.72 -65.07 -7.93
N ALA F 199 -3.74 -66.39 -8.04
CA ALA F 199 -2.53 -67.16 -8.32
C ALA F 199 -2.36 -67.56 -9.77
N ILE F 200 -1.19 -67.26 -10.33
CA ILE F 200 -0.88 -67.60 -11.73
C ILE F 200 0.37 -68.48 -11.83
N ASP F 201 0.27 -69.56 -12.61
CA ASP F 201 1.39 -70.48 -12.81
C ASP F 201 1.15 -71.28 -14.09
N ILE F 202 1.99 -72.28 -14.33
CA ILE F 202 1.90 -73.14 -15.51
C ILE F 202 1.83 -74.62 -15.11
N ASP F 203 1.51 -74.87 -13.83
CA ASP F 203 1.40 -76.22 -13.29
C ASP F 203 0.22 -76.26 -12.32
N ASP F 204 -0.76 -77.11 -12.63
CA ASP F 204 -1.95 -77.24 -11.80
C ASP F 204 -1.65 -77.65 -10.36
N ALA F 205 -0.60 -78.45 -10.18
CA ALA F 205 -0.21 -78.89 -8.85
C ALA F 205 0.12 -77.67 -7.99
N LYS F 206 0.91 -76.76 -8.57
CA LYS F 206 1.31 -75.55 -7.88
C LYS F 206 0.10 -74.66 -7.63
N LEU F 207 -0.81 -74.61 -8.60
CA LEU F 207 -2.02 -73.81 -8.48
C LEU F 207 -2.92 -74.38 -7.40
N GLU F 208 -2.88 -75.70 -7.24
CA GLU F 208 -3.69 -76.37 -6.23
C GLU F 208 -3.20 -75.97 -4.84
N LEU F 209 -1.88 -75.94 -4.69
CA LEU F 209 -1.26 -75.55 -3.43
C LEU F 209 -1.71 -74.10 -3.12
N ALA F 210 -1.76 -73.28 -4.17
CA ALA F 210 -2.15 -71.88 -4.02
C ALA F 210 -3.55 -71.75 -3.39
N ARG F 211 -4.50 -72.56 -3.85
CA ARG F 211 -5.85 -72.51 -3.30
C ARG F 211 -5.86 -73.00 -1.86
N LYS F 212 -5.04 -74.00 -1.56
CA LYS F 212 -4.96 -74.54 -0.20
C LYS F 212 -4.44 -73.44 0.74
N LEU F 213 -3.57 -72.59 0.21
CA LEU F 213 -2.96 -71.51 0.97
C LEU F 213 -3.78 -70.21 1.08
N GLY F 214 -4.89 -70.13 0.36
CA GLY F 214 -5.72 -68.94 0.45
C GLY F 214 -6.12 -68.23 -0.84
N ALA F 215 -5.52 -68.60 -1.97
CA ALA F 215 -5.84 -67.96 -3.24
C ALA F 215 -7.30 -68.23 -3.60
N SER F 216 -8.04 -67.18 -3.98
CA SER F 216 -9.44 -67.37 -4.33
C SER F 216 -9.66 -67.39 -5.83
N LEU F 217 -8.63 -67.04 -6.58
CA LEU F 217 -8.66 -67.04 -8.04
C LEU F 217 -7.40 -67.74 -8.53
N THR F 218 -7.55 -68.70 -9.43
CA THR F 218 -6.42 -69.45 -9.98
C THR F 218 -6.38 -69.46 -11.52
N VAL F 219 -5.18 -69.39 -12.08
CA VAL F 219 -5.03 -69.40 -13.53
C VAL F 219 -3.76 -70.12 -14.01
N ASN F 220 -3.93 -71.11 -14.87
CA ASN F 220 -2.79 -71.82 -15.44
C ASN F 220 -2.55 -71.06 -16.74
N ALA F 221 -1.44 -70.32 -16.79
CA ALA F 221 -1.10 -69.51 -17.95
C ALA F 221 -0.90 -70.32 -19.22
N ARG F 222 -0.74 -71.64 -19.08
CA ARG F 222 -0.56 -72.50 -20.24
C ARG F 222 -1.90 -72.96 -20.80
N GLN F 223 -2.94 -72.90 -19.98
CA GLN F 223 -4.29 -73.30 -20.39
C GLN F 223 -5.13 -72.10 -20.79
N GLU F 224 -4.88 -70.94 -20.18
CA GLU F 224 -5.62 -69.73 -20.52
C GLU F 224 -4.82 -68.45 -20.30
N ASP F 225 -5.24 -67.38 -20.98
CA ASP F 225 -4.60 -66.08 -20.91
C ASP F 225 -4.84 -65.42 -19.55
N PRO F 226 -3.77 -65.24 -18.77
CA PRO F 226 -3.84 -64.62 -17.44
C PRO F 226 -4.40 -63.21 -17.52
N VAL F 227 -3.88 -62.45 -18.48
CA VAL F 227 -4.26 -61.05 -18.68
C VAL F 227 -5.77 -60.82 -18.79
N GLU F 228 -6.45 -61.49 -19.71
CA GLU F 228 -7.88 -61.26 -19.83
C GLU F 228 -8.69 -61.94 -18.73
N ALA F 229 -8.13 -63.00 -18.13
CA ALA F 229 -8.82 -63.68 -17.04
C ALA F 229 -8.90 -62.76 -15.84
N ILE F 230 -7.75 -62.17 -15.48
CA ILE F 230 -7.66 -61.25 -14.36
C ILE F 230 -8.43 -59.96 -14.66
N GLN F 231 -8.26 -59.41 -15.85
CA GLN F 231 -8.98 -58.18 -16.19
C GLN F 231 -10.49 -58.39 -16.18
N ARG F 232 -10.94 -59.56 -16.63
CA ARG F 232 -12.36 -59.86 -16.68
C ARG F 232 -12.96 -60.23 -15.31
N ASP F 233 -12.26 -61.07 -14.57
CA ASP F 233 -12.75 -61.50 -13.27
C ASP F 233 -12.60 -60.50 -12.11
N ILE F 234 -11.54 -59.70 -12.10
CA ILE F 234 -11.37 -58.75 -11.00
C ILE F 234 -11.08 -57.32 -11.48
N GLY F 235 -10.95 -57.13 -12.78
CA GLY F 235 -10.70 -55.80 -13.31
C GLY F 235 -9.25 -55.33 -13.26
N GLY F 236 -8.36 -56.26 -12.97
CA GLY F 236 -6.95 -55.92 -12.87
C GLY F 236 -6.61 -55.96 -11.39
N ALA F 237 -5.43 -56.48 -11.06
CA ALA F 237 -5.02 -56.56 -9.66
C ALA F 237 -4.33 -55.24 -9.28
N HIS F 238 -4.61 -54.77 -8.06
CA HIS F 238 -4.02 -53.52 -7.57
C HIS F 238 -2.51 -53.66 -7.49
N GLY F 239 -2.07 -54.86 -7.14
CA GLY F 239 -0.65 -55.14 -7.07
C GLY F 239 -0.34 -56.45 -7.78
N VAL F 240 0.87 -56.56 -8.33
CA VAL F 240 1.30 -57.77 -8.99
C VAL F 240 2.72 -58.07 -8.53
N LEU F 241 2.96 -59.29 -8.06
CA LEU F 241 4.27 -59.70 -7.59
C LEU F 241 4.80 -60.76 -8.56
N VAL F 242 5.87 -60.43 -9.29
CA VAL F 242 6.42 -61.35 -10.28
C VAL F 242 7.58 -62.21 -9.77
N THR F 243 7.26 -63.48 -9.52
CA THR F 243 8.21 -64.47 -9.03
C THR F 243 8.79 -65.27 -10.20
N ALA F 244 7.96 -65.51 -11.21
CA ALA F 244 8.36 -66.27 -12.38
C ALA F 244 9.72 -65.84 -12.94
N VAL F 245 10.46 -66.81 -13.48
CA VAL F 245 11.77 -66.55 -14.06
C VAL F 245 11.62 -66.55 -15.58
N SER F 246 10.38 -66.74 -16.04
CA SER F 246 10.01 -66.78 -17.46
C SER F 246 10.24 -65.47 -18.22
N ASN F 247 9.94 -65.50 -19.52
CA ASN F 247 10.11 -64.35 -20.40
C ASN F 247 8.76 -63.69 -20.64
N SER F 248 7.76 -64.52 -20.83
CA SER F 248 6.40 -64.05 -21.09
C SER F 248 5.69 -63.62 -19.80
N ALA F 249 6.09 -64.18 -18.66
CA ALA F 249 5.45 -63.85 -17.39
C ALA F 249 5.45 -62.35 -17.12
N PHE F 250 6.58 -61.69 -17.36
CA PHE F 250 6.71 -60.25 -17.14
C PHE F 250 5.67 -59.42 -17.92
N GLY F 251 5.56 -59.69 -19.23
CA GLY F 251 4.60 -58.97 -20.05
C GLY F 251 3.17 -59.20 -19.60
N GLN F 252 2.88 -60.41 -19.15
CA GLN F 252 1.54 -60.73 -18.68
C GLN F 252 1.26 -60.04 -17.34
N ALA F 253 2.31 -59.84 -16.54
CA ALA F 253 2.15 -59.18 -15.24
C ALA F 253 1.71 -57.74 -15.50
N ILE F 254 2.34 -57.08 -16.46
CA ILE F 254 1.98 -55.70 -16.82
C ILE F 254 0.50 -55.69 -17.26
N GLY F 255 0.11 -56.68 -18.07
CA GLY F 255 -1.26 -56.74 -18.55
C GLY F 255 -2.30 -57.09 -17.51
N MET F 256 -1.89 -57.75 -16.43
CA MET F 256 -2.82 -58.15 -15.37
C MET F 256 -3.04 -57.04 -14.35
N ALA F 257 -2.24 -56.00 -14.43
CA ALA F 257 -2.33 -54.89 -13.50
C ALA F 257 -3.53 -53.97 -13.75
N ARG F 258 -4.12 -53.51 -12.65
CA ARG F 258 -5.24 -52.58 -12.68
C ARG F 258 -4.66 -51.19 -12.98
N ARG F 259 -5.49 -50.26 -13.44
CA ARG F 259 -4.99 -48.92 -13.71
C ARG F 259 -4.45 -48.34 -12.41
N GLY F 260 -3.27 -47.72 -12.48
CA GLY F 260 -2.66 -47.13 -11.29
C GLY F 260 -2.06 -48.18 -10.36
N GLY F 261 -2.05 -49.44 -10.81
CA GLY F 261 -1.51 -50.51 -9.99
C GLY F 261 0.01 -50.59 -10.05
N THR F 262 0.59 -51.47 -9.23
CA THR F 262 2.03 -51.63 -9.17
C THR F 262 2.49 -53.09 -9.37
N ILE F 263 3.45 -53.26 -10.28
CA ILE F 263 4.03 -54.56 -10.55
C ILE F 263 5.38 -54.59 -9.85
N ALA F 264 5.48 -55.40 -8.80
CA ALA F 264 6.70 -55.53 -8.03
C ALA F 264 7.52 -56.71 -8.56
N LEU F 265 8.73 -56.42 -9.04
CA LEU F 265 9.61 -57.43 -9.59
C LEU F 265 10.57 -57.96 -8.52
N VAL F 266 10.56 -59.27 -8.36
CA VAL F 266 11.42 -59.93 -7.39
C VAL F 266 12.27 -61.00 -8.13
N GLY F 267 11.70 -61.60 -9.18
CA GLY F 267 12.41 -62.59 -9.96
C GLY F 267 13.62 -61.96 -10.64
N LEU F 268 14.69 -62.73 -10.84
CA LEU F 268 15.91 -62.21 -11.44
C LEU F 268 16.33 -62.76 -12.80
N PRO F 269 15.41 -62.78 -13.78
CA PRO F 269 15.77 -63.31 -15.10
C PRO F 269 16.75 -62.33 -15.76
N PRO F 270 17.58 -62.82 -16.68
CA PRO F 270 18.55 -61.95 -17.36
C PRO F 270 18.03 -61.27 -18.63
N GLY F 271 18.67 -60.16 -18.99
CA GLY F 271 18.29 -59.42 -20.19
C GLY F 271 17.21 -58.36 -20.03
N ASP F 272 17.08 -57.54 -21.06
CA ASP F 272 16.06 -56.48 -21.09
C ASP F 272 14.73 -57.07 -21.54
N PHE F 273 13.64 -56.56 -20.96
CA PHE F 273 12.29 -57.03 -21.31
C PHE F 273 11.47 -55.91 -21.92
N PRO F 274 11.00 -56.10 -23.17
CA PRO F 274 10.19 -55.05 -23.83
C PRO F 274 8.90 -54.77 -23.05
N THR F 275 8.65 -53.48 -22.79
CA THR F 275 7.49 -53.07 -22.00
C THR F 275 6.64 -52.06 -22.77
N PRO F 276 5.31 -52.27 -22.83
CA PRO F 276 4.36 -51.40 -23.53
C PRO F 276 4.35 -49.95 -23.04
N ILE F 277 4.92 -49.04 -23.83
CA ILE F 277 4.94 -47.64 -23.44
C ILE F 277 3.53 -47.08 -23.23
N PHE F 278 2.66 -47.29 -24.21
CA PHE F 278 1.28 -46.79 -24.18
C PHE F 278 0.51 -47.24 -22.94
N ASP F 279 0.61 -48.53 -22.64
CA ASP F 279 -0.07 -49.12 -21.48
C ASP F 279 0.44 -48.61 -20.14
N VAL F 280 1.76 -48.55 -19.99
CA VAL F 280 2.34 -48.10 -18.73
C VAL F 280 2.04 -46.63 -18.46
N VAL F 281 2.18 -45.80 -19.48
CA VAL F 281 1.92 -44.38 -19.31
C VAL F 281 0.43 -44.10 -19.12
N LEU F 282 -0.40 -44.42 -20.11
CA LEU F 282 -1.83 -44.15 -20.00
C LEU F 282 -2.57 -44.84 -18.86
N LYS F 283 -2.07 -45.98 -18.40
CA LYS F 283 -2.71 -46.68 -17.28
C LYS F 283 -2.03 -46.34 -15.96
N GLY F 284 -1.03 -45.45 -16.02
CA GLY F 284 -0.31 -45.03 -14.83
C GLY F 284 0.20 -46.19 -14.00
N LEU F 285 0.83 -47.15 -14.67
CA LEU F 285 1.38 -48.32 -13.97
C LEU F 285 2.74 -48.02 -13.33
N HIS F 286 3.02 -48.71 -12.24
CA HIS F 286 4.30 -48.54 -11.56
C HIS F 286 5.00 -49.87 -11.54
N ILE F 287 6.31 -49.85 -11.82
CA ILE F 287 7.11 -51.05 -11.80
C ILE F 287 8.14 -50.82 -10.69
N ALA F 288 8.15 -51.72 -9.70
CA ALA F 288 9.08 -51.58 -8.58
C ALA F 288 10.03 -52.75 -8.44
N GLY F 289 11.33 -52.49 -8.44
CA GLY F 289 12.31 -53.55 -8.27
C GLY F 289 12.51 -53.75 -6.79
N SER F 290 12.45 -54.99 -6.31
CA SER F 290 12.59 -55.26 -4.88
C SER F 290 13.62 -56.36 -4.55
N ILE F 291 14.64 -56.03 -3.75
CA ILE F 291 15.69 -57.00 -3.35
C ILE F 291 15.57 -57.42 -1.89
N VAL F 292 15.51 -58.73 -1.68
CA VAL F 292 15.35 -59.33 -0.35
C VAL F 292 14.66 -58.37 0.60
N GLY F 293 15.27 -58.09 1.73
CA GLY F 293 14.66 -57.18 2.67
C GLY F 293 15.68 -56.51 3.55
N THR F 294 15.19 -55.56 4.33
CA THR F 294 16.02 -54.82 5.25
C THR F 294 15.99 -55.61 6.58
N ARG F 295 16.83 -55.28 7.56
CA ARG F 295 16.79 -56.02 8.83
C ARG F 295 15.42 -55.88 9.47
N ALA F 296 14.80 -54.71 9.30
CA ALA F 296 13.46 -54.45 9.81
C ALA F 296 12.47 -55.34 9.05
N ASP F 297 12.61 -55.41 7.73
CA ASP F 297 11.73 -56.25 6.90
C ASP F 297 11.86 -57.71 7.33
N LEU F 298 13.11 -58.16 7.56
CA LEU F 298 13.39 -59.53 7.97
C LEU F 298 12.73 -59.86 9.30
N GLN F 299 12.89 -58.97 10.28
CA GLN F 299 12.27 -59.20 11.58
C GLN F 299 10.76 -59.24 11.49
N GLU F 300 10.20 -58.35 10.66
CA GLU F 300 8.74 -58.31 10.43
C GLU F 300 8.26 -59.58 9.76
N ALA F 301 9.02 -60.05 8.76
CA ALA F 301 8.68 -61.28 8.05
C ALA F 301 8.78 -62.48 8.99
N LEU F 302 9.77 -62.46 9.89
CA LEU F 302 9.94 -63.55 10.84
C LEU F 302 8.76 -63.57 11.83
N ASP F 303 8.26 -62.39 12.21
CA ASP F 303 7.13 -62.28 13.14
C ASP F 303 5.86 -62.97 12.61
N PHE F 304 5.63 -62.89 11.30
CA PHE F 304 4.46 -63.54 10.72
C PHE F 304 4.57 -65.05 10.85
N ALA F 305 5.78 -65.57 10.74
CA ALA F 305 6.02 -67.01 10.87
C ALA F 305 5.77 -67.37 12.32
N GLY F 306 6.30 -66.55 13.22
CA GLY F 306 6.14 -66.76 14.65
C GLY F 306 4.67 -66.77 15.06
N GLU F 307 3.86 -65.94 14.41
CA GLU F 307 2.42 -65.88 14.69
C GLU F 307 1.68 -67.06 14.05
N GLY F 308 2.40 -67.82 13.23
CA GLY F 308 1.81 -68.96 12.55
C GLY F 308 0.95 -68.59 11.35
N LEU F 309 1.11 -67.37 10.85
CA LEU F 309 0.34 -66.89 9.71
C LEU F 309 0.98 -67.30 8.39
N VAL F 310 2.23 -67.74 8.47
CA VAL F 310 2.97 -68.17 7.30
C VAL F 310 3.75 -69.44 7.62
N LYS F 311 3.48 -70.49 6.85
CA LYS F 311 4.15 -71.77 7.00
C LYS F 311 4.71 -72.17 5.64
N ALA F 312 6.03 -72.21 5.51
CA ALA F 312 6.64 -72.60 4.25
C ALA F 312 6.43 -74.10 4.04
N THR F 313 6.27 -74.51 2.78
CA THR F 313 6.08 -75.92 2.47
C THR F 313 7.46 -76.49 2.18
N ILE F 314 8.14 -76.95 3.23
CA ILE F 314 9.49 -77.49 3.08
C ILE F 314 9.62 -78.99 2.91
N HIS F 315 10.65 -79.39 2.17
CA HIS F 315 10.97 -80.79 1.92
C HIS F 315 12.44 -80.97 2.29
N PRO F 316 12.74 -81.88 3.23
CA PRO F 316 14.11 -82.16 3.70
C PRO F 316 15.10 -82.60 2.63
N GLY F 317 16.37 -82.34 2.88
CA GLY F 317 17.42 -82.70 1.94
C GLY F 317 18.76 -82.85 2.63
N LYS F 318 19.63 -83.70 2.10
CA LYS F 318 20.96 -83.89 2.67
C LYS F 318 21.97 -83.06 1.90
N LEU F 319 23.00 -82.58 2.60
CA LEU F 319 24.01 -81.74 1.99
C LEU F 319 24.74 -82.31 0.76
N ASP F 320 25.03 -83.62 0.77
CA ASP F 320 25.72 -84.24 -0.35
C ASP F 320 24.85 -84.42 -1.60
N ASP F 321 23.54 -84.59 -1.39
CA ASP F 321 22.61 -84.75 -2.50
C ASP F 321 22.29 -83.40 -3.13
N ILE F 322 23.05 -82.38 -2.73
CA ILE F 322 22.86 -81.02 -3.20
C ILE F 322 22.79 -80.86 -4.72
N ASN F 323 23.70 -81.51 -5.44
CA ASN F 323 23.72 -81.41 -6.90
C ASN F 323 22.43 -81.92 -7.52
N GLN F 324 21.91 -83.00 -6.96
CA GLN F 324 20.66 -83.59 -7.44
C GLN F 324 19.53 -82.57 -7.19
N ILE F 325 19.58 -81.95 -6.02
CA ILE F 325 18.61 -80.94 -5.60
C ILE F 325 18.60 -79.76 -6.56
N LEU F 326 19.79 -79.23 -6.87
CA LEU F 326 19.92 -78.10 -7.78
C LEU F 326 19.36 -78.42 -9.17
N ASP F 327 19.73 -79.59 -9.70
CA ASP F 327 19.26 -80.03 -11.02
C ASP F 327 17.75 -80.16 -11.00
N GLN F 328 17.21 -80.43 -9.82
CA GLN F 328 15.78 -80.60 -9.64
C GLN F 328 15.09 -79.24 -9.72
N MET F 329 15.78 -78.19 -9.27
CA MET F 329 15.22 -76.84 -9.30
C MET F 329 15.36 -76.20 -10.67
N ARG F 330 16.43 -76.55 -11.39
CA ARG F 330 16.65 -76.01 -12.73
C ARG F 330 15.59 -76.60 -13.65
N ALA F 331 15.12 -77.79 -13.29
CA ALA F 331 14.09 -78.50 -14.04
C ALA F 331 12.70 -78.14 -13.52
N GLY F 332 12.66 -77.38 -12.42
CA GLY F 332 11.39 -76.96 -11.84
C GLY F 332 10.57 -78.10 -11.28
N GLN F 333 11.26 -79.12 -10.75
CA GLN F 333 10.60 -80.29 -10.19
C GLN F 333 10.46 -80.23 -8.67
N ILE F 334 10.58 -79.03 -8.11
CA ILE F 334 10.47 -78.87 -6.66
C ILE F 334 9.11 -78.33 -6.25
N GLU F 335 8.48 -78.99 -5.28
CA GLU F 335 7.18 -78.57 -4.79
C GLU F 335 7.38 -77.88 -3.44
N GLY F 336 7.59 -76.57 -3.48
CA GLY F 336 7.79 -75.82 -2.25
C GLY F 336 9.24 -75.37 -2.09
N ARG F 337 9.77 -75.56 -0.89
CA ARG F 337 11.14 -75.15 -0.57
C ARG F 337 11.94 -76.33 -0.01
N ILE F 338 13.14 -76.52 -0.52
CA ILE F 338 13.99 -77.61 -0.03
C ILE F 338 14.95 -77.08 1.01
N VAL F 339 14.78 -77.55 2.25
CA VAL F 339 15.64 -77.14 3.36
C VAL F 339 16.57 -78.28 3.75
N LEU F 340 17.88 -78.01 3.74
CA LEU F 340 18.88 -79.02 4.08
C LEU F 340 18.97 -79.28 5.59
N GLU F 341 18.92 -80.55 5.96
CA GLU F 341 19.01 -80.97 7.34
C GLU F 341 20.48 -81.17 7.71
N MET F 342 20.82 -80.86 8.96
CA MET F 342 22.20 -81.00 9.43
C MET F 342 22.24 -81.11 10.96
N THR G 2 -47.83 -45.48 -3.25
CA THR G 2 -47.82 -44.40 -4.28
C THR G 2 -47.30 -43.11 -3.62
N LEU G 3 -46.54 -43.28 -2.54
CA LEU G 3 -45.98 -42.17 -1.78
C LEU G 3 -47.04 -41.47 -0.92
N PRO G 4 -47.05 -41.80 0.37
CA PRO G 4 -47.93 -41.33 1.46
C PRO G 4 -48.33 -39.86 1.49
N GLN G 5 -47.44 -38.98 1.03
CA GLN G 5 -47.72 -37.55 1.06
C GLN G 5 -47.50 -37.02 2.49
N THR G 6 -47.51 -37.94 3.45
CA THR G 6 -47.30 -37.64 4.86
C THR G 6 -46.52 -38.82 5.47
N MET G 7 -45.71 -38.56 6.48
CA MET G 7 -44.92 -39.61 7.14
C MET G 7 -44.64 -39.30 8.61
N LYS G 8 -44.25 -40.31 9.37
CA LYS G 8 -43.88 -40.11 10.77
C LYS G 8 -42.37 -39.86 10.81
N ALA G 9 -41.95 -39.00 11.73
CA ALA G 9 -40.54 -38.66 11.87
C ALA G 9 -40.30 -38.23 13.31
N ALA G 10 -39.08 -38.43 13.80
CA ALA G 10 -38.72 -38.02 15.15
C ALA G 10 -38.03 -36.66 15.01
N VAL G 11 -38.58 -35.64 15.65
CA VAL G 11 -38.07 -34.29 15.55
C VAL G 11 -37.48 -33.72 16.85
N VAL G 12 -36.39 -32.97 16.70
CA VAL G 12 -35.76 -32.30 17.83
C VAL G 12 -36.23 -30.84 17.74
N HIS G 13 -36.97 -30.37 18.75
CA HIS G 13 -37.47 -28.99 18.76
C HIS G 13 -36.70 -28.09 19.71
N ALA G 14 -36.11 -28.70 20.75
CA ALA G 14 -35.32 -27.96 21.73
C ALA G 14 -34.19 -28.85 22.27
N TYR G 15 -33.01 -28.26 22.45
CA TYR G 15 -31.84 -28.98 22.94
C TYR G 15 -32.05 -29.50 24.36
N GLY G 16 -31.78 -30.78 24.55
CA GLY G 16 -31.96 -31.38 25.85
C GLY G 16 -33.35 -31.91 26.04
N ALA G 17 -34.30 -31.41 25.23
CA ALA G 17 -35.69 -31.85 25.34
C ALA G 17 -35.95 -33.14 24.58
N PRO G 18 -36.92 -33.95 25.04
CA PRO G 18 -37.25 -35.22 24.37
C PRO G 18 -37.70 -34.98 22.92
N LEU G 19 -37.41 -35.92 22.03
CA LEU G 19 -37.84 -35.77 20.65
C LEU G 19 -39.33 -36.06 20.56
N ARG G 20 -39.97 -35.48 19.56
CA ARG G 20 -41.39 -35.68 19.36
C ARG G 20 -41.68 -36.37 18.05
N ILE G 21 -42.35 -37.51 18.11
CA ILE G 21 -42.71 -38.23 16.91
C ILE G 21 -43.92 -37.51 16.35
N GLU G 22 -43.79 -36.98 15.15
CA GLU G 22 -44.92 -36.29 14.55
C GLU G 22 -45.04 -36.49 13.06
N GLU G 23 -46.20 -36.11 12.52
CA GLU G 23 -46.45 -36.26 11.10
C GLU G 23 -45.93 -35.05 10.33
N VAL G 24 -45.13 -35.32 9.31
CA VAL G 24 -44.57 -34.27 8.48
C VAL G 24 -44.80 -34.64 7.03
N LYS G 25 -44.72 -33.66 6.15
CA LYS G 25 -44.94 -33.89 4.73
C LYS G 25 -43.76 -34.63 4.12
N VAL G 26 -44.07 -35.61 3.27
CA VAL G 26 -43.06 -36.39 2.57
C VAL G 26 -42.54 -35.48 1.47
N PRO G 27 -41.21 -35.22 1.44
CA PRO G 27 -40.61 -34.36 0.43
C PRO G 27 -40.67 -34.95 -0.98
N LEU G 28 -40.58 -34.09 -1.98
CA LEU G 28 -40.59 -34.57 -3.36
C LEU G 28 -39.23 -34.26 -3.97
N PRO G 29 -38.62 -35.25 -4.63
CA PRO G 29 -37.31 -35.08 -5.26
C PRO G 29 -37.29 -33.94 -6.28
N GLY G 30 -36.50 -32.91 -6.00
CA GLY G 30 -36.37 -31.80 -6.93
C GLY G 30 -35.40 -32.24 -8.03
N PRO G 31 -35.02 -31.35 -8.95
CA PRO G 31 -34.11 -31.72 -10.03
C PRO G 31 -33.04 -32.77 -9.71
N GLY G 32 -31.98 -32.40 -8.99
CA GLY G 32 -30.94 -33.38 -8.71
C GLY G 32 -31.07 -34.14 -7.40
N GLN G 33 -32.28 -34.60 -7.07
CA GLN G 33 -32.50 -35.33 -5.84
C GLN G 33 -33.25 -36.63 -6.03
N VAL G 34 -33.28 -37.41 -4.96
CA VAL G 34 -34.01 -38.67 -4.94
C VAL G 34 -34.67 -38.76 -3.58
N LEU G 35 -35.73 -39.55 -3.50
CA LEU G 35 -36.44 -39.76 -2.26
C LEU G 35 -36.13 -41.20 -1.91
N VAL G 36 -35.66 -41.43 -0.70
CA VAL G 36 -35.31 -42.77 -0.26
C VAL G 36 -36.33 -43.19 0.78
N LYS G 37 -36.84 -44.41 0.66
CA LYS G 37 -37.79 -44.91 1.62
C LYS G 37 -36.97 -45.68 2.66
N ILE G 38 -36.87 -45.11 3.86
CA ILE G 38 -36.08 -45.70 4.94
C ILE G 38 -36.60 -47.06 5.36
N GLU G 39 -35.70 -48.04 5.37
CA GLU G 39 -36.07 -49.39 5.75
C GLU G 39 -35.42 -49.71 7.11
N ALA G 40 -34.23 -49.15 7.32
CA ALA G 40 -33.46 -49.32 8.56
C ALA G 40 -32.72 -48.01 8.81
N SER G 41 -32.52 -47.66 10.07
CA SER G 41 -31.85 -46.41 10.40
C SER G 41 -31.03 -46.57 11.69
N GLY G 42 -29.71 -46.41 11.57
CA GLY G 42 -28.84 -46.56 12.72
C GLY G 42 -28.78 -45.36 13.65
N VAL G 43 -28.67 -45.64 14.94
CA VAL G 43 -28.60 -44.58 15.95
C VAL G 43 -27.13 -44.32 16.29
N CYS G 44 -26.63 -43.15 15.91
CA CYS G 44 -25.24 -42.75 16.16
C CYS G 44 -25.16 -41.74 17.33
N HIS G 45 -24.08 -41.81 18.10
CA HIS G 45 -23.93 -40.91 19.24
C HIS G 45 -23.90 -39.47 18.80
N THR G 46 -23.56 -39.24 17.54
CA THR G 46 -23.54 -37.89 17.00
C THR G 46 -24.95 -37.31 17.11
N ASP G 47 -25.96 -38.19 17.02
CA ASP G 47 -27.36 -37.77 17.13
C ASP G 47 -27.62 -37.20 18.52
N LEU G 48 -26.93 -37.73 19.52
CA LEU G 48 -27.06 -37.25 20.90
C LEU G 48 -26.44 -35.86 21.01
N HIS G 49 -25.22 -35.71 20.48
CA HIS G 49 -24.52 -34.42 20.49
C HIS G 49 -25.35 -33.36 19.78
N ALA G 50 -26.06 -33.76 18.73
CA ALA G 50 -26.88 -32.85 17.96
C ALA G 50 -28.15 -32.47 18.73
N ALA G 51 -28.81 -33.46 19.33
CA ALA G 51 -30.03 -33.21 20.08
C ALA G 51 -29.76 -32.42 21.35
N GLU G 52 -28.54 -32.55 21.86
CA GLU G 52 -28.12 -31.90 23.09
C GLU G 52 -27.48 -30.54 22.80
N GLY G 53 -27.13 -30.30 21.54
CA GLY G 53 -26.51 -29.04 21.16
C GLY G 53 -25.12 -28.88 21.76
N ASP G 54 -24.38 -29.99 21.85
CA ASP G 54 -23.03 -29.99 22.42
C ASP G 54 -21.94 -29.27 21.64
N TRP G 55 -22.07 -29.24 20.31
CA TRP G 55 -21.03 -28.66 19.48
C TRP G 55 -21.03 -27.16 19.22
N PRO G 56 -19.88 -26.62 18.81
CA PRO G 56 -19.72 -25.19 18.51
C PRO G 56 -20.74 -24.73 17.47
N VAL G 57 -20.90 -25.55 16.44
CA VAL G 57 -21.85 -25.28 15.37
C VAL G 57 -23.00 -26.24 15.63
N LYS G 58 -24.14 -25.68 16.01
CA LYS G 58 -25.31 -26.47 16.37
C LYS G 58 -26.27 -26.67 15.22
N PRO G 59 -27.08 -27.74 15.28
CA PRO G 59 -28.05 -28.05 14.24
C PRO G 59 -29.29 -27.14 14.34
N PRO G 60 -29.59 -26.37 13.28
CA PRO G 60 -30.76 -25.50 13.36
C PRO G 60 -32.02 -26.27 13.72
N LEU G 61 -32.81 -25.71 14.63
CA LEU G 61 -34.04 -26.33 15.12
C LEU G 61 -35.30 -25.82 14.42
N PRO G 62 -36.28 -26.70 14.18
CA PRO G 62 -36.23 -28.12 14.52
C PRO G 62 -35.58 -28.93 13.39
N PHE G 63 -35.29 -30.21 13.65
CA PHE G 63 -34.69 -31.04 12.61
C PHE G 63 -34.87 -32.52 12.93
N ILE G 64 -34.73 -33.35 11.91
CA ILE G 64 -34.86 -34.80 12.05
C ILE G 64 -33.45 -35.38 11.95
N PRO G 65 -32.97 -36.02 13.02
CA PRO G 65 -31.61 -36.58 12.98
C PRO G 65 -31.54 -37.89 12.19
N GLY G 66 -30.34 -38.47 12.11
CA GLY G 66 -30.16 -39.74 11.42
C GLY G 66 -29.35 -39.74 10.13
N HIS G 67 -28.10 -40.21 10.20
CA HIS G 67 -27.24 -40.26 9.02
C HIS G 67 -26.71 -41.68 8.78
N GLU G 68 -27.50 -42.66 9.20
CA GLU G 68 -27.20 -44.07 8.99
C GLU G 68 -28.51 -44.67 8.45
N GLY G 69 -29.26 -43.83 7.74
CA GLY G 69 -30.52 -44.23 7.14
C GLY G 69 -30.28 -45.04 5.87
N VAL G 70 -30.95 -46.17 5.78
CA VAL G 70 -30.77 -47.07 4.65
C VAL G 70 -32.14 -47.52 4.08
N GLY G 71 -32.24 -47.62 2.76
CA GLY G 71 -33.50 -48.03 2.14
C GLY G 71 -33.52 -48.10 0.63
N TYR G 72 -34.70 -47.97 0.04
CA TYR G 72 -34.87 -48.02 -1.42
C TYR G 72 -35.11 -46.65 -2.02
N VAL G 73 -34.58 -46.41 -3.22
CA VAL G 73 -34.82 -45.14 -3.90
C VAL G 73 -36.30 -45.28 -4.29
N ALA G 74 -37.11 -44.33 -3.81
CA ALA G 74 -38.55 -44.36 -4.04
C ALA G 74 -39.05 -43.46 -5.16
N ALA G 75 -38.29 -42.42 -5.46
CA ALA G 75 -38.66 -41.47 -6.51
C ALA G 75 -37.40 -40.74 -6.91
N VAL G 76 -37.28 -40.44 -8.20
CA VAL G 76 -36.10 -39.77 -8.70
C VAL G 76 -36.41 -38.42 -9.33
N GLY G 77 -35.62 -37.42 -8.98
CA GLY G 77 -35.83 -36.11 -9.56
C GLY G 77 -35.19 -36.10 -10.94
N SER G 78 -35.44 -35.05 -11.71
CA SER G 78 -34.90 -34.93 -13.06
C SER G 78 -33.39 -34.69 -13.14
N GLY G 79 -32.73 -35.39 -14.06
CA GLY G 79 -31.29 -35.21 -14.22
C GLY G 79 -30.48 -36.13 -13.35
N VAL G 80 -31.15 -37.00 -12.59
CA VAL G 80 -30.46 -37.93 -11.72
C VAL G 80 -30.01 -39.11 -12.55
N THR G 81 -28.74 -39.47 -12.42
CA THR G 81 -28.18 -40.56 -13.20
C THR G 81 -27.47 -41.68 -12.42
N ARG G 82 -26.87 -41.35 -11.29
CA ARG G 82 -26.14 -42.33 -10.48
C ARG G 82 -26.96 -43.51 -9.96
N VAL G 83 -28.22 -43.27 -9.61
CA VAL G 83 -29.08 -44.34 -9.11
C VAL G 83 -30.44 -44.27 -9.79
N LYS G 84 -31.25 -45.30 -9.59
CA LYS G 84 -32.60 -45.35 -10.16
C LYS G 84 -33.56 -45.97 -9.16
N GLU G 85 -34.85 -45.76 -9.38
CA GLU G 85 -35.87 -46.28 -8.49
C GLU G 85 -35.64 -47.76 -8.15
N GLY G 86 -35.82 -48.10 -6.87
CA GLY G 86 -35.63 -49.47 -6.43
C GLY G 86 -34.23 -49.81 -5.94
N ASP G 87 -33.26 -48.94 -6.21
CA ASP G 87 -31.90 -49.21 -5.77
C ASP G 87 -31.79 -49.18 -4.25
N ARG G 88 -31.01 -50.09 -3.67
CA ARG G 88 -30.81 -50.11 -2.22
C ARG G 88 -29.65 -49.15 -1.98
N VAL G 89 -29.95 -48.09 -1.23
CA VAL G 89 -28.99 -47.04 -1.02
C VAL G 89 -29.02 -46.47 0.42
N GLY G 90 -27.93 -45.83 0.86
CA GLY G 90 -27.88 -45.27 2.20
C GLY G 90 -27.49 -43.80 2.20
N ILE G 91 -28.00 -43.01 3.14
CA ILE G 91 -27.66 -41.58 3.20
C ILE G 91 -26.78 -41.33 4.44
N PRO G 92 -25.46 -41.10 4.23
CA PRO G 92 -24.52 -40.88 5.34
C PRO G 92 -24.40 -39.43 5.83
N TRP G 93 -23.46 -39.19 6.75
CA TRP G 93 -23.23 -37.87 7.30
C TRP G 93 -22.91 -36.87 6.20
N LEU G 94 -22.03 -37.24 5.27
CA LEU G 94 -21.69 -36.33 4.16
C LEU G 94 -22.80 -36.40 3.10
N TYR G 95 -23.77 -35.51 3.25
CA TYR G 95 -24.95 -35.41 2.38
C TYR G 95 -24.62 -34.96 0.95
N THR G 96 -23.78 -33.94 0.85
CA THR G 96 -23.39 -33.40 -0.44
C THR G 96 -22.09 -32.62 -0.24
N ALA G 97 -21.47 -32.19 -1.34
CA ALA G 97 -20.23 -31.43 -1.34
C ALA G 97 -20.22 -30.68 -2.67
N CYS G 98 -19.44 -29.62 -2.79
CA CYS G 98 -19.43 -28.83 -4.04
C CYS G 98 -18.83 -29.53 -5.26
N GLY G 99 -17.87 -30.42 -5.03
CA GLY G 99 -17.26 -31.16 -6.14
C GLY G 99 -16.17 -30.46 -6.93
N CYS G 100 -15.83 -29.22 -6.60
CA CYS G 100 -14.80 -28.54 -7.35
C CYS G 100 -13.83 -27.65 -6.56
N CYS G 101 -13.72 -27.87 -5.26
CA CYS G 101 -12.79 -27.10 -4.45
C CYS G 101 -11.54 -27.95 -4.23
N GLU G 102 -10.52 -27.37 -3.59
CA GLU G 102 -9.26 -28.05 -3.30
C GLU G 102 -9.46 -29.47 -2.80
N HIS G 103 -10.29 -29.58 -1.76
CA HIS G 103 -10.57 -30.85 -1.09
C HIS G 103 -11.34 -31.83 -1.94
N CYS G 104 -12.40 -31.37 -2.58
CA CYS G 104 -13.22 -32.24 -3.43
C CYS G 104 -12.42 -32.80 -4.60
N LEU G 105 -11.55 -31.99 -5.17
CA LEU G 105 -10.75 -32.41 -6.32
C LEU G 105 -9.55 -33.30 -5.97
N THR G 106 -9.18 -33.36 -4.70
CA THR G 106 -8.05 -34.18 -4.29
C THR G 106 -8.43 -35.42 -3.47
N GLY G 107 -9.68 -35.87 -3.58
CA GLY G 107 -10.11 -37.04 -2.85
C GLY G 107 -10.44 -36.82 -1.38
N TRP G 108 -10.68 -35.57 -1.01
CA TRP G 108 -11.02 -35.18 0.37
C TRP G 108 -12.34 -34.37 0.45
N GLU G 109 -13.38 -34.80 -0.25
CA GLU G 109 -14.65 -34.06 -0.24
C GLU G 109 -15.17 -33.94 1.19
N THR G 110 -14.61 -34.79 2.04
CA THR G 110 -14.93 -34.87 3.45
C THR G 110 -14.63 -33.54 4.19
N LEU G 111 -13.66 -32.79 3.67
CA LEU G 111 -13.25 -31.51 4.24
C LEU G 111 -13.88 -30.32 3.52
N CYS G 112 -14.80 -30.59 2.60
CA CYS G 112 -15.47 -29.53 1.85
C CYS G 112 -16.25 -28.55 2.74
N GLU G 113 -16.00 -27.27 2.54
CA GLU G 113 -16.68 -26.24 3.32
C GLU G 113 -18.12 -25.99 2.89
N SER G 114 -18.49 -26.49 1.72
CA SER G 114 -19.84 -26.31 1.18
C SER G 114 -20.70 -27.56 1.35
N GLN G 115 -20.29 -28.45 2.24
CA GLN G 115 -21.05 -29.67 2.45
C GLN G 115 -22.26 -29.45 3.34
N GLN G 116 -23.17 -30.42 3.33
CA GLN G 116 -24.35 -30.39 4.17
C GLN G 116 -24.25 -31.72 4.91
N ASN G 117 -24.85 -31.78 6.10
CA ASN G 117 -24.79 -32.99 6.90
C ASN G 117 -26.16 -33.54 7.21
N THR G 118 -26.37 -34.79 6.80
CA THR G 118 -27.63 -35.49 7.01
C THR G 118 -27.92 -35.62 8.51
N GLY G 119 -29.14 -35.23 8.89
CA GLY G 119 -29.55 -35.32 10.28
C GLY G 119 -28.87 -34.28 11.15
N TYR G 120 -28.49 -33.16 10.55
CA TYR G 120 -27.84 -32.07 11.28
C TYR G 120 -28.17 -30.71 10.66
N SER G 121 -27.75 -30.49 9.40
CA SER G 121 -28.02 -29.24 8.70
C SER G 121 -29.13 -29.45 7.66
N VAL G 122 -29.49 -30.73 7.48
CA VAL G 122 -30.51 -31.16 6.53
C VAL G 122 -31.20 -32.33 7.26
N ASN G 123 -32.48 -32.56 7.01
CA ASN G 123 -33.17 -33.66 7.71
C ASN G 123 -32.64 -35.04 7.36
N GLY G 124 -32.65 -35.94 8.33
CA GLY G 124 -32.13 -37.27 8.14
C GLY G 124 -33.06 -38.46 8.22
N GLY G 125 -32.48 -39.61 8.57
CA GLY G 125 -33.21 -40.87 8.63
C GLY G 125 -34.11 -41.26 9.78
N TYR G 126 -34.33 -40.40 10.77
CA TYR G 126 -35.25 -40.74 11.86
C TYR G 126 -36.65 -40.43 11.31
N ALA G 127 -36.96 -41.02 10.16
CA ALA G 127 -38.23 -40.81 9.47
C ALA G 127 -38.47 -41.93 8.45
N GLU G 128 -39.65 -41.94 7.84
CA GLU G 128 -39.97 -42.98 6.86
C GLU G 128 -39.38 -42.72 5.47
N TYR G 129 -39.15 -41.45 5.14
CA TYR G 129 -38.56 -41.06 3.85
C TYR G 129 -37.54 -39.96 4.07
N VAL G 130 -36.54 -39.92 3.19
CA VAL G 130 -35.48 -38.92 3.27
C VAL G 130 -35.11 -38.43 1.87
N LEU G 131 -34.91 -37.11 1.73
CA LEU G 131 -34.45 -36.58 0.45
C LEU G 131 -32.94 -36.79 0.45
N ALA G 132 -32.35 -36.96 -0.72
CA ALA G 132 -30.92 -37.16 -0.76
C ALA G 132 -30.32 -36.75 -2.08
N ASP G 133 -29.01 -36.51 -2.06
CA ASP G 133 -28.27 -36.17 -3.26
C ASP G 133 -27.74 -37.52 -3.74
N PRO G 134 -28.19 -37.98 -4.92
CA PRO G 134 -27.79 -39.27 -5.50
C PRO G 134 -26.26 -39.47 -5.57
N ASN G 135 -25.54 -38.37 -5.76
CA ASN G 135 -24.09 -38.40 -5.89
C ASN G 135 -23.26 -38.72 -4.65
N TYR G 136 -23.89 -38.66 -3.47
CA TYR G 136 -23.16 -38.91 -2.23
C TYR G 136 -23.73 -40.03 -1.40
N VAL G 137 -24.79 -40.63 -1.91
CA VAL G 137 -25.46 -41.72 -1.23
C VAL G 137 -24.56 -42.97 -1.33
N GLY G 138 -24.62 -43.86 -0.34
CA GLY G 138 -23.82 -45.07 -0.38
C GLY G 138 -24.56 -46.17 -1.13
N ILE G 139 -23.88 -46.87 -2.05
CA ILE G 139 -24.51 -47.94 -2.82
C ILE G 139 -24.29 -49.25 -2.07
N LEU G 140 -25.38 -49.77 -1.51
CA LEU G 140 -25.35 -50.98 -0.70
C LEU G 140 -25.10 -52.32 -1.39
N PRO G 141 -24.31 -53.21 -0.74
CA PRO G 141 -24.05 -54.51 -1.33
C PRO G 141 -25.37 -55.27 -1.27
N LYS G 142 -25.70 -55.98 -2.36
CA LYS G 142 -26.96 -56.72 -2.44
C LYS G 142 -27.15 -57.87 -1.49
N ASN G 143 -26.05 -58.46 -1.02
CA ASN G 143 -26.11 -59.61 -0.13
C ASN G 143 -26.19 -59.31 1.37
N VAL G 144 -26.19 -58.04 1.75
CA VAL G 144 -26.27 -57.68 3.16
C VAL G 144 -27.59 -56.98 3.44
N GLU G 145 -28.29 -57.38 4.50
CA GLU G 145 -29.57 -56.78 4.84
C GLU G 145 -29.48 -55.36 5.43
N PHE G 146 -30.52 -54.57 5.16
CA PHE G 146 -30.60 -53.18 5.59
C PHE G 146 -30.13 -52.91 7.02
N ALA G 147 -30.76 -53.57 7.99
CA ALA G 147 -30.39 -53.38 9.39
C ALA G 147 -28.93 -53.69 9.65
N GLU G 148 -28.38 -54.67 8.94
CA GLU G 148 -26.99 -55.04 9.13
C GLU G 148 -25.99 -54.04 8.51
N ILE G 149 -26.29 -53.50 7.33
CA ILE G 149 -25.38 -52.52 6.71
C ILE G 149 -25.59 -51.09 7.18
N ALA G 150 -26.69 -50.81 7.86
CA ALA G 150 -26.94 -49.45 8.31
C ALA G 150 -25.74 -48.80 9.00
N PRO G 151 -25.18 -49.43 10.05
CA PRO G 151 -24.02 -48.89 10.78
C PRO G 151 -22.79 -48.57 9.95
N ILE G 152 -22.64 -49.25 8.80
CA ILE G 152 -21.48 -48.99 7.95
C ILE G 152 -21.60 -47.60 7.34
N LEU G 153 -22.81 -47.08 7.23
CA LEU G 153 -22.99 -45.75 6.65
C LEU G 153 -22.27 -44.66 7.45
N CYS G 154 -21.94 -44.95 8.71
CA CYS G 154 -21.21 -43.98 9.52
C CYS G 154 -20.17 -44.60 10.43
N ALA G 155 -20.61 -45.46 11.35
CA ALA G 155 -19.70 -46.11 12.27
C ALA G 155 -18.61 -46.86 11.51
N GLY G 156 -19.02 -47.60 10.48
CA GLY G 156 -18.08 -48.37 9.66
C GLY G 156 -17.11 -47.53 8.85
N VAL G 157 -17.61 -46.62 8.01
CA VAL G 157 -16.74 -45.76 7.19
C VAL G 157 -15.76 -44.96 8.02
N THR G 158 -16.29 -44.33 9.06
CA THR G 158 -15.54 -43.49 9.97
C THR G 158 -14.35 -44.21 10.57
N VAL G 159 -14.66 -45.30 11.25
CA VAL G 159 -13.70 -46.15 11.91
C VAL G 159 -12.68 -46.72 10.90
N TYR G 160 -13.16 -47.10 9.71
CA TYR G 160 -12.31 -47.63 8.64
C TYR G 160 -11.31 -46.57 8.13
N LYS G 161 -11.80 -45.38 7.84
CA LYS G 161 -10.94 -44.28 7.39
C LYS G 161 -9.98 -43.88 8.53
N GLY G 162 -10.45 -44.00 9.77
CA GLY G 162 -9.64 -43.66 10.91
C GLY G 162 -8.47 -44.60 11.04
N LEU G 163 -8.75 -45.90 10.87
CA LEU G 163 -7.71 -46.91 10.94
C LEU G 163 -6.68 -46.68 9.81
N LYS G 164 -7.14 -46.18 8.67
CA LYS G 164 -6.24 -45.87 7.55
C LYS G 164 -5.37 -44.65 7.88
N GLN G 165 -5.95 -43.69 8.59
CA GLN G 165 -5.23 -42.47 8.98
C GLN G 165 -4.16 -42.79 10.03
N THR G 166 -4.33 -43.93 10.65
CA THR G 166 -3.43 -44.43 11.67
C THR G 166 -2.09 -44.85 11.04
N ASN G 167 -2.19 -45.41 9.83
CA ASN G 167 -1.05 -45.89 9.07
C ASN G 167 -0.42 -47.16 9.64
N ALA G 168 -1.17 -47.84 10.49
CA ALA G 168 -0.68 -49.09 11.06
C ALA G 168 -0.77 -50.13 9.94
N ARG G 169 0.32 -50.87 9.72
CA ARG G 169 0.39 -51.86 8.67
C ARG G 169 0.18 -53.27 9.24
N PRO G 170 -0.15 -54.25 8.39
CA PRO G 170 -0.35 -55.63 8.85
C PRO G 170 0.78 -56.08 9.78
N GLY G 171 0.41 -56.80 10.84
CA GLY G 171 1.38 -57.26 11.81
C GLY G 171 1.55 -56.31 12.98
N GLN G 172 1.17 -55.05 12.80
CA GLN G 172 1.27 -54.05 13.86
C GLN G 172 0.10 -54.05 14.83
N TRP G 173 0.22 -53.27 15.89
CA TRP G 173 -0.82 -53.15 16.92
C TRP G 173 -1.56 -51.84 16.83
N VAL G 174 -2.86 -51.91 17.10
CA VAL G 174 -3.70 -50.72 17.15
C VAL G 174 -4.45 -50.83 18.46
N ALA G 175 -4.46 -49.73 19.22
CA ALA G 175 -5.21 -49.66 20.47
C ALA G 175 -6.47 -48.89 20.12
N ILE G 176 -7.62 -49.51 20.35
CA ILE G 176 -8.90 -48.86 20.06
C ILE G 176 -9.56 -48.50 21.39
N SER G 177 -9.72 -47.20 21.63
CA SER G 177 -10.33 -46.71 22.86
C SER G 177 -11.81 -46.36 22.62
N GLY G 178 -12.69 -47.09 23.28
CA GLY G 178 -14.10 -46.85 23.09
C GLY G 178 -14.63 -47.92 22.16
N ILE G 179 -15.22 -48.97 22.72
CA ILE G 179 -15.76 -50.07 21.94
C ILE G 179 -17.30 -50.03 21.87
N GLY G 180 -17.84 -48.96 21.30
CA GLY G 180 -19.28 -48.85 21.18
C GLY G 180 -19.75 -49.10 19.77
N GLY G 181 -20.58 -48.21 19.23
CA GLY G 181 -21.06 -48.37 17.87
C GLY G 181 -19.90 -48.35 16.90
N LEU G 182 -19.07 -47.32 17.01
CA LEU G 182 -17.90 -47.17 16.16
C LEU G 182 -16.83 -48.19 16.52
N GLY G 183 -16.53 -48.27 17.81
CA GLY G 183 -15.50 -49.16 18.31
C GLY G 183 -15.60 -50.64 18.07
N HIS G 184 -16.78 -51.23 18.24
CA HIS G 184 -16.93 -52.67 18.05
C HIS G 184 -16.73 -53.05 16.58
N VAL G 185 -17.02 -52.11 15.70
CA VAL G 185 -16.88 -52.35 14.27
C VAL G 185 -15.43 -52.06 13.86
N ALA G 186 -14.75 -51.19 14.59
CA ALA G 186 -13.34 -50.88 14.33
C ALA G 186 -12.46 -52.11 14.61
N VAL G 187 -12.85 -52.88 15.62
CA VAL G 187 -12.12 -54.10 15.99
C VAL G 187 -12.12 -55.06 14.78
N GLN G 188 -13.25 -55.12 14.07
CA GLN G 188 -13.42 -55.98 12.92
C GLN G 188 -12.65 -55.49 11.69
N TYR G 189 -12.71 -54.19 11.41
CA TYR G 189 -11.98 -53.64 10.28
C TYR G 189 -10.48 -53.79 10.54
N ALA G 190 -10.07 -53.56 11.80
CA ALA G 190 -8.66 -53.66 12.19
C ALA G 190 -8.15 -55.07 11.96
N ARG G 191 -8.95 -56.08 12.30
CA ARG G 191 -8.54 -57.47 12.10
C ARG G 191 -8.40 -57.76 10.60
N ALA G 192 -9.38 -57.32 9.83
CA ALA G 192 -9.39 -57.52 8.38
C ALA G 192 -8.23 -56.78 7.71
N MET G 193 -7.61 -55.86 8.46
CA MET G 193 -6.49 -55.08 7.95
C MET G 193 -5.15 -55.64 8.44
N GLY G 194 -5.21 -56.83 9.04
CA GLY G 194 -4.02 -57.50 9.53
C GLY G 194 -3.42 -56.98 10.81
N LEU G 195 -4.19 -56.22 11.58
CA LEU G 195 -3.69 -55.64 12.83
C LEU G 195 -4.05 -56.44 14.08
N HIS G 196 -3.20 -56.32 15.09
CA HIS G 196 -3.41 -56.96 16.39
C HIS G 196 -4.21 -55.88 17.14
N VAL G 197 -5.27 -56.29 17.83
CA VAL G 197 -6.12 -55.31 18.51
C VAL G 197 -6.13 -55.31 20.03
N ALA G 198 -5.90 -54.13 20.60
CA ALA G 198 -5.94 -53.91 22.04
C ALA G 198 -7.17 -53.00 22.20
N ALA G 199 -8.19 -53.49 22.90
CA ALA G 199 -9.42 -52.73 23.10
C ALA G 199 -9.50 -52.16 24.49
N ILE G 200 -9.90 -50.89 24.58
CA ILE G 200 -10.02 -50.22 25.88
C ILE G 200 -11.42 -49.61 26.02
N ASP G 201 -12.07 -49.90 27.14
CA ASP G 201 -13.38 -49.36 27.44
C ASP G 201 -13.54 -49.28 28.96
N ILE G 202 -14.75 -49.01 29.42
CA ILE G 202 -15.02 -48.87 30.85
C ILE G 202 -16.05 -49.85 31.38
N ASP G 203 -16.36 -50.88 30.59
CA ASP G 203 -17.36 -51.88 30.96
C ASP G 203 -16.88 -53.25 30.47
N ASP G 204 -16.86 -54.23 31.37
CA ASP G 204 -16.42 -55.58 31.01
C ASP G 204 -17.23 -56.24 29.89
N ALA G 205 -18.52 -55.94 29.83
CA ALA G 205 -19.37 -56.52 28.79
C ALA G 205 -18.93 -56.01 27.41
N LYS G 206 -18.49 -54.75 27.37
CA LYS G 206 -18.03 -54.13 26.13
C LYS G 206 -16.65 -54.66 25.75
N LEU G 207 -15.84 -55.04 26.73
CA LEU G 207 -14.52 -55.60 26.44
C LEU G 207 -14.70 -57.05 25.97
N GLU G 208 -15.72 -57.73 26.49
CA GLU G 208 -15.99 -59.11 26.11
C GLU G 208 -16.46 -59.14 24.67
N LEU G 209 -17.19 -58.09 24.26
CA LEU G 209 -17.67 -57.99 22.89
C LEU G 209 -16.45 -57.81 22.00
N ALA G 210 -15.52 -56.98 22.44
CA ALA G 210 -14.30 -56.73 21.69
C ALA G 210 -13.50 -58.03 21.52
N ARG G 211 -13.39 -58.79 22.62
CA ARG G 211 -12.67 -60.05 22.58
C ARG G 211 -13.30 -60.98 21.55
N LYS G 212 -14.62 -61.12 21.61
CA LYS G 212 -15.37 -61.96 20.68
C LYS G 212 -15.14 -61.52 19.24
N LEU G 213 -14.92 -60.22 19.02
CA LEU G 213 -14.71 -59.68 17.69
C LEU G 213 -13.25 -59.66 17.21
N GLY G 214 -12.35 -60.22 18.02
CA GLY G 214 -10.96 -60.27 17.61
C GLY G 214 -9.89 -59.57 18.42
N ALA G 215 -10.26 -58.86 19.48
CA ALA G 215 -9.26 -58.17 20.29
C ALA G 215 -8.42 -59.16 21.09
N SER G 216 -7.10 -58.97 21.07
CA SER G 216 -6.17 -59.83 21.79
C SER G 216 -5.92 -59.35 23.20
N LEU G 217 -5.89 -58.04 23.39
CA LEU G 217 -5.66 -57.44 24.70
C LEU G 217 -6.90 -56.64 25.07
N THR G 218 -7.37 -56.82 26.29
CA THR G 218 -8.57 -56.13 26.77
C THR G 218 -8.27 -55.34 28.06
N VAL G 219 -8.62 -54.06 28.08
CA VAL G 219 -8.36 -53.23 29.24
C VAL G 219 -9.58 -52.42 29.71
N ASN G 220 -9.91 -52.55 31.00
CA ASN G 220 -11.03 -51.80 31.58
C ASN G 220 -10.44 -50.60 32.31
N ALA G 221 -10.65 -49.41 31.74
CA ALA G 221 -10.16 -48.16 32.28
C ALA G 221 -10.73 -47.73 33.65
N ARG G 222 -11.80 -48.40 34.10
CA ARG G 222 -12.39 -48.09 35.41
C ARG G 222 -11.74 -48.94 36.50
N GLN G 223 -10.96 -49.94 36.09
CA GLN G 223 -10.30 -50.83 37.02
C GLN G 223 -8.78 -50.66 37.09
N GLU G 224 -8.17 -50.22 36.00
CA GLU G 224 -6.71 -50.00 36.00
C GLU G 224 -6.35 -48.86 35.08
N ASP G 225 -5.13 -48.35 35.24
CA ASP G 225 -4.63 -47.26 34.41
C ASP G 225 -4.42 -47.86 33.01
N PRO G 226 -5.23 -47.42 32.04
CA PRO G 226 -5.19 -47.88 30.64
C PRO G 226 -3.83 -47.65 29.98
N VAL G 227 -3.25 -46.47 30.24
CA VAL G 227 -1.96 -46.11 29.68
C VAL G 227 -0.84 -47.06 30.11
N GLU G 228 -0.61 -47.23 31.41
CA GLU G 228 0.46 -48.12 31.81
C GLU G 228 0.15 -49.57 31.46
N ALA G 229 -1.12 -49.87 31.22
CA ALA G 229 -1.52 -51.24 30.87
C ALA G 229 -1.08 -51.56 29.44
N ILE G 230 -1.35 -50.65 28.50
CA ILE G 230 -0.98 -50.83 27.10
C ILE G 230 0.55 -50.73 26.97
N GLN G 231 1.13 -49.78 27.67
CA GLN G 231 2.57 -49.57 27.64
C GLN G 231 3.29 -50.78 28.25
N ARG G 232 2.69 -51.36 29.30
CA ARG G 232 3.28 -52.52 29.97
C ARG G 232 3.08 -53.81 29.17
N ASP G 233 1.86 -54.05 28.70
CA ASP G 233 1.55 -55.27 27.95
C ASP G 233 2.04 -55.37 26.50
N ILE G 234 2.14 -54.25 25.78
CA ILE G 234 2.62 -54.33 24.40
C ILE G 234 3.64 -53.25 24.04
N GLY G 235 4.00 -52.43 25.01
CA GLY G 235 4.99 -51.38 24.76
C GLY G 235 4.47 -50.20 23.96
N GLY G 236 3.15 -50.07 23.87
CA GLY G 236 2.56 -48.97 23.11
C GLY G 236 2.11 -49.49 21.76
N ALA G 237 1.02 -48.93 21.23
CA ALA G 237 0.51 -49.35 19.94
C ALA G 237 1.05 -48.48 18.80
N HIS G 238 1.28 -49.10 17.65
CA HIS G 238 1.80 -48.39 16.47
C HIS G 238 0.74 -47.39 16.04
N GLY G 239 -0.51 -47.79 16.22
CA GLY G 239 -1.62 -46.92 15.90
C GLY G 239 -2.62 -46.91 17.06
N VAL G 240 -3.31 -45.79 17.21
CA VAL G 240 -4.33 -45.66 18.24
C VAL G 240 -5.55 -45.00 17.60
N LEU G 241 -6.74 -45.50 17.92
CA LEU G 241 -7.99 -44.95 17.39
C LEU G 241 -8.92 -44.62 18.57
N VAL G 242 -9.18 -43.34 18.79
CA VAL G 242 -10.04 -42.91 19.90
C VAL G 242 -11.46 -42.61 19.46
N THR G 243 -12.36 -43.42 19.97
CA THR G 243 -13.79 -43.40 19.71
C THR G 243 -14.57 -42.84 20.92
N ALA G 244 -13.99 -43.04 22.10
CA ALA G 244 -14.58 -42.63 23.37
C ALA G 244 -15.10 -41.20 23.52
N VAL G 245 -16.29 -41.09 24.12
CA VAL G 245 -16.89 -39.79 24.38
C VAL G 245 -16.37 -39.41 25.78
N SER G 246 -15.09 -39.05 25.82
CA SER G 246 -14.40 -38.66 27.04
C SER G 246 -13.18 -37.83 26.70
N ASN G 247 -13.07 -36.63 27.26
CA ASN G 247 -11.91 -35.79 26.96
C ASN G 247 -10.61 -36.42 27.51
N SER G 248 -10.69 -36.95 28.73
CA SER G 248 -9.52 -37.57 29.36
C SER G 248 -9.09 -38.82 28.58
N ALA G 249 -10.04 -39.54 28.01
CA ALA G 249 -9.74 -40.74 27.22
C ALA G 249 -8.85 -40.36 26.04
N PHE G 250 -8.95 -39.11 25.59
CA PHE G 250 -8.13 -38.62 24.48
C PHE G 250 -6.70 -38.43 24.95
N GLY G 251 -6.53 -37.92 26.17
CA GLY G 251 -5.21 -37.72 26.72
C GLY G 251 -4.56 -39.08 26.95
N GLN G 252 -5.30 -40.00 27.53
CA GLN G 252 -4.79 -41.34 27.78
C GLN G 252 -4.45 -42.05 26.47
N ALA G 253 -5.24 -41.81 25.42
CA ALA G 253 -5.00 -42.44 24.12
C ALA G 253 -3.63 -42.07 23.56
N ILE G 254 -3.26 -40.80 23.71
CA ILE G 254 -1.97 -40.32 23.24
C ILE G 254 -0.85 -41.02 24.00
N GLY G 255 -1.10 -41.35 25.26
CA GLY G 255 -0.10 -42.01 26.07
C GLY G 255 -0.02 -43.50 25.77
N MET G 256 -0.93 -43.99 24.94
CA MET G 256 -0.95 -45.40 24.58
C MET G 256 -0.12 -45.70 23.33
N ALA G 257 0.33 -44.66 22.64
CA ALA G 257 1.11 -44.83 21.43
C ALA G 257 2.56 -45.18 21.71
N ARG G 258 3.15 -45.87 20.74
CA ARG G 258 4.54 -46.28 20.76
C ARG G 258 5.30 -45.10 20.16
N ARG G 259 6.61 -45.02 20.34
CA ARG G 259 7.33 -43.89 19.73
C ARG G 259 7.06 -43.93 18.22
N GLY G 260 6.79 -42.76 17.63
CA GLY G 260 6.51 -42.69 16.21
C GLY G 260 5.10 -43.11 15.81
N GLY G 261 4.31 -43.58 16.77
CA GLY G 261 2.94 -44.00 16.47
C GLY G 261 1.99 -42.88 16.10
N THR G 262 0.82 -43.26 15.59
CA THR G 262 -0.21 -42.29 15.18
C THR G 262 -1.53 -42.51 15.92
N ILE G 263 -2.08 -41.43 16.46
CA ILE G 263 -3.33 -41.49 17.19
C ILE G 263 -4.40 -40.80 16.36
N ALA G 264 -5.36 -41.59 15.85
CA ALA G 264 -6.46 -41.05 15.06
C ALA G 264 -7.62 -40.71 16.01
N LEU G 265 -8.04 -39.44 15.95
CA LEU G 265 -9.12 -38.94 16.79
C LEU G 265 -10.42 -38.91 15.99
N VAL G 266 -11.38 -39.69 16.44
CA VAL G 266 -12.66 -39.76 15.76
C VAL G 266 -13.80 -39.40 16.70
N GLY G 267 -13.64 -39.65 18.01
CA GLY G 267 -14.68 -39.28 18.97
C GLY G 267 -14.93 -37.77 19.01
N LEU G 268 -16.17 -37.39 19.28
CA LEU G 268 -16.50 -35.97 19.30
C LEU G 268 -17.04 -35.39 20.62
N PRO G 269 -16.45 -35.76 21.77
CA PRO G 269 -16.96 -35.18 23.03
C PRO G 269 -16.71 -33.67 22.97
N PRO G 270 -17.63 -32.85 23.51
CA PRO G 270 -17.40 -31.41 23.46
C PRO G 270 -16.18 -30.94 24.26
N GLY G 271 -15.59 -29.81 23.86
CA GLY G 271 -14.45 -29.27 24.57
C GLY G 271 -13.09 -29.52 23.96
N ASP G 272 -12.06 -29.52 24.83
CA ASP G 272 -10.68 -29.72 24.41
C ASP G 272 -10.06 -31.01 24.95
N PHE G 273 -8.97 -31.44 24.33
CA PHE G 273 -8.22 -32.61 24.78
C PHE G 273 -6.81 -32.08 25.02
N PRO G 274 -6.05 -32.72 25.92
CA PRO G 274 -4.68 -32.24 26.18
C PRO G 274 -3.57 -32.83 25.30
N THR G 275 -2.73 -31.95 24.77
CA THR G 275 -1.60 -32.39 23.95
C THR G 275 -0.33 -32.19 24.77
N PRO G 276 0.34 -33.29 25.18
CA PRO G 276 1.57 -33.16 25.97
C PRO G 276 2.68 -32.85 24.96
N ILE G 277 2.81 -31.59 24.57
CA ILE G 277 3.80 -31.22 23.59
C ILE G 277 5.17 -31.88 23.76
N PHE G 278 5.76 -31.79 24.95
CA PHE G 278 7.08 -32.38 25.19
C PHE G 278 7.15 -33.85 24.80
N ASP G 279 6.16 -34.63 25.22
CA ASP G 279 6.09 -36.06 24.91
C ASP G 279 5.85 -36.33 23.44
N VAL G 280 4.98 -35.53 22.83
CA VAL G 280 4.67 -35.67 21.41
C VAL G 280 5.91 -35.41 20.58
N VAL G 281 6.68 -34.40 20.96
CA VAL G 281 7.91 -34.05 20.27
C VAL G 281 8.98 -35.13 20.45
N LEU G 282 9.39 -35.37 21.70
CA LEU G 282 10.42 -36.37 21.96
C LEU G 282 10.10 -37.79 21.49
N LYS G 283 8.81 -38.15 21.44
CA LYS G 283 8.43 -39.47 20.99
C LYS G 283 8.05 -39.51 19.49
N GLY G 284 8.13 -38.38 18.81
CA GLY G 284 7.79 -38.32 17.39
C GLY G 284 6.39 -38.84 17.10
N LEU G 285 5.43 -38.43 17.92
CA LEU G 285 4.04 -38.86 17.78
C LEU G 285 3.26 -38.02 16.78
N HIS G 286 2.25 -38.65 16.17
CA HIS G 286 1.40 -37.96 15.21
C HIS G 286 -0.03 -38.11 15.70
N ILE G 287 -0.74 -36.99 15.72
CA ILE G 287 -2.13 -36.96 16.14
C ILE G 287 -2.91 -36.52 14.90
N ALA G 288 -3.93 -37.30 14.55
CA ALA G 288 -4.73 -37.02 13.36
C ALA G 288 -6.22 -37.02 13.62
N GLY G 289 -6.88 -35.93 13.22
CA GLY G 289 -8.32 -35.84 13.36
C GLY G 289 -8.91 -36.42 12.08
N SER G 290 -9.89 -37.30 12.22
CA SER G 290 -10.52 -37.93 11.06
C SER G 290 -12.04 -37.76 11.12
N ILE G 291 -12.66 -37.33 10.00
CA ILE G 291 -14.12 -37.15 9.91
C ILE G 291 -14.74 -38.10 8.91
N VAL G 292 -15.67 -38.91 9.40
CA VAL G 292 -16.40 -39.90 8.61
C VAL G 292 -15.50 -40.41 7.49
N GLY G 293 -16.02 -40.46 6.26
CA GLY G 293 -15.20 -40.93 5.18
C GLY G 293 -15.70 -40.47 3.83
N THR G 294 -14.78 -40.54 2.88
CA THR G 294 -15.01 -40.15 1.50
C THR G 294 -15.98 -41.16 0.82
N ARG G 295 -16.50 -40.81 -0.37
CA ARG G 295 -17.39 -41.75 -1.06
C ARG G 295 -16.60 -43.02 -1.37
N ALA G 296 -15.33 -42.86 -1.74
CA ALA G 296 -14.45 -44.00 -2.00
C ALA G 296 -14.29 -44.79 -0.70
N ASP G 297 -14.05 -44.08 0.41
CA ASP G 297 -13.91 -44.75 1.71
C ASP G 297 -15.17 -45.53 2.02
N LEU G 298 -16.32 -44.90 1.82
CA LEU G 298 -17.60 -45.53 2.10
C LEU G 298 -17.81 -46.82 1.32
N GLN G 299 -17.55 -46.81 0.02
CA GLN G 299 -17.73 -48.02 -0.80
C GLN G 299 -16.75 -49.13 -0.39
N GLU G 300 -15.51 -48.75 -0.03
CA GLU G 300 -14.51 -49.71 0.45
C GLU G 300 -15.01 -50.30 1.78
N ALA G 301 -15.52 -49.44 2.65
CA ALA G 301 -16.03 -49.90 3.94
C ALA G 301 -17.19 -50.88 3.71
N LEU G 302 -18.10 -50.52 2.80
CA LEU G 302 -19.24 -51.37 2.49
C LEU G 302 -18.80 -52.71 1.89
N ASP G 303 -17.73 -52.70 1.09
CA ASP G 303 -17.23 -53.94 0.48
C ASP G 303 -16.77 -54.93 1.53
N PHE G 304 -16.16 -54.44 2.60
CA PHE G 304 -15.69 -55.33 3.67
C PHE G 304 -16.89 -56.06 4.26
N ALA G 305 -17.99 -55.33 4.40
CA ALA G 305 -19.23 -55.88 4.92
C ALA G 305 -19.81 -56.88 3.90
N GLY G 306 -19.71 -56.54 2.63
CA GLY G 306 -20.21 -57.41 1.57
C GLY G 306 -19.41 -58.71 1.55
N GLU G 307 -18.13 -58.62 1.88
CA GLU G 307 -17.24 -59.79 1.93
C GLU G 307 -17.45 -60.62 3.19
N GLY G 308 -18.25 -60.10 4.12
CA GLY G 308 -18.50 -60.81 5.35
C GLY G 308 -17.38 -60.65 6.35
N LEU G 309 -16.43 -59.75 6.07
CA LEU G 309 -15.30 -59.51 6.97
C LEU G 309 -15.66 -58.62 8.14
N VAL G 310 -16.74 -57.87 7.98
CA VAL G 310 -17.21 -56.99 9.02
C VAL G 310 -18.71 -57.18 9.11
N LYS G 311 -19.19 -57.37 10.34
CA LYS G 311 -20.61 -57.56 10.58
C LYS G 311 -20.92 -56.77 11.85
N ALA G 312 -21.75 -55.74 11.73
CA ALA G 312 -22.08 -54.92 12.89
C ALA G 312 -22.97 -55.71 13.84
N THR G 313 -22.79 -55.47 15.14
CA THR G 313 -23.61 -56.13 16.15
C THR G 313 -24.77 -55.15 16.36
N ILE G 314 -25.94 -55.50 15.84
CA ILE G 314 -27.09 -54.61 15.93
C ILE G 314 -28.22 -55.16 16.79
N HIS G 315 -29.10 -54.26 17.19
CA HIS G 315 -30.27 -54.59 17.99
C HIS G 315 -31.40 -53.74 17.41
N PRO G 316 -32.56 -54.36 17.17
CA PRO G 316 -33.70 -53.64 16.60
C PRO G 316 -34.32 -52.57 17.51
N GLY G 317 -34.89 -51.55 16.88
CA GLY G 317 -35.54 -50.46 17.61
C GLY G 317 -36.69 -49.89 16.80
N LYS G 318 -37.62 -49.23 17.48
CA LYS G 318 -38.77 -48.60 16.83
C LYS G 318 -38.64 -47.09 16.91
N LEU G 319 -39.05 -46.39 15.84
CA LEU G 319 -38.96 -44.95 15.81
C LEU G 319 -39.67 -44.33 17.03
N ASP G 320 -40.79 -44.93 17.42
CA ASP G 320 -41.56 -44.45 18.56
C ASP G 320 -40.83 -44.57 19.90
N ASP G 321 -39.77 -45.38 19.94
CA ASP G 321 -39.01 -45.60 21.16
C ASP G 321 -37.66 -44.88 21.12
N ILE G 322 -37.48 -43.95 20.19
CA ILE G 322 -36.20 -43.26 20.05
C ILE G 322 -35.70 -42.54 21.30
N ASN G 323 -36.59 -41.96 22.10
CA ASN G 323 -36.12 -41.27 23.32
C ASN G 323 -35.51 -42.24 24.32
N GLN G 324 -36.18 -43.38 24.54
CA GLN G 324 -35.66 -44.38 25.48
C GLN G 324 -34.40 -45.04 24.92
N ILE G 325 -34.33 -45.11 23.59
CA ILE G 325 -33.16 -45.67 22.89
C ILE G 325 -31.96 -44.73 23.11
N LEU G 326 -32.18 -43.44 22.92
CA LEU G 326 -31.13 -42.45 23.13
C LEU G 326 -30.75 -42.43 24.61
N ASP G 327 -31.71 -42.72 25.50
CA ASP G 327 -31.42 -42.73 26.93
C ASP G 327 -30.48 -43.90 27.20
N GLN G 328 -30.74 -45.01 26.52
CA GLN G 328 -29.96 -46.22 26.64
C GLN G 328 -28.53 -45.95 26.17
N MET G 329 -28.39 -45.09 25.17
CA MET G 329 -27.08 -44.75 24.66
C MET G 329 -26.40 -43.83 25.68
N ARG G 330 -27.15 -42.87 26.23
CA ARG G 330 -26.63 -41.94 27.23
C ARG G 330 -26.02 -42.72 28.40
N ALA G 331 -26.69 -43.79 28.80
CA ALA G 331 -26.25 -44.64 29.90
C ALA G 331 -25.25 -45.72 29.49
N GLY G 332 -24.82 -45.70 28.23
CA GLY G 332 -23.87 -46.69 27.75
C GLY G 332 -24.35 -48.12 27.91
N GLN G 333 -25.66 -48.33 27.73
CA GLN G 333 -26.24 -49.64 27.89
C GLN G 333 -26.53 -50.36 26.57
N ILE G 334 -25.92 -49.88 25.49
CA ILE G 334 -26.13 -50.51 24.19
C ILE G 334 -24.95 -51.39 23.82
N GLU G 335 -25.22 -52.60 23.35
CA GLU G 335 -24.15 -53.48 22.92
C GLU G 335 -24.02 -53.26 21.42
N GLY G 336 -22.98 -52.54 21.01
CA GLY G 336 -22.80 -52.28 19.61
C GLY G 336 -23.67 -51.15 19.09
N ARG G 337 -24.63 -51.49 18.24
CA ARG G 337 -25.50 -50.49 17.64
C ARG G 337 -26.99 -50.84 17.75
N ILE G 338 -27.83 -49.82 17.85
CA ILE G 338 -29.27 -50.03 17.87
C ILE G 338 -29.67 -49.48 16.51
N VAL G 339 -30.36 -50.29 15.72
CA VAL G 339 -30.77 -49.86 14.40
C VAL G 339 -32.28 -49.84 14.33
N LEU G 340 -32.84 -48.66 14.03
CA LEU G 340 -34.28 -48.54 13.93
C LEU G 340 -34.78 -49.25 12.67
N GLU G 341 -35.94 -49.89 12.79
CA GLU G 341 -36.55 -50.57 11.66
C GLU G 341 -37.89 -49.90 11.40
N MET G 342 -38.06 -49.39 10.18
CA MET G 342 -39.30 -48.68 9.81
C MET G 342 -40.39 -49.65 9.36
N THR H 2 50.23 -30.60 20.75
CA THR H 2 49.52 -31.85 20.96
C THR H 2 48.70 -31.85 22.24
N LEU H 3 47.41 -32.16 22.10
CA LEU H 3 46.45 -32.20 23.21
C LEU H 3 46.88 -31.54 24.52
N PRO H 4 46.28 -30.39 24.85
CA PRO H 4 46.52 -29.58 26.04
C PRO H 4 46.48 -30.35 27.36
N GLN H 5 45.87 -31.53 27.35
CA GLN H 5 45.78 -32.34 28.57
C GLN H 5 44.87 -31.66 29.58
N THR H 6 44.51 -30.42 29.28
CA THR H 6 43.64 -29.63 30.15
C THR H 6 42.95 -28.54 29.32
N MET H 7 41.65 -28.35 29.55
CA MET H 7 40.86 -27.35 28.81
C MET H 7 39.87 -26.63 29.71
N LYS H 8 39.38 -25.49 29.25
CA LYS H 8 38.38 -24.72 30.01
C LYS H 8 37.00 -25.07 29.48
N ALA H 9 35.97 -24.97 30.33
CA ALA H 9 34.61 -25.29 29.90
C ALA H 9 33.56 -24.85 30.91
N ALA H 10 32.49 -24.24 30.39
CA ALA H 10 31.38 -23.79 31.22
C ALA H 10 30.58 -24.99 31.72
N VAL H 11 30.85 -25.39 32.96
CA VAL H 11 30.19 -26.55 33.56
C VAL H 11 29.00 -26.19 34.45
N VAL H 12 28.04 -27.10 34.55
CA VAL H 12 26.84 -26.89 35.36
C VAL H 12 26.88 -27.78 36.61
N HIS H 13 26.83 -27.17 37.78
CA HIS H 13 26.85 -27.91 39.04
C HIS H 13 25.51 -27.92 39.78
N ALA H 14 24.59 -27.05 39.36
CA ALA H 14 23.28 -26.97 39.98
C ALA H 14 22.25 -26.41 39.00
N TYR H 15 21.03 -26.95 39.05
CA TYR H 15 19.95 -26.52 38.17
C TYR H 15 19.44 -25.15 38.58
N GLY H 16 19.87 -24.12 37.86
CA GLY H 16 19.46 -22.76 38.17
C GLY H 16 20.66 -21.94 38.59
N ALA H 17 21.72 -22.63 39.02
CA ALA H 17 22.95 -22.00 39.46
C ALA H 17 23.86 -21.74 38.26
N PRO H 18 24.06 -20.46 37.89
CA PRO H 18 24.90 -20.08 36.76
C PRO H 18 26.17 -20.90 36.60
N LEU H 19 26.47 -21.28 35.36
CA LEU H 19 27.64 -22.08 35.04
C LEU H 19 28.91 -21.42 35.54
N ARG H 20 30.02 -22.17 35.48
CA ARG H 20 31.30 -21.66 35.93
C ARG H 20 32.43 -22.20 35.06
N ILE H 21 33.15 -21.30 34.40
CA ILE H 21 34.27 -21.68 33.54
C ILE H 21 35.34 -22.27 34.45
N GLU H 22 35.67 -23.55 34.24
CA GLU H 22 36.68 -24.21 35.07
C GLU H 22 37.55 -25.19 34.29
N GLU H 23 38.84 -24.87 34.20
CA GLU H 23 39.81 -25.70 33.50
C GLU H 23 39.75 -27.16 33.95
N VAL H 24 39.24 -28.04 33.07
CA VAL H 24 39.13 -29.47 33.37
C VAL H 24 39.92 -30.32 32.37
N LYS H 25 40.03 -31.62 32.67
CA LYS H 25 40.79 -32.55 31.83
C LYS H 25 40.29 -32.71 30.40
N VAL H 26 41.23 -32.94 29.49
CA VAL H 26 40.91 -33.15 28.08
C VAL H 26 40.69 -34.66 27.94
N PRO H 27 39.48 -35.08 27.56
CA PRO H 27 39.13 -36.50 27.39
C PRO H 27 40.04 -37.19 26.37
N LEU H 28 40.17 -38.50 26.51
CA LEU H 28 40.99 -39.27 25.58
C LEU H 28 40.11 -40.24 24.80
N PRO H 29 40.21 -40.18 23.45
CA PRO H 29 39.43 -41.03 22.55
C PRO H 29 39.66 -42.52 22.79
N GLY H 30 38.72 -43.16 23.49
CA GLY H 30 38.82 -44.58 23.76
C GLY H 30 38.36 -45.31 22.50
N PRO H 31 38.17 -46.63 22.56
CA PRO H 31 37.71 -47.32 21.34
C PRO H 31 36.36 -46.78 20.85
N GLY H 32 36.21 -46.63 19.54
CA GLY H 32 34.96 -46.13 18.97
C GLY H 32 34.66 -44.66 19.25
N GLN H 33 35.69 -43.89 19.60
CA GLN H 33 35.51 -42.47 19.88
C GLN H 33 36.51 -41.62 19.12
N VAL H 34 36.32 -40.31 19.20
CA VAL H 34 37.22 -39.36 18.57
C VAL H 34 37.12 -38.08 19.38
N LEU H 35 38.16 -37.26 19.31
CA LEU H 35 38.16 -36.00 20.04
C LEU H 35 38.04 -34.89 19.02
N VAL H 36 37.22 -33.89 19.33
CA VAL H 36 37.03 -32.76 18.43
C VAL H 36 37.43 -31.46 19.11
N LYS H 37 38.30 -30.69 18.46
CA LYS H 37 38.72 -29.41 18.99
C LYS H 37 37.66 -28.41 18.53
N ILE H 38 36.90 -27.89 19.48
CA ILE H 38 35.84 -26.95 19.19
C ILE H 38 36.30 -25.58 18.70
N GLU H 39 35.99 -25.29 17.44
CA GLU H 39 36.32 -24.01 16.81
C GLU H 39 35.19 -23.03 17.08
N ALA H 40 33.97 -23.53 16.97
CA ALA H 40 32.76 -22.74 17.23
C ALA H 40 31.75 -23.63 17.96
N SER H 41 30.80 -23.01 18.64
CA SER H 41 29.80 -23.76 19.37
C SER H 41 28.55 -22.90 19.54
N GLY H 42 27.45 -23.34 18.93
CA GLY H 42 26.21 -22.59 19.01
C GLY H 42 25.49 -22.75 20.33
N VAL H 43 24.72 -21.73 20.69
CA VAL H 43 23.95 -21.73 21.94
C VAL H 43 22.48 -21.96 21.62
N CYS H 44 21.97 -23.12 22.02
CA CYS H 44 20.58 -23.47 21.78
C CYS H 44 19.69 -23.25 23.01
N HIS H 45 18.44 -22.87 22.78
CA HIS H 45 17.51 -22.62 23.88
C HIS H 45 17.41 -23.84 24.80
N THR H 46 17.68 -25.01 24.23
CA THR H 46 17.62 -26.25 24.98
C THR H 46 18.75 -26.34 26.02
N ASP H 47 19.77 -25.50 25.85
CA ASP H 47 20.88 -25.49 26.79
C ASP H 47 20.36 -24.92 28.12
N LEU H 48 19.44 -23.95 28.04
CA LEU H 48 18.85 -23.36 29.24
C LEU H 48 18.03 -24.42 29.97
N HIS H 49 17.15 -25.10 29.22
CA HIS H 49 16.30 -26.14 29.78
C HIS H 49 17.16 -27.23 30.46
N ALA H 50 18.39 -27.40 29.98
CA ALA H 50 19.30 -28.41 30.52
C ALA H 50 19.89 -28.04 31.89
N ALA H 51 20.47 -26.84 31.99
CA ALA H 51 21.06 -26.36 33.23
C ALA H 51 20.03 -25.81 34.20
N GLU H 52 18.78 -25.75 33.74
CA GLU H 52 17.67 -25.24 34.54
C GLU H 52 16.77 -26.41 34.96
N GLY H 53 17.25 -27.63 34.73
CA GLY H 53 16.47 -28.81 35.09
C GLY H 53 15.00 -28.63 34.72
N ASP H 54 14.74 -27.99 33.60
CA ASP H 54 13.38 -27.73 33.12
C ASP H 54 12.60 -28.97 32.68
N TRP H 55 13.30 -30.07 32.45
CA TRP H 55 12.67 -31.30 31.99
C TRP H 55 12.70 -32.48 32.96
N PRO H 56 11.79 -33.45 32.77
CA PRO H 56 11.65 -34.67 33.57
C PRO H 56 12.98 -35.38 33.79
N VAL H 57 13.60 -35.80 32.70
CA VAL H 57 14.90 -36.47 32.77
C VAL H 57 15.98 -35.38 32.74
N LYS H 58 16.34 -34.90 33.92
CA LYS H 58 17.34 -33.84 34.05
C LYS H 58 18.75 -34.36 33.78
N PRO H 59 19.64 -33.48 33.28
CA PRO H 59 21.03 -33.81 32.96
C PRO H 59 21.86 -34.19 34.18
N PRO H 60 22.52 -35.34 34.14
CA PRO H 60 23.35 -35.73 35.29
C PRO H 60 24.38 -34.63 35.57
N LEU H 61 24.48 -34.22 36.84
CA LEU H 61 25.44 -33.18 37.23
C LEU H 61 26.77 -33.76 37.71
N PRO H 62 27.88 -33.07 37.43
CA PRO H 62 27.94 -31.81 36.69
C PRO H 62 28.22 -32.06 35.21
N PHE H 63 27.50 -31.37 34.33
CA PHE H 63 27.69 -31.57 32.90
C PHE H 63 28.09 -30.30 32.15
N ILE H 64 28.51 -30.49 30.90
CA ILE H 64 28.90 -29.39 30.03
C ILE H 64 27.88 -29.38 28.89
N PRO H 65 27.02 -28.36 28.83
CA PRO H 65 26.02 -28.32 27.75
C PRO H 65 26.62 -28.01 26.38
N GLY H 66 25.76 -27.98 25.36
CA GLY H 66 26.23 -27.66 24.01
C GLY H 66 26.21 -28.81 23.01
N HIS H 67 25.34 -28.71 22.01
CA HIS H 67 25.24 -29.75 20.98
C HIS H 67 25.27 -29.13 19.57
N GLU H 68 25.90 -27.96 19.47
CA GLU H 68 26.07 -27.27 18.19
C GLU H 68 27.58 -26.97 18.09
N GLY H 69 28.36 -27.85 18.71
CA GLY H 69 29.80 -27.72 18.69
C GLY H 69 30.41 -28.22 17.41
N VAL H 70 31.24 -27.39 16.80
CA VAL H 70 31.87 -27.74 15.54
C VAL H 70 33.38 -27.47 15.59
N GLY H 71 34.16 -28.35 14.98
CA GLY H 71 35.61 -28.15 14.99
C GLY H 71 36.37 -29.18 14.17
N TYR H 72 37.63 -29.40 14.56
CA TYR H 72 38.48 -30.36 13.86
C TYR H 72 38.64 -31.62 14.67
N VAL H 73 38.72 -32.76 13.98
CA VAL H 73 38.92 -34.03 14.67
C VAL H 73 40.37 -33.98 15.14
N ALA H 74 40.56 -33.89 16.45
CA ALA H 74 41.89 -33.80 17.07
C ALA H 74 42.56 -35.18 17.22
N ALA H 75 41.84 -36.13 17.83
CA ALA H 75 42.36 -37.47 18.03
C ALA H 75 41.32 -38.51 17.58
N VAL H 76 41.81 -39.70 17.26
CA VAL H 76 40.94 -40.79 16.80
C VAL H 76 41.09 -42.05 17.67
N GLY H 77 39.98 -42.48 18.26
CA GLY H 77 40.01 -43.69 19.07
C GLY H 77 40.30 -44.88 18.19
N SER H 78 40.39 -46.07 18.79
CA SER H 78 40.69 -47.28 18.03
C SER H 78 39.47 -47.84 17.30
N GLY H 79 39.67 -48.23 16.04
CA GLY H 79 38.58 -48.79 15.26
C GLY H 79 37.83 -47.79 14.40
N VAL H 80 37.95 -46.51 14.72
CA VAL H 80 37.27 -45.46 13.98
C VAL H 80 37.61 -45.44 12.49
N THR H 81 36.58 -45.59 11.65
CA THR H 81 36.72 -45.61 10.19
C THR H 81 36.04 -44.44 9.48
N ARG H 82 34.92 -43.99 10.01
CA ARG H 82 34.14 -42.89 9.42
C ARG H 82 34.85 -41.53 9.31
N VAL H 83 35.71 -41.21 10.28
CA VAL H 83 36.42 -39.93 10.25
C VAL H 83 37.91 -40.06 10.53
N LYS H 84 38.71 -39.14 9.98
CA LYS H 84 40.15 -39.15 10.19
C LYS H 84 40.52 -37.87 10.93
N GLU H 85 41.76 -37.80 11.42
CA GLU H 85 42.23 -36.63 12.15
C GLU H 85 42.16 -35.41 11.24
N GLY H 86 41.78 -34.27 11.82
CA GLY H 86 41.70 -33.04 11.06
C GLY H 86 40.36 -32.74 10.40
N ASP H 87 39.54 -33.76 10.19
CA ASP H 87 38.23 -33.56 9.55
C ASP H 87 37.36 -32.55 10.29
N ARG H 88 36.75 -31.64 9.51
CA ARG H 88 35.86 -30.62 10.06
C ARG H 88 34.54 -31.33 10.28
N VAL H 89 34.16 -31.42 11.55
CA VAL H 89 32.96 -32.15 11.93
C VAL H 89 32.16 -31.44 13.03
N GLY H 90 30.91 -31.86 13.22
CA GLY H 90 30.08 -31.27 14.26
C GLY H 90 29.42 -32.33 15.13
N ILE H 91 29.24 -32.04 16.43
CA ILE H 91 28.62 -33.00 17.35
C ILE H 91 27.21 -32.49 17.72
N PRO H 92 26.16 -33.08 17.12
CA PRO H 92 24.76 -32.69 17.38
C PRO H 92 24.09 -33.33 18.60
N TRP H 93 22.83 -32.94 18.81
CA TRP H 93 22.03 -33.44 19.92
C TRP H 93 22.02 -34.97 19.99
N LEU H 94 21.83 -35.62 18.84
CA LEU H 94 21.83 -37.07 18.79
C LEU H 94 23.28 -37.56 18.83
N TYR H 95 23.78 -37.78 20.05
CA TYR H 95 25.15 -38.22 20.26
C TYR H 95 25.41 -39.65 19.76
N THR H 96 24.46 -40.54 20.02
CA THR H 96 24.59 -41.92 19.60
C THR H 96 23.22 -42.60 19.69
N ALA H 97 23.12 -43.81 19.15
CA ALA H 97 21.89 -44.59 19.15
C ALA H 97 22.34 -46.04 19.06
N CYS H 98 21.49 -46.98 19.46
CA CYS H 98 21.90 -48.38 19.44
C CYS H 98 22.15 -48.93 18.03
N GLY H 99 21.41 -48.43 17.05
CA GLY H 99 21.61 -48.86 15.67
C GLY H 99 20.92 -50.14 15.22
N CYS H 100 20.29 -50.86 16.13
CA CYS H 100 19.62 -52.09 15.73
C CYS H 100 18.21 -52.29 16.30
N CYS H 101 17.63 -51.22 16.84
CA CYS H 101 16.28 -51.33 17.40
C CYS H 101 15.22 -50.99 16.35
N GLU H 102 13.96 -51.13 16.74
CA GLU H 102 12.80 -50.87 15.88
C GLU H 102 12.88 -49.56 15.09
N HIS H 103 13.35 -48.50 15.75
CA HIS H 103 13.43 -47.19 15.13
C HIS H 103 14.71 -46.98 14.35
N CYS H 104 15.81 -47.51 14.88
CA CYS H 104 17.10 -47.39 14.23
C CYS H 104 17.18 -48.18 12.92
N LEU H 105 16.47 -49.29 12.86
CA LEU H 105 16.45 -50.13 11.66
C LEU H 105 15.51 -49.56 10.59
N THR H 106 14.58 -48.71 11.01
CA THR H 106 13.62 -48.12 10.07
C THR H 106 13.86 -46.64 9.76
N GLY H 107 15.06 -46.14 10.01
CA GLY H 107 15.35 -44.73 9.72
C GLY H 107 14.88 -43.69 10.72
N TRP H 108 14.60 -44.11 11.96
CA TRP H 108 14.16 -43.18 13.00
C TRP H 108 15.03 -43.27 14.26
N GLU H 109 16.34 -43.29 14.06
CA GLU H 109 17.33 -43.39 15.15
C GLU H 109 17.10 -42.29 16.18
N THR H 110 16.44 -41.25 15.70
CA THR H 110 16.09 -40.08 16.48
C THR H 110 15.17 -40.47 17.65
N LEU H 111 14.42 -41.55 17.48
CA LEU H 111 13.49 -42.05 18.50
C LEU H 111 14.07 -43.21 19.28
N CYS H 112 15.36 -43.47 19.09
CA CYS H 112 16.04 -44.56 19.79
C CYS H 112 16.05 -44.32 21.30
N GLU H 113 15.57 -45.29 22.06
CA GLU H 113 15.53 -45.18 23.52
C GLU H 113 16.92 -45.37 24.15
N SER H 114 17.86 -45.91 23.38
CA SER H 114 19.22 -46.16 23.85
C SER H 114 20.16 -45.04 23.41
N GLN H 115 19.61 -43.90 23.04
CA GLN H 115 20.44 -42.80 22.60
C GLN H 115 21.03 -41.98 23.75
N GLN H 116 22.10 -41.26 23.43
CA GLN H 116 22.77 -40.37 24.37
C GLN H 116 22.63 -39.00 23.74
N ASN H 117 22.55 -37.95 24.56
CA ASN H 117 22.40 -36.61 24.01
C ASN H 117 23.53 -35.68 24.40
N THR H 118 24.23 -35.15 23.40
CA THR H 118 25.36 -34.24 23.62
C THR H 118 24.95 -33.00 24.42
N GLY H 119 25.74 -32.69 25.45
CA GLY H 119 25.46 -31.54 26.28
C GLY H 119 24.23 -31.74 27.15
N TYR H 120 23.99 -32.98 27.55
CA TYR H 120 22.85 -33.29 28.41
C TYR H 120 23.16 -34.54 29.24
N SER H 121 23.22 -35.70 28.58
CA SER H 121 23.51 -36.96 29.24
C SER H 121 24.98 -37.32 29.03
N VAL H 122 25.67 -36.48 28.27
CA VAL H 122 27.08 -36.65 27.97
C VAL H 122 27.57 -35.21 27.74
N ASN H 123 28.84 -34.94 28.03
CA ASN H 123 29.37 -33.58 27.87
C ASN H 123 29.34 -33.05 26.44
N GLY H 124 29.04 -31.75 26.32
CA GLY H 124 28.95 -31.13 25.02
C GLY H 124 30.05 -30.17 24.59
N GLY H 125 29.66 -29.24 23.72
CA GLY H 125 30.59 -28.28 23.15
C GLY H 125 30.84 -26.97 23.86
N TYR H 126 30.41 -26.83 25.10
CA TYR H 126 30.69 -25.60 25.84
C TYR H 126 32.07 -25.86 26.47
N ALA H 127 33.00 -26.24 25.62
CA ALA H 127 34.37 -26.56 26.03
C ALA H 127 35.29 -26.43 24.82
N GLU H 128 36.58 -26.62 25.03
CA GLU H 128 37.54 -26.51 23.94
C GLU H 128 37.65 -27.83 23.17
N TYR H 129 37.32 -28.93 23.83
CA TYR H 129 37.37 -30.26 23.22
C TYR H 129 36.13 -31.05 23.59
N VAL H 130 35.78 -32.01 22.73
CA VAL H 130 34.62 -32.86 22.96
C VAL H 130 34.85 -34.28 22.46
N LEU H 131 34.34 -35.24 23.22
CA LEU H 131 34.44 -36.65 22.83
C LEU H 131 33.15 -36.93 22.07
N ALA H 132 33.27 -37.52 20.90
CA ALA H 132 32.10 -37.82 20.09
C ALA H 132 32.12 -39.23 19.52
N ASP H 133 30.95 -39.69 19.10
CA ASP H 133 30.84 -41.00 18.47
C ASP H 133 30.95 -40.67 16.98
N PRO H 134 32.05 -41.12 16.33
CA PRO H 134 32.32 -40.90 14.90
C PRO H 134 31.16 -41.19 13.95
N ASN H 135 30.29 -42.13 14.35
CA ASN H 135 29.16 -42.53 13.51
C ASN H 135 27.93 -41.63 13.51
N TYR H 136 27.83 -40.73 14.48
CA TYR H 136 26.67 -39.84 14.56
C TYR H 136 27.05 -38.38 14.43
N VAL H 137 28.33 -38.14 14.21
CA VAL H 137 28.85 -36.80 14.08
C VAL H 137 28.49 -36.26 12.68
N GLY H 138 28.42 -34.95 12.53
CA GLY H 138 28.07 -34.38 11.25
C GLY H 138 29.27 -33.99 10.39
N ILE H 139 29.31 -34.50 9.16
CA ILE H 139 30.38 -34.18 8.22
C ILE H 139 30.06 -32.83 7.58
N LEU H 140 30.82 -31.80 7.94
CA LEU H 140 30.58 -30.46 7.44
C LEU H 140 31.03 -30.15 6.02
N PRO H 141 30.31 -29.21 5.35
CA PRO H 141 30.65 -28.82 3.98
C PRO H 141 31.90 -27.95 4.04
N LYS H 142 32.83 -28.19 3.11
CA LYS H 142 34.10 -27.48 3.05
C LYS H 142 34.01 -25.96 2.87
N ASN H 143 33.02 -25.51 2.10
CA ASN H 143 32.85 -24.10 1.80
C ASN H 143 32.20 -23.21 2.86
N VAL H 144 31.93 -23.75 4.05
CA VAL H 144 31.31 -22.95 5.10
C VAL H 144 32.14 -22.93 6.39
N GLU H 145 32.37 -21.74 6.93
CA GLU H 145 33.16 -21.58 8.15
C GLU H 145 32.44 -22.08 9.41
N PHE H 146 33.23 -22.58 10.37
CA PHE H 146 32.70 -23.12 11.62
C PHE H 146 31.62 -22.28 12.29
N ALA H 147 31.87 -20.97 12.39
CA ALA H 147 30.91 -20.07 13.03
C ALA H 147 29.54 -20.10 12.35
N GLU H 148 29.54 -20.26 11.03
CA GLU H 148 28.32 -20.28 10.24
C GLU H 148 27.50 -21.57 10.28
N ILE H 149 28.13 -22.73 10.06
CA ILE H 149 27.37 -23.99 10.08
C ILE H 149 27.02 -24.48 11.48
N ALA H 150 27.63 -23.92 12.50
CA ALA H 150 27.34 -24.36 13.87
C ALA H 150 25.83 -24.47 14.10
N PRO H 151 25.06 -23.38 13.81
CA PRO H 151 23.61 -23.38 14.01
C PRO H 151 22.89 -24.54 13.31
N ILE H 152 23.37 -24.94 12.14
CA ILE H 152 22.75 -26.04 11.40
C ILE H 152 22.75 -27.33 12.22
N LEU H 153 23.77 -27.50 13.07
CA LEU H 153 23.90 -28.70 13.89
C LEU H 153 22.71 -28.99 14.77
N CYS H 154 21.83 -28.01 14.95
CA CYS H 154 20.63 -28.22 15.74
C CYS H 154 19.43 -27.41 15.23
N ALA H 155 19.53 -26.09 15.31
CA ALA H 155 18.46 -25.22 14.83
C ALA H 155 18.17 -25.51 13.36
N GLY H 156 19.22 -25.81 12.59
CA GLY H 156 19.06 -26.11 11.17
C GLY H 156 18.32 -27.41 10.89
N VAL H 157 18.89 -28.53 11.35
CA VAL H 157 18.26 -29.83 11.12
C VAL H 157 16.88 -29.94 11.73
N THR H 158 16.73 -29.43 12.95
CA THR H 158 15.45 -29.50 13.63
C THR H 158 14.36 -28.85 12.80
N VAL H 159 14.61 -27.62 12.39
CA VAL H 159 13.71 -26.83 11.61
C VAL H 159 13.44 -27.46 10.21
N TYR H 160 14.51 -27.97 9.59
CA TYR H 160 14.42 -28.61 8.28
C TYR H 160 13.55 -29.87 8.36
N LYS H 161 13.81 -30.70 9.35
CA LYS H 161 13.04 -31.93 9.56
C LYS H 161 11.60 -31.61 9.94
N GLY H 162 11.40 -30.56 10.73
CA GLY H 162 10.06 -30.16 11.12
C GLY H 162 9.25 -29.78 9.90
N LEU H 163 9.89 -29.05 8.98
CA LEU H 163 9.24 -28.63 7.73
C LEU H 163 8.89 -29.87 6.89
N LYS H 164 9.76 -30.86 6.88
CA LYS H 164 9.46 -32.08 6.14
C LYS H 164 8.24 -32.73 6.78
N GLN H 165 8.18 -32.68 8.11
CA GLN H 165 7.08 -33.27 8.87
C GLN H 165 5.70 -32.62 8.64
N THR H 166 5.68 -31.38 8.15
CA THR H 166 4.40 -30.71 7.87
C THR H 166 3.86 -31.24 6.55
N ASN H 167 4.76 -31.78 5.74
CA ASN H 167 4.42 -32.33 4.43
C ASN H 167 3.88 -31.30 3.45
N ALA H 168 4.17 -30.03 3.68
CA ALA H 168 3.71 -28.98 2.78
C ALA H 168 4.58 -29.15 1.53
N ARG H 169 3.93 -29.16 0.36
CA ARG H 169 4.64 -29.33 -0.91
C ARG H 169 4.97 -27.99 -1.55
N PRO H 170 5.92 -27.98 -2.50
CA PRO H 170 6.26 -26.71 -3.15
C PRO H 170 5.01 -26.02 -3.73
N GLY H 171 4.99 -24.71 -3.66
CA GLY H 171 3.85 -23.97 -4.15
C GLY H 171 2.82 -23.74 -3.05
N GLN H 172 2.98 -24.44 -1.92
CA GLN H 172 2.06 -24.30 -0.79
C GLN H 172 2.60 -23.35 0.27
N TRP H 173 1.79 -23.11 1.31
CA TRP H 173 2.14 -22.21 2.40
C TRP H 173 2.49 -22.92 3.70
N VAL H 174 3.44 -22.30 4.43
CA VAL H 174 3.86 -22.78 5.74
C VAL H 174 3.85 -21.56 6.67
N ALA H 175 3.16 -21.68 7.80
CA ALA H 175 3.13 -20.59 8.77
C ALA H 175 4.19 -20.94 9.82
N ILE H 176 5.17 -20.05 10.00
CA ILE H 176 6.21 -20.31 10.98
C ILE H 176 5.98 -19.46 12.22
N SER H 177 5.51 -20.08 13.29
CA SER H 177 5.24 -19.39 14.55
C SER H 177 6.52 -19.25 15.38
N GLY H 178 7.00 -18.02 15.50
CA GLY H 178 8.23 -17.79 16.25
C GLY H 178 9.43 -17.71 15.32
N ILE H 179 9.93 -16.50 15.08
CA ILE H 179 11.08 -16.31 14.20
C ILE H 179 12.33 -16.00 15.04
N GLY H 180 12.74 -16.98 15.84
CA GLY H 180 13.90 -16.81 16.69
C GLY H 180 15.09 -17.63 16.22
N GLY H 181 15.74 -18.33 17.16
CA GLY H 181 16.90 -19.15 16.83
C GLY H 181 16.62 -20.12 15.70
N LEU H 182 15.57 -20.91 15.88
CA LEU H 182 15.15 -21.89 14.88
C LEU H 182 14.28 -21.25 13.80
N GLY H 183 13.42 -20.33 14.22
CA GLY H 183 12.53 -19.65 13.29
C GLY H 183 13.11 -18.90 12.11
N HIS H 184 14.16 -18.10 12.33
CA HIS H 184 14.74 -17.33 11.22
C HIS H 184 15.47 -18.23 10.24
N VAL H 185 15.88 -19.41 10.69
CA VAL H 185 16.55 -20.32 9.78
C VAL H 185 15.49 -21.19 9.10
N ALA H 186 14.32 -21.32 9.75
CA ALA H 186 13.23 -22.12 9.19
C ALA H 186 12.61 -21.41 7.98
N VAL H 187 12.68 -20.08 7.98
CA VAL H 187 12.14 -19.28 6.89
C VAL H 187 12.97 -19.53 5.63
N GLN H 188 14.27 -19.76 5.83
CA GLN H 188 15.17 -20.01 4.71
C GLN H 188 15.01 -21.41 4.13
N TYR H 189 14.86 -22.41 5.00
CA TYR H 189 14.66 -23.76 4.53
C TYR H 189 13.33 -23.86 3.79
N ALA H 190 12.27 -23.32 4.38
CA ALA H 190 10.93 -23.33 3.78
C ALA H 190 10.98 -22.71 2.38
N ARG H 191 11.75 -21.63 2.28
CA ARG H 191 11.96 -20.89 1.05
C ARG H 191 12.60 -21.83 0.03
N ALA H 192 13.70 -22.48 0.43
CA ALA H 192 14.44 -23.40 -0.42
C ALA H 192 13.65 -24.68 -0.72
N MET H 193 12.53 -24.87 -0.03
CA MET H 193 11.70 -26.04 -0.24
C MET H 193 10.46 -25.73 -1.08
N GLY H 194 10.51 -24.58 -1.77
CA GLY H 194 9.42 -24.15 -2.63
C GLY H 194 8.17 -23.67 -1.92
N LEU H 195 8.29 -23.35 -0.64
CA LEU H 195 7.14 -22.91 0.16
C LEU H 195 6.99 -21.39 0.31
N HIS H 196 5.74 -20.93 0.35
CA HIS H 196 5.46 -19.52 0.57
C HIS H 196 5.45 -19.42 2.08
N VAL H 197 6.14 -18.43 2.63
CA VAL H 197 6.22 -18.30 4.07
C VAL H 197 5.42 -17.17 4.71
N ALA H 198 4.73 -17.52 5.79
CA ALA H 198 3.94 -16.57 6.57
C ALA H 198 4.64 -16.56 7.93
N ALA H 199 5.20 -15.42 8.31
CA ALA H 199 5.93 -15.30 9.58
C ALA H 199 5.12 -14.70 10.71
N ILE H 200 5.08 -15.38 11.85
CA ILE H 200 4.36 -14.91 13.04
C ILE H 200 5.29 -14.77 14.26
N ASP H 201 5.19 -13.63 14.94
CA ASP H 201 6.01 -13.36 16.12
C ASP H 201 5.35 -12.27 16.95
N ILE H 202 6.05 -11.79 17.98
CA ILE H 202 5.55 -10.73 18.86
C ILE H 202 6.55 -9.57 18.93
N ASP H 203 7.47 -9.52 17.97
CA ASP H 203 8.49 -8.48 17.89
C ASP H 203 8.69 -8.11 16.43
N ASP H 204 8.45 -6.83 16.11
CA ASP H 204 8.58 -6.34 14.74
C ASP H 204 9.99 -6.50 14.17
N ALA H 205 10.99 -6.42 15.05
CA ALA H 205 12.37 -6.56 14.61
C ALA H 205 12.55 -7.96 14.02
N LYS H 206 12.04 -8.96 14.73
CA LYS H 206 12.14 -10.35 14.28
C LYS H 206 11.33 -10.55 13.01
N LEU H 207 10.17 -9.89 12.93
CA LEU H 207 9.32 -9.99 11.76
C LEU H 207 9.99 -9.34 10.55
N GLU H 208 10.78 -8.29 10.82
CA GLU H 208 11.49 -7.59 9.76
C GLU H 208 12.55 -8.52 9.17
N LEU H 209 13.25 -9.23 10.03
CA LEU H 209 14.26 -10.18 9.60
C LEU H 209 13.57 -11.24 8.73
N ALA H 210 12.37 -11.64 9.13
CA ALA H 210 11.61 -12.64 8.38
C ALA H 210 11.38 -12.21 6.94
N ARG H 211 11.01 -10.95 6.72
CA ARG H 211 10.78 -10.47 5.36
C ARG H 211 12.07 -10.41 4.57
N LYS H 212 13.17 -10.06 5.25
CA LYS H 212 14.48 -9.99 4.61
C LYS H 212 14.87 -11.39 4.13
N LEU H 213 14.45 -12.40 4.88
CA LEU H 213 14.76 -13.80 4.59
C LEU H 213 13.83 -14.50 3.58
N GLY H 214 12.74 -13.83 3.18
CA GLY H 214 11.85 -14.43 2.22
C GLY H 214 10.37 -14.50 2.55
N ALA H 215 9.98 -14.21 3.79
CA ALA H 215 8.57 -14.26 4.18
C ALA H 215 7.78 -13.23 3.38
N SER H 216 6.65 -13.63 2.81
CA SER H 216 5.84 -12.70 2.03
C SER H 216 4.63 -12.20 2.81
N LEU H 217 4.38 -12.82 3.96
CA LEU H 217 3.29 -12.43 4.83
C LEU H 217 3.84 -12.36 6.26
N THR H 218 3.57 -11.26 6.95
CA THR H 218 4.05 -11.06 8.33
C THR H 218 2.93 -10.68 9.32
N VAL H 219 3.03 -11.20 10.54
CA VAL H 219 2.02 -10.90 11.55
C VAL H 219 2.60 -10.81 12.96
N ASN H 220 2.37 -9.68 13.63
CA ASN H 220 2.82 -9.52 15.01
C ASN H 220 1.60 -9.96 15.80
N ALA H 221 1.69 -11.11 16.46
CA ALA H 221 0.59 -11.66 17.24
C ALA H 221 0.14 -10.76 18.39
N ARG H 222 0.96 -9.78 18.74
CA ARG H 222 0.62 -8.87 19.82
C ARG H 222 -0.18 -7.68 19.30
N GLN H 223 -0.08 -7.42 18.00
CA GLN H 223 -0.80 -6.32 17.36
C GLN H 223 -2.08 -6.80 16.68
N GLU H 224 -2.07 -8.03 16.20
CA GLU H 224 -3.26 -8.59 15.54
C GLU H 224 -3.37 -10.11 15.68
N ASP H 225 -4.59 -10.60 15.52
CA ASP H 225 -4.89 -12.03 15.62
C ASP H 225 -4.31 -12.81 14.43
N PRO H 226 -3.33 -13.69 14.69
CA PRO H 226 -2.69 -14.50 13.65
C PRO H 226 -3.70 -15.38 12.93
N VAL H 227 -4.55 -16.02 13.71
CA VAL H 227 -5.56 -16.93 13.20
C VAL H 227 -6.44 -16.36 12.10
N GLU H 228 -7.10 -15.24 12.34
CA GLU H 228 -7.96 -14.68 11.29
C GLU H 228 -7.16 -14.00 10.18
N ALA H 229 -5.95 -13.55 10.49
CA ALA H 229 -5.12 -12.90 9.48
C ALA H 229 -4.73 -13.94 8.43
N ILE H 230 -4.23 -15.08 8.91
CA ILE H 230 -3.81 -16.17 8.05
C ILE H 230 -5.00 -16.78 7.33
N GLN H 231 -6.09 -17.02 8.06
CA GLN H 231 -7.27 -17.60 7.44
C GLN H 231 -7.86 -16.69 6.36
N ARG H 232 -7.81 -15.39 6.60
CA ARG H 232 -8.35 -14.41 5.67
C ARG H 232 -7.43 -14.16 4.47
N ASP H 233 -6.13 -13.99 4.72
CA ASP H 233 -5.18 -13.71 3.66
C ASP H 233 -4.75 -14.90 2.80
N ILE H 234 -4.67 -16.10 3.37
CA ILE H 234 -4.24 -17.26 2.58
C ILE H 234 -5.15 -18.46 2.72
N GLY H 235 -6.17 -18.36 3.58
CA GLY H 235 -7.10 -19.46 3.76
C GLY H 235 -6.63 -20.58 4.67
N GLY H 236 -5.56 -20.32 5.40
CA GLY H 236 -5.01 -21.33 6.28
C GLY H 236 -3.74 -21.83 5.63
N ALA H 237 -2.70 -22.07 6.42
CA ALA H 237 -1.43 -22.55 5.88
C ALA H 237 -1.49 -24.08 5.81
N HIS H 238 -0.94 -24.65 4.73
CA HIS H 238 -0.93 -26.10 4.53
C HIS H 238 -0.12 -26.75 5.65
N GLY H 239 0.94 -26.06 6.06
CA GLY H 239 1.77 -26.55 7.15
C GLY H 239 2.04 -25.44 8.14
N VAL H 240 2.23 -25.81 9.39
CA VAL H 240 2.53 -24.84 10.44
C VAL H 240 3.66 -25.42 11.28
N LEU H 241 4.73 -24.63 11.47
CA LEU H 241 5.87 -25.06 12.27
C LEU H 241 5.92 -24.20 13.52
N VAL H 242 5.70 -24.83 14.68
CA VAL H 242 5.68 -24.09 15.95
C VAL H 242 6.99 -24.07 16.71
N THR H 243 7.66 -22.93 16.63
CA THR H 243 8.95 -22.70 17.29
C THR H 243 8.73 -22.02 18.64
N ALA H 244 7.73 -21.16 18.72
CA ALA H 244 7.42 -20.45 19.95
C ALA H 244 7.42 -21.33 21.19
N VAL H 245 7.83 -20.75 22.32
CA VAL H 245 7.87 -21.48 23.58
C VAL H 245 6.67 -21.02 24.42
N SER H 246 5.86 -20.13 23.84
CA SER H 246 4.66 -19.57 24.46
C SER H 246 3.55 -20.57 24.77
N ASN H 247 2.47 -20.08 25.36
CA ASN H 247 1.32 -20.91 25.74
C ASN H 247 0.20 -20.72 24.73
N SER H 248 0.02 -19.47 24.31
CA SER H 248 -1.01 -19.14 23.35
C SER H 248 -0.60 -19.46 21.92
N ALA H 249 0.69 -19.48 21.65
CA ALA H 249 1.18 -19.76 20.29
C ALA H 249 0.65 -21.07 19.73
N PHE H 250 0.65 -22.11 20.56
CA PHE H 250 0.16 -23.44 20.16
C PHE H 250 -1.29 -23.42 19.66
N GLY H 251 -2.18 -22.81 20.45
CA GLY H 251 -3.57 -22.73 20.08
C GLY H 251 -3.78 -21.95 18.80
N GLN H 252 -2.98 -20.91 18.61
CA GLN H 252 -3.09 -20.09 17.41
C GLN H 252 -2.55 -20.85 16.20
N ALA H 253 -1.59 -21.74 16.42
CA ALA H 253 -1.02 -22.54 15.33
C ALA H 253 -2.12 -23.45 14.80
N ILE H 254 -2.87 -24.07 15.70
CA ILE H 254 -3.99 -24.95 15.30
C ILE H 254 -4.99 -24.12 14.47
N GLY H 255 -5.29 -22.90 14.94
CA GLY H 255 -6.23 -22.06 14.25
C GLY H 255 -5.76 -21.50 12.91
N MET H 256 -4.45 -21.43 12.71
CA MET H 256 -3.87 -20.91 11.47
C MET H 256 -3.77 -21.96 10.39
N ALA H 257 -3.99 -23.21 10.77
CA ALA H 257 -3.89 -24.32 9.84
C ALA H 257 -5.07 -24.43 8.88
N ARG H 258 -4.75 -24.79 7.63
CA ARG H 258 -5.74 -25.01 6.59
C ARG H 258 -6.38 -26.37 6.85
N ARG H 259 -7.56 -26.62 6.29
CA ARG H 259 -8.20 -27.91 6.48
C ARG H 259 -7.28 -28.99 5.92
N GLY H 260 -7.09 -30.08 6.68
CA GLY H 260 -6.22 -31.15 6.24
C GLY H 260 -4.75 -30.81 6.37
N GLY H 261 -4.46 -29.67 6.98
CA GLY H 261 -3.08 -29.24 7.15
C GLY H 261 -2.39 -29.91 8.32
N THR H 262 -1.08 -29.67 8.46
CA THR H 262 -0.30 -30.27 9.53
C THR H 262 0.48 -29.24 10.37
N ILE H 263 0.32 -29.35 11.69
CA ILE H 263 1.03 -28.48 12.62
C ILE H 263 2.18 -29.31 13.19
N ALA H 264 3.40 -28.93 12.82
CA ALA H 264 4.59 -29.63 13.27
C ALA H 264 5.16 -28.93 14.51
N LEU H 265 5.20 -29.64 15.63
CA LEU H 265 5.71 -29.10 16.88
C LEU H 265 7.18 -29.41 17.07
N VAL H 266 7.95 -28.36 17.30
CA VAL H 266 9.38 -28.47 17.48
C VAL H 266 9.75 -27.81 18.84
N GLY H 267 9.00 -26.77 19.23
CA GLY H 267 9.24 -26.11 20.50
C GLY H 267 8.97 -27.07 21.66
N LEU H 268 9.69 -26.89 22.77
CA LEU H 268 9.54 -27.80 23.91
C LEU H 268 9.00 -27.20 25.21
N PRO H 269 7.86 -26.48 25.14
CA PRO H 269 7.31 -25.90 26.36
C PRO H 269 6.79 -27.03 27.25
N PRO H 270 6.73 -26.80 28.57
CA PRO H 270 6.23 -27.84 29.48
C PRO H 270 4.71 -27.84 29.72
N GLY H 271 4.19 -28.99 30.13
CA GLY H 271 2.77 -29.11 30.41
C GLY H 271 1.88 -29.49 29.24
N ASP H 272 0.64 -29.86 29.57
CA ASP H 272 -0.37 -30.22 28.58
C ASP H 272 -1.01 -28.96 28.02
N PHE H 273 -1.35 -28.99 26.72
CA PHE H 273 -1.98 -27.85 26.06
C PHE H 273 -3.36 -28.22 25.55
N PRO H 274 -4.40 -27.51 26.03
CA PRO H 274 -5.78 -27.82 25.58
C PRO H 274 -5.91 -27.60 24.06
N THR H 275 -6.48 -28.61 23.39
CA THR H 275 -6.62 -28.58 21.93
C THR H 275 -8.08 -28.81 21.52
N PRO H 276 -8.63 -27.96 20.63
CA PRO H 276 -10.01 -28.03 20.14
C PRO H 276 -10.35 -29.36 19.48
N ILE H 277 -11.14 -30.20 20.15
CA ILE H 277 -11.52 -31.48 19.57
C ILE H 277 -12.29 -31.29 18.24
N PHE H 278 -13.31 -30.45 18.27
CA PHE H 278 -14.16 -30.20 17.10
C PHE H 278 -13.37 -29.74 15.87
N ASP H 279 -12.46 -28.79 16.09
CA ASP H 279 -11.63 -28.25 15.02
C ASP H 279 -10.64 -29.26 14.43
N VAL H 280 -9.97 -30.01 15.29
CA VAL H 280 -8.99 -30.98 14.83
C VAL H 280 -9.65 -32.12 14.06
N VAL H 281 -10.75 -32.63 14.59
CA VAL H 281 -11.45 -33.71 13.93
C VAL H 281 -12.13 -33.26 12.63
N LEU H 282 -13.07 -32.33 12.72
CA LEU H 282 -13.77 -31.88 11.52
C LEU H 282 -12.93 -31.22 10.44
N LYS H 283 -11.79 -30.63 10.80
CA LYS H 283 -10.91 -30.01 9.82
C LYS H 283 -9.79 -30.97 9.41
N GLY H 284 -9.82 -32.18 9.97
CA GLY H 284 -8.82 -33.19 9.65
C GLY H 284 -7.40 -32.69 9.81
N LEU H 285 -7.13 -32.03 10.93
CA LEU H 285 -5.80 -31.50 11.21
C LEU H 285 -4.86 -32.59 11.73
N HIS H 286 -3.57 -32.43 11.44
CA HIS H 286 -2.56 -33.38 11.91
C HIS H 286 -1.57 -32.61 12.77
N ILE H 287 -1.21 -33.21 13.89
CA ILE H 287 -0.22 -32.62 14.79
C ILE H 287 0.96 -33.60 14.80
N ALA H 288 2.13 -33.11 14.43
CA ALA H 288 3.31 -33.97 14.38
C ALA H 288 4.43 -33.48 15.29
N GLY H 289 4.89 -34.35 16.18
CA GLY H 289 5.98 -34.00 17.07
C GLY H 289 7.28 -34.31 16.34
N SER H 290 8.21 -33.36 16.31
CA SER H 290 9.47 -33.57 15.60
C SER H 290 10.72 -33.24 16.43
N ILE H 291 11.61 -34.22 16.62
CA ILE H 291 12.87 -34.04 17.39
C ILE H 291 14.11 -33.99 16.49
N VAL H 292 14.89 -32.93 16.65
CA VAL H 292 16.09 -32.68 15.86
C VAL H 292 16.00 -33.37 14.50
N GLY H 293 17.00 -34.19 14.18
CA GLY H 293 16.96 -34.87 12.92
C GLY H 293 17.75 -36.16 12.95
N THR H 294 17.64 -36.90 11.86
CA THR H 294 18.33 -38.16 11.72
C THR H 294 19.70 -37.82 11.06
N ARG H 295 20.63 -38.75 11.00
CA ARG H 295 21.93 -38.44 10.36
C ARG H 295 21.71 -38.03 8.90
N ALA H 296 20.71 -38.65 8.27
CA ALA H 296 20.36 -38.33 6.89
C ALA H 296 19.79 -36.91 6.86
N ASP H 297 18.90 -36.59 7.80
CA ASP H 297 18.31 -35.25 7.87
C ASP H 297 19.41 -34.21 8.08
N LEU H 298 20.35 -34.51 8.97
CA LEU H 298 21.48 -33.61 9.27
C LEU H 298 22.32 -33.34 8.05
N GLN H 299 22.68 -34.40 7.33
CA GLN H 299 23.48 -34.23 6.12
C GLN H 299 22.74 -33.42 5.07
N GLU H 300 21.43 -33.68 4.93
CA GLU H 300 20.58 -32.94 3.99
C GLU H 300 20.49 -31.47 4.38
N ALA H 301 20.33 -31.21 5.67
CA ALA H 301 20.24 -29.83 6.18
C ALA H 301 21.59 -29.12 5.97
N LEU H 302 22.69 -29.85 6.15
CA LEU H 302 24.02 -29.27 5.95
C LEU H 302 24.22 -28.92 4.47
N ASP H 303 23.70 -29.75 3.57
CA ASP H 303 23.81 -29.51 2.13
C ASP H 303 23.18 -28.18 1.69
N PHE H 304 22.08 -27.80 2.31
CA PHE H 304 21.43 -26.54 1.97
C PHE H 304 22.32 -25.36 2.36
N ALA H 305 23.04 -25.51 3.46
CA ALA H 305 23.95 -24.46 3.92
C ALA H 305 25.11 -24.40 2.92
N GLY H 306 25.60 -25.57 2.54
CA GLY H 306 26.70 -25.66 1.58
C GLY H 306 26.34 -25.03 0.25
N GLU H 307 25.07 -25.16 -0.16
CA GLU H 307 24.60 -24.58 -1.42
C GLU H 307 24.37 -23.07 -1.26
N GLY H 308 24.46 -22.57 -0.02
CA GLY H 308 24.26 -21.16 0.25
C GLY H 308 22.80 -20.75 0.27
N LEU H 309 21.89 -21.73 0.39
CA LEU H 309 20.46 -21.46 0.40
C LEU H 309 19.98 -21.10 1.81
N VAL H 310 20.82 -21.38 2.79
CA VAL H 310 20.50 -21.09 4.18
C VAL H 310 21.72 -20.50 4.88
N LYS H 311 21.55 -19.30 5.43
CA LYS H 311 22.60 -18.61 6.16
C LYS H 311 22.03 -18.21 7.52
N ALA H 312 22.56 -18.80 8.58
CA ALA H 312 22.09 -18.47 9.92
C ALA H 312 22.58 -17.06 10.28
N THR H 313 21.78 -16.33 11.05
CA THR H 313 22.16 -14.99 11.46
C THR H 313 22.85 -15.12 12.81
N ILE H 314 24.17 -15.34 12.78
CA ILE H 314 24.94 -15.53 14.00
C ILE H 314 25.61 -14.29 14.59
N HIS H 315 25.72 -14.28 15.91
CA HIS H 315 26.38 -13.22 16.66
C HIS H 315 27.41 -13.90 17.57
N PRO H 316 28.69 -13.52 17.43
CA PRO H 316 29.80 -14.08 18.22
C PRO H 316 29.67 -13.94 19.73
N GLY H 317 30.30 -14.86 20.45
CA GLY H 317 30.27 -14.83 21.90
C GLY H 317 31.46 -15.55 22.51
N LYS H 318 31.88 -15.14 23.70
CA LYS H 318 33.01 -15.78 24.37
C LYS H 318 32.49 -16.78 25.39
N LEU H 319 33.23 -17.87 25.59
CA LEU H 319 32.83 -18.92 26.51
C LEU H 319 32.54 -18.50 27.96
N ASP H 320 33.31 -17.56 28.49
CA ASP H 320 33.10 -17.11 29.87
C ASP H 320 31.86 -16.20 30.04
N ASP H 321 31.51 -15.47 28.99
CA ASP H 321 30.34 -14.59 29.03
C ASP H 321 29.07 -15.41 28.84
N ILE H 322 29.21 -16.73 28.90
CA ILE H 322 28.09 -17.65 28.70
C ILE H 322 26.86 -17.37 29.56
N ASN H 323 27.07 -17.10 30.85
CA ASN H 323 25.94 -16.83 31.74
C ASN H 323 25.14 -15.61 31.30
N GLN H 324 25.86 -14.59 30.85
CA GLN H 324 25.22 -13.36 30.37
C GLN H 324 24.40 -13.72 29.13
N ILE H 325 24.98 -14.54 28.27
CA ILE H 325 24.35 -15.00 27.03
C ILE H 325 23.05 -15.75 27.33
N LEU H 326 23.10 -16.69 28.26
CA LEU H 326 21.93 -17.47 28.64
C LEU H 326 20.80 -16.58 29.17
N ASP H 327 21.15 -15.66 30.07
CA ASP H 327 20.17 -14.74 30.66
C ASP H 327 19.57 -13.88 29.57
N GLN H 328 20.33 -13.69 28.50
CA GLN H 328 19.89 -12.88 27.37
C GLN H 328 18.85 -13.65 26.56
N MET H 329 18.98 -14.98 26.53
CA MET H 329 18.04 -15.81 25.79
C MET H 329 16.77 -16.08 26.58
N ARG H 330 16.89 -16.14 27.90
CA ARG H 330 15.74 -16.37 28.77
C ARG H 330 14.86 -15.11 28.71
N ALA H 331 15.51 -13.98 28.43
CA ALA H 331 14.83 -12.69 28.34
C ALA H 331 14.40 -12.44 26.88
N GLY H 332 14.83 -13.31 25.98
CA GLY H 332 14.48 -13.18 24.57
C GLY H 332 15.08 -11.95 23.91
N GLN H 333 16.29 -11.59 24.34
CA GLN H 333 16.98 -10.43 23.80
C GLN H 333 18.01 -10.79 22.74
N ILE H 334 17.90 -11.99 22.17
CA ILE H 334 18.84 -12.43 21.15
C ILE H 334 18.25 -12.30 19.75
N GLU H 335 19.02 -11.69 18.85
CA GLU H 335 18.58 -11.51 17.47
C GLU H 335 19.33 -12.51 16.60
N GLY H 336 18.75 -13.71 16.45
CA GLY H 336 19.39 -14.73 15.65
C GLY H 336 19.94 -15.87 16.50
N ARG H 337 21.16 -16.28 16.19
CA ARG H 337 21.82 -17.37 16.90
C ARG H 337 23.17 -16.93 17.44
N ILE H 338 23.45 -17.24 18.71
CA ILE H 338 24.73 -16.88 19.29
C ILE H 338 25.68 -18.05 19.23
N VAL H 339 26.75 -17.89 18.45
CA VAL H 339 27.76 -18.93 18.29
C VAL H 339 29.04 -18.54 19.02
N LEU H 340 29.49 -19.41 19.92
CA LEU H 340 30.70 -19.15 20.72
C LEU H 340 31.98 -19.36 19.91
N GLU H 341 32.87 -18.37 19.97
CA GLU H 341 34.15 -18.41 19.27
C GLU H 341 35.18 -19.07 20.18
N MET H 342 36.11 -19.81 19.59
CA MET H 342 37.15 -20.49 20.34
C MET H 342 38.36 -20.81 19.46
#